data_8YH8
#
_entry.id   8YH8
#
loop_
_entity.id
_entity.type
_entity.pdbx_description
1 polymer 'ATP synthase subunit alpha'
2 polymer 'ATP synthase subunit beta'
3 polymer 'ATP synthase gamma chain'
4 polymer 'ATP synthase epsilon chain'
5 non-polymer 'MAGNESIUM ION'
6 non-polymer "ADENOSINE-5'-DIPHOSPHATE"
7 non-polymer "ADENOSINE-5'-TRIPHOSPHATE"
#
loop_
_entity_poly.entity_id
_entity_poly.type
_entity_poly.pdbx_seq_one_letter_code
_entity_poly.pdbx_strand_id
1 'polypeptide(L)'
;SDVGTVIQVGDGIARAHGLDNVMSGELVEFANGVMGMALNLEENNVGIVILGPYTGIKEGDEVRRTGRIMEVPVGEALIG
RVVNPLGQPVDGLGPVETTETRPIESRAPGVMDRRSVHEPLQTGIKAIDALVPIGRGQRELIIGDRQTGAASVAIDTIIN
QKDQNMISIYVAIGQKESTVRTVVETLRKHGALDYTIVVTASASQPAPLLFLAPYAGVAMGEYFMYKGKHVLVVYAALSK
QAAAYRELSLLLRRPPGREAYPGDIFYLHSRLLERAAKLSDAKGGGSLTALPFVETQAGDISAYIPTNVISITDGQIFLQ
SDLFFSGVRPAINAGLSVSRVGGAAQIKAMKKVAGTLRLDLAAYRELEAFAQFGSDLDKATQAKLARGARTVEVLKQDLH
QPIPVEKQVLIIYALTRGFLDDIPVEDVRRFEKEFYLFLDQNGQHLLEHIRTTKDLPNEDDLNKAIEAFKKTFVVS
;
A,B,C
2 'polypeptide(L)'
;MTRGRVIQVMGPVVDVKFENGHLPAIYNALKIQHKARNENEVDIDLTLEVALHLGDDTVRTIAMASTDGLIRGMEVIDTG
APISVPVGEVTLGRVFNVLGEPIDLEGDIPADARRDPIHRPAPKFEELATEVEILETGIKVVDLLAPYIKGGKIGLFGGA
GVGKTVLIQELIHNIAQEHGGISVFAGVGERTREGNDLYHEMKDSGVISKTAMVFGQMNEPPGARMRVALTGLTMAEYFR
DEQGQDVLLFIDNIFRFTQAGSEVSALLGRMPSAVGYQPTLATEMGQLQERITSTAKGSITSIQAIYVPADDYTDPAPAT
TFSHLDATTNLERKLAEMGIYPAVDPLASTSRALAPEIVGEEHYQVARKVQQTLQRYKELQDIIAILGMDELSDEDKLVV
HRARRIQFFLSQNFHVAEQFTGQPGSYVPVKETVRGFKEILEGKYDHLPEDAFRLVGRIEEVVEKAKAMGV
;
D,E,F
3 'polypeptide(L)'
;SLRDIKTRINATKKTSQITKAMEMVSTSKLNRAEQNAKSFVPYMEKIQEVVANVALGAGGASHPMLVSRPVKKTGYLVIT
SDRGLAGAYNSNVLRLVYQTIQKRHACPDEYAIIVIGRVGLSFFRKRNMPVILDITRLPDQPSFADIKEIARKTVGLFAD
GTFDELYMYYNHYVSAIQQEVTERKLLPLTDLAENKQRTVYEFEPSQEECLDVLLPQYAESLIYGALLDAKASEHAARMT
AMKNATDNANELIRTLTLSYNRARQAAITQEITEIVAGANAL
;
G
4 'polypeptide(L)'
;MKTIHVSVVTPDGPVYEDDVEMVSVKAKSGELGILPGHIPLVAPLEISAARLKKGGKTQYIAVSGGFLEVRPDKVTILAQ
AAERAED
;
H
#
loop_
_chem_comp.id
_chem_comp.type
_chem_comp.name
_chem_comp.formula
ADP non-polymer ADENOSINE-5'-DIPHOSPHATE 'C10 H15 N5 O10 P2'
ATP non-polymer ADENOSINE-5'-TRIPHOSPHATE 'C10 H16 N5 O13 P3'
MG non-polymer 'MAGNESIUM ION' 'Mg 2'
#
# COMPACT_ATOMS: atom_id res chain seq x y z
N SER A 1 30.17 -13.20 44.46
CA SER A 1 29.40 -14.16 45.24
C SER A 1 27.97 -13.67 45.48
N ASP A 2 27.76 -12.95 46.59
CA ASP A 2 26.46 -12.41 46.94
C ASP A 2 26.45 -10.88 47.00
N VAL A 3 27.55 -10.25 46.59
CA VAL A 3 27.75 -8.81 46.51
C VAL A 3 28.50 -8.51 45.22
N GLY A 4 28.44 -7.28 44.76
CA GLY A 4 29.14 -6.83 43.56
C GLY A 4 29.37 -5.33 43.57
N THR A 5 29.90 -4.79 42.48
CA THR A 5 30.10 -3.35 42.30
C THR A 5 29.54 -2.89 40.96
N VAL A 6 28.88 -1.74 40.92
CA VAL A 6 28.29 -1.18 39.71
C VAL A 6 29.39 -0.70 38.76
N ILE A 7 29.32 -1.08 37.48
CA ILE A 7 30.31 -0.69 36.46
C ILE A 7 29.75 0.24 35.37
N GLN A 8 28.43 0.33 35.17
CA GLN A 8 27.76 1.30 34.27
C GLN A 8 26.34 1.59 34.79
N VAL A 9 25.78 2.77 34.53
CA VAL A 9 24.38 3.10 34.90
C VAL A 9 23.76 4.19 33.98
N GLY A 10 22.44 4.16 33.71
CA GLY A 10 21.80 5.18 32.92
C GLY A 10 20.60 4.67 32.13
N ASP A 11 19.61 5.53 31.93
CA ASP A 11 18.39 5.18 31.22
C ASP A 11 17.60 4.10 31.96
N GLY A 12 17.76 4.03 33.28
CA GLY A 12 16.97 3.13 34.08
C GLY A 12 17.46 1.70 34.15
N ILE A 13 18.70 1.43 33.77
CA ILE A 13 19.31 0.13 33.92
C ILE A 13 20.72 0.31 34.46
N ALA A 14 21.31 -0.72 35.04
CA ALA A 14 22.69 -0.69 35.48
C ALA A 14 23.34 -2.05 35.27
N ARG A 15 24.62 -2.06 34.98
CA ARG A 15 25.44 -3.26 34.83
C ARG A 15 26.29 -3.43 36.08
N ALA A 16 26.26 -4.63 36.65
CA ALA A 16 26.99 -4.92 37.87
C ALA A 16 28.01 -6.03 37.62
N HIS A 17 29.12 -5.97 38.35
CA HIS A 17 30.12 -7.02 38.34
C HIS A 17 30.04 -7.82 39.63
N GLY A 18 29.97 -9.14 39.48
CA GLY A 18 29.86 -10.01 40.63
C GLY A 18 28.48 -10.64 40.75
N LEU A 19 28.01 -10.85 41.98
CA LEU A 19 26.72 -11.48 42.21
C LEU A 19 26.62 -12.81 41.49
N ASP A 20 27.67 -13.63 41.62
CA ASP A 20 27.78 -14.86 40.84
C ASP A 20 26.60 -15.79 41.07
N ASN A 21 26.03 -15.79 42.27
CA ASN A 21 24.97 -16.71 42.63
C ASN A 21 23.58 -16.13 42.41
N VAL A 22 23.48 -14.92 41.84
CA VAL A 22 22.17 -14.37 41.55
C VAL A 22 21.50 -15.21 40.49
N MET A 23 20.18 -15.35 40.60
CA MET A 23 19.41 -16.13 39.65
C MET A 23 18.54 -15.24 38.79
N SER A 24 18.18 -15.73 37.62
CA SER A 24 17.35 -14.97 36.71
C SER A 24 16.04 -14.59 37.39
N GLY A 25 15.68 -13.31 37.32
CA GLY A 25 14.46 -12.81 37.91
C GLY A 25 14.52 -12.50 39.39
N GLU A 26 15.71 -12.49 39.98
CA GLU A 26 15.83 -12.23 41.40
C GLU A 26 15.74 -10.75 41.72
N LEU A 27 15.18 -10.44 42.89
CA LEU A 27 15.18 -9.09 43.42
C LEU A 27 16.55 -8.74 44.00
N VAL A 28 16.98 -7.51 43.73
CA VAL A 28 18.32 -7.04 44.08
C VAL A 28 18.21 -5.61 44.58
N GLU A 29 19.07 -5.29 45.56
CA GLU A 29 19.17 -4.02 46.31
C GLU A 29 20.51 -3.29 46.13
N PHE A 30 20.49 -2.02 45.72
CA PHE A 30 21.64 -1.12 45.75
C PHE A 30 21.81 -0.45 47.13
N ALA A 31 22.96 0.15 47.41
CA ALA A 31 23.29 0.75 48.71
C ALA A 31 22.33 1.84 49.26
N ASN A 32 21.46 2.41 48.42
CA ASN A 32 20.48 3.45 48.77
C ASN A 32 19.11 2.93 49.26
N GLY A 33 18.78 1.66 49.03
CA GLY A 33 17.49 1.06 49.25
C GLY A 33 16.62 0.96 48.03
N VAL A 34 17.14 1.31 46.85
CA VAL A 34 16.48 1.17 45.56
C VAL A 34 16.52 -0.30 45.14
N MET A 35 15.39 -0.89 44.75
CA MET A 35 15.38 -2.27 44.31
C MET A 35 15.63 -2.37 42.81
N GLY A 36 16.13 -3.52 42.39
CA GLY A 36 16.29 -3.82 40.98
C GLY A 36 15.93 -5.26 40.71
N MET A 37 15.80 -5.58 39.43
CA MET A 37 15.49 -6.94 39.02
C MET A 37 16.54 -7.43 38.04
N ALA A 38 17.18 -8.54 38.37
CA ALA A 38 18.23 -9.13 37.56
C ALA A 38 17.61 -9.83 36.35
N LEU A 39 17.73 -9.22 35.18
CA LEU A 39 17.12 -9.77 33.98
C LEU A 39 18.10 -10.39 33.00
N ASN A 40 19.36 -9.95 32.98
CA ASN A 40 20.36 -10.51 32.09
C ASN A 40 21.54 -11.03 32.90
N LEU A 41 21.80 -12.32 32.80
CA LEU A 41 23.00 -12.92 33.37
C LEU A 41 23.94 -13.26 32.22
N GLU A 42 25.03 -12.50 32.10
CA GLU A 42 25.99 -12.73 31.03
C GLU A 42 27.32 -13.17 31.62
N GLU A 43 28.31 -13.32 30.74
CA GLU A 43 29.58 -13.93 31.13
C GLU A 43 30.19 -13.27 32.35
N ASN A 44 30.35 -11.95 32.31
CA ASN A 44 31.10 -11.25 33.34
C ASN A 44 30.31 -10.14 34.03
N ASN A 45 29.15 -9.74 33.53
CA ASN A 45 28.35 -8.72 34.19
C ASN A 45 26.91 -9.17 34.31
N VAL A 46 26.12 -8.39 35.05
CA VAL A 46 24.70 -8.64 35.27
C VAL A 46 23.94 -7.38 34.87
N GLY A 47 22.92 -7.55 34.04
CA GLY A 47 22.07 -6.44 33.66
C GLY A 47 20.90 -6.29 34.61
N ILE A 48 20.82 -5.17 35.30
CA ILE A 48 19.83 -4.95 36.35
C ILE A 48 18.88 -3.86 35.92
N VAL A 49 17.59 -4.11 36.12
CA VAL A 49 16.53 -3.18 35.77
C VAL A 49 16.02 -2.54 37.06
N ILE A 50 16.08 -1.22 37.15
CA ILE A 50 15.94 -0.49 38.41
C ILE A 50 14.48 -0.07 38.62
N LEU A 51 13.89 -0.39 39.78
CA LEU A 51 12.49 -0.23 40.12
C LEU A 51 12.21 1.03 40.92
N GLY A 52 13.01 2.07 40.74
CA GLY A 52 12.81 3.32 41.42
C GLY A 52 13.53 4.42 40.68
N PRO A 53 13.86 5.54 41.35
CA PRO A 53 14.74 6.58 40.81
C PRO A 53 16.21 6.16 40.83
N TYR A 54 16.87 6.11 39.68
CA TYR A 54 18.24 5.61 39.54
C TYR A 54 19.34 6.68 39.72
N THR A 55 19.01 7.97 39.76
CA THR A 55 20.01 9.05 39.70
C THR A 55 20.94 9.15 40.92
N GLY A 56 20.62 8.48 42.02
CA GLY A 56 21.48 8.39 43.21
C GLY A 56 22.54 7.28 43.15
N ILE A 57 22.58 6.46 42.09
CA ILE A 57 23.53 5.35 41.92
C ILE A 57 24.71 5.84 41.07
N LYS A 58 25.94 5.53 41.49
CA LYS A 58 27.18 5.85 40.77
C LYS A 58 28.01 4.63 40.47
N GLU A 59 28.81 4.69 39.42
CA GLU A 59 29.84 3.69 39.15
C GLU A 59 30.77 3.52 40.38
N GLY A 60 31.06 2.27 40.74
CA GLY A 60 31.82 1.91 41.93
C GLY A 60 31.00 1.66 43.21
N ASP A 61 29.71 1.98 43.25
CA ASP A 61 28.84 1.64 44.40
C ASP A 61 28.68 0.11 44.56
N GLU A 62 28.51 -0.37 45.79
CA GLU A 62 28.16 -1.78 46.01
C GLU A 62 26.71 -2.11 45.63
N VAL A 63 26.46 -3.38 45.34
CA VAL A 63 25.12 -3.94 45.15
C VAL A 63 25.02 -5.30 45.85
N ARG A 64 23.88 -5.64 46.44
CA ARG A 64 23.67 -6.84 47.26
C ARG A 64 22.39 -7.56 46.89
N ARG A 65 22.32 -8.83 47.29
CA ARG A 65 21.35 -9.81 46.85
C ARG A 65 20.31 -10.06 47.93
N THR A 66 19.05 -10.18 47.52
CA THR A 66 17.98 -10.47 48.47
C THR A 66 17.63 -11.95 48.56
N GLY A 67 17.97 -12.73 47.55
CA GLY A 67 17.76 -14.15 47.60
C GLY A 67 16.38 -14.64 47.24
N ARG A 68 15.55 -13.83 46.57
CA ARG A 68 14.18 -14.24 46.34
C ARG A 68 13.64 -13.65 45.04
N ILE A 69 12.69 -14.36 44.46
CA ILE A 69 12.01 -13.90 43.25
C ILE A 69 10.97 -12.85 43.62
N MET A 70 10.48 -12.15 42.60
CA MET A 70 9.44 -11.14 42.79
C MET A 70 8.17 -11.75 43.38
N GLU A 71 7.62 -11.10 44.39
CA GLU A 71 6.39 -11.51 45.04
C GLU A 71 5.52 -10.30 45.28
N VAL A 72 4.23 -10.53 45.47
CA VAL A 72 3.25 -9.47 45.64
C VAL A 72 2.41 -9.78 46.88
N PRO A 73 2.04 -8.79 47.67
CA PRO A 73 1.09 -9.04 48.77
C PRO A 73 -0.27 -9.43 48.23
N VAL A 74 -0.99 -10.23 49.01
CA VAL A 74 -2.33 -10.66 48.61
C VAL A 74 -3.18 -10.87 49.85
N GLY A 75 -4.47 -10.56 49.76
CA GLY A 75 -5.39 -10.71 50.89
C GLY A 75 -6.56 -9.76 50.81
N GLU A 76 -7.57 -10.01 51.61
CA GLU A 76 -8.81 -9.23 51.65
C GLU A 76 -8.57 -7.75 51.96
N ALA A 77 -7.44 -7.41 52.58
CA ALA A 77 -7.17 -6.02 52.97
C ALA A 77 -6.92 -5.12 51.78
N LEU A 78 -6.42 -5.64 50.65
CA LEU A 78 -6.15 -4.80 49.49
C LEU A 78 -7.45 -4.21 48.93
N ILE A 79 -8.59 -4.80 49.28
CA ILE A 79 -9.91 -4.38 48.83
C ILE A 79 -10.19 -2.96 49.32
N GLY A 80 -10.61 -2.08 48.42
CA GLY A 80 -10.86 -0.67 48.70
C GLY A 80 -9.64 0.24 48.68
N ARG A 81 -8.43 -0.27 48.38
CA ARG A 81 -7.18 0.52 48.36
C ARG A 81 -6.87 1.09 46.97
N VAL A 82 -5.73 1.76 46.84
CA VAL A 82 -5.03 2.01 45.57
C VAL A 82 -3.59 1.63 45.80
N VAL A 83 -3.02 0.79 44.95
CA VAL A 83 -1.66 0.27 45.16
C VAL A 83 -0.82 0.27 43.90
N ASN A 84 0.45 0.09 44.14
CA ASN A 84 1.56 -0.05 43.20
C ASN A 84 1.54 -1.39 42.50
N PRO A 85 2.32 -1.57 41.44
CA PRO A 85 2.61 -2.95 41.01
C PRO A 85 3.28 -3.78 42.10
N LEU A 86 4.11 -3.14 42.92
CA LEU A 86 4.39 -3.68 44.24
C LEU A 86 3.21 -3.38 45.15
N GLY A 87 3.19 -3.99 46.33
CA GLY A 87 2.01 -3.86 47.15
C GLY A 87 1.82 -2.55 47.89
N GLN A 88 2.53 -1.51 47.49
CA GLN A 88 2.61 -0.32 48.32
C GLN A 88 1.39 0.59 48.14
N PRO A 89 0.81 1.11 49.22
CA PRO A 89 -0.35 1.99 49.10
C PRO A 89 0.00 3.31 48.45
N VAL A 90 -0.98 3.91 47.79
CA VAL A 90 -0.79 5.12 47.02
C VAL A 90 -1.87 6.17 47.24
N ASP A 91 -2.93 5.78 47.93
CA ASP A 91 -4.14 6.51 48.27
C ASP A 91 -4.02 7.34 49.55
N GLY A 92 -2.91 7.23 50.29
CA GLY A 92 -2.91 7.64 51.69
C GLY A 92 -3.46 6.54 52.57
N LEU A 93 -4.39 6.92 53.46
CA LEU A 93 -5.19 5.99 54.27
C LEU A 93 -4.34 4.96 55.05
N GLY A 94 -3.01 5.08 55.01
CA GLY A 94 -2.16 4.21 55.80
C GLY A 94 -1.84 2.89 55.15
N PRO A 95 -1.16 2.01 55.89
CA PRO A 95 -0.73 0.73 55.31
C PRO A 95 -1.90 -0.22 55.10
N VAL A 96 -1.61 -1.33 54.42
CA VAL A 96 -2.67 -2.22 53.94
C VAL A 96 -2.90 -3.43 54.83
N GLU A 97 -1.86 -3.97 55.47
CA GLU A 97 -2.02 -5.00 56.50
C GLU A 97 -2.27 -6.40 55.94
N THR A 98 -1.69 -6.72 54.78
CA THR A 98 -1.82 -8.08 54.25
C THR A 98 -1.04 -9.05 55.14
N THR A 99 -1.37 -10.34 55.02
CA THR A 99 -0.76 -11.36 55.85
C THR A 99 0.08 -12.36 55.06
N GLU A 100 0.07 -12.31 53.73
CA GLU A 100 0.77 -13.31 52.93
C GLU A 100 1.11 -12.74 51.56
N THR A 101 1.67 -13.59 50.70
CA THR A 101 2.23 -13.16 49.43
C THR A 101 2.04 -14.22 48.36
N ARG A 102 2.19 -13.79 47.10
CA ARG A 102 2.07 -14.61 45.91
C ARG A 102 3.13 -14.23 44.90
N PRO A 103 3.75 -15.20 44.24
CA PRO A 103 4.71 -14.87 43.18
C PRO A 103 4.04 -14.17 42.01
N ILE A 104 4.81 -13.29 41.35
CA ILE A 104 4.31 -12.61 40.17
C ILE A 104 4.24 -13.52 38.96
N GLU A 105 4.92 -14.67 39.00
CA GLU A 105 5.04 -15.55 37.84
C GLU A 105 4.55 -16.96 38.14
N SER A 106 3.34 -17.08 38.68
CA SER A 106 2.76 -18.39 38.89
C SER A 106 2.39 -19.03 37.56
N ARG A 107 2.36 -20.36 37.55
CA ARG A 107 1.97 -21.10 36.36
C ARG A 107 0.46 -20.99 36.15
N ALA A 108 0.04 -21.01 34.90
CA ALA A 108 -1.39 -21.06 34.60
C ALA A 108 -1.94 -22.45 34.89
N PRO A 109 -3.25 -22.57 35.07
CA PRO A 109 -3.86 -23.90 35.18
C PRO A 109 -3.65 -24.70 33.90
N GLY A 110 -3.62 -26.03 34.04
CA GLY A 110 -3.39 -26.89 32.91
C GLY A 110 -4.65 -27.18 32.12
N VAL A 111 -4.52 -28.12 31.18
CA VAL A 111 -5.65 -28.67 30.42
C VAL A 111 -6.62 -29.34 31.38
N MET A 112 -6.10 -30.13 32.30
CA MET A 112 -6.92 -31.00 33.14
C MET A 112 -7.56 -30.29 34.33
N ASP A 113 -7.27 -28.99 34.56
CA ASP A 113 -7.80 -28.30 35.72
C ASP A 113 -8.99 -27.40 35.37
N ARG A 114 -9.41 -27.39 34.13
CA ARG A 114 -10.41 -26.46 33.64
C ARG A 114 -11.74 -27.17 33.45
N ARG A 115 -12.81 -26.40 33.53
CA ARG A 115 -14.16 -26.77 33.12
C ARG A 115 -14.58 -25.78 32.05
N SER A 116 -15.39 -26.20 31.09
CA SER A 116 -15.88 -25.27 30.07
C SER A 116 -16.65 -24.10 30.72
N VAL A 117 -16.53 -22.91 30.15
CA VAL A 117 -17.26 -21.71 30.61
C VAL A 117 -18.77 -21.91 30.37
N HIS A 118 -19.61 -21.64 31.37
CA HIS A 118 -21.05 -21.89 31.25
C HIS A 118 -21.94 -20.92 32.01
N GLU A 119 -21.41 -19.87 32.62
CA GLU A 119 -22.24 -18.93 33.36
C GLU A 119 -21.90 -17.50 32.97
N PRO A 120 -22.91 -16.65 32.78
CA PRO A 120 -22.69 -15.35 32.18
C PRO A 120 -22.07 -14.32 33.10
N LEU A 121 -21.44 -13.32 32.49
CA LEU A 121 -20.94 -12.12 33.14
C LEU A 121 -21.79 -10.95 32.63
N GLN A 122 -22.77 -10.53 33.41
CA GLN A 122 -23.72 -9.53 32.94
C GLN A 122 -23.10 -8.13 32.98
N THR A 123 -22.91 -7.53 31.81
CA THR A 123 -22.37 -6.18 31.75
C THR A 123 -23.44 -5.10 31.94
N GLY A 124 -24.71 -5.41 31.67
CA GLY A 124 -25.76 -4.43 31.73
C GLY A 124 -25.95 -3.61 30.48
N ILE A 125 -25.24 -3.94 29.41
CA ILE A 125 -25.40 -3.30 28.11
C ILE A 125 -26.12 -4.28 27.21
N LYS A 126 -27.25 -3.85 26.64
CA LYS A 126 -28.08 -4.77 25.87
C LYS A 126 -27.32 -5.37 24.70
N ALA A 127 -26.59 -4.53 23.96
CA ALA A 127 -25.87 -5.04 22.79
C ALA A 127 -24.88 -6.12 23.17
N ILE A 128 -24.08 -5.89 24.21
CA ILE A 128 -23.11 -6.89 24.65
C ILE A 128 -23.81 -8.16 25.11
N ASP A 129 -24.71 -8.02 26.08
CA ASP A 129 -25.34 -9.19 26.67
C ASP A 129 -26.13 -10.01 25.66
N ALA A 130 -26.62 -9.38 24.60
CA ALA A 130 -27.42 -10.10 23.62
C ALA A 130 -26.61 -10.68 22.48
N LEU A 131 -25.62 -9.95 21.97
CA LEU A 131 -24.95 -10.35 20.73
C LEU A 131 -23.49 -10.71 20.91
N VAL A 132 -22.83 -10.24 21.95
CA VAL A 132 -21.44 -10.60 22.21
C VAL A 132 -21.33 -11.00 23.67
N PRO A 133 -21.99 -12.07 24.08
CA PRO A 133 -22.00 -12.43 25.51
C PRO A 133 -20.62 -12.83 26.01
N ILE A 134 -20.40 -12.57 27.30
CA ILE A 134 -19.15 -12.86 27.98
C ILE A 134 -19.47 -13.82 29.12
N GLY A 135 -18.67 -14.87 29.27
CA GLY A 135 -18.84 -15.81 30.34
C GLY A 135 -17.76 -15.67 31.39
N ARG A 136 -17.95 -16.33 32.52
CA ARG A 136 -16.94 -16.31 33.57
C ARG A 136 -15.85 -17.34 33.26
N GLY A 137 -14.61 -16.87 33.16
CA GLY A 137 -13.50 -17.64 32.67
C GLY A 137 -13.07 -17.29 31.26
N GLN A 138 -13.66 -16.26 30.66
CA GLN A 138 -13.38 -15.86 29.30
C GLN A 138 -12.42 -14.68 29.27
N ARG A 139 -11.75 -14.52 28.12
CA ARG A 139 -10.95 -13.34 27.84
C ARG A 139 -11.56 -12.66 26.63
N GLU A 140 -11.93 -11.39 26.77
CA GLU A 140 -12.60 -10.66 25.71
C GLU A 140 -11.89 -9.32 25.53
N LEU A 141 -11.49 -9.03 24.31
CA LEU A 141 -10.81 -7.78 24.00
C LEU A 141 -11.83 -6.72 23.60
N ILE A 142 -11.70 -5.52 24.16
CA ILE A 142 -12.62 -4.42 23.85
C ILE A 142 -11.82 -3.37 23.07
N ILE A 143 -12.01 -3.35 21.76
CA ILE A 143 -11.25 -2.49 20.86
C ILE A 143 -12.11 -1.26 20.61
N GLY A 144 -11.77 -0.15 21.27
CA GLY A 144 -12.53 1.06 21.14
C GLY A 144 -11.89 2.06 20.20
N ASP A 145 -12.59 3.16 20.00
CA ASP A 145 -12.08 4.26 19.19
C ASP A 145 -12.29 5.53 20.02
N ARG A 146 -11.23 6.32 20.15
CA ARG A 146 -11.10 7.33 21.20
C ARG A 146 -12.15 8.44 21.19
N GLN A 147 -12.80 8.69 20.05
CA GLN A 147 -13.98 9.52 20.00
C GLN A 147 -15.24 8.83 20.56
N THR A 148 -15.43 7.51 20.39
CA THR A 148 -16.51 6.83 21.07
C THR A 148 -16.23 6.69 22.56
N GLY A 149 -17.24 6.26 23.31
CA GLY A 149 -17.03 5.97 24.72
C GLY A 149 -16.60 4.52 24.88
N ALA A 150 -15.28 4.28 24.93
CA ALA A 150 -14.69 2.95 24.99
C ALA A 150 -14.26 2.54 26.40
N ALA A 151 -13.87 3.50 27.25
CA ALA A 151 -13.45 3.15 28.61
C ALA A 151 -14.65 2.95 29.53
N SER A 152 -15.73 3.67 29.28
CA SER A 152 -16.92 3.52 30.09
C SER A 152 -17.48 2.11 30.02
N VAL A 153 -17.17 1.37 28.95
CA VAL A 153 -17.64 -0.01 28.87
C VAL A 153 -17.09 -0.84 30.02
N ALA A 154 -15.77 -0.79 30.22
CA ALA A 154 -15.16 -1.50 31.32
C ALA A 154 -15.64 -0.95 32.66
N ILE A 155 -15.69 0.37 32.86
CA ILE A 155 -16.07 0.91 34.16
C ILE A 155 -17.54 0.57 34.48
N ASP A 156 -18.45 0.56 33.49
CA ASP A 156 -19.83 0.18 33.78
C ASP A 156 -19.95 -1.32 34.02
N THR A 157 -19.15 -2.12 33.31
CA THR A 157 -19.15 -3.55 33.61
C THR A 157 -18.75 -3.79 35.05
N ILE A 158 -17.70 -3.12 35.56
CA ILE A 158 -17.21 -3.24 36.96
C ILE A 158 -18.26 -2.77 37.96
N ILE A 159 -18.91 -1.63 37.71
CA ILE A 159 -19.95 -1.11 38.58
C ILE A 159 -21.16 -2.07 38.62
N ASN A 160 -21.49 -2.74 37.52
CA ASN A 160 -22.60 -3.69 37.49
C ASN A 160 -22.36 -4.95 38.35
N GLN A 161 -21.14 -5.20 38.85
CA GLN A 161 -20.85 -6.39 39.66
C GLN A 161 -21.40 -6.34 41.09
N LYS A 162 -22.08 -5.26 41.49
CA LYS A 162 -22.46 -4.98 42.88
C LYS A 162 -23.33 -6.05 43.54
N ASP A 163 -24.26 -6.72 42.84
CA ASP A 163 -25.05 -7.78 43.46
C ASP A 163 -24.70 -9.17 42.97
N GLN A 164 -23.57 -9.34 42.28
CA GLN A 164 -23.26 -10.59 41.60
C GLN A 164 -22.17 -11.40 42.29
N ASN A 165 -21.77 -11.03 43.49
CA ASN A 165 -20.76 -11.79 44.23
C ASN A 165 -19.51 -11.98 43.38
N MET A 166 -18.84 -10.87 43.05
CA MET A 166 -17.60 -10.84 42.27
C MET A 166 -16.59 -9.85 42.86
N ILE A 167 -15.30 -10.21 42.94
CA ILE A 167 -14.19 -9.28 43.25
C ILE A 167 -13.68 -8.66 41.95
N SER A 168 -13.14 -7.45 41.93
CA SER A 168 -12.53 -6.92 40.71
C SER A 168 -11.23 -6.18 40.96
N ILE A 169 -10.40 -6.09 39.92
CA ILE A 169 -9.08 -5.46 39.95
C ILE A 169 -8.92 -4.62 38.69
N TYR A 170 -9.12 -3.32 38.79
CA TYR A 170 -8.76 -2.42 37.70
C TYR A 170 -7.25 -2.22 37.67
N VAL A 171 -6.62 -2.39 36.51
CA VAL A 171 -5.19 -2.17 36.36
C VAL A 171 -5.01 -1.02 35.38
N ALA A 172 -4.38 0.06 35.83
CA ALA A 172 -4.08 1.18 34.95
C ALA A 172 -2.60 1.13 34.59
N ILE A 173 -2.30 1.03 33.30
CA ILE A 173 -0.94 0.87 32.82
C ILE A 173 -0.62 2.05 31.92
N GLY A 174 0.35 2.87 32.33
CA GLY A 174 0.80 3.97 31.50
C GLY A 174 -0.23 5.05 31.29
N GLN A 175 -1.27 5.11 32.13
CA GLN A 175 -2.29 6.15 32.10
C GLN A 175 -1.78 7.42 32.78
N LYS A 176 -2.44 8.55 32.54
CA LYS A 176 -2.19 9.77 33.30
C LYS A 176 -2.77 9.62 34.71
N GLU A 177 -2.04 10.03 35.71
CA GLU A 177 -2.32 9.78 37.12
C GLU A 177 -3.57 10.53 37.61
N SER A 178 -3.83 11.75 37.12
CA SER A 178 -5.10 12.43 37.40
C SER A 178 -6.32 11.76 36.73
N THR A 179 -6.14 11.00 35.63
CA THR A 179 -7.22 10.15 35.12
C THR A 179 -7.39 8.86 35.90
N VAL A 180 -6.32 8.22 36.40
CA VAL A 180 -6.53 7.06 37.30
C VAL A 180 -7.18 7.51 38.61
N ARG A 181 -6.88 8.72 39.09
CA ARG A 181 -7.63 9.28 40.20
C ARG A 181 -9.08 9.60 39.86
N THR A 182 -9.36 10.14 38.68
CA THR A 182 -10.75 10.33 38.24
C THR A 182 -11.52 9.01 38.23
N VAL A 183 -10.88 7.91 37.81
CA VAL A 183 -11.45 6.57 37.89
C VAL A 183 -11.68 6.13 39.33
N VAL A 184 -10.72 6.33 40.23
CA VAL A 184 -10.88 6.02 41.66
C VAL A 184 -12.02 6.81 42.28
N GLU A 185 -12.17 8.11 42.02
CA GLU A 185 -13.31 8.87 42.56
C GLU A 185 -14.65 8.40 41.98
N THR A 186 -14.69 7.99 40.71
CA THR A 186 -15.90 7.43 40.09
C THR A 186 -16.31 6.11 40.75
N LEU A 187 -15.37 5.18 40.91
CA LEU A 187 -15.62 3.91 41.60
C LEU A 187 -15.97 4.13 43.06
N ARG A 188 -15.32 5.09 43.74
CA ARG A 188 -15.58 5.41 45.14
C ARG A 188 -17.02 5.76 45.32
N LYS A 189 -17.53 6.68 44.51
CA LYS A 189 -18.90 7.17 44.57
C LYS A 189 -19.85 6.00 44.49
N HIS A 190 -19.70 5.16 43.48
CA HIS A 190 -20.42 3.90 43.34
C HIS A 190 -20.36 2.88 44.51
N GLY A 191 -19.71 3.06 45.66
CA GLY A 191 -19.13 2.01 46.50
C GLY A 191 -18.54 0.78 45.79
N ALA A 192 -18.48 0.82 44.47
CA ALA A 192 -17.70 -0.05 43.64
C ALA A 192 -16.27 0.01 44.16
N LEU A 193 -15.80 1.12 44.78
CA LEU A 193 -14.46 0.97 45.40
C LEU A 193 -14.45 -0.23 46.35
N ASP A 194 -15.57 -0.49 47.02
CA ASP A 194 -15.54 -1.39 48.17
C ASP A 194 -15.21 -2.85 47.83
N TYR A 195 -15.53 -3.37 46.65
CA TYR A 195 -14.85 -4.54 46.04
C TYR A 195 -13.55 -4.35 45.20
N THR A 196 -13.40 -3.23 44.49
CA THR A 196 -12.57 -3.02 43.27
C THR A 196 -11.02 -3.08 43.27
N ILE A 197 -10.33 -3.43 44.35
CA ILE A 197 -8.91 -3.13 44.75
C ILE A 197 -7.92 -2.18 43.94
N VAL A 198 -7.86 -2.01 42.62
CA VAL A 198 -7.04 -0.97 41.90
C VAL A 198 -5.50 -1.03 41.99
N VAL A 199 -4.83 -1.35 40.88
CA VAL A 199 -3.38 -1.22 40.67
C VAL A 199 -3.08 -0.14 39.61
N THR A 200 -2.14 0.77 39.87
CA THR A 200 -1.80 1.89 39.01
C THR A 200 -0.29 1.98 38.79
N ALA A 201 0.10 2.21 37.54
CA ALA A 201 1.48 2.46 37.15
C ALA A 201 1.48 3.55 36.07
N SER A 202 1.59 4.80 36.51
CA SER A 202 1.35 5.90 35.59
C SER A 202 2.57 6.16 34.71
N ALA A 203 2.37 7.03 33.71
CA ALA A 203 3.39 7.26 32.70
C ALA A 203 4.69 7.81 33.29
N SER A 204 4.65 8.40 34.48
CA SER A 204 5.86 8.96 35.05
C SER A 204 6.73 7.90 35.74
N GLN A 205 6.16 6.72 36.01
CA GLN A 205 6.89 5.70 36.73
C GLN A 205 7.96 5.05 35.85
N PRO A 206 8.92 4.37 36.47
CA PRO A 206 9.92 3.63 35.69
C PRO A 206 9.28 2.54 34.83
N ALA A 207 9.92 2.27 33.70
CA ALA A 207 9.41 1.26 32.78
C ALA A 207 9.17 -0.10 33.43
N PRO A 208 10.05 -0.61 34.30
CA PRO A 208 9.82 -1.93 34.90
C PRO A 208 8.50 -2.05 35.63
N LEU A 209 8.07 -1.03 36.36
CA LEU A 209 6.78 -1.12 37.05
C LEU A 209 5.62 -1.22 36.05
N LEU A 210 5.66 -0.42 34.99
CA LEU A 210 4.63 -0.54 33.96
C LEU A 210 4.65 -1.92 33.34
N PHE A 211 5.83 -2.54 33.28
CA PHE A 211 5.93 -3.88 32.71
C PHE A 211 5.39 -4.94 33.69
N LEU A 212 5.49 -4.69 34.99
CA LEU A 212 5.04 -5.66 35.99
C LEU A 212 3.58 -5.51 36.37
N ALA A 213 2.95 -4.37 36.08
CA ALA A 213 1.62 -4.09 36.62
C ALA A 213 0.55 -5.13 36.28
N PRO A 214 0.37 -5.54 35.03
CA PRO A 214 -0.66 -6.55 34.74
C PRO A 214 -0.42 -7.88 35.44
N TYR A 215 0.84 -8.28 35.59
CA TYR A 215 1.13 -9.52 36.30
C TYR A 215 0.79 -9.41 37.78
N ALA A 216 1.05 -8.26 38.38
CA ALA A 216 0.66 -8.05 39.77
C ALA A 216 -0.85 -8.09 39.93
N GLY A 217 -1.58 -7.48 39.01
CA GLY A 217 -3.03 -7.55 39.07
C GLY A 217 -3.53 -8.98 38.97
N VAL A 218 -3.01 -9.75 38.02
CA VAL A 218 -3.46 -11.13 37.88
C VAL A 218 -3.06 -11.96 39.10
N ALA A 219 -1.90 -11.66 39.70
CA ALA A 219 -1.48 -12.40 40.88
C ALA A 219 -2.36 -12.11 42.09
N MET A 220 -2.84 -10.87 42.24
CA MET A 220 -3.82 -10.56 43.26
C MET A 220 -5.18 -11.22 42.91
N GLY A 221 -5.54 -11.36 41.63
CA GLY A 221 -6.80 -12.03 41.29
C GLY A 221 -6.77 -13.53 41.59
N GLU A 222 -5.63 -14.18 41.33
CA GLU A 222 -5.56 -15.63 41.48
C GLU A 222 -5.72 -16.06 42.93
N TYR A 223 -5.39 -15.21 43.89
CA TYR A 223 -5.59 -15.56 45.29
C TYR A 223 -7.06 -15.88 45.57
N PHE A 224 -7.93 -14.96 45.19
CA PHE A 224 -9.35 -15.13 45.32
C PHE A 224 -9.86 -16.25 44.40
N MET A 225 -9.33 -16.38 43.18
CA MET A 225 -9.75 -17.44 42.26
C MET A 225 -9.54 -18.81 42.88
N TYR A 226 -8.37 -19.04 43.47
CA TYR A 226 -8.09 -20.35 44.04
C TYR A 226 -8.76 -20.55 45.39
N LYS A 227 -9.10 -19.47 46.09
CA LYS A 227 -9.97 -19.66 47.25
C LYS A 227 -11.39 -20.06 46.84
N GLY A 228 -11.81 -19.77 45.62
CA GLY A 228 -13.12 -20.13 45.15
C GLY A 228 -14.00 -18.99 44.70
N LYS A 229 -13.48 -17.77 44.64
CA LYS A 229 -14.27 -16.63 44.25
C LYS A 229 -14.20 -16.42 42.75
N HIS A 230 -15.07 -15.55 42.25
CA HIS A 230 -15.05 -15.14 40.85
C HIS A 230 -14.54 -13.71 40.77
N VAL A 231 -13.52 -13.48 39.95
CA VAL A 231 -12.89 -12.18 39.88
C VAL A 231 -12.85 -11.70 38.43
N LEU A 232 -12.97 -10.39 38.26
CA LEU A 232 -12.93 -9.73 36.97
C LEU A 232 -11.72 -8.81 36.95
N VAL A 233 -10.90 -8.89 35.90
CA VAL A 233 -9.69 -8.08 35.77
C VAL A 233 -9.73 -7.32 34.46
N VAL A 234 -9.49 -6.01 34.54
CA VAL A 234 -9.51 -5.12 33.39
C VAL A 234 -8.10 -4.58 33.19
N TYR A 235 -7.51 -4.86 32.04
CA TYR A 235 -6.20 -4.34 31.69
C TYR A 235 -6.40 -3.08 30.85
N ALA A 236 -5.94 -1.95 31.35
CA ALA A 236 -6.28 -0.68 30.72
C ALA A 236 -5.54 -0.47 29.41
N ALA A 237 -4.25 -0.82 29.35
CA ALA A 237 -3.56 -0.82 28.06
C ALA A 237 -2.39 -1.80 28.13
N LEU A 238 -2.51 -2.91 27.41
CA LEU A 238 -1.42 -3.86 27.28
C LEU A 238 -0.37 -3.40 26.29
N SER A 239 -0.75 -2.56 25.32
CA SER A 239 0.23 -2.05 24.37
C SER A 239 1.28 -1.18 25.07
N LYS A 240 0.92 -0.53 26.16
CA LYS A 240 1.89 0.27 26.90
C LYS A 240 2.82 -0.60 27.74
N GLN A 241 2.32 -1.70 28.28
CA GLN A 241 3.20 -2.67 28.92
C GLN A 241 4.19 -3.23 27.92
N ALA A 242 3.71 -3.53 26.71
CA ALA A 242 4.60 -4.02 25.66
C ALA A 242 5.65 -2.98 25.30
N ALA A 243 5.27 -1.70 25.24
CA ALA A 243 6.26 -0.65 24.96
C ALA A 243 7.31 -0.56 26.06
N ALA A 244 6.89 -0.65 27.32
CA ALA A 244 7.85 -0.60 28.41
C ALA A 244 8.85 -1.75 28.33
N TYR A 245 8.36 -2.96 28.05
CA TYR A 245 9.27 -4.09 27.91
C TYR A 245 10.20 -3.93 26.72
N ARG A 246 9.71 -3.42 25.59
CA ARG A 246 10.58 -3.20 24.45
C ARG A 246 11.69 -2.22 24.80
N GLU A 247 11.35 -1.15 25.53
CA GLU A 247 12.37 -0.20 25.94
C GLU A 247 13.43 -0.88 26.79
N LEU A 248 13.02 -1.69 27.77
CA LEU A 248 13.99 -2.36 28.61
C LEU A 248 14.89 -3.29 27.80
N SER A 249 14.30 -4.07 26.88
CA SER A 249 15.09 -5.05 26.15
C SER A 249 16.00 -4.39 25.11
N LEU A 250 15.63 -3.23 24.59
CA LEU A 250 16.57 -2.51 23.75
C LEU A 250 17.71 -1.91 24.57
N LEU A 251 17.41 -1.43 25.78
CA LEU A 251 18.47 -0.87 26.61
C LEU A 251 19.41 -1.95 27.10
N LEU A 252 18.95 -3.19 27.21
CA LEU A 252 19.84 -4.29 27.53
C LEU A 252 20.47 -4.91 26.30
N ARG A 253 20.22 -4.33 25.13
CA ARG A 253 20.82 -4.76 23.86
C ARG A 253 20.46 -6.21 23.52
N ARG A 254 19.19 -6.45 23.31
CA ARG A 254 18.74 -7.72 22.76
C ARG A 254 18.27 -7.53 21.32
N PRO A 255 18.26 -8.61 20.53
CA PRO A 255 17.93 -8.46 19.12
C PRO A 255 16.54 -7.90 18.94
N PRO A 256 16.34 -7.03 17.95
CA PRO A 256 15.01 -6.47 17.71
C PRO A 256 14.20 -7.30 16.73
N GLY A 257 12.89 -7.17 16.83
CA GLY A 257 11.98 -7.91 15.99
C GLY A 257 11.20 -7.05 15.02
N ARG A 258 9.89 -7.27 14.96
CA ARG A 258 9.09 -6.70 13.88
C ARG A 258 9.03 -5.18 13.94
N GLU A 259 8.75 -4.62 15.11
CA GLU A 259 8.75 -3.18 15.30
C GLU A 259 9.72 -2.82 16.41
N ALA A 260 10.87 -3.50 16.42
CA ALA A 260 11.86 -3.38 17.48
C ALA A 260 11.40 -4.10 18.74
N TYR A 261 10.30 -4.83 18.65
CA TYR A 261 9.89 -5.67 19.77
C TYR A 261 10.77 -6.92 19.83
N PRO A 262 11.04 -7.43 21.03
CA PRO A 262 11.85 -8.64 21.14
C PRO A 262 11.08 -9.87 20.72
N GLY A 263 11.81 -10.98 20.57
CA GLY A 263 11.21 -12.21 20.08
C GLY A 263 10.22 -12.85 21.02
N ASP A 264 10.21 -12.44 22.30
CA ASP A 264 9.31 -13.03 23.28
C ASP A 264 8.17 -12.11 23.67
N ILE A 265 7.83 -11.15 22.82
CA ILE A 265 6.71 -10.25 23.10
C ILE A 265 5.38 -10.98 23.01
N PHE A 266 5.23 -11.91 22.07
CA PHE A 266 4.03 -12.74 22.04
C PHE A 266 3.93 -13.58 23.30
N TYR A 267 5.05 -14.16 23.74
CA TYR A 267 5.04 -15.03 24.89
C TYR A 267 4.73 -14.27 26.17
N LEU A 268 5.14 -13.01 26.24
CA LEU A 268 4.77 -12.16 27.38
C LEU A 268 3.25 -12.13 27.59
N HIS A 269 2.51 -11.79 26.53
CA HIS A 269 1.07 -11.63 26.65
C HIS A 269 0.36 -12.97 26.69
N SER A 270 0.91 -14.00 26.07
CA SER A 270 0.33 -15.34 26.25
C SER A 270 0.43 -15.78 27.70
N ARG A 271 1.60 -15.64 28.30
CA ARG A 271 1.76 -15.90 29.73
C ARG A 271 0.72 -15.15 30.53
N LEU A 272 0.54 -13.87 30.25
CA LEU A 272 -0.42 -13.08 31.01
C LEU A 272 -1.84 -13.61 30.84
N LEU A 273 -2.28 -13.75 29.59
CA LEU A 273 -3.70 -13.93 29.34
C LEU A 273 -4.16 -15.36 29.55
N GLU A 274 -3.23 -16.31 29.63
CA GLU A 274 -3.70 -17.68 29.87
C GLU A 274 -3.90 -17.99 31.35
N ARG A 275 -3.67 -17.02 32.25
CA ARG A 275 -4.00 -17.25 33.65
C ARG A 275 -5.48 -17.03 33.94
N ALA A 276 -6.23 -16.45 33.00
CA ALA A 276 -7.67 -16.31 33.17
C ALA A 276 -8.36 -17.61 32.76
N ALA A 277 -8.96 -18.30 33.73
CA ALA A 277 -9.48 -19.63 33.48
C ALA A 277 -10.74 -19.85 34.29
N LYS A 278 -11.49 -20.88 33.90
CA LYS A 278 -12.60 -21.39 34.70
C LYS A 278 -12.18 -22.71 35.30
N LEU A 279 -11.96 -22.72 36.61
CA LEU A 279 -11.43 -23.92 37.27
C LEU A 279 -12.50 -25.01 37.36
N SER A 280 -12.03 -26.25 37.34
CA SER A 280 -12.93 -27.39 37.51
C SER A 280 -13.33 -27.53 38.97
N ASP A 281 -14.41 -28.29 39.20
CA ASP A 281 -14.97 -28.38 40.54
C ASP A 281 -14.02 -29.03 41.53
N ALA A 282 -13.21 -29.99 41.07
CA ALA A 282 -12.22 -30.58 41.96
C ALA A 282 -11.19 -29.55 42.41
N LYS A 283 -11.07 -28.45 41.67
CA LYS A 283 -10.13 -27.37 42.01
C LYS A 283 -10.80 -26.23 42.74
N GLY A 284 -12.10 -26.31 43.02
CA GLY A 284 -12.78 -25.30 43.80
C GLY A 284 -13.91 -24.59 43.09
N GLY A 285 -13.91 -24.54 41.77
CA GLY A 285 -14.97 -23.91 41.03
C GLY A 285 -14.83 -22.41 40.81
N GLY A 286 -13.75 -21.79 41.24
CA GLY A 286 -13.56 -20.38 41.02
C GLY A 286 -13.22 -20.08 39.57
N SER A 287 -13.14 -18.79 39.27
CA SER A 287 -12.90 -18.36 37.89
C SER A 287 -12.24 -17.00 37.88
N LEU A 288 -11.68 -16.64 36.73
CA LEU A 288 -11.06 -15.34 36.51
C LEU A 288 -11.18 -14.97 35.05
N THR A 289 -11.89 -13.89 34.78
CA THR A 289 -12.12 -13.42 33.41
C THR A 289 -11.41 -12.09 33.21
N ALA A 290 -10.80 -11.93 32.04
CA ALA A 290 -10.00 -10.77 31.73
C ALA A 290 -10.64 -9.98 30.61
N LEU A 291 -10.57 -8.65 30.72
CA LEU A 291 -11.05 -7.73 29.69
C LEU A 291 -9.93 -6.76 29.35
N PRO A 292 -9.06 -7.10 28.38
CA PRO A 292 -8.07 -6.14 27.90
C PRO A 292 -8.79 -5.06 27.06
N PHE A 293 -8.41 -3.79 27.23
CA PHE A 293 -9.02 -2.67 26.48
C PHE A 293 -7.94 -1.97 25.63
N VAL A 294 -8.26 -1.61 24.39
CA VAL A 294 -7.31 -0.92 23.48
C VAL A 294 -7.98 0.29 22.79
N GLU A 295 -7.27 1.40 22.67
CA GLU A 295 -7.79 2.62 22.00
C GLU A 295 -7.17 2.69 20.61
N THR A 296 -8.00 2.82 19.58
CA THR A 296 -7.49 2.88 18.20
C THR A 296 -7.30 4.35 17.82
N GLN A 297 -6.70 4.60 16.66
CA GLN A 297 -6.45 5.99 16.23
C GLN A 297 -7.27 6.29 14.97
N ALA A 298 -8.17 5.37 14.56
CA ALA A 298 -9.03 5.60 13.38
C ALA A 298 -9.79 4.34 12.96
N GLY A 299 -9.37 3.17 13.44
CA GLY A 299 -10.05 1.91 13.09
C GLY A 299 -8.99 0.88 12.83
N ASP A 300 -7.74 1.35 12.77
CA ASP A 300 -6.62 0.46 12.42
C ASP A 300 -6.30 -0.49 13.55
N ILE A 301 -6.45 -1.79 13.29
CA ILE A 301 -6.11 -2.84 14.27
C ILE A 301 -4.93 -3.60 13.66
N SER A 302 -4.22 -2.98 12.73
CA SER A 302 -3.18 -3.77 12.02
C SER A 302 -1.85 -3.66 12.72
N ALA A 303 -1.78 -2.94 13.85
CA ALA A 303 -0.52 -2.93 14.57
C ALA A 303 -0.18 -4.29 15.14
N TYR A 304 1.10 -4.49 15.39
CA TYR A 304 1.63 -5.80 15.78
C TYR A 304 1.03 -6.28 17.10
N ILE A 305 1.06 -5.42 18.12
CA ILE A 305 0.53 -5.81 19.43
C ILE A 305 -0.96 -6.06 19.39
N PRO A 306 -1.78 -5.21 18.78
CA PRO A 306 -3.21 -5.54 18.65
C PRO A 306 -3.46 -6.84 17.93
N THR A 307 -2.69 -7.17 16.88
CA THR A 307 -2.85 -8.45 16.24
C THR A 307 -2.52 -9.60 17.16
N ASN A 308 -1.43 -9.50 17.93
CA ASN A 308 -1.09 -10.55 18.88
C ASN A 308 -2.23 -10.80 19.85
N VAL A 309 -2.74 -9.73 20.48
CA VAL A 309 -3.78 -9.91 21.49
C VAL A 309 -5.05 -10.44 20.86
N ILE A 310 -5.39 -9.98 19.66
CA ILE A 310 -6.54 -10.51 18.95
C ILE A 310 -6.41 -12.01 18.76
N SER A 311 -5.23 -12.48 18.38
CA SER A 311 -5.05 -13.92 18.20
C SER A 311 -5.12 -14.67 19.53
N ILE A 312 -4.75 -14.03 20.64
CA ILE A 312 -4.72 -14.77 21.90
C ILE A 312 -6.11 -14.85 22.54
N THR A 313 -6.95 -13.83 22.39
CA THR A 313 -8.20 -13.80 23.16
C THR A 313 -9.30 -14.64 22.52
N ASP A 314 -10.46 -14.66 23.19
CA ASP A 314 -11.64 -15.42 22.77
C ASP A 314 -12.66 -14.59 22.01
N GLY A 315 -12.43 -13.31 21.81
CA GLY A 315 -13.38 -12.47 21.12
C GLY A 315 -13.00 -11.01 21.28
N GLN A 316 -13.67 -10.18 20.48
CA GLN A 316 -13.41 -8.74 20.54
C GLN A 316 -14.69 -7.98 20.26
N ILE A 317 -14.85 -6.86 20.97
CA ILE A 317 -16.00 -5.97 20.82
C ILE A 317 -15.50 -4.69 20.15
N PHE A 318 -16.15 -4.30 19.06
CA PHE A 318 -15.69 -3.24 18.19
C PHE A 318 -16.60 -2.03 18.30
N LEU A 319 -16.02 -0.87 18.57
CA LEU A 319 -16.76 0.39 18.61
C LEU A 319 -16.18 1.34 17.57
N GLN A 320 -17.07 1.97 16.79
CA GLN A 320 -16.66 2.78 15.65
C GLN A 320 -17.27 4.17 15.74
N SER A 321 -16.43 5.17 15.47
CA SER A 321 -16.80 6.57 15.48
C SER A 321 -17.83 6.92 14.41
N ASP A 322 -17.84 6.21 13.27
CA ASP A 322 -18.86 6.37 12.24
C ASP A 322 -20.25 6.00 12.77
N LEU A 323 -20.36 4.93 13.55
CA LEU A 323 -21.62 4.59 14.19
C LEU A 323 -21.92 5.58 15.31
N PHE A 324 -20.91 5.99 16.07
CA PHE A 324 -21.09 6.87 17.24
C PHE A 324 -21.65 8.24 16.86
N PHE A 325 -21.21 8.81 15.74
CA PHE A 325 -21.72 10.10 15.27
C PHE A 325 -23.08 10.02 14.55
N SER A 326 -23.36 8.92 13.87
CA SER A 326 -24.67 8.66 13.26
C SER A 326 -25.79 8.33 14.27
N GLY A 327 -25.54 8.49 15.59
CA GLY A 327 -26.54 8.35 16.61
C GLY A 327 -26.66 6.98 17.26
N VAL A 328 -25.88 6.00 16.83
CA VAL A 328 -25.96 4.64 17.38
C VAL A 328 -24.97 4.55 18.53
N ARG A 329 -25.45 4.60 19.78
CA ARG A 329 -24.65 4.47 21.03
C ARG A 329 -25.28 3.38 21.89
N PRO A 330 -24.51 2.43 22.46
CA PRO A 330 -23.05 2.37 22.62
C PRO A 330 -22.17 2.24 21.36
N ALA A 331 -22.67 2.12 20.14
CA ALA A 331 -21.81 2.17 18.95
C ALA A 331 -21.03 0.87 18.73
N ILE A 332 -21.61 -0.26 19.12
CA ILE A 332 -20.96 -1.54 18.88
C ILE A 332 -21.30 -2.02 17.47
N ASN A 333 -20.29 -2.50 16.76
CA ASN A 333 -20.46 -3.02 15.40
C ASN A 333 -20.71 -4.52 15.49
N ALA A 334 -21.98 -4.92 15.59
CA ALA A 334 -22.33 -6.31 15.84
C ALA A 334 -21.82 -7.26 14.76
N GLY A 335 -21.69 -6.78 13.52
CA GLY A 335 -21.20 -7.64 12.45
C GLY A 335 -19.76 -8.06 12.62
N LEU A 336 -18.90 -7.11 12.99
CA LEU A 336 -17.47 -7.37 13.14
C LEU A 336 -17.13 -7.98 14.48
N SER A 337 -17.89 -7.71 15.52
CA SER A 337 -17.61 -8.24 16.85
C SER A 337 -17.89 -9.73 16.89
N VAL A 338 -17.20 -10.43 17.80
CA VAL A 338 -17.38 -11.88 17.93
C VAL A 338 -17.12 -12.31 19.36
N SER A 339 -17.79 -13.39 19.75
CA SER A 339 -17.51 -14.08 21.01
C SER A 339 -17.53 -15.57 20.69
N ARG A 340 -16.49 -16.31 21.10
CA ARG A 340 -16.44 -17.72 20.74
C ARG A 340 -17.05 -18.63 21.79
N VAL A 341 -17.33 -18.13 22.99
CA VAL A 341 -18.02 -18.92 23.98
C VAL A 341 -19.52 -18.81 23.74
N GLY A 342 -19.92 -17.80 22.99
CA GLY A 342 -21.30 -17.34 22.96
C GLY A 342 -22.35 -18.43 22.92
N GLY A 343 -23.49 -18.17 23.54
CA GLY A 343 -24.52 -19.18 23.69
C GLY A 343 -24.37 -19.88 25.03
N ALA A 344 -23.20 -20.49 25.24
CA ALA A 344 -22.93 -21.13 26.52
C ALA A 344 -22.85 -20.11 27.65
N ALA A 345 -22.62 -18.84 27.32
CA ALA A 345 -22.51 -17.78 28.32
C ALA A 345 -23.80 -17.00 28.50
N GLN A 346 -24.95 -17.57 28.17
CA GLN A 346 -26.23 -16.90 28.29
C GLN A 346 -27.22 -17.74 29.07
N ILE A 347 -28.14 -17.09 29.78
CA ILE A 347 -29.23 -17.80 30.43
C ILE A 347 -30.22 -18.30 29.39
N LYS A 348 -31.08 -19.22 29.81
CA LYS A 348 -32.03 -19.86 28.91
C LYS A 348 -32.97 -18.84 28.28
N ALA A 349 -33.47 -17.90 29.07
CA ALA A 349 -34.40 -16.91 28.55
C ALA A 349 -33.78 -16.08 27.44
N MET A 350 -32.53 -15.65 27.63
CA MET A 350 -31.84 -14.89 26.59
C MET A 350 -31.57 -15.77 25.38
N LYS A 351 -30.99 -16.95 25.59
CA LYS A 351 -30.69 -17.83 24.47
C LYS A 351 -31.93 -18.16 23.65
N LYS A 352 -33.12 -18.02 24.24
CA LYS A 352 -34.35 -18.26 23.51
C LYS A 352 -34.64 -17.15 22.51
N VAL A 353 -34.36 -15.89 22.85
CA VAL A 353 -34.83 -14.76 22.08
C VAL A 353 -33.71 -14.00 21.35
N ALA A 354 -32.45 -14.31 21.62
CA ALA A 354 -31.36 -13.58 20.97
C ALA A 354 -31.14 -14.00 19.53
N GLY A 355 -31.45 -15.24 19.16
CA GLY A 355 -31.17 -15.70 17.81
C GLY A 355 -31.99 -14.95 16.76
N THR A 356 -33.28 -14.78 17.03
CA THR A 356 -34.13 -14.03 16.10
C THR A 356 -33.67 -12.58 15.99
N LEU A 357 -33.25 -12.00 17.11
CA LEU A 357 -32.70 -10.65 17.10
C LEU A 357 -31.48 -10.56 16.19
N ARG A 358 -30.57 -11.53 16.30
CA ARG A 358 -29.39 -11.54 15.45
C ARG A 358 -29.78 -11.64 13.98
N LEU A 359 -30.73 -12.52 13.68
CA LEU A 359 -31.18 -12.70 12.30
C LEU A 359 -31.72 -11.40 11.73
N ASP A 360 -32.59 -10.73 12.50
CA ASP A 360 -33.19 -9.49 12.03
C ASP A 360 -32.15 -8.42 11.79
N LEU A 361 -31.19 -8.30 12.71
CA LEU A 361 -30.15 -7.29 12.52
C LEU A 361 -29.31 -7.58 11.27
N ALA A 362 -28.96 -8.84 11.03
CA ALA A 362 -28.14 -9.15 9.86
C ALA A 362 -28.89 -8.87 8.57
N ALA A 363 -30.17 -9.28 8.50
CA ALA A 363 -30.96 -9.01 7.31
C ALA A 363 -31.08 -7.51 7.06
N TYR A 364 -31.30 -6.73 8.12
CA TYR A 364 -31.38 -5.29 7.96
C TYR A 364 -30.08 -4.73 7.41
N ARG A 365 -28.95 -5.20 7.93
CA ARG A 365 -27.67 -4.65 7.48
C ARG A 365 -27.45 -4.95 6.01
N GLU A 366 -27.83 -6.15 5.55
CA GLU A 366 -27.65 -6.46 4.14
C GLU A 366 -28.69 -5.76 3.26
N LEU A 367 -29.79 -5.29 3.85
CA LEU A 367 -30.80 -4.59 3.07
C LEU A 367 -30.63 -3.08 3.08
N GLU A 368 -29.76 -2.54 3.93
CA GLU A 368 -29.66 -1.09 4.12
C GLU A 368 -29.72 -0.31 2.81
N ALA A 369 -28.98 -0.74 1.78
CA ALA A 369 -28.91 0.05 0.55
C ALA A 369 -30.24 0.15 -0.17
N PHE A 370 -31.15 -0.81 0.00
CA PHE A 370 -32.47 -0.79 -0.60
C PHE A 370 -33.41 0.17 0.12
N ALA A 371 -33.06 0.65 1.32
CA ALA A 371 -34.00 1.42 2.13
C ALA A 371 -34.36 2.75 1.47
N GLN A 372 -33.40 3.34 0.75
CA GLN A 372 -33.55 4.58 -0.02
C GLN A 372 -34.69 4.50 -1.05
N PHE A 373 -35.05 3.29 -1.48
CA PHE A 373 -36.02 3.03 -2.53
C PHE A 373 -37.32 2.42 -1.99
N GLY A 374 -37.73 2.67 -0.72
CA GLY A 374 -38.75 1.89 -0.05
C GLY A 374 -40.03 1.73 -0.84
N SER A 375 -40.43 2.77 -1.58
CA SER A 375 -41.73 2.76 -2.24
C SER A 375 -41.86 1.60 -3.22
N ASP A 376 -40.74 1.04 -3.66
CA ASP A 376 -40.73 0.08 -4.76
C ASP A 376 -40.53 -1.36 -4.32
N LEU A 377 -40.25 -1.61 -3.05
CA LEU A 377 -39.87 -2.95 -2.65
C LEU A 377 -41.10 -3.83 -2.45
N ASP A 378 -40.90 -5.14 -2.55
CA ASP A 378 -41.94 -6.10 -2.19
C ASP A 378 -42.22 -6.02 -0.69
N LYS A 379 -43.32 -6.65 -0.26
CA LYS A 379 -43.75 -6.51 1.13
C LYS A 379 -42.81 -7.25 2.08
N ALA A 380 -42.18 -8.32 1.62
CA ALA A 380 -41.22 -9.02 2.47
C ALA A 380 -40.03 -8.11 2.81
N THR A 381 -39.46 -7.46 1.81
CA THR A 381 -38.34 -6.55 2.10
C THR A 381 -38.79 -5.38 2.94
N GLN A 382 -39.99 -4.85 2.70
CA GLN A 382 -40.46 -3.76 3.54
C GLN A 382 -40.62 -4.20 4.98
N ALA A 383 -41.12 -5.42 5.20
CA ALA A 383 -41.20 -5.95 6.56
C ALA A 383 -39.83 -6.08 7.20
N LYS A 384 -38.85 -6.55 6.43
CA LYS A 384 -37.51 -6.71 6.98
C LYS A 384 -36.93 -5.36 7.39
N LEU A 385 -37.10 -4.34 6.54
CA LEU A 385 -36.57 -3.02 6.85
C LEU A 385 -37.26 -2.43 8.08
N ALA A 386 -38.58 -2.61 8.16
CA ALA A 386 -39.31 -2.10 9.33
C ALA A 386 -38.83 -2.78 10.60
N ARG A 387 -38.57 -4.08 10.57
CA ARG A 387 -38.07 -4.76 11.75
C ARG A 387 -36.65 -4.30 12.10
N GLY A 388 -35.80 -4.11 11.10
CA GLY A 388 -34.43 -3.71 11.36
C GLY A 388 -34.33 -2.34 12.02
N ALA A 389 -35.13 -1.39 11.56
CA ALA A 389 -35.08 -0.06 12.15
C ALA A 389 -35.43 -0.12 13.65
N ARG A 390 -36.47 -0.90 13.99
CA ARG A 390 -36.89 -1.01 15.38
C ARG A 390 -35.86 -1.75 16.21
N THR A 391 -35.24 -2.77 15.64
CA THR A 391 -34.19 -3.50 16.37
C THR A 391 -33.04 -2.57 16.73
N VAL A 392 -32.59 -1.79 15.75
CA VAL A 392 -31.53 -0.83 16.02
C VAL A 392 -31.96 0.17 17.08
N GLU A 393 -33.21 0.60 17.04
CA GLU A 393 -33.68 1.52 18.07
C GLU A 393 -33.62 0.90 19.46
N VAL A 394 -34.05 -0.36 19.59
CA VAL A 394 -34.10 -0.95 20.93
C VAL A 394 -32.71 -1.28 21.43
N LEU A 395 -31.73 -1.45 20.54
CA LEU A 395 -30.39 -1.73 21.02
C LEU A 395 -29.64 -0.49 21.50
N LYS A 396 -30.22 0.71 21.35
CA LYS A 396 -29.59 1.92 21.86
C LYS A 396 -29.61 1.92 23.37
N GLN A 397 -28.72 2.71 23.97
CA GLN A 397 -28.64 2.78 25.43
C GLN A 397 -27.91 4.03 25.84
N ASP A 398 -28.17 4.48 27.06
CA ASP A 398 -27.57 5.69 27.59
C ASP A 398 -26.40 5.35 28.49
N LEU A 399 -25.35 6.15 28.40
CA LEU A 399 -24.12 5.87 29.14
C LEU A 399 -24.39 5.91 30.64
N HIS A 400 -23.75 4.99 31.37
CA HIS A 400 -23.90 4.75 32.81
C HIS A 400 -25.31 4.28 33.26
N GLN A 401 -26.19 3.81 32.36
CA GLN A 401 -27.48 3.26 32.78
C GLN A 401 -27.56 1.78 32.45
N PRO A 402 -27.22 0.91 33.40
CA PRO A 402 -27.36 -0.54 33.16
C PRO A 402 -28.81 -0.98 33.26
N ILE A 403 -29.10 -2.14 32.69
CA ILE A 403 -30.42 -2.76 32.73
C ILE A 403 -30.28 -4.15 33.33
N PRO A 404 -31.21 -4.59 34.18
CA PRO A 404 -31.21 -5.99 34.62
C PRO A 404 -31.46 -6.95 33.46
N VAL A 405 -30.89 -8.15 33.60
CA VAL A 405 -30.96 -9.12 32.51
C VAL A 405 -32.40 -9.51 32.21
N GLU A 406 -33.25 -9.62 33.24
CA GLU A 406 -34.64 -9.99 33.01
C GLU A 406 -35.38 -8.94 32.20
N LYS A 407 -35.14 -7.65 32.48
CA LYS A 407 -35.74 -6.61 31.67
C LYS A 407 -35.20 -6.63 30.24
N GLN A 408 -33.90 -6.86 30.08
CA GLN A 408 -33.36 -7.02 28.73
C GLN A 408 -34.08 -8.12 27.98
N VAL A 409 -34.25 -9.28 28.61
CA VAL A 409 -34.86 -10.41 27.93
C VAL A 409 -36.30 -10.09 27.57
N LEU A 410 -37.03 -9.45 28.47
CA LEU A 410 -38.44 -9.16 28.21
C LEU A 410 -38.59 -8.19 27.04
N ILE A 411 -37.78 -7.13 27.00
CA ILE A 411 -37.92 -6.19 25.89
C ILE A 411 -37.49 -6.82 24.57
N ILE A 412 -36.44 -7.65 24.60
CA ILE A 412 -36.06 -8.32 23.36
C ILE A 412 -37.16 -9.28 22.91
N TYR A 413 -37.81 -9.96 23.84
CA TYR A 413 -38.94 -10.82 23.47
C TYR A 413 -40.05 -10.00 22.84
N ALA A 414 -40.39 -8.86 23.44
CA ALA A 414 -41.41 -8.00 22.87
C ALA A 414 -41.07 -7.61 21.44
N LEU A 415 -39.80 -7.30 21.19
CA LEU A 415 -39.39 -6.94 19.84
C LEU A 415 -39.52 -8.12 18.87
N THR A 416 -38.96 -9.27 19.23
CA THR A 416 -38.84 -10.36 18.27
C THR A 416 -40.17 -11.10 18.09
N ARG A 417 -41.14 -10.88 18.97
CA ARG A 417 -42.42 -11.55 18.83
C ARG A 417 -43.46 -10.72 18.09
N GLY A 418 -43.10 -9.54 17.60
CA GLY A 418 -43.99 -8.75 16.77
C GLY A 418 -44.79 -7.70 17.50
N PHE A 419 -44.70 -7.63 18.83
CA PHE A 419 -45.53 -6.68 19.57
C PHE A 419 -45.09 -5.26 19.33
N LEU A 420 -43.86 -5.05 18.91
CA LEU A 420 -43.32 -3.71 18.82
C LEU A 420 -43.42 -3.13 17.41
N ASP A 421 -43.87 -3.93 16.45
CA ASP A 421 -43.91 -3.47 15.07
C ASP A 421 -45.19 -2.72 14.73
N ASP A 422 -45.92 -2.25 15.74
CA ASP A 422 -47.00 -1.31 15.51
C ASP A 422 -46.56 0.12 15.78
N ILE A 423 -45.58 0.28 16.67
CA ILE A 423 -45.11 1.58 17.14
C ILE A 423 -44.24 2.25 16.09
N PRO A 424 -44.31 3.57 15.93
CA PRO A 424 -43.35 4.26 15.07
C PRO A 424 -41.95 4.19 15.64
N VAL A 425 -40.97 4.04 14.75
CA VAL A 425 -39.58 3.88 15.13
C VAL A 425 -39.10 4.99 16.06
N GLU A 426 -39.83 6.11 16.14
CA GLU A 426 -39.44 7.18 17.04
C GLU A 426 -40.07 7.05 18.42
N ASP A 427 -41.04 6.15 18.58
CA ASP A 427 -41.61 5.89 19.89
C ASP A 427 -40.99 4.70 20.60
N VAL A 428 -40.01 4.02 19.98
CA VAL A 428 -39.51 2.77 20.50
C VAL A 428 -38.77 2.96 21.83
N ARG A 429 -37.90 3.98 21.91
CA ARG A 429 -37.18 4.23 23.15
C ARG A 429 -38.14 4.54 24.30
N ARG A 430 -39.08 5.46 24.06
CA ARG A 430 -40.03 5.83 25.09
C ARG A 430 -40.90 4.65 25.48
N PHE A 431 -41.31 3.86 24.50
CA PHE A 431 -42.07 2.64 24.76
C PHE A 431 -41.31 1.73 25.70
N GLU A 432 -40.01 1.53 25.45
CA GLU A 432 -39.20 0.68 26.30
C GLU A 432 -39.18 1.20 27.73
N LYS A 433 -38.96 2.50 27.90
CA LYS A 433 -38.91 3.07 29.24
C LYS A 433 -40.24 2.86 29.98
N GLU A 434 -41.34 3.21 29.33
CA GLU A 434 -42.64 3.08 29.99
C GLU A 434 -42.96 1.61 30.27
N PHE A 435 -42.52 0.71 29.39
CA PHE A 435 -42.70 -0.71 29.62
C PHE A 435 -41.97 -1.16 30.86
N TYR A 436 -40.75 -0.66 31.07
CA TYR A 436 -40.03 -1.02 32.29
C TYR A 436 -40.77 -0.55 33.52
N LEU A 437 -41.32 0.67 33.50
CA LEU A 437 -42.09 1.13 34.65
C LEU A 437 -43.33 0.26 34.87
N PHE A 438 -44.01 -0.11 33.80
CA PHE A 438 -45.18 -0.97 33.91
C PHE A 438 -44.81 -2.33 34.52
N LEU A 439 -43.68 -2.89 34.08
CA LEU A 439 -43.20 -4.12 34.68
C LEU A 439 -42.95 -3.94 36.17
N ASP A 440 -42.21 -2.89 36.55
CA ASP A 440 -41.99 -2.64 37.97
C ASP A 440 -43.31 -2.65 38.73
N GLN A 441 -44.35 -2.04 38.16
CA GLN A 441 -45.61 -1.97 38.89
C GLN A 441 -46.30 -3.32 39.01
N ASN A 442 -46.44 -4.06 37.91
CA ASN A 442 -47.32 -5.22 37.94
C ASN A 442 -46.86 -6.46 37.18
N GLY A 443 -45.60 -6.53 36.74
CA GLY A 443 -45.03 -7.74 36.19
C GLY A 443 -44.09 -8.44 37.12
N GLN A 444 -44.34 -8.35 38.43
CA GLN A 444 -43.42 -8.91 39.40
C GLN A 444 -43.36 -10.42 39.31
N HIS A 445 -44.48 -11.08 39.03
CA HIS A 445 -44.45 -12.52 38.87
C HIS A 445 -43.56 -12.95 37.71
N LEU A 446 -43.63 -12.23 36.58
CA LEU A 446 -42.76 -12.54 35.45
C LEU A 446 -41.29 -12.29 35.80
N LEU A 447 -41.02 -11.14 36.42
CA LEU A 447 -39.64 -10.83 36.78
C LEU A 447 -39.07 -11.87 37.74
N GLU A 448 -39.86 -12.26 38.74
CA GLU A 448 -39.41 -13.24 39.71
C GLU A 448 -39.19 -14.59 39.06
N HIS A 449 -40.07 -14.99 38.14
CA HIS A 449 -39.90 -16.27 37.48
C HIS A 449 -38.62 -16.29 36.67
N ILE A 450 -38.33 -15.21 35.95
CA ILE A 450 -37.08 -15.17 35.20
C ILE A 450 -35.89 -15.23 36.15
N ARG A 451 -35.91 -14.44 37.23
CA ARG A 451 -34.80 -14.45 38.15
C ARG A 451 -34.55 -15.84 38.71
N THR A 452 -35.62 -16.56 39.03
CA THR A 452 -35.48 -17.82 39.75
C THR A 452 -35.12 -18.98 38.82
N THR A 453 -35.81 -19.10 37.68
CA THR A 453 -35.59 -20.23 36.80
C THR A 453 -34.60 -19.95 35.67
N LYS A 454 -34.11 -18.73 35.53
CA LYS A 454 -33.28 -18.35 34.40
C LYS A 454 -33.92 -18.72 33.07
N ASP A 455 -35.25 -18.78 33.01
CA ASP A 455 -35.97 -19.24 31.85
C ASP A 455 -37.13 -18.30 31.53
N LEU A 456 -37.63 -18.40 30.31
CA LEU A 456 -38.73 -17.54 29.89
C LEU A 456 -39.99 -17.90 30.66
N PRO A 457 -40.84 -16.92 30.99
CA PRO A 457 -42.07 -17.22 31.72
C PRO A 457 -43.09 -17.90 30.83
N ASN A 458 -44.31 -18.11 31.32
CA ASN A 458 -45.34 -18.70 30.47
C ASN A 458 -45.74 -17.73 29.37
N GLU A 459 -45.79 -18.24 28.14
CA GLU A 459 -45.99 -17.39 26.98
C GLU A 459 -47.33 -16.68 27.01
N ASP A 460 -48.39 -17.37 27.43
CA ASP A 460 -49.71 -16.74 27.45
C ASP A 460 -49.76 -15.57 28.42
N ASP A 461 -49.26 -15.77 29.64
CA ASP A 461 -49.22 -14.68 30.62
C ASP A 461 -48.34 -13.54 30.13
N LEU A 462 -47.20 -13.86 29.52
CA LEU A 462 -46.34 -12.82 28.97
C LEU A 462 -47.06 -12.01 27.91
N ASN A 463 -47.76 -12.69 27.01
CA ASN A 463 -48.48 -12.00 25.94
C ASN A 463 -49.57 -11.11 26.51
N LYS A 464 -50.28 -11.61 27.53
CA LYS A 464 -51.30 -10.79 28.17
C LYS A 464 -50.68 -9.52 28.77
N ALA A 465 -49.54 -9.67 29.44
CA ALA A 465 -48.89 -8.50 30.02
C ALA A 465 -48.49 -7.50 28.96
N ILE A 466 -47.91 -7.96 27.85
CA ILE A 466 -47.47 -7.04 26.81
C ILE A 466 -48.66 -6.33 26.16
N GLU A 467 -49.71 -7.08 25.84
CA GLU A 467 -50.90 -6.46 25.26
C GLU A 467 -51.55 -5.48 26.24
N ALA A 468 -51.57 -5.82 27.52
CA ALA A 468 -52.11 -4.92 28.52
C ALA A 468 -51.34 -3.61 28.56
N PHE A 469 -50.02 -3.68 28.49
CA PHE A 469 -49.23 -2.44 28.46
C PHE A 469 -49.55 -1.64 27.21
N LYS A 470 -49.66 -2.31 26.06
CA LYS A 470 -49.97 -1.60 24.83
C LYS A 470 -51.33 -0.91 24.94
N LYS A 471 -52.26 -1.51 25.68
CA LYS A 471 -53.57 -0.89 25.87
C LYS A 471 -53.48 0.43 26.61
N THR A 472 -52.36 0.72 27.27
CA THR A 472 -52.19 2.01 27.94
C THR A 472 -51.10 2.86 27.33
N PHE A 473 -50.33 2.35 26.38
CA PHE A 473 -49.42 3.22 25.66
C PHE A 473 -50.20 4.16 24.74
N VAL A 474 -49.57 5.28 24.39
CA VAL A 474 -50.23 6.29 23.58
C VAL A 474 -49.48 6.52 22.27
N ASP B 2 46.45 -28.68 3.95
CA ASP B 2 45.91 -30.03 4.00
C ASP B 2 44.65 -30.08 4.84
N VAL B 3 44.77 -29.80 6.13
CA VAL B 3 43.68 -29.99 7.07
C VAL B 3 43.44 -28.71 7.86
N GLY B 4 42.24 -28.58 8.41
CA GLY B 4 41.88 -27.50 9.29
C GLY B 4 40.99 -28.02 10.40
N THR B 5 40.41 -27.13 11.20
CA THR B 5 39.53 -27.55 12.28
C THR B 5 38.40 -26.53 12.43
N VAL B 6 37.25 -27.01 12.87
CA VAL B 6 36.04 -26.20 12.86
C VAL B 6 35.95 -25.39 14.14
N ILE B 7 35.68 -24.10 14.02
CA ILE B 7 35.58 -23.22 15.16
C ILE B 7 34.18 -22.63 15.34
N GLN B 8 33.36 -22.59 14.29
CA GLN B 8 31.95 -22.28 14.41
C GLN B 8 31.18 -23.15 13.44
N VAL B 9 29.91 -23.36 13.74
CA VAL B 9 29.00 -24.04 12.83
C VAL B 9 27.57 -23.73 13.25
N GLY B 10 26.72 -23.43 12.28
CA GLY B 10 25.32 -23.15 12.54
C GLY B 10 24.57 -22.70 11.32
N ASP B 11 23.35 -23.22 11.12
CA ASP B 11 22.48 -22.80 10.03
C ASP B 11 23.07 -23.09 8.66
N GLY B 12 23.96 -24.09 8.57
CA GLY B 12 24.51 -24.48 7.29
C GLY B 12 25.75 -23.74 6.86
N ILE B 13 26.29 -22.85 7.68
CA ILE B 13 27.56 -22.21 7.40
C ILE B 13 28.53 -22.60 8.50
N ALA B 14 29.83 -22.53 8.20
CA ALA B 14 30.86 -22.89 9.16
C ALA B 14 32.09 -22.05 8.92
N ARG B 15 32.89 -21.91 9.97
CA ARG B 15 34.17 -21.22 9.92
C ARG B 15 35.23 -22.17 10.43
N ALA B 16 36.34 -22.26 9.70
CA ALA B 16 37.39 -23.20 10.04
C ALA B 16 38.72 -22.46 10.15
N HIS B 17 39.60 -23.03 10.98
CA HIS B 17 40.95 -22.54 11.14
C HIS B 17 41.90 -23.47 10.41
N GLY B 18 42.99 -22.93 9.88
CA GLY B 18 43.91 -23.74 9.12
C GLY B 18 43.64 -23.63 7.63
N LEU B 19 43.71 -24.75 6.92
CA LEU B 19 43.46 -24.78 5.48
C LEU B 19 44.27 -23.71 4.77
N ASP B 20 45.57 -23.68 5.06
CA ASP B 20 46.39 -22.51 4.70
C ASP B 20 46.48 -22.33 3.19
N ASN B 21 46.62 -23.41 2.44
CA ASN B 21 46.77 -23.34 1.00
C ASN B 21 45.46 -23.50 0.24
N VAL B 22 44.32 -23.61 0.93
CA VAL B 22 43.05 -23.75 0.22
C VAL B 22 42.82 -22.54 -0.65
N MET B 23 42.15 -22.73 -1.79
CA MET B 23 41.88 -21.62 -2.68
C MET B 23 40.39 -21.29 -2.74
N SER B 24 40.10 -20.07 -3.16
CA SER B 24 38.74 -19.58 -3.21
C SER B 24 37.89 -20.45 -4.13
N GLY B 25 36.71 -20.81 -3.66
CA GLY B 25 35.82 -21.66 -4.44
C GLY B 25 36.20 -23.12 -4.49
N GLU B 26 37.01 -23.60 -3.54
CA GLU B 26 37.46 -24.98 -3.56
C GLU B 26 36.44 -25.91 -2.91
N LEU B 27 36.58 -27.20 -3.21
CA LEU B 27 35.73 -28.22 -2.63
C LEU B 27 36.43 -28.84 -1.42
N VAL B 28 35.70 -28.94 -0.32
CA VAL B 28 36.25 -29.31 0.98
C VAL B 28 35.35 -30.37 1.60
N GLU B 29 35.94 -31.30 2.33
CA GLU B 29 35.18 -32.40 2.91
C GLU B 29 35.45 -32.52 4.40
N PHE B 30 34.38 -32.77 5.15
CA PHE B 30 34.43 -32.89 6.60
C PHE B 30 34.64 -34.33 7.02
N ALA B 31 35.01 -34.52 8.29
CA ALA B 31 35.28 -35.87 8.79
C ALA B 31 34.07 -36.77 8.63
N ASN B 32 32.88 -36.20 8.61
CA ASN B 32 31.67 -36.93 8.26
C ASN B 32 31.70 -37.49 6.84
N GLY B 33 32.44 -36.87 5.94
CA GLY B 33 32.26 -37.13 4.53
C GLY B 33 31.27 -36.22 3.85
N VAL B 34 30.70 -35.25 4.57
CA VAL B 34 29.88 -34.22 3.96
C VAL B 34 30.79 -33.19 3.32
N MET B 35 30.35 -32.60 2.21
CA MET B 35 31.21 -31.71 1.47
C MET B 35 30.83 -30.25 1.73
N GLY B 36 31.77 -29.36 1.40
CA GLY B 36 31.55 -27.94 1.58
C GLY B 36 32.32 -27.15 0.55
N MET B 37 32.04 -25.85 0.52
CA MET B 37 32.69 -24.93 -0.40
C MET B 37 33.39 -23.83 0.39
N ALA B 38 34.63 -23.53 0.03
CA ALA B 38 35.34 -22.42 0.64
C ALA B 38 34.89 -21.12 0.00
N LEU B 39 34.19 -20.29 0.77
CA LEU B 39 33.53 -19.09 0.28
C LEU B 39 34.30 -17.81 0.58
N ASN B 40 34.80 -17.67 1.81
CA ASN B 40 35.57 -16.50 2.22
C ASN B 40 36.93 -16.93 2.73
N LEU B 41 37.99 -16.36 2.17
CA LEU B 41 39.35 -16.64 2.64
C LEU B 41 39.79 -15.43 3.44
N GLU B 42 39.45 -15.42 4.73
CA GLU B 42 39.79 -14.33 5.63
C GLU B 42 41.23 -14.49 6.12
N GLU B 43 41.66 -13.52 6.92
CA GLU B 43 43.06 -13.46 7.34
C GLU B 43 43.46 -14.70 8.14
N ASN B 44 42.60 -15.17 9.03
CA ASN B 44 42.94 -16.32 9.85
C ASN B 44 41.82 -17.35 9.95
N ASN B 45 40.82 -17.32 9.09
CA ASN B 45 39.81 -18.36 9.07
C ASN B 45 39.18 -18.40 7.69
N VAL B 46 38.55 -19.54 7.39
CA VAL B 46 37.90 -19.77 6.10
C VAL B 46 36.41 -19.96 6.36
N GLY B 47 35.58 -19.26 5.59
CA GLY B 47 34.15 -19.45 5.67
C GLY B 47 33.70 -20.54 4.72
N ILE B 48 32.86 -21.45 5.18
CA ILE B 48 32.50 -22.65 4.42
C ILE B 48 30.99 -22.77 4.34
N VAL B 49 30.49 -22.99 3.13
CA VAL B 49 29.09 -23.34 2.95
C VAL B 49 28.97 -24.85 2.88
N ILE B 50 28.19 -25.42 3.79
CA ILE B 50 28.04 -26.86 3.90
C ILE B 50 27.04 -27.32 2.86
N LEU B 51 27.40 -28.35 2.10
CA LEU B 51 26.62 -28.85 0.97
C LEU B 51 25.93 -30.16 1.31
N GLY B 52 25.37 -30.25 2.50
CA GLY B 52 24.67 -31.42 2.94
C GLY B 52 24.05 -31.21 4.31
N PRO B 53 23.76 -32.30 5.00
CA PRO B 53 23.24 -32.17 6.38
C PRO B 53 24.32 -31.86 7.38
N TYR B 54 24.21 -30.72 8.06
CA TYR B 54 25.26 -30.23 8.94
C TYR B 54 25.10 -30.63 10.40
N THR B 55 24.04 -31.35 10.75
CA THR B 55 23.87 -31.74 12.15
C THR B 55 24.92 -32.73 12.62
N GLY B 56 25.69 -33.31 11.70
CA GLY B 56 26.79 -34.17 12.10
C GLY B 56 28.13 -33.47 12.26
N ILE B 57 28.16 -32.16 12.06
CA ILE B 57 29.39 -31.37 12.10
C ILE B 57 29.41 -30.60 13.42
N LYS B 58 30.50 -30.78 14.18
CA LYS B 58 30.64 -30.10 15.46
C LYS B 58 31.93 -29.31 15.48
N GLU B 59 31.98 -28.33 16.37
CA GLU B 59 33.20 -27.56 16.60
C GLU B 59 34.34 -28.50 16.97
N GLY B 60 35.50 -28.27 16.38
CA GLY B 60 36.66 -29.10 16.60
C GLY B 60 36.83 -30.25 15.63
N ASP B 61 35.86 -30.51 14.75
CA ASP B 61 36.02 -31.56 13.76
C ASP B 61 37.11 -31.19 12.76
N GLU B 62 37.68 -32.21 12.12
CA GLU B 62 38.68 -31.97 11.10
C GLU B 62 38.03 -31.74 9.75
N VAL B 63 38.64 -30.85 8.96
CA VAL B 63 38.14 -30.56 7.62
C VAL B 63 39.35 -30.49 6.69
N ARG B 64 39.19 -31.06 5.50
CA ARG B 64 40.32 -31.33 4.62
C ARG B 64 40.12 -30.73 3.24
N ARG B 65 41.22 -30.53 2.54
CA ARG B 65 41.22 -30.06 1.16
C ARG B 65 40.93 -31.21 0.21
N THR B 66 40.50 -30.86 -1.00
CA THR B 66 40.46 -31.81 -2.10
C THR B 66 41.36 -31.41 -3.27
N GLY B 67 41.74 -30.14 -3.37
CA GLY B 67 42.60 -29.68 -4.44
C GLY B 67 41.91 -29.40 -5.76
N ARG B 68 40.60 -29.55 -5.82
CA ARG B 68 39.83 -29.36 -7.04
C ARG B 68 38.81 -28.25 -6.83
N ILE B 69 38.81 -27.27 -7.73
CA ILE B 69 37.77 -26.26 -7.71
C ILE B 69 36.42 -26.95 -7.88
N MET B 70 35.38 -26.35 -7.29
CA MET B 70 34.03 -26.90 -7.33
C MET B 70 33.68 -27.38 -8.73
N GLU B 71 33.26 -28.64 -8.84
CA GLU B 71 33.05 -29.29 -10.13
C GLU B 71 32.00 -30.38 -10.02
N VAL B 72 31.54 -30.84 -11.17
CA VAL B 72 30.51 -31.87 -11.27
C VAL B 72 30.93 -32.96 -12.25
N PRO B 73 30.51 -34.20 -12.05
CA PRO B 73 30.79 -35.26 -13.04
C PRO B 73 29.89 -35.13 -14.26
N VAL B 74 30.49 -35.31 -15.44
CA VAL B 74 29.76 -35.18 -16.70
C VAL B 74 30.06 -36.37 -17.60
N GLY B 75 29.16 -36.70 -18.51
CA GLY B 75 29.39 -37.75 -19.48
C GLY B 75 28.12 -38.50 -19.85
N GLU B 76 28.23 -39.33 -20.88
CA GLU B 76 27.15 -40.18 -21.38
C GLU B 76 26.56 -41.12 -20.32
N ALA B 77 27.22 -41.30 -19.17
CA ALA B 77 26.74 -42.16 -18.10
C ALA B 77 25.56 -41.56 -17.36
N LEU B 78 25.42 -40.24 -17.23
CA LEU B 78 24.32 -39.71 -16.43
C LEU B 78 22.96 -39.95 -17.10
N ILE B 79 22.97 -40.32 -18.39
CA ILE B 79 21.77 -40.58 -19.18
C ILE B 79 20.97 -41.74 -18.59
N GLY B 80 19.69 -41.48 -18.30
CA GLY B 80 18.76 -42.44 -17.70
C GLY B 80 18.78 -42.53 -16.18
N ARG B 81 19.60 -41.74 -15.48
CA ARG B 81 19.73 -41.77 -14.01
C ARG B 81 18.79 -40.78 -13.31
N VAL B 82 18.87 -40.68 -11.99
CA VAL B 82 18.37 -39.53 -11.21
C VAL B 82 19.47 -39.14 -10.25
N VAL B 83 19.81 -37.86 -10.19
CA VAL B 83 21.08 -37.43 -9.61
C VAL B 83 20.93 -36.19 -8.74
N ASN B 84 21.69 -36.18 -7.66
CA ASN B 84 21.88 -35.09 -6.71
C ASN B 84 22.69 -33.98 -7.38
N PRO B 85 22.55 -32.73 -6.93
CA PRO B 85 23.26 -31.62 -7.56
C PRO B 85 24.78 -31.77 -7.61
N LEU B 86 25.38 -32.78 -6.98
CA LEU B 86 26.81 -33.03 -7.10
C LEU B 86 27.14 -34.31 -7.85
N GLY B 87 26.16 -34.90 -8.52
CA GLY B 87 26.25 -36.31 -8.87
C GLY B 87 25.53 -37.11 -7.80
N GLN B 88 26.22 -38.09 -7.24
CA GLN B 88 25.58 -38.86 -6.19
C GLN B 88 24.23 -39.38 -6.66
N PRO B 89 24.18 -40.47 -7.42
CA PRO B 89 22.90 -41.00 -7.87
C PRO B 89 21.94 -41.18 -6.71
N VAL B 90 20.67 -40.87 -6.98
CA VAL B 90 19.63 -40.91 -5.95
C VAL B 90 18.52 -41.89 -6.26
N ASP B 91 18.51 -42.46 -7.47
CA ASP B 91 17.52 -43.39 -8.02
C ASP B 91 17.65 -44.82 -7.49
N GLY B 92 18.71 -45.12 -6.76
CA GLY B 92 19.14 -46.50 -6.61
C GLY B 92 19.99 -46.86 -7.80
N LEU B 93 19.97 -48.13 -8.21
CA LEU B 93 20.65 -48.65 -9.40
C LEU B 93 22.18 -48.49 -9.37
N GLY B 94 22.76 -47.91 -8.32
CA GLY B 94 24.20 -47.94 -8.14
C GLY B 94 24.95 -46.76 -8.73
N PRO B 95 26.26 -46.91 -8.90
CA PRO B 95 27.10 -45.78 -9.32
C PRO B 95 26.86 -45.38 -10.77
N VAL B 96 27.30 -44.16 -11.09
CA VAL B 96 27.09 -43.62 -12.43
C VAL B 96 28.24 -43.93 -13.38
N GLU B 97 29.48 -43.89 -12.90
CA GLU B 97 30.63 -44.35 -13.68
C GLU B 97 31.01 -43.38 -14.80
N THR B 98 31.06 -42.08 -14.51
CA THR B 98 31.52 -41.11 -15.47
C THR B 98 33.05 -41.18 -15.61
N THR B 99 33.59 -40.32 -16.47
CA THR B 99 35.03 -40.31 -16.70
C THR B 99 35.66 -38.94 -16.51
N GLU B 100 34.89 -37.86 -16.54
CA GLU B 100 35.45 -36.51 -16.43
C GLU B 100 34.47 -35.61 -15.71
N THR B 101 34.89 -34.35 -15.54
CA THR B 101 34.15 -33.37 -14.75
C THR B 101 34.19 -32.01 -15.44
N ARG B 102 33.34 -31.11 -14.96
CA ARG B 102 33.34 -29.72 -15.37
C ARG B 102 33.06 -28.82 -14.18
N PRO B 103 33.62 -27.62 -14.15
CA PRO B 103 33.33 -26.71 -13.04
C PRO B 103 31.92 -26.17 -13.12
N ILE B 104 31.27 -26.05 -11.97
CA ILE B 104 29.95 -25.44 -11.96
C ILE B 104 30.02 -23.98 -12.36
N GLU B 105 31.12 -23.30 -12.02
CA GLU B 105 31.31 -21.90 -12.37
C GLU B 105 32.16 -21.73 -13.61
N SER B 106 31.54 -21.55 -14.77
CA SER B 106 32.29 -21.40 -16.00
C SER B 106 32.01 -20.05 -16.66
N ARG B 107 32.60 -19.85 -17.82
CA ARG B 107 32.45 -18.60 -18.54
C ARG B 107 31.44 -18.76 -19.68
N ALA B 108 30.69 -17.70 -19.94
CA ALA B 108 29.77 -17.77 -21.06
C ALA B 108 30.50 -17.58 -22.39
N PRO B 109 30.02 -18.21 -23.46
CA PRO B 109 30.63 -17.98 -24.77
C PRO B 109 30.59 -16.51 -25.15
N GLY B 110 31.67 -16.04 -25.75
CA GLY B 110 31.83 -14.62 -26.00
C GLY B 110 31.08 -14.12 -27.21
N VAL B 111 31.22 -12.82 -27.45
CA VAL B 111 30.57 -12.10 -28.55
C VAL B 111 30.89 -12.73 -29.90
N MET B 112 32.16 -13.08 -30.14
CA MET B 112 32.57 -13.71 -31.40
C MET B 112 32.36 -15.21 -31.46
N ASP B 113 31.91 -15.84 -30.37
CA ASP B 113 31.74 -17.29 -30.37
C ASP B 113 30.31 -17.71 -30.73
N ARG B 114 29.39 -16.80 -30.97
CA ARG B 114 27.98 -17.13 -31.17
C ARG B 114 27.58 -16.99 -32.64
N ARG B 115 26.40 -17.47 -32.98
CA ARG B 115 25.66 -17.07 -34.20
C ARG B 115 24.18 -16.90 -33.89
N SER B 116 23.44 -16.24 -34.75
CA SER B 116 22.00 -16.02 -34.58
C SER B 116 21.21 -17.34 -34.55
N VAL B 117 20.14 -17.38 -33.76
CA VAL B 117 19.28 -18.56 -33.70
C VAL B 117 18.53 -18.72 -35.00
N HIS B 118 18.61 -19.92 -35.59
CA HIS B 118 18.04 -20.13 -36.91
C HIS B 118 17.40 -21.49 -37.13
N GLU B 119 17.30 -22.34 -36.12
CA GLU B 119 16.68 -23.64 -36.32
C GLU B 119 15.68 -23.93 -35.22
N PRO B 120 14.57 -24.58 -35.55
CA PRO B 120 13.44 -24.64 -34.63
C PRO B 120 13.59 -25.68 -33.53
N LEU B 121 12.92 -25.41 -32.42
CA LEU B 121 12.74 -26.36 -31.33
C LEU B 121 11.25 -26.67 -31.24
N GLN B 122 10.85 -27.87 -31.65
CA GLN B 122 9.44 -28.24 -31.63
C GLN B 122 9.02 -28.67 -30.23
N THR B 123 8.11 -27.92 -29.63
CA THR B 123 7.54 -28.31 -28.35
C THR B 123 6.40 -29.31 -28.47
N GLY B 124 5.83 -29.48 -29.66
CA GLY B 124 4.71 -30.36 -29.84
C GLY B 124 3.38 -29.79 -29.41
N ILE B 125 3.37 -28.55 -28.94
CA ILE B 125 2.17 -27.88 -28.48
C ILE B 125 1.80 -26.84 -29.53
N LYS B 126 0.57 -26.89 -30.01
CA LYS B 126 0.17 -26.04 -31.13
C LYS B 126 0.28 -24.57 -30.78
N ALA B 127 -0.23 -24.18 -29.61
CA ALA B 127 -0.27 -22.78 -29.25
C ALA B 127 1.14 -22.18 -29.29
N ILE B 128 2.09 -22.83 -28.61
CA ILE B 128 3.45 -22.32 -28.58
C ILE B 128 4.07 -22.36 -29.96
N ASP B 129 4.02 -23.52 -30.62
CA ASP B 129 4.73 -23.67 -31.89
C ASP B 129 4.21 -22.71 -32.95
N ALA B 130 2.97 -22.25 -32.81
CA ALA B 130 2.40 -21.34 -33.79
C ALA B 130 2.60 -19.88 -33.42
N LEU B 131 2.33 -19.51 -32.16
CA LEU B 131 2.32 -18.09 -31.80
C LEU B 131 3.57 -17.63 -31.08
N VAL B 132 4.23 -18.49 -30.31
CA VAL B 132 5.41 -18.11 -29.54
C VAL B 132 6.52 -19.10 -29.84
N PRO B 133 7.03 -19.16 -31.06
CA PRO B 133 8.00 -20.21 -31.42
C PRO B 133 9.33 -20.04 -30.70
N ILE B 134 10.05 -21.15 -30.56
CA ILE B 134 11.33 -21.20 -29.87
C ILE B 134 12.38 -21.72 -30.83
N GLY B 135 13.61 -21.22 -30.70
CA GLY B 135 14.72 -21.67 -31.51
C GLY B 135 15.79 -22.34 -30.66
N ARG B 136 16.63 -23.14 -31.32
CA ARG B 136 17.72 -23.81 -30.63
C ARG B 136 18.81 -22.80 -30.24
N GLY B 137 19.21 -22.84 -28.97
CA GLY B 137 20.09 -21.83 -28.42
C GLY B 137 19.38 -20.66 -27.77
N GLN B 138 18.06 -20.61 -27.83
CA GLN B 138 17.29 -19.52 -27.26
C GLN B 138 17.10 -19.72 -25.76
N ARG B 139 16.54 -18.70 -25.11
CA ARG B 139 16.14 -18.78 -23.71
C ARG B 139 14.75 -18.17 -23.59
N GLU B 140 13.77 -18.98 -23.22
CA GLU B 140 12.37 -18.55 -23.14
C GLU B 140 11.91 -18.73 -21.71
N LEU B 141 11.48 -17.66 -21.08
CA LEU B 141 10.90 -17.75 -19.74
C LEU B 141 9.47 -18.29 -19.84
N ILE B 142 9.03 -19.00 -18.81
CA ILE B 142 7.68 -19.54 -18.75
C ILE B 142 7.10 -19.20 -17.39
N ILE B 143 6.17 -18.26 -17.35
CA ILE B 143 5.82 -17.57 -16.12
C ILE B 143 4.32 -17.65 -15.91
N GLY B 144 3.92 -18.02 -14.70
CA GLY B 144 2.51 -18.10 -14.35
C GLY B 144 2.36 -18.27 -12.86
N ASP B 145 1.11 -18.43 -12.44
CA ASP B 145 0.80 -18.63 -11.03
C ASP B 145 1.01 -20.08 -10.62
N ARG B 146 0.94 -20.32 -9.31
CA ARG B 146 0.94 -21.67 -8.78
C ARG B 146 -0.24 -22.44 -9.34
N GLN B 147 0.02 -23.71 -9.65
CA GLN B 147 -0.91 -24.67 -10.23
C GLN B 147 -1.71 -24.05 -11.40
N THR B 148 -0.96 -23.74 -12.46
CA THR B 148 -1.43 -23.08 -13.67
C THR B 148 -1.07 -23.86 -14.92
N GLY B 149 -0.49 -25.05 -14.76
CA GLY B 149 -0.14 -25.91 -15.86
C GLY B 149 1.28 -25.80 -16.38
N ALA B 150 2.17 -25.13 -15.66
CA ALA B 150 3.52 -24.89 -16.19
C ALA B 150 4.28 -26.18 -16.40
N ALA B 151 4.21 -27.11 -15.45
CA ALA B 151 5.00 -28.34 -15.46
C ALA B 151 4.68 -29.22 -16.66
N SER B 152 3.41 -29.26 -17.10
CA SER B 152 3.03 -30.07 -18.24
C SER B 152 3.69 -29.58 -19.53
N VAL B 153 3.94 -28.28 -19.65
CA VAL B 153 4.62 -27.75 -20.83
C VAL B 153 6.02 -28.35 -20.95
N ALA B 154 6.76 -28.36 -19.85
CA ALA B 154 8.11 -28.91 -19.87
C ALA B 154 8.09 -30.41 -20.14
N ILE B 155 7.20 -31.17 -19.49
CA ILE B 155 7.17 -32.62 -19.72
C ILE B 155 6.69 -32.94 -21.15
N ASP B 156 5.80 -32.14 -21.76
CA ASP B 156 5.44 -32.36 -23.15
C ASP B 156 6.61 -32.06 -24.07
N THR B 157 7.38 -31.02 -23.76
CA THR B 157 8.57 -30.67 -24.51
C THR B 157 9.60 -31.79 -24.46
N ILE B 158 9.90 -32.34 -23.28
CA ILE B 158 10.88 -33.42 -23.12
C ILE B 158 10.40 -34.69 -23.83
N ILE B 159 9.15 -35.11 -23.67
CA ILE B 159 8.62 -36.30 -24.36
C ILE B 159 8.62 -36.10 -25.89
N ASN B 160 8.37 -34.89 -26.41
CA ASN B 160 8.42 -34.67 -27.85
C ASN B 160 9.85 -34.71 -28.43
N GLN B 161 10.90 -34.53 -27.63
CA GLN B 161 12.28 -34.61 -28.11
C GLN B 161 12.70 -36.02 -28.56
N LYS B 162 11.78 -36.98 -28.52
CA LYS B 162 11.98 -38.38 -28.86
C LYS B 162 12.71 -38.62 -30.17
N ASP B 163 12.64 -37.74 -31.21
CA ASP B 163 13.37 -38.06 -32.42
C ASP B 163 14.07 -36.84 -33.02
N GLN B 164 14.25 -35.78 -32.25
CA GLN B 164 14.83 -34.54 -32.75
C GLN B 164 16.34 -34.47 -32.55
N ASN B 165 16.95 -35.55 -32.10
CA ASN B 165 18.39 -35.54 -31.82
C ASN B 165 18.74 -34.49 -30.77
N MET B 166 18.07 -34.52 -29.62
CA MET B 166 18.31 -33.65 -28.48
C MET B 166 18.63 -34.46 -27.21
N ILE B 167 19.48 -33.95 -26.32
CA ILE B 167 19.61 -34.46 -24.94
C ILE B 167 18.88 -33.51 -24.01
N SER B 168 18.05 -34.03 -23.09
CA SER B 168 17.28 -33.21 -22.15
C SER B 168 17.81 -33.37 -20.74
N ILE B 169 18.01 -32.28 -20.02
CA ILE B 169 18.31 -32.32 -18.58
C ILE B 169 17.19 -31.59 -17.85
N TYR B 170 16.50 -32.29 -16.95
CA TYR B 170 15.43 -31.70 -16.16
C TYR B 170 15.96 -31.35 -14.78
N VAL B 171 15.90 -30.07 -14.39
CA VAL B 171 16.42 -29.61 -13.11
C VAL B 171 15.23 -29.24 -12.24
N ALA B 172 14.98 -30.02 -11.19
CA ALA B 172 13.90 -29.78 -10.26
C ALA B 172 14.44 -29.09 -9.00
N ILE B 173 13.98 -27.85 -8.81
CA ILE B 173 14.48 -27.03 -7.71
C ILE B 173 13.33 -26.70 -6.76
N GLY B 174 13.47 -27.10 -5.50
CA GLY B 174 12.50 -26.75 -4.49
C GLY B 174 11.18 -27.44 -4.63
N GLN B 175 11.12 -28.48 -5.46
CA GLN B 175 9.92 -29.26 -5.71
C GLN B 175 9.68 -30.26 -4.59
N LYS B 176 8.43 -30.70 -4.45
CA LYS B 176 8.01 -31.78 -3.54
C LYS B 176 8.47 -33.13 -4.09
N GLU B 177 9.22 -33.93 -3.33
CA GLU B 177 10.01 -35.07 -3.84
C GLU B 177 9.16 -36.23 -4.36
N SER B 178 7.97 -36.46 -3.82
CA SER B 178 7.00 -37.40 -4.41
C SER B 178 6.54 -36.99 -5.81
N THR B 179 6.47 -35.69 -6.11
CA THR B 179 6.20 -35.22 -7.48
C THR B 179 7.39 -35.43 -8.39
N VAL B 180 8.63 -35.37 -7.89
CA VAL B 180 9.82 -35.74 -8.69
C VAL B 180 9.79 -37.22 -9.03
N ARG B 181 9.48 -38.12 -8.10
CA ARG B 181 9.40 -39.55 -8.42
C ARG B 181 8.29 -39.88 -9.41
N THR B 182 7.13 -39.24 -9.27
CA THR B 182 6.02 -39.38 -10.24
C THR B 182 6.40 -38.85 -11.63
N VAL B 183 7.14 -37.74 -11.71
CA VAL B 183 7.69 -37.23 -12.99
C VAL B 183 8.68 -38.21 -13.59
N VAL B 184 9.59 -38.80 -12.82
CA VAL B 184 10.54 -39.80 -13.33
C VAL B 184 9.82 -41.04 -13.85
N GLU B 185 8.77 -41.53 -13.19
CA GLU B 185 7.98 -42.66 -13.71
C GLU B 185 7.20 -42.32 -14.99
N THR B 186 6.73 -41.08 -15.12
CA THR B 186 6.11 -40.60 -16.37
C THR B 186 7.12 -40.60 -17.53
N LEU B 187 8.32 -40.07 -17.31
CA LEU B 187 9.39 -40.08 -18.30
C LEU B 187 9.90 -41.48 -18.62
N ARG B 188 9.99 -42.36 -17.60
CA ARG B 188 10.44 -43.74 -17.78
C ARG B 188 9.58 -44.43 -18.79
N LYS B 189 8.25 -44.37 -18.59
CA LYS B 189 7.27 -45.04 -19.43
C LYS B 189 7.50 -44.63 -20.87
N HIS B 190 7.56 -43.33 -21.13
CA HIS B 190 7.89 -42.76 -22.44
C HIS B 190 9.22 -43.24 -23.11
N GLY B 191 10.09 -44.10 -22.58
CA GLY B 191 11.53 -44.10 -22.85
C GLY B 191 12.21 -42.74 -23.04
N ALA B 192 11.47 -41.66 -22.77
CA ALA B 192 12.01 -40.34 -22.54
C ALA B 192 13.05 -40.50 -21.45
N LEU B 193 12.94 -41.47 -20.51
CA LEU B 193 14.13 -41.64 -19.64
C LEU B 193 15.40 -41.84 -20.46
N ASP B 194 15.31 -42.49 -21.62
CA ASP B 194 16.54 -42.90 -22.32
C ASP B 194 17.44 -41.75 -22.75
N TYR B 195 16.91 -40.59 -23.14
CA TYR B 195 17.69 -39.32 -23.15
C TYR B 195 17.74 -38.44 -21.87
N THR B 196 16.69 -38.43 -21.06
CA THR B 196 16.28 -37.35 -20.12
C THR B 196 17.16 -36.92 -18.91
N ILE B 197 18.39 -37.38 -18.69
CA ILE B 197 19.21 -37.49 -17.43
C ILE B 197 18.73 -37.00 -16.01
N VAL B 198 17.97 -35.93 -15.75
CA VAL B 198 17.38 -35.56 -14.41
C VAL B 198 18.31 -35.21 -13.23
N VAL B 199 18.20 -33.99 -12.71
CA VAL B 199 18.81 -33.48 -11.46
C VAL B 199 17.75 -32.91 -10.52
N THR B 200 17.84 -33.17 -9.22
CA THR B 200 16.84 -32.81 -8.22
C THR B 200 17.47 -32.26 -6.95
N ALA B 201 16.86 -31.22 -6.39
CA ALA B 201 17.15 -30.72 -5.05
C ALA B 201 15.80 -30.28 -4.45
N SER B 202 15.17 -31.19 -3.72
CA SER B 202 13.79 -30.98 -3.29
C SER B 202 13.73 -30.00 -2.12
N ALA B 203 12.51 -29.80 -1.62
CA ALA B 203 12.26 -28.74 -0.65
C ALA B 203 12.75 -29.08 0.75
N SER B 204 13.20 -30.31 0.97
CA SER B 204 13.76 -30.69 2.26
C SER B 204 15.26 -30.47 2.35
N GLN B 205 15.91 -30.14 1.25
CA GLN B 205 17.36 -30.06 1.20
C GLN B 205 17.85 -28.73 1.74
N PRO B 206 19.11 -28.67 2.18
CA PRO B 206 19.69 -27.40 2.62
C PRO B 206 19.70 -26.37 1.50
N ALA B 207 19.52 -25.11 1.87
CA ALA B 207 19.47 -24.04 0.88
C ALA B 207 20.64 -24.03 -0.09
N PRO B 208 21.88 -24.30 0.33
CA PRO B 208 22.99 -24.34 -0.64
C PRO B 208 22.78 -25.33 -1.78
N LEU B 209 22.17 -26.48 -1.53
CA LEU B 209 21.94 -27.43 -2.61
C LEU B 209 20.92 -26.91 -3.61
N LEU B 210 19.86 -26.26 -3.13
CA LEU B 210 18.91 -25.62 -4.02
C LEU B 210 19.58 -24.55 -4.85
N PHE B 211 20.47 -23.78 -4.23
CA PHE B 211 21.15 -22.71 -4.96
C PHE B 211 22.13 -23.27 -5.97
N LEU B 212 22.66 -24.47 -5.71
CA LEU B 212 23.64 -25.06 -6.63
C LEU B 212 22.99 -25.78 -7.81
N ALA B 213 21.79 -26.33 -7.63
CA ALA B 213 21.19 -27.19 -8.65
C ALA B 213 21.33 -26.69 -10.09
N PRO B 214 20.81 -25.52 -10.46
CA PRO B 214 20.84 -25.14 -11.89
C PRO B 214 22.24 -25.02 -12.47
N TYR B 215 23.23 -24.64 -11.66
CA TYR B 215 24.60 -24.59 -12.18
C TYR B 215 25.11 -25.98 -12.52
N ALA B 216 24.78 -26.98 -11.71
CA ALA B 216 25.14 -28.35 -12.05
C ALA B 216 24.45 -28.79 -13.34
N GLY B 217 23.17 -28.45 -13.49
CA GLY B 217 22.48 -28.80 -14.73
C GLY B 217 23.12 -28.20 -15.96
N VAL B 218 23.46 -26.91 -15.90
CA VAL B 218 24.05 -26.26 -17.06
C VAL B 218 25.46 -26.79 -17.32
N ALA B 219 26.21 -27.10 -16.26
CA ALA B 219 27.54 -27.67 -16.44
C ALA B 219 27.46 -29.02 -17.11
N MET B 220 26.48 -29.86 -16.77
CA MET B 220 26.27 -31.12 -17.47
C MET B 220 25.81 -30.88 -18.91
N GLY B 221 25.02 -29.85 -19.21
CA GLY B 221 24.59 -29.63 -20.58
C GLY B 221 25.70 -29.15 -21.50
N GLU B 222 26.56 -28.28 -21.00
CA GLU B 222 27.56 -27.69 -21.89
C GLU B 222 28.63 -28.69 -22.31
N TYR B 223 28.79 -29.80 -21.59
CA TYR B 223 29.65 -30.88 -22.08
C TYR B 223 29.21 -31.34 -23.46
N PHE B 224 27.94 -31.70 -23.56
CA PHE B 224 27.32 -32.08 -24.81
C PHE B 224 27.33 -30.92 -25.80
N MET B 225 27.11 -29.68 -25.38
CA MET B 225 27.06 -28.52 -26.28
C MET B 225 28.40 -28.30 -26.97
N TYR B 226 29.49 -28.37 -26.21
CA TYR B 226 30.81 -28.18 -26.80
C TYR B 226 31.30 -29.41 -27.56
N LYS B 227 30.77 -30.59 -27.25
CA LYS B 227 31.04 -31.71 -28.15
C LYS B 227 30.32 -31.55 -29.48
N GLY B 228 29.36 -30.64 -29.57
CA GLY B 228 28.67 -30.38 -30.81
C GLY B 228 27.23 -30.84 -30.85
N LYS B 229 26.68 -31.30 -29.73
CA LYS B 229 25.31 -31.77 -29.67
C LYS B 229 24.38 -30.59 -29.39
N HIS B 230 23.09 -30.90 -29.27
CA HIS B 230 22.07 -29.94 -28.91
C HIS B 230 21.39 -30.39 -27.63
N VAL B 231 21.20 -29.47 -26.70
CA VAL B 231 20.72 -29.78 -25.36
C VAL B 231 19.54 -28.87 -25.03
N LEU B 232 18.65 -29.36 -24.18
CA LEU B 232 17.55 -28.59 -23.64
C LEU B 232 17.57 -28.72 -22.12
N VAL B 233 17.61 -27.58 -21.43
CA VAL B 233 17.67 -27.57 -19.97
C VAL B 233 16.43 -26.85 -19.45
N VAL B 234 15.75 -27.47 -18.48
CA VAL B 234 14.58 -26.91 -17.83
C VAL B 234 14.92 -26.62 -16.39
N TYR B 235 14.67 -25.40 -15.94
CA TYR B 235 14.87 -25.01 -14.55
C TYR B 235 13.50 -24.85 -13.90
N ALA B 236 13.20 -25.74 -12.96
CA ALA B 236 11.81 -25.92 -12.59
C ALA B 236 11.33 -24.91 -11.54
N ALA B 237 12.23 -24.22 -10.83
CA ALA B 237 11.83 -22.93 -10.29
C ALA B 237 13.01 -22.04 -9.93
N LEU B 238 13.33 -21.10 -10.81
CA LEU B 238 14.35 -20.12 -10.47
C LEU B 238 13.89 -19.20 -9.36
N SER B 239 12.58 -19.00 -9.20
CA SER B 239 12.07 -18.25 -8.06
C SER B 239 12.40 -18.93 -6.73
N LYS B 240 12.27 -20.26 -6.67
CA LYS B 240 12.69 -20.98 -5.47
C LYS B 240 14.19 -20.97 -5.28
N GLN B 241 14.96 -21.03 -6.38
CA GLN B 241 16.40 -20.86 -6.23
C GLN B 241 16.75 -19.49 -5.64
N ALA B 242 16.05 -18.45 -6.09
CA ALA B 242 16.30 -17.11 -5.58
C ALA B 242 15.98 -17.02 -4.10
N ALA B 243 14.89 -17.64 -3.67
CA ALA B 243 14.58 -17.65 -2.24
C ALA B 243 15.67 -18.37 -1.45
N ALA B 244 16.17 -19.48 -1.97
CA ALA B 244 17.25 -20.19 -1.27
C ALA B 244 18.50 -19.34 -1.16
N TYR B 245 18.89 -18.68 -2.25
CA TYR B 245 20.08 -17.84 -2.22
C TYR B 245 19.91 -16.66 -1.27
N ARG B 246 18.71 -16.08 -1.24
CA ARG B 246 18.44 -15.01 -0.29
C ARG B 246 18.59 -15.50 1.15
N GLU B 247 18.08 -16.71 1.44
CA GLU B 247 18.26 -17.26 2.77
C GLU B 247 19.73 -17.42 3.12
N LEU B 248 20.52 -17.90 2.17
CA LEU B 248 21.95 -18.05 2.40
C LEU B 248 22.61 -16.70 2.68
N SER B 249 22.25 -15.67 1.91
CA SER B 249 22.88 -14.36 2.07
C SER B 249 22.51 -13.70 3.38
N LEU B 250 21.26 -13.84 3.83
CA LEU B 250 20.88 -13.23 5.10
C LEU B 250 21.60 -13.89 6.27
N LEU B 251 21.97 -15.17 6.14
CA LEU B 251 22.72 -15.83 7.20
C LEU B 251 24.17 -15.38 7.25
N LEU B 252 24.72 -14.94 6.12
CA LEU B 252 26.03 -14.31 6.11
C LEU B 252 25.96 -12.83 6.46
N ARG B 253 24.76 -12.32 6.73
CA ARG B 253 24.55 -10.95 7.21
C ARG B 253 24.89 -9.91 6.16
N ARG B 254 24.60 -10.20 4.90
CA ARG B 254 24.79 -9.22 3.85
C ARG B 254 23.57 -8.29 3.78
N PRO B 255 23.77 -7.01 3.55
CA PRO B 255 22.65 -6.05 3.62
C PRO B 255 21.60 -6.35 2.58
N PRO B 256 20.36 -6.57 3.00
CA PRO B 256 19.29 -6.83 2.04
C PRO B 256 18.79 -5.55 1.37
N GLY B 257 18.15 -5.73 0.23
CA GLY B 257 17.59 -4.61 -0.50
C GLY B 257 16.11 -4.74 -0.77
N ARG B 258 15.73 -4.63 -2.03
CA ARG B 258 14.32 -4.70 -2.41
C ARG B 258 13.76 -6.08 -2.15
N GLU B 259 12.68 -6.15 -1.38
CA GLU B 259 12.05 -7.41 -1.00
C GLU B 259 13.02 -8.31 -0.24
N ALA B 260 14.00 -7.70 0.42
CA ALA B 260 14.99 -8.39 1.23
C ALA B 260 15.95 -9.24 0.42
N TYR B 261 15.93 -9.12 -0.90
CA TYR B 261 16.89 -9.83 -1.72
C TYR B 261 18.22 -9.08 -1.71
N PRO B 262 19.33 -9.80 -1.80
CA PRO B 262 20.63 -9.14 -1.91
C PRO B 262 20.75 -8.42 -3.25
N GLY B 263 21.72 -7.51 -3.33
CA GLY B 263 21.95 -6.79 -4.56
C GLY B 263 22.47 -7.65 -5.69
N ASP B 264 22.99 -8.82 -5.39
CA ASP B 264 23.62 -9.72 -6.34
C ASP B 264 22.60 -10.64 -7.04
N ILE B 265 21.32 -10.55 -6.69
CA ILE B 265 20.35 -11.50 -7.20
C ILE B 265 20.25 -11.47 -8.72
N PHE B 266 20.39 -10.31 -9.33
CA PHE B 266 20.39 -10.25 -10.79
C PHE B 266 21.57 -11.03 -11.36
N TYR B 267 22.75 -10.88 -10.76
CA TYR B 267 23.93 -11.60 -11.22
C TYR B 267 23.76 -13.11 -11.04
N LEU B 268 23.07 -13.53 -9.98
CA LEU B 268 22.83 -14.95 -9.77
C LEU B 268 22.23 -15.60 -11.00
N HIS B 269 21.23 -14.95 -11.60
CA HIS B 269 20.54 -15.54 -12.74
C HIS B 269 21.20 -15.15 -14.06
N SER B 270 21.87 -14.00 -14.13
CA SER B 270 22.57 -13.63 -15.35
C SER B 270 23.71 -14.60 -15.65
N ARG B 271 24.48 -14.96 -14.62
CA ARG B 271 25.50 -15.98 -14.79
C ARG B 271 24.93 -17.24 -15.43
N LEU B 272 23.82 -17.73 -14.87
CA LEU B 272 23.26 -19.01 -15.29
C LEU B 272 22.71 -18.93 -16.70
N LEU B 273 21.88 -17.92 -16.98
CA LEU B 273 21.15 -17.86 -18.24
C LEU B 273 22.00 -17.34 -19.39
N GLU B 274 23.11 -16.67 -19.11
CA GLU B 274 24.02 -16.29 -20.16
C GLU B 274 24.79 -17.47 -20.74
N ARG B 275 24.69 -18.65 -20.12
CA ARG B 275 25.51 -19.78 -20.53
C ARG B 275 24.83 -20.66 -21.57
N ALA B 276 23.58 -20.35 -21.93
CA ALA B 276 22.91 -20.97 -23.07
C ALA B 276 23.16 -20.15 -24.32
N ALA B 277 23.48 -20.84 -25.42
CA ALA B 277 23.95 -20.12 -26.58
C ALA B 277 23.84 -21.00 -27.83
N LYS B 278 23.94 -20.34 -28.98
CA LYS B 278 24.06 -20.99 -30.28
C LYS B 278 25.48 -20.74 -30.77
N LEU B 279 26.27 -21.80 -30.88
CA LEU B 279 27.67 -21.63 -31.18
C LEU B 279 27.91 -21.52 -32.68
N SER B 280 28.92 -20.74 -33.05
CA SER B 280 29.25 -20.53 -34.44
C SER B 280 29.93 -21.76 -35.01
N ASP B 281 30.06 -21.79 -36.34
CA ASP B 281 30.63 -22.94 -37.01
C ASP B 281 32.09 -23.17 -36.62
N ALA B 282 32.79 -22.11 -36.20
CA ALA B 282 34.15 -22.30 -35.73
C ALA B 282 34.19 -23.06 -34.41
N LYS B 283 33.17 -22.88 -33.57
CA LYS B 283 33.13 -23.49 -32.25
C LYS B 283 32.38 -24.81 -32.25
N GLY B 284 32.04 -25.34 -33.41
CA GLY B 284 31.41 -26.65 -33.49
C GLY B 284 29.95 -26.65 -33.86
N GLY B 285 29.24 -25.55 -33.65
CA GLY B 285 27.87 -25.45 -34.05
C GLY B 285 26.86 -26.06 -33.11
N GLY B 286 27.26 -26.40 -31.89
CA GLY B 286 26.32 -26.93 -30.92
C GLY B 286 25.38 -25.87 -30.38
N SER B 287 24.50 -26.30 -29.49
CA SER B 287 23.43 -25.45 -29.01
C SER B 287 23.07 -25.85 -27.58
N LEU B 288 22.46 -24.91 -26.87
CA LEU B 288 21.93 -25.16 -25.53
C LEU B 288 20.82 -24.15 -25.27
N THR B 289 19.59 -24.63 -25.11
CA THR B 289 18.44 -23.76 -24.97
C THR B 289 17.77 -24.01 -23.63
N ALA B 290 17.45 -22.94 -22.92
CA ALA B 290 16.98 -23.01 -21.55
C ALA B 290 15.53 -22.57 -21.46
N LEU B 291 14.76 -23.24 -20.59
CA LEU B 291 13.37 -22.90 -20.32
C LEU B 291 13.18 -22.72 -18.83
N PRO B 292 13.55 -21.57 -18.28
CA PRO B 292 13.38 -21.34 -16.84
C PRO B 292 11.93 -21.05 -16.50
N PHE B 293 11.51 -21.47 -15.32
CA PHE B 293 10.16 -21.24 -14.82
C PHE B 293 10.20 -20.25 -13.67
N VAL B 294 9.23 -19.35 -13.63
CA VAL B 294 9.07 -18.41 -12.53
C VAL B 294 7.62 -18.43 -12.10
N GLU B 295 7.40 -18.48 -10.79
CA GLU B 295 6.07 -18.49 -10.20
C GLU B 295 5.76 -17.10 -9.66
N THR B 296 4.72 -16.47 -10.20
CA THR B 296 4.22 -15.20 -9.70
C THR B 296 3.23 -15.45 -8.57
N GLN B 297 2.78 -14.38 -7.93
CA GLN B 297 1.85 -14.54 -6.82
C GLN B 297 0.41 -14.36 -7.23
N ALA B 298 0.06 -13.27 -7.90
CA ALA B 298 -1.32 -13.06 -8.31
C ALA B 298 -1.35 -12.56 -9.75
N GLY B 299 -0.57 -13.18 -10.62
CA GLY B 299 -0.44 -12.70 -11.97
C GLY B 299 0.35 -11.42 -12.08
N ASP B 300 1.07 -11.03 -11.04
CA ASP B 300 1.79 -9.77 -11.02
C ASP B 300 3.12 -9.93 -11.73
N ILE B 301 3.25 -9.33 -12.91
CA ILE B 301 4.46 -9.41 -13.72
C ILE B 301 5.49 -8.35 -13.37
N SER B 302 5.10 -7.36 -12.57
CA SER B 302 5.97 -6.25 -12.23
C SER B 302 6.77 -6.48 -10.95
N ALA B 303 6.68 -7.65 -10.34
CA ALA B 303 7.48 -7.91 -9.17
C ALA B 303 8.97 -8.01 -9.53
N TYR B 304 9.80 -7.96 -8.50
CA TYR B 304 11.23 -7.80 -8.66
C TYR B 304 11.86 -8.97 -9.42
N ILE B 305 11.64 -10.19 -8.96
CA ILE B 305 12.24 -11.37 -9.57
C ILE B 305 11.73 -11.60 -10.98
N PRO B 306 10.41 -11.54 -11.20
CA PRO B 306 9.91 -11.67 -12.58
C PRO B 306 10.48 -10.63 -13.54
N THR B 307 10.60 -9.37 -13.11
CA THR B 307 11.21 -8.37 -13.97
C THR B 307 12.69 -8.66 -14.23
N ASN B 308 13.43 -9.13 -13.22
CA ASN B 308 14.82 -9.51 -13.45
C ASN B 308 14.92 -10.54 -14.56
N VAL B 309 14.15 -11.62 -14.45
CA VAL B 309 14.29 -12.70 -15.42
C VAL B 309 13.81 -12.26 -16.81
N ILE B 310 12.74 -11.45 -16.86
CA ILE B 310 12.30 -10.92 -18.15
C ILE B 310 13.40 -10.10 -18.79
N SER B 311 14.10 -9.29 -18.00
CA SER B 311 15.20 -8.51 -18.54
C SER B 311 16.43 -9.36 -18.87
N ILE B 312 16.48 -10.60 -18.45
CA ILE B 312 17.58 -11.51 -18.83
C ILE B 312 17.28 -12.31 -20.10
N THR B 313 16.07 -12.86 -20.24
CA THR B 313 15.83 -13.83 -21.30
C THR B 313 15.43 -13.16 -22.62
N ASP B 314 15.07 -13.98 -23.60
CA ASP B 314 14.66 -13.54 -24.94
C ASP B 314 13.16 -13.65 -25.15
N GLY B 315 12.33 -13.41 -24.15
CA GLY B 315 10.90 -13.55 -24.31
C GLY B 315 10.28 -14.43 -23.25
N GLN B 316 8.95 -14.42 -23.14
CA GLN B 316 8.29 -15.16 -22.09
C GLN B 316 6.95 -15.69 -22.58
N ILE B 317 6.53 -16.80 -22.00
CA ILE B 317 5.23 -17.40 -22.26
C ILE B 317 4.43 -17.30 -20.98
N PHE B 318 3.36 -16.50 -21.00
CA PHE B 318 2.57 -16.20 -19.83
C PHE B 318 1.33 -17.08 -19.80
N LEU B 319 1.15 -17.82 -18.71
CA LEU B 319 0.02 -18.71 -18.53
C LEU B 319 -0.93 -18.15 -17.48
N GLN B 320 -2.22 -18.10 -17.79
CA GLN B 320 -3.20 -17.43 -16.94
C GLN B 320 -4.02 -18.43 -16.15
N SER B 321 -4.14 -18.18 -14.85
CA SER B 321 -4.83 -19.09 -13.94
C SER B 321 -6.32 -19.19 -14.25
N ASP B 322 -6.97 -18.06 -14.54
CA ASP B 322 -8.40 -18.10 -14.87
C ASP B 322 -8.64 -18.91 -16.13
N LEU B 323 -7.78 -18.72 -17.15
CA LEU B 323 -7.87 -19.52 -18.36
C LEU B 323 -7.69 -20.99 -18.06
N PHE B 324 -6.75 -21.32 -17.18
CA PHE B 324 -6.59 -22.72 -16.79
C PHE B 324 -7.86 -23.25 -16.14
N PHE B 325 -8.52 -22.47 -15.27
CA PHE B 325 -9.75 -22.90 -14.59
C PHE B 325 -10.96 -22.96 -15.51
N SER B 326 -11.04 -22.18 -16.59
CA SER B 326 -12.19 -22.23 -17.50
C SER B 326 -12.20 -23.46 -18.38
N GLY B 327 -11.20 -24.33 -18.28
CA GLY B 327 -11.11 -25.48 -19.15
C GLY B 327 -10.09 -25.36 -20.26
N VAL B 328 -9.51 -24.19 -20.46
CA VAL B 328 -8.41 -24.01 -21.40
C VAL B 328 -7.12 -24.25 -20.63
N ARG B 329 -6.71 -25.53 -20.47
CA ARG B 329 -5.53 -25.92 -19.67
C ARG B 329 -4.15 -25.57 -20.28
N PRO B 330 -3.92 -25.66 -21.58
CA PRO B 330 -2.72 -25.07 -22.20
C PRO B 330 -2.93 -23.58 -22.37
N ALA B 331 -3.09 -22.89 -21.24
CA ALA B 331 -3.65 -21.54 -21.17
C ALA B 331 -2.64 -20.44 -21.46
N ILE B 332 -2.27 -20.24 -22.73
CA ILE B 332 -1.26 -19.25 -23.07
C ILE B 332 -1.94 -17.92 -23.37
N ASN B 333 -1.69 -16.92 -22.54
CA ASN B 333 -2.15 -15.55 -22.77
C ASN B 333 -1.39 -14.99 -23.96
N ALA B 334 -2.04 -14.95 -25.13
CA ALA B 334 -1.36 -14.55 -26.34
C ALA B 334 -0.90 -13.10 -26.33
N GLY B 335 -1.56 -12.23 -25.57
CA GLY B 335 -1.20 -10.84 -25.57
C GLY B 335 0.13 -10.54 -24.90
N LEU B 336 0.36 -11.14 -23.73
CA LEU B 336 1.54 -10.80 -22.93
C LEU B 336 2.77 -11.63 -23.28
N SER B 337 2.63 -12.65 -24.11
CA SER B 337 3.72 -13.60 -24.36
C SER B 337 4.30 -13.38 -25.76
N VAL B 338 5.63 -13.47 -25.86
CA VAL B 338 6.35 -13.06 -27.05
C VAL B 338 7.67 -13.82 -27.13
N SER B 339 8.12 -14.08 -28.36
CA SER B 339 9.41 -14.70 -28.61
C SER B 339 10.24 -13.76 -29.46
N ARG B 340 11.31 -13.21 -28.86
CA ARG B 340 12.07 -12.12 -29.46
C ARG B 340 13.02 -12.58 -30.55
N VAL B 341 13.36 -13.86 -30.63
CA VAL B 341 14.32 -14.34 -31.62
C VAL B 341 13.80 -15.58 -32.32
N GLY B 342 12.65 -16.09 -31.89
CA GLY B 342 12.15 -17.35 -32.37
C GLY B 342 11.47 -17.30 -33.72
N GLY B 343 10.98 -16.14 -34.14
CA GLY B 343 10.28 -16.04 -35.41
C GLY B 343 11.13 -16.47 -36.60
N ALA B 344 12.41 -16.12 -36.59
CA ALA B 344 13.29 -16.47 -37.70
C ALA B 344 13.58 -17.95 -37.77
N ALA B 345 13.18 -18.72 -36.75
CA ALA B 345 13.44 -20.15 -36.69
C ALA B 345 12.21 -21.02 -36.96
N GLN B 346 11.07 -20.43 -37.30
CA GLN B 346 9.93 -21.23 -37.73
C GLN B 346 10.18 -21.81 -39.11
N ILE B 347 9.59 -22.97 -39.39
CA ILE B 347 9.65 -23.51 -40.74
C ILE B 347 8.70 -22.72 -41.63
N LYS B 348 9.06 -22.63 -42.91
CA LYS B 348 8.32 -21.77 -43.84
C LYS B 348 6.87 -22.19 -43.94
N ALA B 349 6.59 -23.50 -43.87
CA ALA B 349 5.22 -23.97 -43.93
C ALA B 349 4.40 -23.40 -42.77
N MET B 350 4.99 -23.35 -41.58
CA MET B 350 4.29 -22.79 -40.42
C MET B 350 4.19 -21.27 -40.53
N LYS B 351 5.23 -20.63 -41.05
CA LYS B 351 5.18 -19.18 -41.24
C LYS B 351 4.06 -18.78 -42.18
N LYS B 352 3.78 -19.64 -43.17
CA LYS B 352 2.79 -19.28 -44.17
C LYS B 352 1.35 -19.35 -43.67
N VAL B 353 1.11 -19.91 -42.49
CA VAL B 353 -0.26 -20.02 -41.99
C VAL B 353 -0.40 -19.36 -40.61
N ALA B 354 0.71 -19.07 -39.95
CA ALA B 354 0.58 -18.52 -38.60
C ALA B 354 0.07 -17.08 -38.59
N GLY B 355 0.32 -16.32 -39.65
CA GLY B 355 -0.07 -14.91 -39.64
C GLY B 355 -1.57 -14.71 -39.53
N THR B 356 -2.34 -15.46 -40.32
CA THR B 356 -3.79 -15.34 -40.25
C THR B 356 -4.32 -15.82 -38.91
N LEU B 357 -3.75 -16.90 -38.37
CA LEU B 357 -4.17 -17.36 -37.04
C LEU B 357 -3.92 -16.29 -35.98
N ARG B 358 -2.74 -15.66 -36.03
CA ARG B 358 -2.45 -14.53 -35.16
C ARG B 358 -3.50 -13.45 -35.29
N LEU B 359 -3.76 -13.00 -36.51
CA LEU B 359 -4.69 -11.90 -36.70
C LEU B 359 -6.08 -12.26 -36.23
N ASP B 360 -6.54 -13.46 -36.56
CA ASP B 360 -7.89 -13.87 -36.20
C ASP B 360 -8.07 -13.95 -34.69
N LEU B 361 -7.12 -14.59 -33.99
CA LEU B 361 -7.22 -14.66 -32.54
C LEU B 361 -7.14 -13.26 -31.92
N ALA B 362 -6.23 -12.42 -32.42
CA ALA B 362 -6.08 -11.09 -31.85
C ALA B 362 -7.34 -10.25 -32.04
N ALA B 363 -7.97 -10.35 -33.22
CA ALA B 363 -9.20 -9.60 -33.48
C ALA B 363 -10.38 -10.16 -32.70
N TYR B 364 -10.41 -11.47 -32.46
CA TYR B 364 -11.46 -12.04 -31.61
C TYR B 364 -11.26 -11.68 -30.15
N ARG B 365 -10.04 -11.41 -29.73
CA ARG B 365 -9.74 -11.24 -28.31
C ARG B 365 -10.74 -10.33 -27.61
N GLU B 366 -10.78 -9.06 -27.97
CA GLU B 366 -11.60 -8.05 -27.30
C GLU B 366 -13.03 -8.03 -27.82
N LEU B 367 -13.21 -8.33 -29.10
CA LEU B 367 -14.53 -8.47 -29.67
C LEU B 367 -15.33 -9.54 -28.92
N GLU B 368 -14.64 -10.48 -28.27
CA GLU B 368 -15.35 -11.47 -27.47
C GLU B 368 -16.21 -10.81 -26.40
N ALA B 369 -15.57 -10.09 -25.48
CA ALA B 369 -16.31 -9.41 -24.42
C ALA B 369 -17.26 -8.38 -25.00
N PHE B 370 -16.79 -7.62 -25.99
CA PHE B 370 -17.64 -6.56 -26.55
C PHE B 370 -18.94 -7.12 -27.11
N ALA B 371 -18.85 -8.18 -27.93
CA ALA B 371 -20.02 -8.74 -28.57
C ALA B 371 -20.85 -9.56 -27.61
N GLN B 372 -20.24 -10.14 -26.57
CA GLN B 372 -21.05 -10.77 -25.55
C GLN B 372 -21.86 -9.74 -24.78
N PHE B 373 -21.33 -8.53 -24.61
CA PHE B 373 -22.14 -7.47 -24.03
C PHE B 373 -23.25 -7.03 -24.98
N GLY B 374 -22.91 -6.79 -26.25
CA GLY B 374 -23.89 -6.36 -27.23
C GLY B 374 -24.54 -7.52 -27.95
N SER B 375 -25.48 -7.19 -28.82
CA SER B 375 -26.19 -8.18 -29.62
C SER B 375 -26.49 -7.57 -30.98
N ASP B 376 -27.10 -8.37 -31.85
CA ASP B 376 -27.44 -7.97 -33.21
C ASP B 376 -26.27 -7.28 -33.90
N LEU B 377 -25.05 -7.69 -33.59
CA LEU B 377 -23.86 -6.98 -34.06
C LEU B 377 -23.79 -7.03 -35.58
N ASP B 378 -22.79 -6.35 -36.12
CA ASP B 378 -22.58 -6.35 -37.56
C ASP B 378 -22.19 -7.75 -38.03
N LYS B 379 -22.41 -8.02 -39.32
CA LYS B 379 -22.07 -9.31 -39.89
C LYS B 379 -20.57 -9.59 -39.82
N ALA B 380 -19.74 -8.54 -39.96
CA ALA B 380 -18.30 -8.73 -39.88
C ALA B 380 -17.89 -9.20 -38.49
N THR B 381 -18.47 -8.59 -37.46
CA THR B 381 -18.22 -9.05 -36.09
C THR B 381 -18.76 -10.45 -35.89
N GLN B 382 -19.89 -10.79 -36.52
CA GLN B 382 -20.40 -12.14 -36.43
C GLN B 382 -19.37 -13.14 -36.94
N ALA B 383 -18.81 -12.87 -38.12
CA ALA B 383 -17.80 -13.77 -38.67
C ALA B 383 -16.55 -13.81 -37.80
N LYS B 384 -16.14 -12.66 -37.24
CA LYS B 384 -14.98 -12.65 -36.37
C LYS B 384 -15.19 -13.56 -35.17
N LEU B 385 -16.36 -13.47 -34.53
CA LEU B 385 -16.63 -14.31 -33.37
C LEU B 385 -16.67 -15.78 -33.76
N ALA B 386 -17.30 -16.10 -34.89
CA ALA B 386 -17.35 -17.48 -35.33
C ALA B 386 -15.95 -18.04 -35.56
N ARG B 387 -15.08 -17.25 -36.20
CA ARG B 387 -13.73 -17.73 -36.47
C ARG B 387 -12.94 -17.87 -35.17
N GLY B 388 -13.12 -16.93 -34.24
CA GLY B 388 -12.36 -16.98 -33.00
C GLY B 388 -12.71 -18.16 -32.12
N ALA B 389 -14.02 -18.50 -32.06
CA ALA B 389 -14.42 -19.64 -31.25
C ALA B 389 -13.73 -20.91 -31.73
N ARG B 390 -13.71 -21.13 -33.05
CA ARG B 390 -13.06 -22.31 -33.59
C ARG B 390 -11.55 -22.25 -33.41
N THR B 391 -10.97 -21.05 -33.47
CA THR B 391 -9.53 -20.93 -33.22
C THR B 391 -9.18 -21.39 -31.82
N VAL B 392 -9.95 -20.92 -30.83
CA VAL B 392 -9.73 -21.37 -29.46
C VAL B 392 -9.93 -22.87 -29.36
N GLU B 393 -10.90 -23.41 -30.09
CA GLU B 393 -11.13 -24.86 -30.02
C GLU B 393 -9.94 -25.63 -30.59
N VAL B 394 -9.36 -25.15 -31.68
CA VAL B 394 -8.23 -25.83 -32.29
C VAL B 394 -6.98 -25.73 -31.45
N LEU B 395 -6.76 -24.61 -30.77
CA LEU B 395 -5.52 -24.45 -30.02
C LEU B 395 -5.47 -25.36 -28.80
N LYS B 396 -6.59 -25.99 -28.43
CA LYS B 396 -6.61 -26.82 -27.25
C LYS B 396 -5.85 -28.12 -27.49
N GLN B 397 -5.46 -28.78 -26.40
CA GLN B 397 -4.57 -29.93 -26.51
C GLN B 397 -4.66 -30.75 -25.23
N ASP B 398 -4.42 -32.05 -25.36
CA ASP B 398 -4.57 -32.96 -24.23
C ASP B 398 -3.22 -33.41 -23.70
N LEU B 399 -3.21 -33.87 -22.44
CA LEU B 399 -2.01 -34.08 -21.62
C LEU B 399 -1.10 -35.22 -22.12
N HIS B 400 0.21 -34.96 -22.19
CA HIS B 400 1.26 -35.93 -22.59
C HIS B 400 1.12 -36.49 -24.02
N GLN B 401 0.44 -35.78 -24.92
CA GLN B 401 0.29 -36.15 -26.34
C GLN B 401 0.65 -34.98 -27.27
N PRO B 402 1.95 -34.66 -27.40
CA PRO B 402 2.44 -33.67 -28.36
C PRO B 402 2.24 -34.13 -29.79
N ILE B 403 2.16 -33.17 -30.71
CA ILE B 403 1.76 -33.39 -32.10
C ILE B 403 2.94 -33.11 -33.01
N PRO B 404 3.09 -33.83 -34.13
CA PRO B 404 4.10 -33.44 -35.11
C PRO B 404 3.78 -32.12 -35.79
N VAL B 405 4.83 -31.40 -36.18
CA VAL B 405 4.69 -30.07 -36.75
C VAL B 405 3.93 -30.12 -38.07
N GLU B 406 4.15 -31.18 -38.86
CA GLU B 406 3.48 -31.26 -40.16
C GLU B 406 1.97 -31.42 -40.01
N LYS B 407 1.51 -32.20 -39.04
CA LYS B 407 0.08 -32.28 -38.78
C LYS B 407 -0.45 -30.96 -38.20
N GLN B 408 0.35 -30.31 -37.35
CA GLN B 408 -0.03 -29.00 -36.85
C GLN B 408 -0.32 -28.04 -37.99
N VAL B 409 0.59 -27.97 -38.97
CA VAL B 409 0.42 -26.99 -40.03
C VAL B 409 -0.81 -27.29 -40.86
N LEU B 410 -1.09 -28.57 -41.12
CA LEU B 410 -2.25 -28.91 -41.94
C LEU B 410 -3.56 -28.55 -41.24
N ILE B 411 -3.65 -28.81 -39.94
CA ILE B 411 -4.89 -28.45 -39.25
C ILE B 411 -5.02 -26.93 -39.17
N ILE B 412 -3.92 -26.22 -38.94
CA ILE B 412 -4.00 -24.76 -38.92
C ILE B 412 -4.40 -24.21 -40.29
N TYR B 413 -3.94 -24.86 -41.36
CA TYR B 413 -4.36 -24.51 -42.71
C TYR B 413 -5.86 -24.69 -42.87
N ALA B 414 -6.36 -25.88 -42.51
CA ALA B 414 -7.78 -26.18 -42.66
C ALA B 414 -8.63 -25.21 -41.85
N LEU B 415 -8.06 -24.63 -40.79
CA LEU B 415 -8.79 -23.60 -40.06
C LEU B 415 -8.71 -22.25 -40.76
N THR B 416 -7.49 -21.73 -40.95
CA THR B 416 -7.32 -20.37 -41.42
C THR B 416 -7.99 -20.17 -42.78
N ARG B 417 -7.84 -21.11 -43.70
CA ARG B 417 -8.37 -20.85 -45.03
C ARG B 417 -9.89 -20.82 -45.07
N GLY B 418 -10.58 -21.45 -44.12
CA GLY B 418 -12.02 -21.44 -44.09
C GLY B 418 -12.67 -22.77 -44.33
N PHE B 419 -11.94 -23.88 -44.22
CA PHE B 419 -12.53 -25.19 -44.42
C PHE B 419 -13.19 -25.70 -43.14
N LEU B 420 -12.92 -25.02 -42.03
CA LEU B 420 -13.45 -25.42 -40.74
C LEU B 420 -14.65 -24.58 -40.31
N ASP B 421 -14.91 -23.47 -41.00
CA ASP B 421 -15.94 -22.53 -40.55
C ASP B 421 -17.34 -23.13 -40.54
N ASP B 422 -17.62 -24.12 -41.40
CA ASP B 422 -18.94 -24.74 -41.38
C ASP B 422 -19.08 -25.76 -40.25
N ILE B 423 -17.97 -26.27 -39.73
CA ILE B 423 -18.01 -27.30 -38.69
C ILE B 423 -18.48 -26.68 -37.37
N PRO B 424 -19.19 -27.42 -36.52
CA PRO B 424 -19.62 -26.85 -35.24
C PRO B 424 -18.48 -26.70 -34.25
N VAL B 425 -18.59 -25.68 -33.39
CA VAL B 425 -17.59 -25.45 -32.35
C VAL B 425 -17.52 -26.64 -31.41
N GLU B 426 -18.65 -27.26 -31.11
CA GLU B 426 -18.64 -28.43 -30.25
C GLU B 426 -18.13 -29.68 -30.95
N ASP B 427 -17.74 -29.58 -32.22
CA ASP B 427 -17.26 -30.76 -32.96
C ASP B 427 -15.89 -30.57 -33.58
N VAL B 428 -15.29 -29.38 -33.48
CA VAL B 428 -13.96 -29.18 -34.06
C VAL B 428 -12.94 -30.16 -33.48
N ARG B 429 -13.08 -30.53 -32.21
CA ARG B 429 -12.10 -31.42 -31.59
C ARG B 429 -12.08 -32.78 -32.28
N ARG B 430 -13.24 -33.42 -32.39
CA ARG B 430 -13.35 -34.69 -33.08
C ARG B 430 -13.02 -34.56 -34.55
N PHE B 431 -13.32 -33.41 -35.15
CA PHE B 431 -12.88 -33.17 -36.51
C PHE B 431 -11.37 -33.27 -36.62
N GLU B 432 -10.66 -32.67 -35.67
CA GLU B 432 -9.21 -32.67 -35.74
C GLU B 432 -8.65 -34.08 -35.52
N LYS B 433 -9.20 -34.81 -34.55
CA LYS B 433 -8.71 -36.17 -34.32
C LYS B 433 -8.92 -37.04 -35.55
N GLU B 434 -10.13 -37.00 -36.12
CA GLU B 434 -10.39 -37.80 -37.32
C GLU B 434 -9.60 -37.31 -38.51
N PHE B 435 -9.29 -36.01 -38.58
CA PHE B 435 -8.47 -35.50 -39.66
C PHE B 435 -7.06 -36.05 -39.56
N TYR B 436 -6.52 -36.12 -38.35
CA TYR B 436 -5.21 -36.73 -38.18
C TYR B 436 -5.23 -38.20 -38.60
N LEU B 437 -6.27 -38.92 -38.20
CA LEU B 437 -6.39 -40.32 -38.62
C LEU B 437 -6.46 -40.45 -40.14
N PHE B 438 -7.31 -39.63 -40.78
CA PHE B 438 -7.46 -39.68 -42.23
C PHE B 438 -6.16 -39.34 -42.94
N LEU B 439 -5.44 -38.34 -42.44
CA LEU B 439 -4.17 -37.99 -43.05
C LEU B 439 -3.18 -39.13 -42.94
N ASP B 440 -3.04 -39.71 -41.74
CA ASP B 440 -2.19 -40.88 -41.59
C ASP B 440 -2.56 -41.94 -42.62
N GLN B 441 -3.86 -42.09 -42.89
CA GLN B 441 -4.31 -43.14 -43.79
C GLN B 441 -3.94 -42.85 -45.24
N ASN B 442 -4.18 -41.62 -45.71
CA ASN B 442 -4.10 -41.37 -47.16
C ASN B 442 -3.15 -40.26 -47.56
N GLY B 443 -3.01 -39.23 -46.73
CA GLY B 443 -2.21 -38.07 -47.05
C GLY B 443 -0.75 -38.17 -46.67
N GLN B 444 -0.22 -39.39 -46.59
CA GLN B 444 1.20 -39.55 -46.32
C GLN B 444 2.05 -38.82 -47.35
N HIS B 445 1.55 -38.63 -48.57
CA HIS B 445 2.30 -37.88 -49.56
C HIS B 445 2.45 -36.41 -49.17
N LEU B 446 1.36 -35.78 -48.74
CA LEU B 446 1.45 -34.40 -48.25
C LEU B 446 2.33 -34.32 -47.01
N LEU B 447 2.18 -35.27 -46.09
CA LEU B 447 2.99 -35.25 -44.88
C LEU B 447 4.47 -35.36 -45.21
N GLU B 448 4.83 -36.26 -46.11
CA GLU B 448 6.23 -36.40 -46.52
C GLU B 448 6.73 -35.16 -47.24
N HIS B 449 5.89 -34.57 -48.09
CA HIS B 449 6.32 -33.34 -48.76
C HIS B 449 6.68 -32.27 -47.73
N ILE B 450 5.81 -32.08 -46.73
CA ILE B 450 6.12 -31.11 -45.69
C ILE B 450 7.42 -31.49 -45.00
N ARG B 451 7.54 -32.74 -44.56
CA ARG B 451 8.71 -33.15 -43.81
C ARG B 451 10.00 -32.85 -44.57
N THR B 452 10.05 -33.23 -45.84
CA THR B 452 11.28 -33.12 -46.63
C THR B 452 11.56 -31.70 -47.11
N THR B 453 10.55 -30.92 -47.48
CA THR B 453 10.83 -29.60 -48.04
C THR B 453 10.70 -28.47 -47.03
N LYS B 454 10.19 -28.74 -45.84
CA LYS B 454 9.91 -27.72 -44.82
C LYS B 454 8.92 -26.67 -45.30
N ASP B 455 8.32 -26.86 -46.47
CA ASP B 455 7.38 -25.91 -47.03
C ASP B 455 6.01 -26.57 -47.23
N LEU B 456 5.06 -25.76 -47.68
CA LEU B 456 3.68 -26.21 -47.79
C LEU B 456 3.43 -26.88 -49.14
N PRO B 457 2.65 -27.95 -49.17
CA PRO B 457 2.30 -28.56 -50.46
C PRO B 457 1.32 -27.69 -51.23
N ASN B 458 1.19 -27.97 -52.51
CA ASN B 458 0.41 -27.09 -53.39
C ASN B 458 -1.04 -26.99 -52.92
N GLU B 459 -1.58 -25.78 -53.00
CA GLU B 459 -2.85 -25.49 -52.36
C GLU B 459 -3.99 -26.25 -53.02
N ASP B 460 -3.95 -26.44 -54.33
CA ASP B 460 -5.04 -27.16 -54.99
C ASP B 460 -5.12 -28.60 -54.50
N ASP B 461 -3.97 -29.29 -54.42
CA ASP B 461 -3.97 -30.66 -53.92
C ASP B 461 -4.39 -30.73 -52.47
N LEU B 462 -3.91 -29.79 -51.66
CA LEU B 462 -4.30 -29.75 -50.26
C LEU B 462 -5.80 -29.56 -50.12
N ASN B 463 -6.37 -28.68 -50.96
CA ASN B 463 -7.81 -28.44 -50.94
C ASN B 463 -8.58 -29.69 -51.35
N LYS B 464 -8.09 -30.40 -52.36
CA LYS B 464 -8.76 -31.64 -52.76
C LYS B 464 -8.79 -32.63 -51.61
N ALA B 465 -7.67 -32.75 -50.89
CA ALA B 465 -7.63 -33.68 -49.76
C ALA B 465 -8.57 -33.27 -48.63
N ILE B 466 -8.55 -31.98 -48.26
CA ILE B 466 -9.41 -31.53 -47.16
C ILE B 466 -10.87 -31.70 -47.54
N GLU B 467 -11.23 -31.35 -48.78
CA GLU B 467 -12.61 -31.54 -49.22
C GLU B 467 -13.00 -33.01 -49.20
N ALA B 468 -12.08 -33.89 -49.59
CA ALA B 468 -12.37 -35.32 -49.53
C ALA B 468 -12.70 -35.75 -48.11
N PHE B 469 -11.90 -35.33 -47.13
CA PHE B 469 -12.21 -35.70 -45.74
C PHE B 469 -13.54 -35.10 -45.30
N LYS B 470 -13.79 -33.85 -45.66
CA LYS B 470 -15.01 -33.18 -45.23
C LYS B 470 -16.23 -33.90 -45.75
N LYS B 471 -16.21 -34.33 -47.01
CA LYS B 471 -17.35 -35.04 -47.58
C LYS B 471 -17.54 -36.42 -46.95
N THR B 472 -16.60 -36.87 -46.13
CA THR B 472 -16.76 -38.15 -45.45
C THR B 472 -17.06 -38.03 -43.96
N PHE B 473 -16.77 -36.89 -43.35
CA PHE B 473 -16.89 -36.73 -41.90
C PHE B 473 -18.35 -36.49 -41.53
N VAL B 474 -18.81 -37.17 -40.48
CA VAL B 474 -20.15 -36.90 -39.95
C VAL B 474 -20.05 -35.79 -38.92
N VAL B 475 -21.18 -35.13 -38.65
CA VAL B 475 -21.23 -33.97 -37.77
C VAL B 475 -22.27 -34.19 -36.70
N SER B 476 -21.89 -33.93 -35.45
CA SER B 476 -22.81 -34.00 -34.32
C SER B 476 -23.33 -35.41 -34.09
N SER C 1 51.34 17.05 20.06
CA SER C 1 51.98 17.55 18.85
C SER C 1 50.97 18.20 17.92
N ASP C 2 51.47 18.98 16.96
CA ASP C 2 50.64 19.65 15.98
C ASP C 2 50.77 19.04 14.58
N VAL C 3 51.07 17.74 14.51
CA VAL C 3 51.02 16.98 13.27
C VAL C 3 50.41 15.61 13.55
N GLY C 4 50.07 14.90 12.49
CA GLY C 4 49.54 13.56 12.57
C GLY C 4 49.88 12.78 11.32
N THR C 5 49.51 11.50 11.31
CA THR C 5 49.73 10.65 10.16
C THR C 5 48.43 9.98 9.76
N VAL C 6 48.17 9.93 8.47
CA VAL C 6 46.97 9.29 7.94
C VAL C 6 47.06 7.80 8.20
N ILE C 7 45.98 7.23 8.72
CA ILE C 7 45.90 5.79 8.94
C ILE C 7 44.87 5.10 8.06
N GLN C 8 43.91 5.84 7.50
CA GLN C 8 42.96 5.27 6.56
C GLN C 8 42.49 6.36 5.60
N VAL C 9 42.32 5.96 4.33
CA VAL C 9 41.87 6.88 3.29
C VAL C 9 40.90 6.14 2.37
N GLY C 10 39.80 6.81 2.01
CA GLY C 10 38.91 6.25 1.03
C GLY C 10 37.55 6.90 0.96
N ASP C 11 37.02 7.10 -0.25
CA ASP C 11 35.70 7.67 -0.44
C ASP C 11 35.60 9.09 0.12
N GLY C 12 36.67 9.87 0.01
CA GLY C 12 36.64 11.24 0.50
C GLY C 12 36.72 11.39 2.00
N ILE C 13 37.26 10.41 2.70
CA ILE C 13 37.38 10.39 4.15
C ILE C 13 38.78 9.92 4.50
N ALA C 14 39.25 10.27 5.70
CA ALA C 14 40.53 9.82 6.18
C ALA C 14 40.53 9.86 7.70
N ARG C 15 41.33 8.98 8.29
CA ARG C 15 41.53 8.95 9.73
C ARG C 15 42.98 9.31 10.01
N ALA C 16 43.21 10.05 11.07
CA ALA C 16 44.55 10.51 11.42
C ALA C 16 44.88 10.09 12.84
N HIS C 17 46.15 9.83 13.08
CA HIS C 17 46.64 9.51 14.41
C HIS C 17 47.47 10.67 14.93
N GLY C 18 47.07 11.19 16.10
CA GLY C 18 47.74 12.35 16.66
C GLY C 18 46.91 13.61 16.56
N LEU C 19 47.55 14.74 16.25
CA LEU C 19 46.88 16.03 16.21
C LEU C 19 46.22 16.33 17.55
N ASP C 20 47.05 16.35 18.60
CA ASP C 20 46.52 16.35 19.96
C ASP C 20 45.68 17.60 20.24
N ASN C 21 46.12 18.75 19.75
CA ASN C 21 45.47 20.02 20.06
C ASN C 21 44.45 20.44 19.02
N VAL C 22 44.07 19.54 18.11
CA VAL C 22 43.13 19.92 17.07
C VAL C 22 41.79 20.28 17.69
N MET C 23 41.12 21.27 17.11
CA MET C 23 39.81 21.69 17.56
C MET C 23 38.73 20.97 16.78
N SER C 24 37.53 20.93 17.37
CA SER C 24 36.39 20.37 16.66
C SER C 24 35.90 21.36 15.61
N GLY C 25 35.91 20.94 14.35
CA GLY C 25 35.56 21.82 13.26
C GLY C 25 36.70 22.65 12.73
N GLU C 26 37.95 22.21 12.92
CA GLU C 26 39.11 22.96 12.48
C GLU C 26 39.45 22.66 11.02
N LEU C 27 40.30 23.51 10.46
CA LEU C 27 40.92 23.24 9.16
C LEU C 27 42.25 22.51 9.33
N VAL C 28 42.45 21.48 8.52
CA VAL C 28 43.72 20.77 8.47
C VAL C 28 44.12 20.67 7.01
N GLU C 29 45.43 20.57 6.78
CA GLU C 29 45.94 20.46 5.42
C GLU C 29 46.87 19.28 5.29
N PHE C 30 46.67 18.50 4.24
CA PHE C 30 47.49 17.34 3.95
C PHE C 30 48.79 17.76 3.28
N ALA C 31 49.73 16.82 3.21
CA ALA C 31 51.00 17.09 2.55
C ALA C 31 50.81 17.41 1.08
N ASN C 32 49.74 16.88 0.50
CA ASN C 32 49.43 17.06 -0.92
C ASN C 32 49.11 18.52 -1.26
N GLY C 33 48.80 19.34 -0.26
CA GLY C 33 48.22 20.65 -0.50
C GLY C 33 46.71 20.69 -0.49
N VAL C 34 46.06 19.56 -0.20
CA VAL C 34 44.61 19.50 -0.13
C VAL C 34 44.16 19.81 1.28
N MET C 35 42.95 20.34 1.43
CA MET C 35 42.44 20.73 2.73
C MET C 35 41.50 19.69 3.30
N GLY C 36 41.26 19.77 4.61
CA GLY C 36 40.30 18.92 5.26
C GLY C 36 39.71 19.61 6.48
N MET C 37 38.72 18.96 7.07
CA MET C 37 38.02 19.50 8.24
C MET C 37 37.82 18.40 9.26
N ALA C 38 38.19 18.68 10.51
CA ALA C 38 38.11 17.71 11.60
C ALA C 38 36.70 17.68 12.15
N LEU C 39 35.97 16.59 11.89
CA LEU C 39 34.59 16.44 12.36
C LEU C 39 34.48 15.62 13.64
N ASN C 40 35.20 14.51 13.74
CA ASN C 40 35.14 13.64 14.91
C ASN C 40 36.47 13.60 15.62
N LEU C 41 36.48 13.92 16.90
CA LEU C 41 37.66 13.78 17.74
C LEU C 41 37.48 12.52 18.59
N GLU C 42 37.80 11.36 18.01
CA GLU C 42 37.78 10.14 18.78
C GLU C 42 38.88 10.18 19.83
N GLU C 43 38.89 9.15 20.68
CA GLU C 43 39.85 9.13 21.78
C GLU C 43 41.29 9.01 21.28
N ASN C 44 41.53 8.22 20.24
CA ASN C 44 42.88 8.03 19.73
C ASN C 44 43.00 8.25 18.23
N ASN C 45 42.01 8.83 17.57
CA ASN C 45 42.11 9.15 16.16
C ASN C 45 41.15 10.27 15.83
N VAL C 46 41.33 10.87 14.65
CA VAL C 46 40.55 12.02 14.21
C VAL C 46 39.93 11.71 12.86
N GLY C 47 38.62 11.90 12.75
CA GLY C 47 37.93 11.70 11.50
C GLY C 47 37.90 12.96 10.66
N ILE C 48 38.53 12.93 9.49
CA ILE C 48 38.70 14.11 8.66
C ILE C 48 37.86 13.98 7.40
N VAL C 49 37.35 15.12 6.95
CA VAL C 49 36.58 15.22 5.71
C VAL C 49 37.43 15.97 4.69
N ILE C 50 37.65 15.37 3.53
CA ILE C 50 38.59 15.88 2.55
C ILE C 50 37.87 16.84 1.61
N LEU C 51 38.42 18.04 1.45
CA LEU C 51 37.82 19.12 0.68
C LEU C 51 38.45 19.26 -0.70
N GLY C 52 38.77 18.15 -1.34
CA GLY C 52 39.41 18.17 -2.64
C GLY C 52 39.60 16.76 -3.16
N PRO C 53 40.40 16.60 -4.22
CA PRO C 53 40.71 15.25 -4.71
C PRO C 53 41.55 14.44 -3.75
N TYR C 54 41.13 13.22 -3.45
CA TYR C 54 41.81 12.40 -2.45
C TYR C 54 42.68 11.31 -3.04
N THR C 55 42.77 11.20 -4.37
CA THR C 55 43.52 10.10 -4.96
C THR C 55 45.02 10.26 -4.77
N GLY C 56 45.48 11.44 -4.37
CA GLY C 56 46.89 11.63 -4.08
C GLY C 56 47.30 11.38 -2.64
N ILE C 57 46.34 11.10 -1.76
CA ILE C 57 46.61 10.92 -0.33
C ILE C 57 46.78 9.44 -0.05
N LYS C 58 47.89 9.09 0.57
CA LYS C 58 48.21 7.71 0.90
C LYS C 58 48.31 7.55 2.41
N GLU C 59 48.09 6.32 2.87
CA GLU C 59 48.34 5.99 4.26
C GLU C 59 49.80 6.22 4.61
N GLY C 60 50.03 6.81 5.78
CA GLY C 60 51.35 7.21 6.19
C GLY C 60 51.69 8.65 5.92
N ASP C 61 50.92 9.34 5.08
CA ASP C 61 51.17 10.75 4.81
C ASP C 61 50.97 11.57 6.08
N GLU C 62 51.63 12.73 6.12
CA GLU C 62 51.49 13.63 7.25
C GLU C 62 50.31 14.57 7.04
N VAL C 63 49.75 15.04 8.15
CA VAL C 63 48.64 15.99 8.14
C VAL C 63 48.92 17.07 9.17
N ARG C 64 48.70 18.32 8.78
CA ARG C 64 49.12 19.47 9.58
C ARG C 64 47.91 20.21 10.14
N ARG C 65 48.13 20.84 11.29
CA ARG C 65 47.16 21.76 11.85
C ARG C 65 47.29 23.11 11.17
N THR C 66 46.19 23.88 11.14
CA THR C 66 46.24 25.26 10.69
C THR C 66 45.84 26.26 11.75
N GLY C 67 45.16 25.84 12.82
CA GLY C 67 44.77 26.74 13.87
C GLY C 67 43.57 27.61 13.55
N ARG C 68 42.87 27.36 12.45
CA ARG C 68 41.73 28.17 12.05
C ARG C 68 40.48 27.30 11.95
N ILE C 69 39.44 27.65 12.69
CA ILE C 69 38.14 27.05 12.47
C ILE C 69 37.76 27.22 11.01
N MET C 70 36.94 26.30 10.50
CA MET C 70 36.53 26.35 9.10
C MET C 70 36.04 27.74 8.72
N GLU C 71 36.61 28.28 7.64
CA GLU C 71 36.45 29.68 7.27
C GLU C 71 36.12 29.80 5.80
N VAL C 72 35.79 31.02 5.38
CA VAL C 72 35.51 31.34 3.99
C VAL C 72 35.80 32.82 3.71
N PRO C 73 36.42 33.16 2.58
CA PRO C 73 36.64 34.57 2.26
C PRO C 73 35.34 35.31 2.00
N VAL C 74 35.33 36.59 2.39
CA VAL C 74 34.17 37.45 2.19
C VAL C 74 34.67 38.83 1.78
N GLY C 75 33.89 39.56 0.99
CA GLY C 75 34.25 40.91 0.60
C GLY C 75 33.69 41.30 -0.76
N GLU C 76 33.75 42.58 -1.06
CA GLU C 76 33.18 43.16 -2.27
C GLU C 76 33.81 42.58 -3.55
N ALA C 77 34.97 41.93 -3.47
CA ALA C 77 35.64 41.35 -4.62
C ALA C 77 34.96 40.09 -5.11
N LEU C 78 34.16 39.39 -4.31
CA LEU C 78 33.51 38.18 -4.82
C LEU C 78 32.47 38.54 -5.88
N ILE C 79 32.04 39.81 -5.95
CA ILE C 79 30.98 40.28 -6.82
C ILE C 79 31.38 40.17 -8.29
N GLY C 80 30.52 39.56 -9.11
CA GLY C 80 30.74 39.33 -10.55
C GLY C 80 31.57 38.10 -10.90
N ARG C 81 31.98 37.29 -9.93
CA ARG C 81 32.78 36.06 -10.12
C ARG C 81 31.92 34.80 -10.29
N VAL C 82 32.59 33.65 -10.42
CA VAL C 82 32.09 32.30 -10.14
C VAL C 82 33.13 31.63 -9.28
N VAL C 83 32.73 31.10 -8.13
CA VAL C 83 33.64 30.73 -7.07
C VAL C 83 33.29 29.38 -6.47
N ASN C 84 34.29 28.63 -6.08
CA ASN C 84 34.13 27.34 -5.43
C ASN C 84 33.80 27.51 -3.95
N PRO C 85 33.16 26.51 -3.33
CA PRO C 85 32.73 26.66 -1.94
C PRO C 85 33.84 27.10 -0.98
N LEU C 86 35.09 27.06 -1.40
CA LEU C 86 36.18 27.59 -0.58
C LEU C 86 36.59 29.00 -0.97
N GLY C 87 35.91 29.62 -1.92
CA GLY C 87 36.29 30.93 -2.41
C GLY C 87 37.34 30.92 -3.51
N GLN C 88 37.69 29.76 -4.04
CA GLN C 88 38.61 29.69 -5.18
C GLN C 88 37.83 29.93 -6.47
N PRO C 89 38.27 30.84 -7.32
CA PRO C 89 37.52 31.11 -8.55
C PRO C 89 37.57 29.94 -9.52
N VAL C 90 36.55 29.82 -10.36
CA VAL C 90 36.51 28.79 -11.38
C VAL C 90 36.22 29.42 -12.73
N ASP C 91 35.86 30.71 -12.73
CA ASP C 91 35.56 31.40 -13.98
C ASP C 91 36.79 31.72 -14.82
N GLY C 92 37.99 31.72 -14.23
CA GLY C 92 39.19 31.96 -14.99
C GLY C 92 39.59 33.40 -15.18
N LEU C 93 39.14 34.31 -14.31
CA LEU C 93 39.46 35.74 -14.42
C LEU C 93 40.57 36.20 -13.45
N GLY C 94 41.30 35.28 -12.79
CA GLY C 94 42.32 35.66 -11.86
C GLY C 94 41.89 35.57 -10.40
N PRO C 95 42.76 36.00 -9.49
CA PRO C 95 42.43 35.93 -8.07
C PRO C 95 41.33 36.91 -7.70
N VAL C 96 40.61 36.58 -6.62
CA VAL C 96 39.45 37.38 -6.23
C VAL C 96 39.84 38.64 -5.47
N GLU C 97 40.90 38.58 -4.67
CA GLU C 97 41.41 39.76 -3.97
C GLU C 97 40.53 40.19 -2.80
N THR C 98 40.13 39.25 -1.94
CA THR C 98 39.46 39.59 -0.71
C THR C 98 40.48 39.96 0.37
N THR C 99 39.97 40.38 1.52
CA THR C 99 40.82 40.80 2.63
C THR C 99 40.37 40.35 4.01
N GLU C 100 39.36 39.49 4.12
CA GLU C 100 38.93 38.99 5.42
C GLU C 100 38.06 37.76 5.22
N THR C 101 37.82 37.05 6.32
CA THR C 101 37.10 35.80 6.30
C THR C 101 36.00 35.81 7.35
N ARG C 102 35.10 34.84 7.24
CA ARG C 102 34.05 34.57 8.19
C ARG C 102 33.97 33.08 8.45
N PRO C 103 33.58 32.69 9.66
CA PRO C 103 33.32 31.27 9.92
C PRO C 103 32.13 30.77 9.09
N ILE C 104 32.25 29.55 8.58
CA ILE C 104 31.10 28.95 7.91
C ILE C 104 30.08 28.43 8.91
N GLU C 105 30.44 28.29 10.17
CA GLU C 105 29.50 27.94 11.22
C GLU C 105 29.41 29.10 12.21
N SER C 106 28.23 29.69 12.30
CA SER C 106 28.04 30.91 13.09
C SER C 106 26.64 30.90 13.67
N ARG C 107 26.45 31.70 14.71
CA ARG C 107 25.19 31.69 15.44
C ARG C 107 24.17 32.61 14.77
N ALA C 108 22.93 32.17 14.68
CA ALA C 108 21.87 32.96 14.10
C ALA C 108 21.41 34.04 15.07
N PRO C 109 20.85 35.14 14.54
CA PRO C 109 20.41 36.24 15.42
C PRO C 109 19.33 35.79 16.40
N GLY C 110 19.37 36.35 17.59
CA GLY C 110 18.46 35.97 18.65
C GLY C 110 17.08 36.60 18.49
N VAL C 111 16.21 36.27 19.45
CA VAL C 111 14.85 36.78 19.42
C VAL C 111 14.84 38.31 19.45
N MET C 112 15.74 38.89 20.25
CA MET C 112 15.76 40.34 20.41
C MET C 112 16.63 41.06 19.40
N ASP C 113 17.33 40.35 18.52
CA ASP C 113 18.16 41.00 17.53
C ASP C 113 17.44 41.27 16.21
N ARG C 114 16.15 40.99 16.15
CA ARG C 114 15.40 41.03 14.90
C ARG C 114 14.33 42.09 14.90
N ARG C 115 13.70 42.25 13.75
CA ARG C 115 12.52 43.10 13.59
C ARG C 115 11.53 42.38 12.71
N SER C 116 10.25 42.74 12.84
CA SER C 116 9.24 42.10 12.03
C SER C 116 9.44 42.40 10.55
N VAL C 117 9.24 41.40 9.70
CA VAL C 117 9.34 41.58 8.26
C VAL C 117 8.24 42.55 7.82
N HIS C 118 8.63 43.64 7.16
CA HIS C 118 7.67 44.68 6.83
C HIS C 118 7.86 45.31 5.46
N GLU C 119 8.82 44.88 4.66
CA GLU C 119 9.05 45.55 3.40
C GLU C 119 9.18 44.53 2.27
N PRO C 120 8.61 44.83 1.11
CA PRO C 120 8.41 43.82 0.08
C PRO C 120 9.63 43.56 -0.79
N LEU C 121 9.67 42.36 -1.33
CA LEU C 121 10.64 41.93 -2.34
C LEU C 121 9.84 41.56 -3.59
N GLN C 122 9.97 42.37 -4.63
CA GLN C 122 9.15 42.18 -5.82
C GLN C 122 9.77 41.14 -6.75
N THR C 123 9.00 40.11 -7.08
CA THR C 123 9.44 39.12 -8.05
C THR C 123 9.03 39.45 -9.47
N GLY C 124 8.08 40.36 -9.66
CA GLY C 124 7.55 40.65 -10.97
C GLY C 124 6.51 39.68 -11.45
N ILE C 125 6.18 38.68 -10.65
CA ILE C 125 5.18 37.67 -10.99
C ILE C 125 3.89 38.01 -10.25
N LYS C 126 2.80 38.17 -11.00
CA LYS C 126 1.54 38.58 -10.39
C LYS C 126 1.07 37.58 -9.36
N ALA C 127 1.07 36.29 -9.71
CA ALA C 127 0.57 35.28 -8.79
C ALA C 127 1.33 35.30 -7.49
N ILE C 128 2.66 35.38 -7.55
CA ILE C 128 3.45 35.40 -6.32
C ILE C 128 3.19 36.69 -5.54
N ASP C 129 3.42 37.84 -6.17
CA ASP C 129 3.32 39.10 -5.45
C ASP C 129 1.93 39.36 -4.89
N ALA C 130 0.90 38.73 -5.46
CA ALA C 130 -0.46 38.99 -5.01
C ALA C 130 -0.99 37.93 -4.07
N LEU C 131 -0.66 36.65 -4.29
CA LEU C 131 -1.18 35.58 -3.46
C LEU C 131 -0.23 35.16 -2.35
N VAL C 132 1.06 35.03 -2.65
CA VAL C 132 2.02 34.55 -1.67
C VAL C 132 3.19 35.53 -1.63
N PRO C 133 3.00 36.73 -1.11
CA PRO C 133 4.05 37.74 -1.15
C PRO C 133 5.26 37.34 -0.31
N ILE C 134 6.42 37.86 -0.72
CA ILE C 134 7.70 37.56 -0.10
C ILE C 134 8.31 38.86 0.37
N GLY C 135 8.70 38.93 1.64
CA GLY C 135 9.27 40.12 2.22
C GLY C 135 10.77 40.00 2.45
N ARG C 136 11.40 41.12 2.78
CA ARG C 136 12.83 41.13 3.03
C ARG C 136 13.14 40.62 4.43
N GLY C 137 13.89 39.52 4.50
CA GLY C 137 14.10 38.78 5.72
C GLY C 137 13.32 37.49 5.80
N GLN C 138 12.50 37.20 4.81
CA GLN C 138 11.68 36.01 4.79
C GLN C 138 12.41 34.85 4.14
N ARG C 139 11.91 33.65 4.40
CA ARG C 139 12.40 32.43 3.77
C ARG C 139 11.21 31.73 3.14
N GLU C 140 11.27 31.52 1.82
CA GLU C 140 10.17 30.92 1.08
C GLU C 140 10.73 29.75 0.27
N LEU C 141 10.02 28.64 0.29
CA LEU C 141 10.41 27.48 -0.50
C LEU C 141 9.67 27.48 -1.83
N ILE C 142 10.40 27.25 -2.92
CA ILE C 142 9.82 27.09 -4.25
C ILE C 142 9.99 25.64 -4.66
N ILE C 143 8.88 24.91 -4.75
CA ILE C 143 8.94 23.47 -4.96
C ILE C 143 8.10 23.13 -6.20
N GLY C 144 8.77 22.62 -7.23
CA GLY C 144 8.16 22.47 -8.53
C GLY C 144 8.19 21.03 -8.98
N ASP C 145 8.06 20.83 -10.29
CA ASP C 145 7.87 19.48 -10.82
C ASP C 145 8.61 19.27 -12.13
N ARG C 146 9.83 19.81 -12.27
CA ARG C 146 10.75 19.61 -13.43
C ARG C 146 10.35 20.27 -14.73
N GLN C 147 9.12 20.09 -15.16
CA GLN C 147 8.60 20.70 -16.38
C GLN C 147 7.61 21.83 -16.06
N THR C 148 7.92 22.84 -15.21
CA THR C 148 6.86 23.73 -14.79
C THR C 148 7.28 25.19 -14.58
N GLY C 149 8.58 25.51 -14.63
CA GLY C 149 9.05 26.87 -14.38
C GLY C 149 9.62 27.11 -12.99
N ALA C 150 9.66 26.09 -12.15
CA ALA C 150 10.20 26.25 -10.80
C ALA C 150 11.62 26.78 -10.84
N ALA C 151 12.45 26.25 -11.74
CA ALA C 151 13.83 26.70 -11.80
C ALA C 151 13.95 28.15 -12.23
N SER C 152 13.11 28.57 -13.17
CA SER C 152 13.21 29.92 -13.71
C SER C 152 12.67 30.96 -12.73
N VAL C 153 11.83 30.56 -11.78
CA VAL C 153 11.24 31.56 -10.88
C VAL C 153 12.32 32.38 -10.18
N ALA C 154 13.32 31.71 -9.60
CA ALA C 154 14.32 32.41 -8.80
C ALA C 154 15.29 33.20 -9.67
N ILE C 155 15.67 32.69 -10.86
CA ILE C 155 16.53 33.46 -11.76
C ILE C 155 15.78 34.72 -12.23
N ASP C 156 14.47 34.63 -12.47
CA ASP C 156 13.69 35.83 -12.80
C ASP C 156 13.65 36.79 -11.63
N THR C 157 13.50 36.25 -10.41
CA THR C 157 13.48 37.10 -9.23
C THR C 157 14.79 37.86 -9.07
N ILE C 158 15.94 37.19 -9.26
CA ILE C 158 17.27 37.80 -9.15
C ILE C 158 17.48 38.88 -10.21
N ILE C 159 17.09 38.62 -11.45
CA ILE C 159 17.18 39.60 -12.53
C ILE C 159 16.27 40.80 -12.24
N ASN C 160 15.08 40.58 -11.67
CA ASN C 160 14.16 41.66 -11.33
C ASN C 160 14.66 42.58 -10.20
N GLN C 161 15.66 42.15 -9.42
CA GLN C 161 16.30 42.97 -8.38
C GLN C 161 17.30 44.02 -8.90
N LYS C 162 17.45 44.14 -10.22
CA LYS C 162 18.46 45.01 -10.86
C LYS C 162 18.38 46.50 -10.49
N ASP C 163 17.27 47.04 -9.98
CA ASP C 163 17.25 48.44 -9.59
C ASP C 163 16.94 48.66 -8.12
N GLN C 164 16.92 47.62 -7.29
CA GLN C 164 16.41 47.71 -5.93
C GLN C 164 17.50 47.74 -4.86
N ASN C 165 18.77 47.78 -5.25
CA ASN C 165 19.88 47.85 -4.30
C ASN C 165 20.10 46.55 -3.54
N MET C 166 19.62 45.41 -4.03
CA MET C 166 19.97 44.09 -3.49
C MET C 166 21.42 43.66 -3.87
N ILE C 167 22.02 42.76 -3.09
CA ILE C 167 23.17 41.93 -3.50
C ILE C 167 22.70 40.47 -3.57
N SER C 168 23.14 39.68 -4.55
CA SER C 168 22.63 38.31 -4.75
C SER C 168 23.74 37.28 -4.68
N ILE C 169 23.43 36.08 -4.19
CA ILE C 169 24.35 34.94 -4.19
C ILE C 169 23.59 33.71 -4.68
N TYR C 170 23.81 33.29 -5.91
CA TYR C 170 23.28 32.03 -6.43
C TYR C 170 24.16 30.87 -5.95
N VAL C 171 23.58 29.89 -5.27
CA VAL C 171 24.31 28.72 -4.79
C VAL C 171 23.80 27.51 -5.56
N ALA C 172 24.68 26.89 -6.32
CA ALA C 172 24.35 25.72 -7.15
C ALA C 172 24.91 24.47 -6.48
N ILE C 173 24.02 23.64 -5.96
CA ILE C 173 24.42 22.49 -5.16
C ILE C 173 24.16 21.21 -5.96
N GLY C 174 25.22 20.45 -6.20
CA GLY C 174 25.08 19.18 -6.90
C GLY C 174 24.55 19.31 -8.30
N GLN C 175 24.53 20.52 -8.87
CA GLN C 175 24.03 20.75 -10.22
C GLN C 175 25.03 20.27 -11.26
N LYS C 176 24.57 20.04 -12.49
CA LYS C 176 25.43 19.79 -13.65
C LYS C 176 26.12 21.10 -14.05
N GLU C 177 27.42 21.07 -14.28
CA GLU C 177 28.30 22.24 -14.45
C GLU C 177 27.99 23.02 -15.72
N SER C 178 27.60 22.36 -16.81
CA SER C 178 27.09 23.07 -18.00
C SER C 178 25.77 23.80 -17.72
N THR C 179 24.95 23.37 -16.76
CA THR C 179 23.80 24.18 -16.33
C THR C 179 24.22 25.38 -15.51
N VAL C 180 25.24 25.26 -14.64
CA VAL C 180 25.78 26.42 -13.92
C VAL C 180 26.37 27.43 -14.88
N ARG C 181 27.13 26.99 -15.89
CA ARG C 181 27.60 27.89 -16.94
C ARG C 181 26.47 28.55 -17.72
N THR C 182 25.39 27.81 -18.03
CA THR C 182 24.20 28.38 -18.68
C THR C 182 23.53 29.45 -17.81
N VAL C 183 23.45 29.25 -16.50
CA VAL C 183 22.96 30.27 -15.55
C VAL C 183 23.88 31.48 -15.54
N VAL C 184 25.19 31.30 -15.47
CA VAL C 184 26.15 32.41 -15.49
C VAL C 184 26.06 33.22 -16.78
N GLU C 185 25.93 32.60 -17.94
CA GLU C 185 25.76 33.34 -19.20
C GLU C 185 24.40 34.05 -19.30
N THR C 186 23.35 33.49 -18.72
CA THR C 186 22.04 34.15 -18.62
C THR C 186 22.12 35.41 -17.77
N LEU C 187 22.71 35.31 -16.56
CA LEU C 187 22.91 36.45 -15.68
C LEU C 187 23.86 37.48 -16.30
N ARG C 188 24.91 37.05 -17.02
CA ARG C 188 25.88 37.96 -17.63
C ARG C 188 25.17 38.92 -18.55
N LYS C 189 24.35 38.36 -19.47
CA LYS C 189 23.60 39.13 -20.46
C LYS C 189 22.77 40.18 -19.75
N HIS C 190 21.98 39.77 -18.77
CA HIS C 190 21.26 40.64 -17.86
C HIS C 190 22.07 41.72 -17.08
N GLY C 191 23.39 41.94 -17.21
CA GLY C 191 24.35 42.45 -16.21
C GLY C 191 24.06 42.23 -14.73
N ALA C 192 23.00 41.51 -14.43
CA ALA C 192 22.66 40.94 -13.16
C ALA C 192 23.86 40.11 -12.73
N LEU C 193 24.64 39.52 -13.67
CA LEU C 193 25.87 38.86 -13.16
C LEU C 193 26.70 39.84 -12.32
N ASP C 194 26.65 41.11 -12.69
CA ASP C 194 27.52 42.07 -12.02
C ASP C 194 27.26 42.25 -10.52
N TYR C 195 26.03 42.10 -10.00
CA TYR C 195 25.78 41.80 -8.56
C TYR C 195 25.89 40.35 -8.05
N THR C 196 25.57 39.34 -8.86
CA THR C 196 25.18 37.96 -8.46
C THR C 196 26.14 37.03 -7.69
N ILE C 197 27.36 37.39 -7.32
CA ILE C 197 28.58 36.57 -6.97
C ILE C 197 28.70 35.03 -7.28
N VAL C 198 27.72 34.13 -7.20
CA VAL C 198 27.74 32.72 -7.69
C VAL C 198 28.74 31.73 -7.02
N VAL C 199 28.22 30.76 -6.25
CA VAL C 199 28.96 29.63 -5.68
C VAL C 199 28.52 28.31 -6.33
N THR C 200 29.47 27.48 -6.76
CA THR C 200 29.23 26.28 -7.56
C THR C 200 29.80 25.06 -6.87
N ALA C 201 29.02 23.98 -6.82
CA ALA C 201 29.41 22.70 -6.21
C ALA C 201 28.97 21.54 -7.13
N SER C 202 29.42 21.56 -8.39
CA SER C 202 28.90 20.63 -9.37
C SER C 202 28.98 19.18 -8.88
N ALA C 203 28.22 18.31 -9.55
CA ALA C 203 28.00 16.95 -9.06
C ALA C 203 29.26 16.09 -9.11
N SER C 204 30.28 16.49 -9.85
CA SER C 204 31.52 15.71 -9.86
C SER C 204 32.37 16.01 -8.64
N GLN C 205 31.99 16.99 -7.84
CA GLN C 205 32.79 17.36 -6.69
C GLN C 205 32.58 16.37 -5.53
N PRO C 206 33.55 16.28 -4.62
CA PRO C 206 33.40 15.39 -3.46
C PRO C 206 32.26 15.83 -2.56
N ALA C 207 31.72 14.86 -1.83
CA ALA C 207 30.55 15.08 -0.99
C ALA C 207 30.74 16.23 0.00
N PRO C 208 31.91 16.36 0.63
CA PRO C 208 32.10 17.44 1.61
C PRO C 208 31.86 18.83 1.06
N LEU C 209 32.27 19.12 -0.18
CA LEU C 209 32.03 20.44 -0.74
C LEU C 209 30.55 20.68 -0.98
N LEU C 210 29.83 19.66 -1.45
CA LEU C 210 28.39 19.81 -1.62
C LEU C 210 27.72 20.01 -0.28
N PHE C 211 28.31 19.46 0.78
CA PHE C 211 27.77 19.67 2.11
C PHE C 211 28.10 21.06 2.64
N LEU C 212 29.20 21.65 2.18
CA LEU C 212 29.62 22.96 2.65
C LEU C 212 28.99 24.12 1.88
N ALA C 213 28.60 23.91 0.63
CA ALA C 213 28.25 25.04 -0.23
C ALA C 213 27.23 26.01 0.36
N PRO C 214 26.06 25.58 0.82
CA PRO C 214 25.09 26.56 1.34
C PRO C 214 25.61 27.35 2.53
N TYR C 215 26.45 26.75 3.37
CA TYR C 215 27.03 27.49 4.48
C TYR C 215 27.98 28.57 3.99
N ALA C 216 28.77 28.27 2.95
CA ALA C 216 29.62 29.29 2.36
C ALA C 216 28.79 30.43 1.77
N GLY C 217 27.72 30.11 1.06
CA GLY C 217 26.88 31.16 0.51
C GLY C 217 26.27 32.05 1.57
N VAL C 218 25.73 31.45 2.63
CA VAL C 218 25.12 32.27 3.68
C VAL C 218 26.17 33.07 4.44
N ALA C 219 27.34 32.49 4.66
CA ALA C 219 28.40 33.22 5.35
C ALA C 219 28.89 34.38 4.51
N MET C 220 29.01 34.25 3.19
CA MET C 220 29.33 35.37 2.31
C MET C 220 28.22 36.42 2.31
N GLY C 221 26.96 36.01 2.43
CA GLY C 221 25.83 36.93 2.46
C GLY C 221 25.76 37.77 3.74
N GLU C 222 25.97 37.17 4.90
CA GLU C 222 25.81 37.89 6.16
C GLU C 222 26.90 38.93 6.36
N TYR C 223 28.02 38.82 5.65
CA TYR C 223 29.01 39.89 5.67
C TYR C 223 28.39 41.22 5.25
N PHE C 224 27.61 41.20 4.18
CA PHE C 224 26.90 42.36 3.70
C PHE C 224 25.71 42.69 4.61
N MET C 225 24.98 41.69 5.12
CA MET C 225 23.78 41.95 5.93
C MET C 225 24.13 42.65 7.23
N TYR C 226 25.25 42.29 7.85
CA TYR C 226 25.65 42.92 9.11
C TYR C 226 26.34 44.25 8.90
N LYS C 227 26.74 44.56 7.66
CA LYS C 227 27.15 45.90 7.30
C LYS C 227 25.96 46.80 6.97
N GLY C 228 24.77 46.24 6.80
CA GLY C 228 23.59 47.02 6.55
C GLY C 228 23.02 46.92 5.16
N LYS C 229 23.56 46.03 4.32
CA LYS C 229 23.02 45.83 3.00
C LYS C 229 21.84 44.87 3.05
N HIS C 230 21.23 44.62 1.90
CA HIS C 230 20.13 43.69 1.77
C HIS C 230 20.50 42.63 0.75
N VAL C 231 20.34 41.36 1.12
CA VAL C 231 20.90 40.25 0.38
C VAL C 231 19.80 39.26 0.01
N LEU C 232 19.94 38.63 -1.15
CA LEU C 232 19.04 37.57 -1.60
C LEU C 232 19.86 36.34 -1.94
N VAL C 233 19.62 35.24 -1.24
CA VAL C 233 20.34 33.99 -1.44
C VAL C 233 19.39 32.94 -1.98
N VAL C 234 19.79 32.25 -3.05
CA VAL C 234 19.01 31.20 -3.67
C VAL C 234 19.76 29.89 -3.50
N TYR C 235 19.10 28.88 -2.92
CA TYR C 235 19.68 27.55 -2.74
C TYR C 235 19.10 26.59 -3.78
N ALA C 236 19.96 25.96 -4.56
CA ALA C 236 19.54 25.04 -5.61
C ALA C 236 19.75 23.59 -5.22
N ALA C 237 18.69 22.79 -5.32
CA ALA C 237 18.73 21.38 -4.98
C ALA C 237 19.30 21.18 -3.57
N LEU C 238 18.59 21.75 -2.60
CA LEU C 238 19.01 21.66 -1.21
C LEU C 238 18.84 20.24 -0.67
N SER C 239 18.19 19.37 -1.44
CA SER C 239 18.13 17.96 -1.08
C SER C 239 19.40 17.22 -1.49
N LYS C 240 20.15 17.77 -2.46
CA LYS C 240 21.43 17.18 -2.80
C LYS C 240 22.44 17.38 -1.69
N GLN C 241 22.36 18.51 -0.97
CA GLN C 241 23.18 18.69 0.21
C GLN C 241 22.83 17.66 1.29
N ALA C 242 21.55 17.33 1.43
CA ALA C 242 21.15 16.28 2.37
C ALA C 242 21.71 14.93 1.97
N ALA C 243 21.69 14.62 0.67
CA ALA C 243 22.30 13.38 0.21
C ALA C 243 23.79 13.35 0.51
N ALA C 244 24.47 14.48 0.32
CA ALA C 244 25.90 14.54 0.61
C ALA C 244 26.18 14.32 2.08
N TYR C 245 25.36 14.91 2.95
CA TYR C 245 25.55 14.71 4.38
C TYR C 245 25.28 13.27 4.78
N ARG C 246 24.26 12.64 4.19
CA ARG C 246 24.03 11.22 4.44
C ARG C 246 25.22 10.37 4.02
N GLU C 247 25.79 10.67 2.86
CA GLU C 247 27.00 9.99 2.42
C GLU C 247 28.12 10.13 3.44
N LEU C 248 28.40 11.35 3.86
CA LEU C 248 29.48 11.59 4.83
C LEU C 248 29.25 10.81 6.12
N SER C 249 28.03 10.89 6.67
CA SER C 249 27.77 10.22 7.93
C SER C 249 27.92 8.72 7.80
N LEU C 250 27.35 8.12 6.75
CA LEU C 250 27.49 6.68 6.58
C LEU C 250 28.95 6.26 6.41
N LEU C 251 29.75 7.08 5.71
CA LEU C 251 31.15 6.73 5.55
C LEU C 251 31.93 6.86 6.86
N LEU C 252 31.54 7.79 7.72
CA LEU C 252 32.16 7.88 9.04
C LEU C 252 31.59 6.87 10.03
N ARG C 253 30.60 6.08 9.62
CA ARG C 253 30.06 5.00 10.42
C ARG C 253 29.21 5.51 11.58
N ARG C 254 28.48 6.58 11.35
CA ARG C 254 27.40 6.96 12.26
C ARG C 254 26.14 6.19 11.88
N PRO C 255 25.47 5.54 12.83
CA PRO C 255 24.36 4.67 12.47
C PRO C 255 23.25 5.45 11.76
N PRO C 256 22.60 4.84 10.78
CA PRO C 256 21.54 5.56 10.05
C PRO C 256 20.25 5.62 10.85
N GLY C 257 19.31 6.41 10.34
CA GLY C 257 18.03 6.56 10.98
C GLY C 257 16.85 6.32 10.04
N ARG C 258 15.90 7.24 10.04
CA ARG C 258 14.77 7.15 9.13
C ARG C 258 15.27 7.13 7.68
N GLU C 259 14.79 6.16 6.91
CA GLU C 259 15.46 5.74 5.69
C GLU C 259 16.90 5.39 6.03
N ALA C 260 17.86 6.10 5.45
CA ALA C 260 19.25 5.94 5.88
C ALA C 260 19.84 7.29 6.29
N TYR C 261 19.01 8.29 6.52
CA TYR C 261 19.49 9.59 6.91
C TYR C 261 19.88 9.61 8.38
N PRO C 262 20.84 10.45 8.76
CA PRO C 262 21.16 10.58 10.18
C PRO C 262 20.05 11.27 10.94
N GLY C 263 20.15 11.25 12.27
CA GLY C 263 19.18 11.97 13.08
C GLY C 263 19.35 13.47 13.04
N ASP C 264 20.50 13.95 12.60
CA ASP C 264 20.82 15.38 12.55
C ASP C 264 20.28 16.05 11.29
N ILE C 265 19.53 15.34 10.44
CA ILE C 265 19.23 15.84 9.11
C ILE C 265 18.30 17.04 9.14
N PHE C 266 17.41 17.12 10.13
CA PHE C 266 16.60 18.33 10.28
C PHE C 266 17.47 19.50 10.74
N TYR C 267 18.32 19.27 11.73
CA TYR C 267 19.15 20.33 12.30
C TYR C 267 20.11 20.92 11.27
N LEU C 268 20.55 20.13 10.30
CA LEU C 268 21.36 20.65 9.21
C LEU C 268 20.70 21.86 8.54
N HIS C 269 19.51 21.66 7.98
CA HIS C 269 18.82 22.74 7.29
C HIS C 269 18.29 23.78 8.27
N SER C 270 18.01 23.40 9.51
CA SER C 270 17.59 24.41 10.50
C SER C 270 18.69 25.43 10.73
N ARG C 271 19.90 24.96 11.03
CA ARG C 271 21.03 25.87 11.11
C ARG C 271 21.12 26.72 9.86
N LEU C 272 21.07 26.09 8.70
CA LEU C 272 21.27 26.83 7.46
C LEU C 272 20.27 27.98 7.33
N LEU C 273 18.98 27.69 7.53
CA LEU C 273 17.95 28.64 7.15
C LEU C 273 17.61 29.62 8.27
N GLU C 274 17.98 29.33 9.50
CA GLU C 274 17.69 30.28 10.57
C GLU C 274 18.59 31.51 10.53
N ARG C 275 19.63 31.51 9.70
CA ARG C 275 20.49 32.69 9.60
C ARG C 275 19.88 33.80 8.76
N ALA C 276 18.88 33.50 7.94
CA ALA C 276 18.18 34.54 7.21
C ALA C 276 17.27 35.31 8.15
N ALA C 277 17.31 36.64 8.05
CA ALA C 277 16.62 37.45 9.05
C ALA C 277 16.50 38.89 8.57
N LYS C 278 15.66 39.64 9.27
CA LYS C 278 15.60 41.09 9.17
C LYS C 278 16.14 41.64 10.47
N LEU C 279 17.27 42.33 10.42
CA LEU C 279 17.89 42.84 11.62
C LEU C 279 17.13 44.04 12.15
N SER C 280 17.25 44.26 13.46
CA SER C 280 16.58 45.38 14.09
C SER C 280 17.31 46.68 13.77
N ASP C 281 16.64 47.80 14.04
CA ASP C 281 17.25 49.09 13.76
C ASP C 281 18.51 49.30 14.57
N ALA C 282 18.56 48.76 15.79
CA ALA C 282 19.74 48.90 16.63
C ALA C 282 20.92 48.11 16.07
N LYS C 283 20.66 47.17 15.18
CA LYS C 283 21.70 46.34 14.56
C LYS C 283 22.12 46.82 13.18
N GLY C 284 21.56 47.92 12.69
CA GLY C 284 21.88 48.40 11.36
C GLY C 284 20.79 48.23 10.33
N GLY C 285 19.79 47.41 10.59
CA GLY C 285 18.65 47.26 9.71
C GLY C 285 18.87 46.45 8.47
N GLY C 286 19.98 45.73 8.36
CA GLY C 286 20.22 44.90 7.20
C GLY C 286 19.25 43.74 7.15
N SER C 287 19.36 42.97 6.07
CA SER C 287 18.40 41.91 5.83
C SER C 287 19.04 40.84 4.97
N LEU C 288 18.45 39.65 4.99
CA LEU C 288 18.89 38.53 4.17
C LEU C 288 17.73 37.57 3.97
N THR C 289 17.25 37.45 2.75
CA THR C 289 16.10 36.61 2.44
C THR C 289 16.55 35.43 1.60
N ALA C 290 16.01 34.26 1.92
CA ALA C 290 16.43 32.99 1.33
C ALA C 290 15.31 32.41 0.49
N LEU C 291 15.67 31.82 -0.66
CA LEU C 291 14.72 31.16 -1.55
C LEU C 291 15.21 29.77 -1.90
N PRO C 292 15.09 28.78 -1.00
CA PRO C 292 15.48 27.44 -1.36
C PRO C 292 14.64 26.93 -2.55
N PHE C 293 15.22 26.04 -3.35
CA PHE C 293 14.51 25.45 -4.50
C PHE C 293 14.62 23.92 -4.43
N VAL C 294 13.51 23.21 -4.54
CA VAL C 294 13.33 21.76 -4.54
C VAL C 294 12.57 21.37 -5.80
N GLU C 295 13.03 20.29 -6.44
CA GLU C 295 12.35 19.71 -7.59
C GLU C 295 11.77 18.36 -7.19
N THR C 296 10.51 18.12 -7.54
CA THR C 296 9.78 16.96 -7.07
C THR C 296 9.60 15.96 -8.20
N GLN C 297 9.66 14.68 -7.87
CA GLN C 297 9.40 13.63 -8.83
C GLN C 297 7.93 13.25 -8.80
N ALA C 298 7.22 13.52 -9.90
CA ALA C 298 5.81 13.22 -10.01
C ALA C 298 4.99 13.97 -8.96
N GLY C 299 5.50 15.12 -8.52
CA GLY C 299 4.76 15.99 -7.64
C GLY C 299 4.58 15.50 -6.22
N ASP C 300 5.43 14.59 -5.74
CA ASP C 300 5.27 14.06 -4.39
C ASP C 300 5.74 15.08 -3.37
N ILE C 301 4.80 15.58 -2.57
CA ILE C 301 5.15 16.51 -1.50
C ILE C 301 5.63 15.76 -0.27
N SER C 302 5.19 14.52 -0.09
CA SER C 302 5.45 13.76 1.13
C SER C 302 6.88 13.25 1.24
N ALA C 303 7.79 13.74 0.41
CA ALA C 303 9.19 13.38 0.55
C ALA C 303 9.72 13.87 1.90
N TYR C 304 10.65 13.10 2.47
CA TYR C 304 11.12 13.37 3.81
C TYR C 304 11.78 14.75 3.90
N ILE C 305 12.82 14.98 3.10
CA ILE C 305 13.59 16.21 3.17
C ILE C 305 12.72 17.41 2.77
N PRO C 306 11.94 17.32 1.70
CA PRO C 306 11.04 18.43 1.39
C PRO C 306 10.07 18.77 2.50
N THR C 307 9.56 17.76 3.22
CA THR C 307 8.69 18.09 4.34
C THR C 307 9.45 18.77 5.46
N ASN C 308 10.67 18.34 5.75
CA ASN C 308 11.48 19.06 6.74
C ASN C 308 11.68 20.51 6.34
N VAL C 309 12.00 20.76 5.07
CA VAL C 309 12.24 22.13 4.64
C VAL C 309 10.96 22.95 4.71
N ILE C 310 9.83 22.36 4.32
CA ILE C 310 8.55 23.03 4.49
C ILE C 310 8.34 23.43 5.93
N SER C 311 8.69 22.54 6.86
CA SER C 311 8.51 22.83 8.28
C SER C 311 9.48 23.91 8.76
N ILE C 312 10.59 24.11 8.07
CA ILE C 312 11.54 25.14 8.46
C ILE C 312 11.22 26.53 7.89
N THR C 313 10.66 26.63 6.69
CA THR C 313 10.57 27.93 6.06
C THR C 313 9.29 28.68 6.42
N ASP C 314 9.22 29.96 6.01
CA ASP C 314 8.07 30.86 6.18
C ASP C 314 7.02 30.74 5.11
N GLY C 315 6.90 29.62 4.42
CA GLY C 315 5.90 29.49 3.39
C GLY C 315 6.47 28.78 2.19
N GLN C 316 5.57 28.28 1.36
CA GLN C 316 5.98 27.52 0.19
C GLN C 316 5.11 27.90 -0.99
N ILE C 317 5.72 27.90 -2.18
CA ILE C 317 5.02 28.09 -3.43
C ILE C 317 5.02 26.76 -4.17
N PHE C 318 3.85 26.29 -4.57
CA PHE C 318 3.68 24.97 -5.13
C PHE C 318 3.23 25.08 -6.59
N LEU C 319 3.97 24.45 -7.49
CA LEU C 319 3.63 24.44 -8.90
C LEU C 319 3.42 23.01 -9.35
N GLN C 320 2.24 22.74 -9.91
CA GLN C 320 1.82 21.38 -10.23
C GLN C 320 1.75 21.20 -11.74
N SER C 321 2.12 19.99 -12.19
CA SER C 321 2.18 19.71 -13.62
C SER C 321 0.79 19.56 -14.23
N ASP C 322 -0.19 19.05 -13.49
CA ASP C 322 -1.54 19.01 -14.03
C ASP C 322 -2.09 20.41 -14.28
N LEU C 323 -1.83 21.32 -13.34
CA LEU C 323 -2.16 22.72 -13.55
C LEU C 323 -1.39 23.28 -14.75
N PHE C 324 -0.12 22.89 -14.90
CA PHE C 324 0.74 23.36 -15.99
C PHE C 324 0.22 22.91 -17.35
N PHE C 325 -0.13 21.64 -17.51
CA PHE C 325 -0.67 21.10 -18.74
C PHE C 325 -2.12 21.55 -19.02
N SER C 326 -2.93 21.86 -18.01
CA SER C 326 -4.28 22.37 -18.24
C SER C 326 -4.30 23.82 -18.71
N GLY C 327 -3.16 24.51 -18.70
CA GLY C 327 -3.09 25.87 -19.19
C GLY C 327 -2.87 26.94 -18.15
N VAL C 328 -2.61 26.59 -16.90
CA VAL C 328 -2.36 27.58 -15.86
C VAL C 328 -0.85 27.78 -15.76
N ARG C 329 -0.34 28.92 -16.19
CA ARG C 329 1.09 29.23 -16.15
C ARG C 329 1.27 30.62 -15.55
N PRO C 330 2.05 30.75 -14.46
CA PRO C 330 2.71 29.69 -13.70
C PRO C 330 1.74 28.77 -12.98
N ALA C 331 2.10 27.50 -12.87
CA ALA C 331 1.19 26.49 -12.34
C ALA C 331 1.09 26.51 -10.82
N ILE C 332 0.77 27.66 -10.25
CA ILE C 332 0.79 27.80 -8.79
C ILE C 332 -0.54 27.32 -8.23
N ASN C 333 -0.46 26.40 -7.27
CA ASN C 333 -1.63 25.87 -6.59
C ASN C 333 -1.93 26.76 -5.40
N ALA C 334 -3.07 27.44 -5.41
CA ALA C 334 -3.36 28.43 -4.38
C ALA C 334 -3.74 27.80 -3.04
N GLY C 335 -4.45 26.68 -3.04
CA GLY C 335 -4.81 26.05 -1.78
C GLY C 335 -3.62 25.50 -1.03
N LEU C 336 -2.59 25.07 -1.77
CA LEU C 336 -1.45 24.41 -1.14
C LEU C 336 -0.34 25.40 -0.77
N SER C 337 -0.29 26.55 -1.41
CA SER C 337 0.78 27.51 -1.17
C SER C 337 0.33 28.62 -0.23
N VAL C 338 1.21 28.98 0.70
CA VAL C 338 0.93 30.01 1.70
C VAL C 338 2.17 30.85 1.89
N SER C 339 1.98 32.03 2.47
CA SER C 339 3.08 32.81 3.05
C SER C 339 2.72 33.07 4.50
N ARG C 340 3.70 32.98 5.38
CA ARG C 340 3.44 33.16 6.80
C ARG C 340 3.71 34.59 7.26
N VAL C 341 3.99 35.49 6.33
CA VAL C 341 4.13 36.91 6.69
C VAL C 341 3.08 37.71 5.96
N GLY C 342 2.41 37.08 5.00
CA GLY C 342 1.61 37.77 4.00
C GLY C 342 0.85 38.99 4.49
N GLY C 343 0.79 40.02 3.68
CA GLY C 343 0.17 41.27 4.07
C GLY C 343 1.18 42.28 4.56
N ALA C 344 1.99 41.89 5.54
CA ALA C 344 3.04 42.78 6.03
C ALA C 344 4.13 42.98 4.99
N ALA C 345 4.15 42.15 3.96
CA ALA C 345 5.12 42.23 2.88
C ALA C 345 4.54 42.79 1.60
N GLN C 346 3.44 43.53 1.69
CA GLN C 346 2.81 44.15 0.53
C GLN C 346 2.75 45.66 0.76
N ILE C 347 2.95 46.44 -0.32
CA ILE C 347 2.75 47.87 -0.22
C ILE C 347 1.27 48.13 0.06
N LYS C 348 0.97 49.34 0.52
CA LYS C 348 -0.38 49.63 1.00
C LYS C 348 -1.43 49.44 -0.09
N ALA C 349 -1.10 49.83 -1.32
CA ALA C 349 -2.04 49.65 -2.42
C ALA C 349 -2.34 48.17 -2.66
N MET C 350 -1.31 47.33 -2.67
CA MET C 350 -1.50 45.90 -2.83
C MET C 350 -2.30 45.31 -1.69
N LYS C 351 -2.05 45.77 -0.46
CA LYS C 351 -2.85 45.29 0.66
C LYS C 351 -4.32 45.63 0.47
N LYS C 352 -4.59 46.86 0.02
CA LYS C 352 -5.97 47.27 -0.19
C LYS C 352 -6.65 46.48 -1.29
N VAL C 353 -5.94 46.11 -2.35
CA VAL C 353 -6.56 45.48 -3.52
C VAL C 353 -6.63 43.97 -3.39
N ALA C 354 -5.55 43.34 -2.94
CA ALA C 354 -5.44 41.88 -2.91
C ALA C 354 -5.28 41.32 -1.50
N GLY C 355 -6.06 41.77 -0.53
CA GLY C 355 -5.95 41.24 0.82
C GLY C 355 -6.70 39.94 1.05
N THR C 356 -7.72 39.65 0.24
CA THR C 356 -8.52 38.44 0.40
C THR C 356 -8.38 37.49 -0.79
N LEU C 357 -7.48 37.79 -1.71
CA LEU C 357 -7.50 37.11 -2.99
C LEU C 357 -7.24 35.61 -2.83
N ARG C 358 -6.28 35.23 -1.98
CA ARG C 358 -5.90 33.82 -1.88
C ARG C 358 -7.03 32.98 -1.31
N LEU C 359 -7.66 33.45 -0.22
CA LEU C 359 -8.79 32.73 0.34
C LEU C 359 -9.95 32.68 -0.65
N ASP C 360 -10.21 33.78 -1.35
CA ASP C 360 -11.26 33.77 -2.37
C ASP C 360 -10.99 32.70 -3.42
N LEU C 361 -9.74 32.63 -3.89
CA LEU C 361 -9.43 31.70 -4.98
C LEU C 361 -9.51 30.25 -4.51
N ALA C 362 -9.10 29.97 -3.27
CA ALA C 362 -9.23 28.61 -2.75
C ALA C 362 -10.70 28.22 -2.61
N ALA C 363 -11.52 29.11 -2.06
CA ALA C 363 -12.95 28.83 -1.98
C ALA C 363 -13.54 28.61 -3.37
N TYR C 364 -13.07 29.37 -4.36
CA TYR C 364 -13.56 29.20 -5.72
C TYR C 364 -13.19 27.83 -6.28
N ARG C 365 -11.98 27.36 -6.02
CA ARG C 365 -11.62 26.02 -6.48
C ARG C 365 -12.52 24.97 -5.86
N GLU C 366 -12.81 25.10 -4.57
CA GLU C 366 -13.73 24.19 -3.88
C GLU C 366 -15.13 24.25 -4.51
N LEU C 367 -15.65 25.44 -4.81
CA LEU C 367 -16.97 25.58 -5.40
C LEU C 367 -17.00 25.02 -6.82
N GLU C 368 -15.93 25.24 -7.58
CA GLU C 368 -15.84 24.69 -8.92
C GLU C 368 -15.86 23.17 -8.89
N ALA C 369 -15.19 22.56 -7.92
CA ALA C 369 -15.27 21.11 -7.77
C ALA C 369 -16.68 20.66 -7.45
N PHE C 370 -17.37 21.33 -6.53
CA PHE C 370 -18.69 20.91 -6.09
C PHE C 370 -19.75 21.13 -7.18
N ALA C 371 -19.58 22.13 -8.06
CA ALA C 371 -20.62 22.47 -9.02
C ALA C 371 -20.69 21.50 -10.18
N GLN C 372 -19.64 20.73 -10.45
CA GLN C 372 -19.69 19.78 -11.57
C GLN C 372 -20.74 18.71 -11.33
N PHE C 373 -20.79 18.20 -10.11
CA PHE C 373 -21.79 17.24 -9.66
C PHE C 373 -23.14 17.95 -9.51
N GLY C 374 -23.16 19.09 -8.82
CA GLY C 374 -24.38 19.82 -8.47
C GLY C 374 -25.23 20.20 -9.67
N SER C 375 -26.39 19.58 -9.80
CA SER C 375 -27.30 19.75 -10.94
C SER C 375 -28.04 21.09 -10.96
N ASP C 376 -27.86 21.96 -9.96
CA ASP C 376 -28.47 23.29 -9.89
C ASP C 376 -27.63 24.34 -9.13
N LEU C 377 -27.84 25.61 -9.48
CA LEU C 377 -27.09 26.80 -9.11
C LEU C 377 -28.01 28.01 -9.15
N ASP C 378 -27.68 29.03 -8.37
CA ASP C 378 -28.43 30.27 -8.37
C ASP C 378 -27.51 31.46 -8.65
N LYS C 379 -28.05 32.65 -8.41
CA LYS C 379 -27.42 33.87 -8.88
C LYS C 379 -26.13 34.17 -8.14
N ALA C 380 -26.15 34.12 -6.80
CA ALA C 380 -24.95 34.46 -6.05
C ALA C 380 -23.82 33.48 -6.35
N THR C 381 -24.11 32.18 -6.38
CA THR C 381 -23.07 31.20 -6.67
C THR C 381 -22.55 31.34 -8.09
N GLN C 382 -23.44 31.62 -9.06
CA GLN C 382 -22.96 31.85 -10.41
C GLN C 382 -22.07 33.08 -10.49
N ALA C 383 -22.41 34.14 -9.74
CA ALA C 383 -21.57 35.32 -9.72
C ALA C 383 -20.18 35.01 -9.16
N LYS C 384 -20.13 34.21 -8.10
CA LYS C 384 -18.84 33.79 -7.55
C LYS C 384 -18.04 32.98 -8.56
N LEU C 385 -18.70 32.07 -9.28
CA LEU C 385 -18.01 31.27 -10.27
C LEU C 385 -17.43 32.15 -11.37
N ALA C 386 -18.19 33.13 -11.85
CA ALA C 386 -17.70 34.01 -12.89
C ALA C 386 -16.49 34.81 -12.41
N ARG C 387 -16.56 35.35 -11.20
CA ARG C 387 -15.43 36.11 -10.67
C ARG C 387 -14.20 35.23 -10.50
N GLY C 388 -14.38 33.98 -10.08
CA GLY C 388 -13.25 33.08 -9.97
C GLY C 388 -12.59 32.78 -11.30
N ALA C 389 -13.40 32.55 -12.34
CA ALA C 389 -12.83 32.32 -13.67
C ALA C 389 -12.04 33.52 -14.14
N ARG C 390 -12.58 34.72 -13.92
CA ARG C 390 -11.84 35.92 -14.31
C ARG C 390 -10.55 36.08 -13.52
N THR C 391 -10.57 35.72 -12.23
CA THR C 391 -9.36 35.80 -11.43
C THR C 391 -8.28 34.85 -11.95
N VAL C 392 -8.68 33.61 -12.26
CA VAL C 392 -7.75 32.63 -12.79
C VAL C 392 -7.13 33.19 -14.07
N GLU C 393 -7.96 33.78 -14.93
CA GLU C 393 -7.43 34.36 -16.16
C GLU C 393 -6.46 35.52 -15.88
N VAL C 394 -6.80 36.38 -14.92
CA VAL C 394 -5.96 37.55 -14.65
C VAL C 394 -4.61 37.14 -14.10
N LEU C 395 -4.53 36.00 -13.43
CA LEU C 395 -3.26 35.62 -12.81
C LEU C 395 -2.30 34.91 -13.77
N LYS C 396 -2.68 34.73 -15.03
CA LYS C 396 -1.81 34.07 -16.00
C LYS C 396 -0.75 35.02 -16.52
N GLN C 397 0.45 34.51 -16.76
CA GLN C 397 1.58 35.33 -17.16
C GLN C 397 2.54 34.47 -17.97
N ASP C 398 3.38 35.14 -18.76
CA ASP C 398 4.37 34.47 -19.58
C ASP C 398 5.72 34.43 -18.88
N LEU C 399 6.53 33.44 -19.21
CA LEU C 399 7.87 33.34 -18.65
C LEU C 399 8.73 34.50 -19.14
N HIS C 400 9.60 34.98 -18.26
CA HIS C 400 10.53 36.09 -18.50
C HIS C 400 9.86 37.45 -18.81
N GLN C 401 8.60 37.69 -18.41
CA GLN C 401 7.93 38.95 -18.70
C GLN C 401 7.51 39.66 -17.42
N PRO C 402 8.44 40.28 -16.70
CA PRO C 402 8.09 40.90 -15.43
C PRO C 402 7.16 42.08 -15.58
N ILE C 403 6.38 42.34 -14.55
CA ILE C 403 5.38 43.40 -14.52
C ILE C 403 5.62 44.26 -13.29
N PRO C 404 5.62 45.58 -13.40
CA PRO C 404 5.80 46.42 -12.21
C PRO C 404 4.62 46.30 -11.25
N VAL C 405 4.91 46.56 -9.97
CA VAL C 405 3.89 46.41 -8.93
C VAL C 405 2.76 47.41 -9.15
N GLU C 406 3.08 48.60 -9.65
CA GLU C 406 2.03 49.59 -9.87
C GLU C 406 1.04 49.13 -10.92
N LYS C 407 1.51 48.48 -11.99
CA LYS C 407 0.58 47.93 -12.96
C LYS C 407 -0.19 46.74 -12.40
N GLN C 408 0.49 45.88 -11.63
CA GLN C 408 -0.21 44.75 -11.03
C GLN C 408 -1.38 45.22 -10.19
N VAL C 409 -1.18 46.28 -9.40
CA VAL C 409 -2.25 46.72 -8.50
C VAL C 409 -3.42 47.26 -9.29
N LEU C 410 -3.17 47.99 -10.38
CA LEU C 410 -4.27 48.54 -11.17
C LEU C 410 -5.08 47.45 -11.86
N ILE C 411 -4.40 46.43 -12.42
CA ILE C 411 -5.17 45.35 -13.02
C ILE C 411 -5.98 44.60 -11.97
N ILE C 412 -5.39 44.34 -10.80
CA ILE C 412 -6.14 43.61 -9.78
C ILE C 412 -7.27 44.45 -9.22
N TYR C 413 -7.10 45.77 -9.16
CA TYR C 413 -8.19 46.67 -8.79
C TYR C 413 -9.34 46.54 -9.78
N ALA C 414 -9.03 46.55 -11.07
CA ALA C 414 -10.07 46.34 -12.06
C ALA C 414 -10.80 45.02 -11.83
N LEU C 415 -10.04 43.95 -11.58
CA LEU C 415 -10.70 42.66 -11.36
C LEU C 415 -11.63 42.69 -10.16
N THR C 416 -11.12 43.14 -9.01
CA THR C 416 -11.86 42.99 -7.76
C THR C 416 -12.95 44.05 -7.59
N ARG C 417 -12.92 45.14 -8.35
CA ARG C 417 -13.98 46.13 -8.29
C ARG C 417 -15.05 45.93 -9.34
N GLY C 418 -15.11 44.76 -9.96
CA GLY C 418 -16.20 44.41 -10.85
C GLY C 418 -16.11 45.00 -12.24
N PHE C 419 -14.97 45.54 -12.64
CA PHE C 419 -14.87 46.19 -13.95
C PHE C 419 -14.69 45.19 -15.08
N LEU C 420 -14.37 43.94 -14.79
CA LEU C 420 -14.25 42.92 -15.83
C LEU C 420 -15.47 42.01 -15.92
N ASP C 421 -16.51 42.26 -15.13
CA ASP C 421 -17.65 41.35 -15.09
C ASP C 421 -18.35 41.20 -16.44
N ASP C 422 -18.38 42.24 -17.26
CA ASP C 422 -19.02 42.15 -18.56
C ASP C 422 -18.09 41.69 -19.68
N ILE C 423 -16.78 41.65 -19.44
CA ILE C 423 -15.86 41.18 -20.47
C ILE C 423 -15.93 39.66 -20.55
N PRO C 424 -15.92 39.06 -21.74
CA PRO C 424 -15.88 37.59 -21.82
C PRO C 424 -14.61 37.05 -21.21
N VAL C 425 -14.68 35.85 -20.65
CA VAL C 425 -13.51 35.26 -19.99
C VAL C 425 -12.36 35.14 -20.97
N GLU C 426 -12.63 34.66 -22.19
CA GLU C 426 -11.57 34.46 -23.16
C GLU C 426 -10.96 35.75 -23.66
N ASP C 427 -11.40 36.91 -23.15
CA ASP C 427 -10.88 38.19 -23.59
C ASP C 427 -10.02 38.90 -22.55
N VAL C 428 -9.87 38.33 -21.36
CA VAL C 428 -9.25 39.04 -20.24
C VAL C 428 -7.75 39.26 -20.46
N ARG C 429 -7.06 38.27 -21.03
CA ARG C 429 -5.63 38.46 -21.27
C ARG C 429 -5.37 39.63 -22.20
N ARG C 430 -6.11 39.71 -23.31
CA ARG C 430 -5.93 40.80 -24.26
C ARG C 430 -6.39 42.12 -23.65
N PHE C 431 -7.45 42.07 -22.83
CA PHE C 431 -7.87 43.28 -22.12
C PHE C 431 -6.71 43.82 -21.29
N GLU C 432 -6.01 42.94 -20.59
CA GLU C 432 -4.91 43.39 -19.74
C GLU C 432 -3.76 43.96 -20.56
N LYS C 433 -3.42 43.30 -21.67
CA LYS C 433 -2.36 43.83 -22.53
C LYS C 433 -2.70 45.25 -22.99
N GLU C 434 -3.90 45.43 -23.52
CA GLU C 434 -4.27 46.75 -24.02
C GLU C 434 -4.46 47.75 -22.88
N PHE C 435 -4.86 47.29 -21.70
CA PHE C 435 -4.98 48.17 -20.56
C PHE C 435 -3.61 48.70 -20.12
N TYR C 436 -2.58 47.86 -20.18
CA TYR C 436 -1.24 48.34 -19.89
C TYR C 436 -0.78 49.34 -20.93
N LEU C 437 -1.06 49.09 -22.20
CA LEU C 437 -0.70 50.09 -23.21
C LEU C 437 -1.43 51.42 -22.97
N PHE C 438 -2.72 51.35 -22.65
CA PHE C 438 -3.49 52.55 -22.39
C PHE C 438 -2.95 53.28 -21.17
N LEU C 439 -2.58 52.55 -20.12
CA LEU C 439 -1.98 53.20 -18.96
C LEU C 439 -0.70 53.91 -19.34
N ASP C 440 0.20 53.23 -20.07
CA ASP C 440 1.39 53.91 -20.55
C ASP C 440 1.04 55.23 -21.22
N GLN C 441 0.03 55.20 -22.09
CA GLN C 441 -0.27 56.37 -22.91
C GLN C 441 -0.97 57.48 -22.13
N ASN C 442 -1.80 57.13 -21.14
CA ASN C 442 -2.77 58.06 -20.58
C ASN C 442 -2.82 58.17 -19.07
N GLY C 443 -2.22 57.26 -18.31
CA GLY C 443 -2.38 57.26 -16.87
C GLY C 443 -1.06 57.38 -16.14
N GLN C 444 -0.20 58.25 -16.67
CA GLN C 444 1.11 58.42 -16.07
C GLN C 444 1.02 59.09 -14.70
N HIS C 445 0.03 59.96 -14.49
CA HIS C 445 -0.17 60.51 -13.16
C HIS C 445 -0.56 59.42 -12.16
N LEU C 446 -1.44 58.50 -12.58
CA LEU C 446 -1.81 57.39 -11.70
C LEU C 446 -0.61 56.51 -11.38
N LEU C 447 0.16 56.14 -12.40
CA LEU C 447 1.32 55.28 -12.17
C LEU C 447 2.33 55.98 -11.27
N GLU C 448 2.57 57.27 -11.50
CA GLU C 448 3.52 58.00 -10.68
C GLU C 448 3.04 58.12 -9.24
N HIS C 449 1.74 58.34 -9.05
CA HIS C 449 1.22 58.42 -7.68
C HIS C 449 1.43 57.10 -6.94
N ILE C 450 1.04 55.99 -7.56
CA ILE C 450 1.27 54.71 -6.91
C ILE C 450 2.74 54.53 -6.60
N ARG C 451 3.60 54.86 -7.57
CA ARG C 451 5.01 54.58 -7.41
C ARG C 451 5.66 55.43 -6.32
N THR C 452 5.25 56.68 -6.18
CA THR C 452 5.91 57.57 -5.22
C THR C 452 5.32 57.47 -3.82
N THR C 453 4.04 57.12 -3.67
CA THR C 453 3.47 57.07 -2.34
C THR C 453 3.13 55.66 -1.85
N LYS C 454 3.22 54.65 -2.70
CA LYS C 454 2.93 53.27 -2.31
C LYS C 454 1.46 53.07 -2.00
N ASP C 455 0.65 54.07 -2.31
CA ASP C 455 -0.77 54.00 -2.02
C ASP C 455 -1.60 54.11 -3.29
N LEU C 456 -2.89 53.79 -3.16
CA LEU C 456 -3.79 53.90 -4.29
C LEU C 456 -3.97 55.35 -4.71
N PRO C 457 -4.16 55.59 -6.00
CA PRO C 457 -4.54 56.94 -6.45
C PRO C 457 -5.97 57.27 -6.03
N ASN C 458 -6.44 58.42 -6.48
CA ASN C 458 -7.81 58.81 -6.20
C ASN C 458 -8.79 57.84 -6.85
N GLU C 459 -9.79 57.43 -6.07
CA GLU C 459 -10.71 56.38 -6.52
C GLU C 459 -11.53 56.84 -7.71
N ASP C 460 -12.04 58.07 -7.67
CA ASP C 460 -12.89 58.55 -8.75
C ASP C 460 -12.11 58.70 -10.04
N ASP C 461 -10.89 59.25 -9.97
CA ASP C 461 -10.06 59.34 -11.15
C ASP C 461 -9.74 57.96 -11.71
N LEU C 462 -9.46 57.01 -10.82
CA LEU C 462 -9.19 55.64 -11.25
C LEU C 462 -10.39 55.06 -12.00
N ASN C 463 -11.58 55.20 -11.43
CA ASN C 463 -12.78 54.67 -12.08
C ASN C 463 -13.01 55.34 -13.43
N LYS C 464 -12.76 56.65 -13.51
CA LYS C 464 -12.92 57.36 -14.78
C LYS C 464 -11.96 56.82 -15.83
N ALA C 465 -10.69 56.64 -15.48
CA ALA C 465 -9.73 56.11 -16.44
C ALA C 465 -10.13 54.72 -16.90
N ILE C 466 -10.57 53.88 -15.97
CA ILE C 466 -10.95 52.52 -16.33
C ILE C 466 -12.14 52.56 -17.29
N GLU C 467 -13.14 53.39 -17.01
CA GLU C 467 -14.32 53.44 -17.87
C GLU C 467 -14.01 54.01 -19.25
N ALA C 468 -13.10 54.98 -19.33
CA ALA C 468 -12.66 55.46 -20.64
C ALA C 468 -12.00 54.34 -21.43
N PHE C 469 -11.12 53.56 -20.80
CA PHE C 469 -10.53 52.43 -21.51
C PHE C 469 -11.60 51.45 -21.94
N LYS C 470 -12.53 51.13 -21.05
CA LYS C 470 -13.60 50.20 -21.41
C LYS C 470 -14.34 50.69 -22.65
N LYS C 471 -14.57 51.99 -22.74
CA LYS C 471 -15.17 52.55 -23.94
C LYS C 471 -14.31 52.27 -25.16
N THR C 472 -13.00 52.42 -25.01
CA THR C 472 -12.11 52.18 -26.15
C THR C 472 -11.92 50.70 -26.50
N PHE C 473 -12.37 49.79 -25.64
CA PHE C 473 -12.06 48.37 -25.82
C PHE C 473 -13.10 47.68 -26.72
N VAL C 474 -12.63 46.69 -27.49
CA VAL C 474 -13.45 45.95 -28.44
C VAL C 474 -13.45 44.47 -28.06
N VAL C 475 -14.64 43.90 -27.88
CA VAL C 475 -14.76 42.50 -27.48
C VAL C 475 -14.80 41.59 -28.70
N SER C 476 -14.23 40.40 -28.55
CA SER C 476 -14.27 39.38 -29.61
C SER C 476 -15.66 38.75 -29.70
N THR D 2 35.44 17.63 41.75
CA THR D 2 36.80 17.94 41.36
C THR D 2 36.88 18.33 39.88
N ARG D 3 38.01 18.03 39.24
CA ARG D 3 38.26 18.41 37.87
C ARG D 3 38.28 17.18 36.96
N GLY D 4 37.71 17.33 35.78
CA GLY D 4 37.75 16.31 34.76
C GLY D 4 38.36 16.84 33.48
N ARG D 5 38.48 15.95 32.50
CA ARG D 5 39.06 16.27 31.21
C ARG D 5 38.17 15.79 30.09
N VAL D 6 38.22 16.48 28.96
CA VAL D 6 37.50 16.06 27.77
C VAL D 6 38.28 14.94 27.09
N ILE D 7 37.56 13.93 26.60
CA ILE D 7 38.17 12.76 25.97
C ILE D 7 37.71 12.56 24.54
N GLN D 8 36.43 12.72 24.26
CA GLN D 8 35.88 12.61 22.91
C GLN D 8 34.91 13.75 22.64
N VAL D 9 34.78 14.12 21.38
CA VAL D 9 33.81 15.12 20.94
C VAL D 9 33.19 14.60 19.65
N MET D 10 31.90 14.32 19.67
CA MET D 10 31.15 13.91 18.48
C MET D 10 29.87 14.77 18.40
N GLY D 11 30.00 15.93 17.80
CA GLY D 11 28.89 16.85 17.73
C GLY D 11 28.41 17.24 19.12
N PRO D 12 27.15 16.95 19.42
CA PRO D 12 26.58 17.40 20.70
C PRO D 12 27.00 16.58 21.90
N VAL D 13 27.59 15.41 21.72
CA VAL D 13 27.87 14.50 22.83
C VAL D 13 29.36 14.55 23.14
N VAL D 14 29.69 14.65 24.43
CA VAL D 14 31.06 14.82 24.90
C VAL D 14 31.33 13.82 26.00
N ASP D 15 32.50 13.20 25.96
CA ASP D 15 32.92 12.25 26.98
C ASP D 15 33.96 12.90 27.88
N VAL D 16 33.76 12.80 29.19
CA VAL D 16 34.62 13.45 30.18
C VAL D 16 35.06 12.40 31.18
N LYS D 17 36.32 12.48 31.60
CA LYS D 17 36.90 11.55 32.56
C LYS D 17 37.22 12.25 33.86
N PHE D 18 36.89 11.59 34.97
CA PHE D 18 37.09 12.13 36.31
C PHE D 18 38.08 11.26 37.07
N GLU D 19 38.95 11.90 37.84
CA GLU D 19 40.18 11.26 38.26
C GLU D 19 40.05 10.50 39.58
N ASN D 20 39.63 11.17 40.65
CA ASN D 20 39.80 10.64 42.01
C ASN D 20 38.60 9.83 42.49
N GLY D 21 37.79 9.30 41.59
CA GLY D 21 36.59 8.58 42.01
C GLY D 21 35.46 9.46 42.48
N HIS D 22 35.45 10.74 42.13
CA HIS D 22 34.33 11.63 42.40
C HIS D 22 33.53 11.91 41.12
N LEU D 23 32.86 10.89 40.60
CA LEU D 23 32.08 11.10 39.39
C LEU D 23 30.90 12.03 39.70
N PRO D 24 30.52 12.94 38.79
CA PRO D 24 29.28 13.67 38.93
C PRO D 24 28.09 12.72 38.83
N ALA D 25 27.01 12.96 39.57
CA ALA D 25 25.77 12.20 39.40
C ALA D 25 25.11 12.48 38.04
N ILE D 26 24.16 11.65 37.64
CA ILE D 26 23.36 11.88 36.42
C ILE D 26 22.57 13.19 36.52
N TYR D 27 22.40 13.93 35.41
CA TYR D 27 21.69 15.20 35.31
C TYR D 27 22.44 16.37 35.92
N ASN D 28 23.66 16.15 36.43
CA ASN D 28 24.46 17.27 36.92
C ASN D 28 24.93 18.13 35.78
N ALA D 29 25.11 19.42 36.05
CA ALA D 29 25.67 20.34 35.07
C ALA D 29 27.19 20.39 35.21
N LEU D 30 27.87 20.52 34.09
CA LEU D 30 29.31 20.65 34.03
C LEU D 30 29.65 21.93 33.28
N LYS D 31 30.76 22.56 33.65
CA LYS D 31 31.20 23.79 33.01
C LYS D 31 32.58 23.61 32.39
N ILE D 32 32.74 24.12 31.16
CA ILE D 32 34.03 24.22 30.50
C ILE D 32 34.28 25.69 30.23
N GLN D 33 35.15 26.31 31.01
CA GLN D 33 35.52 27.71 30.81
C GLN D 33 36.99 27.78 30.48
N HIS D 34 37.31 28.34 29.32
CA HIS D 34 38.64 28.22 28.77
C HIS D 34 38.96 29.47 28.00
N LYS D 35 39.98 30.20 28.43
CA LYS D 35 40.52 31.31 27.69
C LYS D 35 41.68 30.82 26.84
N ALA D 36 41.75 31.28 25.59
CA ALA D 36 42.73 30.79 24.64
C ALA D 36 44.14 30.93 25.19
N ARG D 37 44.95 29.87 25.01
CA ARG D 37 46.36 29.91 25.39
C ARG D 37 47.24 30.54 24.33
N ASN D 38 46.75 30.69 23.11
CA ASN D 38 47.55 31.21 22.01
C ASN D 38 46.63 31.55 20.85
N GLU D 39 47.23 31.98 19.73
CA GLU D 39 46.42 32.39 18.59
C GLU D 39 45.91 31.21 17.78
N ASN D 40 46.15 29.97 18.22
CA ASN D 40 45.62 28.80 17.55
C ASN D 40 44.47 28.17 18.31
N GLU D 41 43.73 28.95 19.09
CA GLU D 41 42.62 28.47 19.89
C GLU D 41 41.53 29.53 19.93
N VAL D 42 40.42 29.17 20.57
CA VAL D 42 39.32 30.10 20.80
C VAL D 42 38.90 29.99 22.25
N ASP D 43 38.19 31.01 22.73
CA ASP D 43 37.66 30.98 24.08
C ASP D 43 36.37 30.18 24.14
N ILE D 44 36.21 29.41 25.21
CA ILE D 44 35.08 28.51 25.38
C ILE D 44 34.40 28.80 26.70
N ASP D 45 33.07 28.91 26.66
CA ASP D 45 32.22 28.94 27.86
C ASP D 45 31.01 28.08 27.55
N LEU D 46 31.03 26.83 28.03
CA LEU D 46 30.06 25.84 27.60
C LEU D 46 29.54 25.07 28.79
N THR D 47 28.30 24.58 28.67
CA THR D 47 27.63 23.83 29.72
C THR D 47 27.23 22.46 29.20
N LEU D 48 27.41 21.44 30.03
CA LEU D 48 27.09 20.07 29.67
C LEU D 48 26.22 19.44 30.75
N GLU D 49 25.34 18.54 30.35
CA GLU D 49 24.48 17.82 31.27
C GLU D 49 24.84 16.34 31.26
N VAL D 50 25.06 15.77 32.44
CA VAL D 50 25.51 14.39 32.55
C VAL D 50 24.37 13.45 32.22
N ALA D 51 24.61 12.49 31.34
CA ALA D 51 23.58 11.58 30.86
C ALA D 51 23.84 10.13 31.22
N LEU D 52 25.06 9.63 31.04
CA LEU D 52 25.35 8.22 31.30
C LEU D 52 26.63 8.12 32.10
N HIS D 53 26.82 7.05 32.89
CA HIS D 53 28.15 6.65 33.41
C HIS D 53 28.68 5.46 32.63
N LEU D 54 29.91 5.59 32.14
CA LEU D 54 30.67 4.49 31.52
C LEU D 54 31.65 3.90 32.55
N GLY D 55 32.28 2.78 32.20
CA GLY D 55 33.43 2.29 32.99
C GLY D 55 34.65 3.20 32.87
N ASP D 56 35.73 2.89 33.58
CA ASP D 56 36.99 3.65 33.56
C ASP D 56 36.79 5.14 33.90
N ASP D 57 36.01 5.41 34.94
CA ASP D 57 35.80 6.76 35.50
C ASP D 57 35.30 7.84 34.50
N THR D 58 34.45 7.46 33.55
CA THR D 58 34.07 8.29 32.39
C THR D 58 32.56 8.54 32.31
N VAL D 59 32.11 9.66 31.75
CA VAL D 59 30.71 10.10 31.71
C VAL D 59 30.41 10.59 30.30
N ARG D 60 29.20 10.32 29.84
CA ARG D 60 28.66 10.94 28.63
C ARG D 60 27.81 12.14 29.02
N THR D 61 28.01 13.23 28.30
CA THR D 61 27.28 14.46 28.55
C THR D 61 26.70 14.98 27.25
N ILE D 62 25.66 15.80 27.36
CA ILE D 62 25.02 16.46 26.22
C ILE D 62 25.28 17.95 26.32
N ALA D 63 25.92 18.50 25.30
CA ALA D 63 26.23 19.93 25.27
C ALA D 63 24.96 20.75 25.15
N MET D 64 24.95 21.90 25.80
CA MET D 64 23.85 22.84 25.74
C MET D 64 24.09 23.97 24.75
N ALA D 65 25.22 23.92 24.03
CA ALA D 65 25.53 24.88 22.98
C ALA D 65 26.34 24.16 21.92
N SER D 66 26.96 24.93 21.03
CA SER D 66 27.81 24.33 20.01
C SER D 66 29.08 23.78 20.63
N THR D 67 29.63 22.74 20.01
CA THR D 67 30.87 22.12 20.48
C THR D 67 32.08 22.51 19.66
N ASP D 68 31.93 23.39 18.68
CA ASP D 68 33.07 23.86 17.90
C ASP D 68 34.09 24.53 18.81
N GLY D 69 35.36 24.18 18.62
CA GLY D 69 36.44 24.77 19.36
C GLY D 69 37.00 23.95 20.50
N LEU D 70 36.26 22.94 20.97
CA LEU D 70 36.76 22.12 22.06
C LEU D 70 37.96 21.30 21.62
N ILE D 71 38.90 21.13 22.55
CA ILE D 71 40.11 20.35 22.34
C ILE D 71 40.13 19.23 23.36
N ARG D 72 40.76 18.12 23.01
CA ARG D 72 40.87 17.02 23.96
C ARG D 72 41.88 17.35 25.03
N GLY D 73 41.47 17.26 26.30
CA GLY D 73 42.27 17.68 27.42
C GLY D 73 41.74 18.87 28.19
N MET D 74 40.70 19.54 27.69
CA MET D 74 40.19 20.72 28.37
C MET D 74 39.59 20.35 29.73
N GLU D 75 39.72 21.27 30.68
CA GLU D 75 39.28 21.04 32.04
C GLU D 75 37.78 21.27 32.19
N VAL D 76 37.13 20.42 32.97
CA VAL D 76 35.68 20.45 33.17
C VAL D 76 35.40 20.53 34.66
N ILE D 77 34.48 21.40 35.04
CA ILE D 77 34.14 21.65 36.45
C ILE D 77 32.76 21.06 36.73
N ASP D 78 32.67 20.25 37.77
CA ASP D 78 31.37 19.74 38.21
C ASP D 78 30.74 20.74 39.18
N THR D 79 29.59 21.29 38.79
CA THR D 79 28.92 22.28 39.62
C THR D 79 28.18 21.66 40.80
N GLY D 80 28.03 20.35 40.81
CA GLY D 80 27.45 19.66 41.94
C GLY D 80 25.96 19.50 41.93
N ALA D 81 25.26 20.04 40.95
CA ALA D 81 23.81 19.98 40.93
C ALA D 81 23.31 20.10 39.50
N PRO D 82 22.04 19.83 39.25
CA PRO D 82 21.48 20.03 37.91
C PRO D 82 21.44 21.50 37.54
N ILE D 83 20.97 21.76 36.32
CA ILE D 83 20.75 23.13 35.88
C ILE D 83 19.68 23.77 36.75
N SER D 84 19.97 24.95 37.26
CA SER D 84 19.05 25.67 38.14
C SER D 84 18.75 27.03 37.55
N VAL D 85 17.50 27.46 37.66
CA VAL D 85 17.04 28.69 37.02
C VAL D 85 16.30 29.55 38.04
N PRO D 86 16.31 30.88 37.89
CA PRO D 86 15.62 31.74 38.86
C PRO D 86 14.11 31.54 38.83
N VAL D 87 13.49 31.78 39.98
CA VAL D 87 12.04 31.68 40.13
C VAL D 87 11.55 32.87 40.94
N GLY D 88 10.30 33.24 40.69
CA GLY D 88 9.67 34.30 41.45
C GLY D 88 9.27 35.48 40.59
N GLU D 89 8.97 36.59 41.28
CA GLU D 89 8.58 37.82 40.60
C GLU D 89 9.67 38.27 39.64
N VAL D 90 10.93 37.98 39.97
CA VAL D 90 12.03 38.46 39.16
C VAL D 90 11.94 37.93 37.73
N THR D 91 11.23 36.82 37.52
CA THR D 91 11.09 36.26 36.19
C THR D 91 9.99 36.92 35.37
N LEU D 92 9.12 37.70 35.99
CA LEU D 92 7.99 38.26 35.26
C LEU D 92 8.42 39.42 34.38
N GLY D 93 8.02 39.37 33.11
CA GLY D 93 8.37 40.39 32.16
C GLY D 93 9.69 40.20 31.46
N ARG D 94 10.40 39.11 31.71
CA ARG D 94 11.72 38.88 31.15
C ARG D 94 11.68 37.76 30.12
N VAL D 95 12.76 37.64 29.36
CA VAL D 95 12.94 36.59 28.37
C VAL D 95 14.23 35.86 28.68
N PHE D 96 14.17 34.53 28.74
CA PHE D 96 15.27 33.69 29.19
C PHE D 96 15.63 32.65 28.13
N ASN D 97 16.82 32.08 28.28
CA ASN D 97 17.20 30.90 27.51
C ASN D 97 17.14 29.66 28.41
N VAL D 98 17.59 28.52 27.88
CA VAL D 98 17.44 27.26 28.60
C VAL D 98 18.19 27.26 29.92
N LEU D 99 19.21 28.09 30.05
CA LEU D 99 20.05 28.11 31.24
C LEU D 99 19.62 29.15 32.27
N GLY D 100 18.51 29.84 32.04
CA GLY D 100 18.13 30.92 32.93
C GLY D 100 18.87 32.22 32.73
N GLU D 101 19.48 32.40 31.58
CA GLU D 101 20.13 33.67 31.32
C GLU D 101 19.17 34.58 30.54
N PRO D 102 18.92 35.80 31.02
CA PRO D 102 18.05 36.70 30.27
C PRO D 102 18.67 37.04 28.92
N ILE D 103 17.86 36.92 27.87
CA ILE D 103 18.29 37.27 26.53
C ILE D 103 17.69 38.57 26.04
N ASP D 104 16.77 39.16 26.79
CA ASP D 104 16.40 40.55 26.55
C ASP D 104 17.56 41.46 26.95
N LEU D 105 17.44 42.72 26.61
CA LEU D 105 18.51 43.67 26.88
C LEU D 105 18.37 44.38 28.20
N GLU D 106 17.42 43.97 29.04
CA GLU D 106 17.12 44.67 30.30
C GLU D 106 17.90 44.14 31.48
N GLY D 107 19.22 44.04 31.38
CA GLY D 107 19.99 43.77 32.57
C GLY D 107 20.28 42.30 32.81
N ASP D 108 20.66 42.02 34.04
CA ASP D 108 21.01 40.67 34.47
C ASP D 108 20.48 40.42 35.87
N ILE D 109 20.11 39.18 36.13
CA ILE D 109 19.52 38.81 37.43
C ILE D 109 20.60 38.78 38.49
N PRO D 110 20.31 39.21 39.73
CA PRO D 110 21.35 39.24 40.76
C PRO D 110 21.79 37.85 41.17
N ALA D 111 23.01 37.77 41.70
CA ALA D 111 23.64 36.49 41.96
C ALA D 111 22.98 35.72 43.11
N ASP D 112 22.41 36.42 44.08
CA ASP D 112 21.90 35.79 45.28
C ASP D 112 20.45 35.36 45.18
N ALA D 113 19.80 35.59 44.05
CA ALA D 113 18.37 35.33 43.95
C ALA D 113 18.06 33.84 43.97
N ARG D 114 16.86 33.51 44.42
CA ARG D 114 16.38 32.14 44.48
C ARG D 114 16.46 31.47 43.12
N ARG D 115 16.97 30.24 43.09
CA ARG D 115 17.29 29.57 41.83
C ARG D 115 17.04 28.09 41.99
N ASP D 116 16.06 27.56 41.26
CA ASP D 116 15.50 26.22 41.44
C ASP D 116 15.99 25.24 40.37
N PRO D 117 16.07 23.96 40.70
CA PRO D 117 16.60 22.98 39.74
C PRO D 117 15.54 22.50 38.75
N ILE D 118 16.02 22.07 37.58
CA ILE D 118 15.14 21.80 36.45
C ILE D 118 14.54 20.39 36.52
N HIS D 119 15.17 19.48 37.25
CA HIS D 119 14.74 18.09 37.30
C HIS D 119 14.05 17.83 38.64
N ARG D 120 12.91 17.15 38.61
CA ARG D 120 12.08 17.07 39.79
C ARG D 120 11.07 15.94 39.63
N PRO D 121 10.76 15.22 40.71
CA PRO D 121 9.68 14.23 40.63
C PRO D 121 8.32 14.89 40.52
N ALA D 122 7.38 14.15 39.95
CA ALA D 122 6.05 14.68 39.70
C ALA D 122 5.16 14.53 40.92
N PRO D 123 4.07 15.31 40.98
CA PRO D 123 3.17 15.25 42.14
C PRO D 123 2.53 13.89 42.30
N LYS D 124 2.22 13.55 43.56
CA LYS D 124 1.71 12.23 43.91
C LYS D 124 0.19 12.14 43.76
N PHE D 125 -0.33 10.92 43.82
CA PHE D 125 -1.74 10.64 43.61
C PHE D 125 -2.64 11.38 44.61
N GLU D 126 -2.20 11.59 45.86
CA GLU D 126 -3.07 12.24 46.84
C GLU D 126 -3.27 13.72 46.56
N GLU D 127 -2.33 14.36 45.88
CA GLU D 127 -2.33 15.81 45.74
C GLU D 127 -2.85 16.31 44.40
N LEU D 128 -3.65 15.53 43.68
CA LEU D 128 -4.09 15.97 42.37
C LEU D 128 -5.50 16.56 42.40
N ALA D 129 -5.70 17.62 41.61
CA ALA D 129 -7.00 18.25 41.47
C ALA D 129 -7.82 17.56 40.39
N THR D 130 -9.12 17.41 40.63
CA THR D 130 -9.93 16.46 39.87
C THR D 130 -11.33 17.02 39.59
N GLU D 131 -11.44 18.32 39.26
CA GLU D 131 -12.75 18.89 38.97
C GLU D 131 -12.69 19.66 37.65
N VAL D 132 -13.79 19.65 36.91
CA VAL D 132 -13.86 20.21 35.56
C VAL D 132 -14.77 21.44 35.54
N GLU D 133 -14.16 22.59 35.29
CA GLU D 133 -14.81 23.86 34.96
C GLU D 133 -14.51 24.17 33.50
N ILE D 134 -15.48 24.66 32.73
CA ILE D 134 -15.28 25.00 31.32
C ILE D 134 -14.55 26.34 31.18
N LEU D 135 -13.74 26.47 30.13
CA LEU D 135 -12.99 27.67 29.80
C LEU D 135 -13.50 28.18 28.47
N GLU D 136 -13.96 29.43 28.45
CA GLU D 136 -14.51 29.98 27.21
C GLU D 136 -13.41 30.66 26.41
N THR D 137 -13.24 30.23 25.17
CA THR D 137 -12.20 30.76 24.31
C THR D 137 -12.70 31.83 23.35
N GLY D 138 -14.00 31.92 23.12
CA GLY D 138 -14.51 32.84 22.12
C GLY D 138 -14.41 32.35 20.70
N ILE D 139 -14.11 31.08 20.49
CA ILE D 139 -13.95 30.49 19.18
C ILE D 139 -15.05 29.46 19.00
N LYS D 140 -15.85 29.62 17.93
CA LYS D 140 -17.11 28.90 17.79
C LYS D 140 -16.92 27.39 17.81
N VAL D 141 -16.02 26.88 16.98
CA VAL D 141 -15.86 25.43 16.85
C VAL D 141 -15.42 24.81 18.16
N VAL D 142 -14.44 25.43 18.82
CA VAL D 142 -13.96 24.91 20.10
C VAL D 142 -15.09 24.93 21.12
N ASP D 143 -15.60 26.11 21.46
CA ASP D 143 -16.52 26.24 22.57
C ASP D 143 -17.75 25.34 22.38
N LEU D 144 -18.13 25.02 21.14
CA LEU D 144 -19.16 24.04 20.81
C LEU D 144 -18.69 22.56 20.80
N LEU D 145 -17.55 22.23 20.20
CA LEU D 145 -17.17 20.87 19.82
C LEU D 145 -15.82 20.38 20.39
N ALA D 146 -15.20 21.12 21.30
CA ALA D 146 -13.95 20.75 21.95
C ALA D 146 -13.68 21.55 23.24
N PRO D 147 -14.64 21.76 24.17
CA PRO D 147 -14.47 22.76 25.22
C PRO D 147 -13.20 22.53 26.05
N TYR D 148 -12.45 23.58 26.34
CA TYR D 148 -11.24 23.47 27.15
C TYR D 148 -11.60 23.43 28.65
N ILE D 149 -10.81 22.72 29.45
CA ILE D 149 -11.03 22.54 30.88
C ILE D 149 -10.17 23.54 31.64
N LYS D 150 -10.69 24.26 32.64
CA LYS D 150 -9.79 25.06 33.46
C LYS D 150 -8.90 24.16 34.29
N GLY D 151 -7.59 24.33 34.14
CA GLY D 151 -6.65 23.49 34.85
C GLY D 151 -6.39 22.15 34.21
N GLY D 152 -6.79 21.95 32.95
CA GLY D 152 -6.58 20.70 32.26
C GLY D 152 -5.50 20.81 31.21
N LYS D 153 -5.42 19.79 30.38
CA LYS D 153 -4.43 19.73 29.30
C LYS D 153 -5.12 19.79 27.95
N ILE D 154 -4.65 20.70 27.10
CA ILE D 154 -5.21 20.91 25.77
C ILE D 154 -4.12 20.62 24.76
N GLY D 155 -4.44 19.81 23.77
CA GLY D 155 -3.51 19.54 22.69
C GLY D 155 -4.06 19.94 21.34
N LEU D 156 -3.26 20.64 20.54
CA LEU D 156 -3.67 21.06 19.20
C LEU D 156 -2.83 20.28 18.20
N PHE D 157 -3.42 19.24 17.63
CA PHE D 157 -2.71 18.40 16.67
C PHE D 157 -2.80 18.98 15.27
N GLY D 158 -1.83 18.64 14.43
CA GLY D 158 -1.86 19.04 13.04
C GLY D 158 -0.53 18.92 12.33
N GLY D 159 -0.58 18.62 11.03
CA GLY D 159 0.62 18.59 10.23
C GLY D 159 1.12 19.98 9.88
N ALA D 160 2.16 20.07 9.06
CA ALA D 160 2.78 21.36 8.80
C ALA D 160 1.85 22.29 8.05
N GLY D 161 1.85 23.55 8.45
CA GLY D 161 1.13 24.60 7.75
C GLY D 161 -0.37 24.53 7.80
N VAL D 162 -0.98 24.07 8.91
CA VAL D 162 -2.43 24.01 9.00
C VAL D 162 -3.01 25.04 9.95
N GLY D 163 -2.21 25.70 10.76
CA GLY D 163 -2.69 26.79 11.59
C GLY D 163 -2.54 26.63 13.08
N LYS D 164 -1.60 25.81 13.53
CA LYS D 164 -1.39 25.62 14.97
C LYS D 164 -0.92 26.89 15.65
N THR D 165 0.06 27.58 15.06
CA THR D 165 0.63 28.76 15.71
C THR D 165 -0.35 29.94 15.68
N VAL D 166 -1.06 30.11 14.57
CA VAL D 166 -2.05 31.18 14.51
C VAL D 166 -3.11 30.95 15.60
N LEU D 167 -3.50 29.70 15.80
CA LEU D 167 -4.50 29.38 16.81
C LEU D 167 -3.94 29.59 18.22
N ILE D 168 -2.69 29.22 18.45
CA ILE D 168 -2.07 29.47 19.75
C ILE D 168 -2.04 30.96 20.06
N GLN D 169 -1.69 31.77 19.07
CA GLN D 169 -1.63 33.21 19.26
C GLN D 169 -3.02 33.80 19.49
N GLU D 170 -4.04 33.28 18.80
CA GLU D 170 -5.39 33.73 19.06
C GLU D 170 -5.85 33.35 20.47
N LEU D 171 -5.47 32.17 20.94
CA LEU D 171 -5.81 31.77 22.30
C LEU D 171 -5.16 32.67 23.33
N ILE D 172 -3.88 33.00 23.13
CA ILE D 172 -3.24 33.97 24.02
C ILE D 172 -3.99 35.29 23.98
N HIS D 173 -4.26 35.80 22.78
CA HIS D 173 -4.95 37.08 22.62
C HIS D 173 -6.28 37.09 23.36
N ASN D 174 -7.01 35.97 23.34
CA ASN D 174 -8.36 35.95 23.89
C ASN D 174 -8.39 35.65 25.39
N ILE D 175 -7.38 34.96 25.91
CA ILE D 175 -7.49 34.48 27.29
C ILE D 175 -6.53 35.20 28.22
N ALA D 176 -5.32 35.51 27.77
CA ALA D 176 -4.29 35.98 28.69
C ALA D 176 -4.67 37.30 29.36
N GLN D 177 -5.21 38.26 28.61
CA GLN D 177 -5.58 39.53 29.22
C GLN D 177 -6.63 39.35 30.30
N GLU D 178 -7.64 38.52 30.05
CA GLU D 178 -8.66 38.26 31.06
C GLU D 178 -8.08 37.57 32.27
N HIS D 179 -7.10 36.69 32.08
CA HIS D 179 -6.65 35.81 33.15
C HIS D 179 -6.13 36.61 34.35
N GLY D 180 -6.56 36.20 35.53
CA GLY D 180 -6.08 36.77 36.77
C GLY D 180 -4.98 35.95 37.39
N GLY D 181 -3.88 35.76 36.66
CA GLY D 181 -2.78 34.99 37.17
C GLY D 181 -1.53 35.32 36.39
N ILE D 182 -0.67 34.31 36.26
CA ILE D 182 0.54 34.47 35.49
C ILE D 182 0.47 33.62 34.24
N SER D 183 1.16 34.06 33.19
CA SER D 183 1.29 33.30 31.96
C SER D 183 2.75 32.97 31.73
N VAL D 184 2.99 31.81 31.14
CA VAL D 184 4.33 31.37 30.77
C VAL D 184 4.27 30.84 29.35
N PHE D 185 5.25 31.22 28.54
CA PHE D 185 5.37 30.72 27.18
C PHE D 185 6.73 30.05 27.02
N ALA D 186 6.75 28.92 26.33
CA ALA D 186 7.98 28.21 26.04
C ALA D 186 8.02 27.93 24.54
N GLY D 187 8.99 28.51 23.85
CA GLY D 187 9.22 28.20 22.46
C GLY D 187 10.22 27.07 22.34
N VAL D 188 9.81 25.95 21.76
CA VAL D 188 10.63 24.75 21.70
C VAL D 188 10.80 24.37 20.23
N GLY D 189 11.95 24.70 19.66
CA GLY D 189 12.27 24.28 18.31
C GLY D 189 11.39 24.87 17.24
N GLU D 190 10.80 25.87 17.25
CA GLU D 190 10.03 26.48 16.18
C GLU D 190 10.70 27.76 15.67
N ARG D 191 10.19 28.93 15.11
CA ARG D 191 10.77 30.06 14.38
C ARG D 191 11.07 31.26 15.28
N THR D 192 12.31 31.75 15.20
CA THR D 192 12.70 32.94 15.95
C THR D 192 11.92 34.17 15.51
N ARG D 193 11.54 34.22 14.23
CA ARG D 193 10.70 35.30 13.75
C ARG D 193 9.36 35.31 14.49
N GLU D 194 8.77 34.12 14.67
CA GLU D 194 7.51 34.01 15.40
C GLU D 194 7.69 34.41 16.86
N GLY D 195 8.81 34.02 17.46
CA GLY D 195 9.07 34.45 18.83
C GLY D 195 9.16 35.97 18.97
N ASN D 196 9.90 36.61 18.07
CA ASN D 196 10.03 38.06 18.10
C ASN D 196 8.67 38.73 17.91
N ASP D 197 7.87 38.21 16.99
CA ASP D 197 6.52 38.74 16.79
C ASP D 197 5.70 38.67 18.07
N LEU D 198 5.67 37.49 18.70
CA LEU D 198 4.85 37.32 19.88
C LEU D 198 5.31 38.22 21.02
N TYR D 199 6.63 38.33 21.20
CA TYR D 199 7.14 39.21 22.25
C TYR D 199 6.70 40.65 22.02
N HIS D 200 6.81 41.14 20.79
CA HIS D 200 6.45 42.54 20.57
C HIS D 200 4.94 42.76 20.71
N GLU D 201 4.13 41.79 20.30
CA GLU D 201 2.69 41.92 20.52
C GLU D 201 2.34 41.93 22.01
N MET D 202 2.96 41.06 22.80
CA MET D 202 2.75 41.09 24.24
C MET D 202 3.16 42.44 24.82
N LYS D 203 4.30 42.95 24.39
CA LYS D 203 4.76 44.25 24.86
C LYS D 203 3.74 45.34 24.57
N ASP D 204 3.28 45.41 23.32
CA ASP D 204 2.33 46.46 22.96
C ASP D 204 1.03 46.34 23.74
N SER D 205 0.54 45.12 23.92
CA SER D 205 -0.66 44.92 24.72
C SER D 205 -0.47 45.32 26.18
N GLY D 206 0.67 45.01 26.78
CA GLY D 206 0.85 45.23 28.20
C GLY D 206 0.80 43.95 29.01
N VAL D 207 0.42 42.84 28.38
CA VAL D 207 0.33 41.58 29.10
C VAL D 207 1.71 41.10 29.55
N ILE D 208 2.76 41.62 28.93
CA ILE D 208 4.11 41.14 29.20
C ILE D 208 4.51 41.38 30.64
N SER D 209 3.79 42.25 31.35
CA SER D 209 4.15 42.54 32.74
C SER D 209 3.80 41.39 33.68
N LYS D 210 2.99 40.43 33.24
CA LYS D 210 2.66 39.25 34.01
C LYS D 210 3.16 37.96 33.38
N THR D 211 4.07 38.05 32.41
CA THR D 211 4.42 36.92 31.57
C THR D 211 5.91 36.65 31.60
N ALA D 212 6.27 35.37 31.67
CA ALA D 212 7.64 34.91 31.53
C ALA D 212 7.78 34.09 30.26
N MET D 213 8.84 34.34 29.51
CA MET D 213 9.04 33.67 28.22
C MET D 213 10.39 32.98 28.22
N VAL D 214 10.42 31.75 27.71
CA VAL D 214 11.64 30.98 27.55
C VAL D 214 11.70 30.47 26.12
N PHE D 215 12.84 30.66 25.47
CA PHE D 215 12.98 30.30 24.07
C PHE D 215 14.18 29.37 23.87
N GLY D 216 13.93 28.25 23.21
CA GLY D 216 14.97 27.51 22.53
C GLY D 216 14.46 27.13 21.16
N GLN D 217 15.04 27.72 20.11
CA GLN D 217 14.43 27.64 18.80
C GLN D 217 15.18 26.66 17.91
N MET D 218 14.76 26.58 16.65
CA MET D 218 15.28 25.57 15.73
C MET D 218 16.78 25.67 15.57
N ASN D 219 17.36 26.85 15.78
CA ASN D 219 18.78 27.04 15.52
C ASN D 219 19.66 26.50 16.64
N GLU D 220 19.08 26.00 17.72
CA GLU D 220 19.82 25.52 18.88
C GLU D 220 20.22 24.06 18.71
N PRO D 221 21.31 23.64 19.33
CA PRO D 221 21.65 22.23 19.36
C PRO D 221 20.63 21.43 20.18
N PRO D 222 20.58 20.12 20.00
CA PRO D 222 19.47 19.35 20.60
C PRO D 222 19.40 19.41 22.12
N GLY D 223 20.50 19.68 22.82
CA GLY D 223 20.41 19.79 24.28
C GLY D 223 19.50 20.91 24.73
N ALA D 224 19.64 22.09 24.11
CA ALA D 224 18.78 23.20 24.46
C ALA D 224 17.32 22.90 24.16
N ARG D 225 17.06 22.28 23.01
CA ARG D 225 15.69 21.95 22.64
C ARG D 225 15.14 20.85 23.52
N MET D 226 16.02 20.09 24.17
CA MET D 226 15.57 19.10 25.14
C MET D 226 15.18 19.74 26.46
N ARG D 227 15.91 20.76 26.90
CA ARG D 227 15.74 21.26 28.27
C ARG D 227 14.95 22.57 28.40
N VAL D 228 14.63 23.25 27.30
CA VAL D 228 13.94 24.53 27.42
C VAL D 228 12.54 24.37 27.99
N ALA D 229 11.84 23.30 27.62
CA ALA D 229 10.51 23.05 28.15
C ALA D 229 10.55 22.84 29.66
N LEU D 230 11.59 22.15 30.17
CA LEU D 230 11.70 21.98 31.61
C LEU D 230 12.03 23.28 32.33
N THR D 231 12.81 24.16 31.70
CA THR D 231 13.03 25.48 32.29
C THR D 231 11.71 26.23 32.46
N GLY D 232 10.91 26.29 31.39
CA GLY D 232 9.62 26.94 31.49
C GLY D 232 8.72 26.29 32.52
N LEU D 233 8.73 24.97 32.57
CA LEU D 233 7.93 24.25 33.55
C LEU D 233 8.32 24.60 34.97
N THR D 234 9.63 24.72 35.25
CA THR D 234 10.05 25.08 36.59
C THR D 234 9.56 26.48 36.96
N MET D 235 9.68 27.42 36.03
CA MET D 235 9.19 28.76 36.30
C MET D 235 7.70 28.78 36.59
N ALA D 236 6.92 27.92 35.92
CA ALA D 236 5.48 27.86 36.18
C ALA D 236 5.18 27.13 37.49
N GLU D 237 5.94 26.09 37.81
CA GLU D 237 5.70 25.34 39.04
C GLU D 237 5.91 26.21 40.26
N TYR D 238 6.90 27.11 40.21
CA TYR D 238 7.09 27.99 41.37
C TYR D 238 5.82 28.77 41.66
N PHE D 239 5.21 29.36 40.63
CA PHE D 239 4.02 30.16 40.86
C PHE D 239 2.83 29.31 41.28
N ARG D 240 2.72 28.09 40.76
CA ARG D 240 1.65 27.21 41.20
C ARG D 240 1.80 26.85 42.68
N ASP D 241 3.03 26.60 43.12
CA ASP D 241 3.25 26.03 44.45
C ASP D 241 3.40 27.09 45.53
N GLU D 242 4.35 28.00 45.38
CA GLU D 242 4.63 28.98 46.42
C GLU D 242 3.56 30.05 46.53
N GLN D 243 3.08 30.57 45.41
CA GLN D 243 2.10 31.65 45.41
C GLN D 243 0.66 31.17 45.26
N GLY D 244 0.46 29.88 45.02
CA GLY D 244 -0.89 29.37 44.86
C GLY D 244 -1.66 30.02 43.72
N GLN D 245 -0.97 30.43 42.68
CA GLN D 245 -1.61 31.19 41.62
C GLN D 245 -2.18 30.26 40.56
N ASP D 246 -3.06 30.81 39.73
CA ASP D 246 -3.56 30.13 38.56
C ASP D 246 -2.64 30.47 37.39
N VAL D 247 -2.17 29.45 36.69
CA VAL D 247 -1.10 29.59 35.72
C VAL D 247 -1.62 29.15 34.36
N LEU D 248 -1.22 29.85 33.32
CA LEU D 248 -1.44 29.42 31.95
C LEU D 248 -0.09 29.08 31.35
N LEU D 249 0.05 27.86 30.86
CA LEU D 249 1.31 27.38 30.32
C LEU D 249 1.12 27.10 28.83
N PHE D 250 1.76 27.92 28.00
CA PHE D 250 1.72 27.77 26.55
C PHE D 250 3.03 27.17 26.09
N ILE D 251 2.96 26.04 25.39
CA ILE D 251 4.13 25.40 24.83
C ILE D 251 3.91 25.25 23.33
N ASP D 252 4.84 25.78 22.53
CA ASP D 252 4.70 25.72 21.09
C ASP D 252 5.53 24.56 20.53
N ASN D 253 4.83 23.54 20.05
CA ASN D 253 5.40 22.37 19.42
C ASN D 253 6.29 21.58 20.39
N ILE D 254 5.61 20.98 21.37
CA ILE D 254 6.23 20.03 22.28
C ILE D 254 6.74 18.78 21.55
N PHE D 255 6.47 18.65 20.25
CA PHE D 255 7.00 17.54 19.47
C PHE D 255 8.52 17.65 19.31
N ARG D 256 9.03 18.88 19.26
CA ARG D 256 10.47 19.07 19.08
C ARG D 256 11.26 18.53 20.27
N PHE D 257 10.63 18.42 21.43
CA PHE D 257 11.29 17.84 22.60
C PHE D 257 11.67 16.38 22.34
N THR D 258 10.70 15.57 21.90
CA THR D 258 10.99 14.19 21.52
C THR D 258 11.92 14.12 20.32
N GLN D 259 11.75 15.01 19.34
CA GLN D 259 12.62 14.98 18.16
C GLN D 259 14.08 15.21 18.53
N ALA D 260 14.34 16.14 19.46
CA ALA D 260 15.71 16.39 19.89
C ALA D 260 16.26 15.18 20.64
N GLY D 261 15.45 14.55 21.48
CA GLY D 261 15.90 13.33 22.12
C GLY D 261 16.32 12.28 21.11
N SER D 262 15.54 12.11 20.05
CA SER D 262 15.88 11.12 19.03
C SER D 262 17.11 11.55 18.23
N GLU D 263 17.35 12.85 18.11
CA GLU D 263 18.59 13.31 17.49
C GLU D 263 19.81 12.84 18.28
N VAL D 264 19.76 12.93 19.61
CA VAL D 264 20.96 12.57 20.36
C VAL D 264 21.09 11.08 20.65
N SER D 265 19.99 10.32 20.56
CA SER D 265 19.99 8.95 21.07
C SER D 265 21.10 8.07 20.49
N ALA D 266 21.28 8.11 19.17
CA ALA D 266 22.28 7.24 18.54
C ALA D 266 23.69 7.59 18.99
N LEU D 267 24.00 8.88 19.14
CA LEU D 267 25.30 9.26 19.67
C LEU D 267 25.47 8.83 21.11
N LEU D 268 24.38 8.79 21.88
CA LEU D 268 24.47 8.22 23.21
C LEU D 268 24.69 6.72 23.20
N GLY D 269 24.31 6.03 22.14
CA GLY D 269 24.62 4.62 22.02
C GLY D 269 23.47 3.68 22.22
N ARG D 270 22.24 4.15 22.02
CA ARG D 270 21.08 3.29 22.15
C ARG D 270 20.75 2.64 20.82
N MET D 271 20.02 1.53 20.89
CA MET D 271 19.49 0.91 19.69
C MET D 271 18.18 1.59 19.29
N PRO D 272 17.93 1.76 18.00
CA PRO D 272 16.72 2.44 17.55
C PRO D 272 15.46 1.65 17.85
N SER D 273 14.40 2.37 18.13
CA SER D 273 13.08 1.80 18.31
C SER D 273 12.26 1.96 17.03
N ALA D 274 10.96 1.74 17.12
CA ALA D 274 10.10 1.82 15.95
C ALA D 274 10.13 3.22 15.33
N VAL D 275 10.14 3.27 14.01
CA VAL D 275 10.14 4.50 13.24
C VAL D 275 11.35 5.36 13.63
N GLY D 276 12.40 4.72 14.12
CA GLY D 276 13.66 5.40 14.34
C GLY D 276 13.74 6.25 15.58
N TYR D 277 12.77 6.18 16.48
CA TYR D 277 12.80 6.97 17.70
C TYR D 277 13.68 6.31 18.75
N GLN D 278 13.90 7.03 19.84
CA GLN D 278 14.63 6.46 20.96
C GLN D 278 13.78 5.42 21.69
N PRO D 279 14.40 4.40 22.27
CA PRO D 279 13.62 3.41 23.01
C PRO D 279 12.89 3.98 24.21
N THR D 280 13.36 5.10 24.73
CA THR D 280 12.82 5.69 25.96
C THR D 280 11.83 6.81 25.67
N LEU D 281 11.13 6.77 24.55
CA LEU D 281 10.27 7.88 24.15
C LEU D 281 9.13 8.09 25.12
N ALA D 282 8.39 7.03 25.43
CA ALA D 282 7.25 7.17 26.33
C ALA D 282 7.70 7.55 27.74
N THR D 283 8.79 6.96 28.22
CA THR D 283 9.30 7.30 29.55
C THR D 283 9.72 8.76 29.62
N GLU D 284 10.49 9.22 28.64
CA GLU D 284 10.97 10.59 28.62
C GLU D 284 9.82 11.58 28.48
N MET D 285 8.82 11.23 27.68
CA MET D 285 7.66 12.11 27.51
C MET D 285 6.82 12.17 28.78
N GLY D 286 6.62 11.03 29.44
CA GLY D 286 5.84 11.02 30.67
C GLY D 286 6.51 11.76 31.81
N GLN D 287 7.84 11.70 31.87
CA GLN D 287 8.57 12.51 32.84
C GLN D 287 8.17 13.97 32.78
N LEU D 288 8.14 14.54 31.57
CA LEU D 288 7.80 15.95 31.42
C LEU D 288 6.30 16.18 31.59
N GLN D 289 5.48 15.32 31.00
CA GLN D 289 4.04 15.57 30.96
C GLN D 289 3.40 15.47 32.33
N GLU D 290 3.92 14.59 33.19
CA GLU D 290 3.28 14.38 34.48
C GLU D 290 3.52 15.52 35.45
N ARG D 291 4.55 16.34 35.23
CA ARG D 291 4.78 17.49 36.09
C ARG D 291 3.83 18.63 35.78
N ILE D 292 3.27 18.65 34.57
CA ILE D 292 2.33 19.69 34.14
C ILE D 292 0.93 19.29 34.56
N THR D 293 0.53 19.65 35.77
CA THR D 293 -0.75 19.24 36.29
C THR D 293 -1.13 20.16 37.44
N SER D 294 -2.42 20.22 37.75
CA SER D 294 -2.88 21.05 38.84
C SER D 294 -3.08 20.22 40.11
N THR D 295 -2.92 20.88 41.25
CA THR D 295 -2.96 20.20 42.54
C THR D 295 -3.92 20.93 43.47
N ALA D 296 -3.88 20.56 44.75
CA ALA D 296 -4.70 21.25 45.73
C ALA D 296 -4.19 22.64 46.07
N LYS D 297 -2.94 22.95 45.71
CA LYS D 297 -2.37 24.25 46.01
C LYS D 297 -2.48 25.23 44.86
N GLY D 298 -2.71 24.76 43.64
CA GLY D 298 -2.82 25.64 42.50
C GLY D 298 -3.16 24.84 41.27
N SER D 299 -3.28 25.55 40.16
CA SER D 299 -3.66 24.93 38.90
C SER D 299 -2.77 25.41 37.78
N ILE D 300 -2.52 24.53 36.82
CA ILE D 300 -1.82 24.87 35.58
C ILE D 300 -2.73 24.49 34.43
N THR D 301 -3.14 25.47 33.64
CA THR D 301 -3.90 25.23 32.42
C THR D 301 -2.93 25.24 31.25
N SER D 302 -2.69 24.06 30.69
CA SER D 302 -1.62 23.86 29.72
C SER D 302 -2.21 23.67 28.33
N ILE D 303 -1.78 24.51 27.40
CA ILE D 303 -2.16 24.40 26.00
C ILE D 303 -0.91 24.14 25.19
N GLN D 304 -0.86 23.00 24.53
CA GLN D 304 0.32 22.60 23.77
C GLN D 304 -0.04 22.41 22.31
N ALA D 305 0.84 22.87 21.43
CA ALA D 305 0.73 22.56 20.01
C ALA D 305 1.60 21.35 19.70
N ILE D 306 1.04 20.40 18.96
CA ILE D 306 1.68 19.11 18.73
C ILE D 306 1.76 18.87 17.23
N TYR D 307 2.96 18.63 16.73
CA TYR D 307 3.15 18.42 15.30
C TYR D 307 2.96 16.95 14.95
N VAL D 308 2.15 16.71 13.91
CA VAL D 308 1.92 15.37 13.39
C VAL D 308 2.75 15.21 12.11
N PRO D 309 3.75 14.34 12.09
CA PRO D 309 4.80 14.45 11.06
C PRO D 309 4.32 14.47 9.61
N ALA D 310 3.34 13.66 9.23
CA ALA D 310 2.87 13.68 7.85
C ALA D 310 1.35 13.60 7.80
N ASP D 311 0.69 14.27 8.74
CA ASP D 311 -0.72 14.06 9.01
C ASP D 311 -1.00 12.61 9.40
N ASP D 312 0.04 11.83 9.66
CA ASP D 312 -0.06 10.44 10.07
C ASP D 312 -0.18 10.39 11.58
N TYR D 313 -1.40 10.21 12.08
CA TYR D 313 -1.65 10.24 13.51
C TYR D 313 -1.19 8.98 14.22
N THR D 314 -0.77 7.94 13.49
CA THR D 314 -0.23 6.76 14.11
C THR D 314 1.27 6.87 14.40
N ASP D 315 1.89 7.98 14.04
CA ASP D 315 3.29 8.17 14.36
C ASP D 315 3.47 8.13 15.89
N PRO D 316 4.50 7.45 16.39
CA PRO D 316 4.59 7.23 17.84
C PRO D 316 4.54 8.49 18.68
N ALA D 317 5.11 9.61 18.23
CA ALA D 317 5.08 10.82 19.06
C ALA D 317 3.65 11.29 19.32
N PRO D 318 2.85 11.60 18.29
CA PRO D 318 1.45 11.96 18.56
C PRO D 318 0.67 10.86 19.25
N ALA D 319 0.93 9.60 18.87
CA ALA D 319 0.18 8.50 19.46
C ALA D 319 0.40 8.42 20.97
N THR D 320 1.62 8.71 21.43
CA THR D 320 1.88 8.70 22.86
C THR D 320 1.37 9.97 23.52
N THR D 321 1.43 11.11 22.83
CA THR D 321 0.91 12.34 23.42
C THR D 321 -0.57 12.20 23.72
N PHE D 322 -1.35 11.49 22.91
CA PHE D 322 -2.80 11.43 23.08
C PHE D 322 -3.21 10.99 24.48
N SER D 323 -2.42 10.15 25.14
CA SER D 323 -2.87 9.63 26.42
C SER D 323 -2.67 10.62 27.57
N HIS D 324 -2.09 11.79 27.30
CA HIS D 324 -1.85 12.77 28.33
C HIS D 324 -2.81 13.95 28.31
N LEU D 325 -3.73 14.03 27.36
CA LEU D 325 -4.51 15.24 27.11
C LEU D 325 -5.94 15.09 27.63
N ASP D 326 -6.49 16.13 28.25
CA ASP D 326 -7.91 16.15 28.64
C ASP D 326 -8.82 16.50 27.46
N ALA D 327 -8.39 17.42 26.61
CA ALA D 327 -9.07 17.74 25.36
C ALA D 327 -8.06 17.89 24.24
N THR D 328 -8.50 17.66 23.01
CA THR D 328 -7.68 17.85 21.81
C THR D 328 -8.45 18.67 20.79
N THR D 329 -7.75 19.35 19.89
CA THR D 329 -8.30 19.80 18.63
C THR D 329 -7.41 19.28 17.52
N ASN D 330 -7.98 18.65 16.51
CA ASN D 330 -7.22 18.10 15.41
C ASN D 330 -7.56 18.93 14.17
N LEU D 331 -6.58 19.58 13.58
CA LEU D 331 -6.68 20.45 12.41
C LEU D 331 -6.52 19.63 11.14
N GLU D 332 -7.24 20.01 10.09
CA GLU D 332 -7.39 19.20 8.88
C GLU D 332 -6.87 19.95 7.66
N ARG D 333 -6.03 19.26 6.88
CA ARG D 333 -5.47 19.88 5.69
C ARG D 333 -6.51 20.10 4.62
N LYS D 334 -7.52 19.22 4.53
CA LYS D 334 -8.58 19.36 3.53
C LYS D 334 -9.33 20.66 3.75
N LEU D 335 -9.70 20.98 4.99
CA LEU D 335 -10.30 22.27 5.30
C LEU D 335 -9.33 23.41 5.01
N ALA D 336 -8.08 23.26 5.42
CA ALA D 336 -7.11 24.31 5.14
C ALA D 336 -7.05 24.63 3.65
N GLU D 337 -7.12 23.60 2.81
CA GLU D 337 -7.05 23.78 1.36
C GLU D 337 -8.34 24.35 0.79
N MET D 338 -9.49 24.05 1.40
CA MET D 338 -10.78 24.66 1.09
C MET D 338 -10.87 26.10 1.58
N GLY D 339 -9.89 26.57 2.36
CA GLY D 339 -9.95 27.92 2.88
C GLY D 339 -10.78 28.07 4.13
N ILE D 340 -11.08 26.97 4.81
CA ILE D 340 -11.88 27.00 6.03
C ILE D 340 -10.96 27.09 7.23
N TYR D 341 -10.69 28.30 7.70
CA TYR D 341 -9.89 28.45 8.89
C TYR D 341 -10.79 28.82 10.07
N PRO D 342 -10.45 28.41 11.29
CA PRO D 342 -9.22 27.73 11.72
C PRO D 342 -8.99 26.29 11.22
N ALA D 343 -9.93 25.61 10.58
CA ALA D 343 -9.68 24.28 10.02
C ALA D 343 -9.69 23.19 11.08
N VAL D 344 -10.42 23.31 12.20
CA VAL D 344 -10.54 22.21 13.18
C VAL D 344 -11.46 21.13 12.62
N ASP D 345 -11.02 19.87 12.65
CA ASP D 345 -11.82 18.68 12.35
C ASP D 345 -12.85 18.43 13.47
N PRO D 346 -14.15 18.61 13.22
CA PRO D 346 -15.13 18.72 14.29
C PRO D 346 -15.39 17.42 15.06
N LEU D 347 -15.06 16.25 14.49
CA LEU D 347 -15.24 14.95 15.16
C LEU D 347 -14.17 14.59 16.23
N ALA D 348 -12.89 14.67 15.86
CA ALA D 348 -11.72 14.09 16.55
C ALA D 348 -11.48 14.58 18.01
N SER D 349 -11.86 15.80 18.25
CA SER D 349 -11.83 16.54 19.52
C SER D 349 -12.44 15.81 20.77
N THR D 350 -12.98 14.59 20.59
CA THR D 350 -14.05 13.84 21.26
C THR D 350 -15.10 14.75 21.90
N SER D 351 -15.14 15.98 21.41
CA SER D 351 -15.53 17.10 22.22
C SER D 351 -15.19 16.92 23.72
N ARG D 352 -14.19 16.11 24.15
CA ARG D 352 -14.22 15.41 25.50
C ARG D 352 -14.85 16.15 26.68
N ALA D 353 -14.55 17.42 26.90
CA ALA D 353 -15.25 18.20 27.97
C ALA D 353 -16.81 18.22 27.88
N LEU D 354 -17.30 18.08 26.63
CA LEU D 354 -18.69 17.92 26.22
C LEU D 354 -19.32 16.77 27.00
N ALA D 355 -18.45 15.92 27.59
CA ALA D 355 -18.74 14.96 28.67
C ALA D 355 -19.97 15.51 29.35
N PRO D 356 -21.00 14.75 28.99
CA PRO D 356 -22.38 15.19 28.88
C PRO D 356 -22.92 16.13 29.90
N GLU D 357 -22.47 16.20 31.14
CA GLU D 357 -23.35 16.90 32.08
C GLU D 357 -23.46 18.38 31.75
N ILE D 358 -22.31 19.05 31.55
CA ILE D 358 -22.32 20.52 31.78
C ILE D 358 -23.05 21.23 30.62
N VAL D 359 -22.55 20.86 29.48
CA VAL D 359 -23.19 21.19 28.22
C VAL D 359 -24.58 20.56 28.11
N GLY D 360 -24.84 19.49 28.87
CA GLY D 360 -25.79 18.42 28.58
C GLY D 360 -27.15 18.85 28.22
N GLU D 361 -27.72 19.82 28.93
CA GLU D 361 -29.03 20.17 28.47
C GLU D 361 -28.97 20.95 27.17
N GLU D 362 -28.44 22.17 27.18
CA GLU D 362 -28.72 22.93 25.93
C GLU D 362 -27.75 22.61 24.80
N HIS D 363 -26.51 22.73 25.21
CA HIS D 363 -25.34 22.73 24.37
C HIS D 363 -25.03 21.33 23.85
N TYR D 364 -25.23 20.29 24.64
CA TYR D 364 -24.91 18.94 24.20
C TYR D 364 -25.80 18.49 23.06
N GLN D 365 -27.10 18.80 23.11
CA GLN D 365 -27.97 18.41 22.00
C GLN D 365 -27.57 19.10 20.70
N VAL D 366 -27.24 20.41 20.74
CA VAL D 366 -26.76 21.11 19.54
C VAL D 366 -25.44 20.56 19.03
N ALA D 367 -24.46 20.34 19.90
CA ALA D 367 -23.15 19.82 19.52
C ALA D 367 -23.24 18.44 18.86
N ARG D 368 -24.01 17.51 19.43
CA ARG D 368 -24.19 16.18 18.84
C ARG D 368 -24.97 16.21 17.53
N LYS D 369 -25.96 17.09 17.38
CA LYS D 369 -26.70 17.24 16.11
C LYS D 369 -25.84 17.84 15.00
N VAL D 370 -24.94 18.76 15.30
CA VAL D 370 -23.92 19.26 14.36
C VAL D 370 -23.00 18.13 13.92
N GLN D 371 -22.45 17.35 14.85
CA GLN D 371 -21.56 16.22 14.49
C GLN D 371 -22.27 15.14 13.68
N GLN D 372 -23.51 14.79 14.00
CA GLN D 372 -24.28 13.84 13.21
C GLN D 372 -24.49 14.30 11.76
N THR D 373 -24.78 15.58 11.56
CA THR D 373 -24.96 16.16 10.23
C THR D 373 -23.67 16.13 9.41
N LEU D 374 -22.54 16.45 10.03
CA LEU D 374 -21.23 16.42 9.38
C LEU D 374 -20.71 15.00 9.13
N GLN D 375 -21.02 14.03 9.99
CA GLN D 375 -20.73 12.62 9.72
C GLN D 375 -21.47 12.13 8.47
N ARG D 376 -22.78 12.39 8.37
CA ARG D 376 -23.56 11.98 7.19
C ARG D 376 -23.00 12.59 5.92
N TYR D 377 -22.63 13.86 5.93
CA TYR D 377 -22.06 14.51 4.75
C TYR D 377 -20.74 13.89 4.29
N LYS D 378 -19.88 13.35 5.16
CA LYS D 378 -18.67 12.62 4.75
C LYS D 378 -18.99 11.37 3.91
N GLU D 379 -19.93 10.56 4.40
CA GLU D 379 -20.41 9.36 3.71
C GLU D 379 -21.01 9.70 2.35
N LEU D 380 -21.83 10.76 2.34
CA LEU D 380 -22.37 11.26 1.11
C LEU D 380 -21.29 11.72 0.15
N GLN D 381 -20.17 12.33 0.56
CA GLN D 381 -19.26 12.95 -0.41
C GLN D 381 -18.76 12.01 -1.52
N ASP D 382 -18.44 10.74 -1.24
CA ASP D 382 -18.09 9.84 -2.37
C ASP D 382 -19.32 9.41 -3.22
N ILE D 383 -20.47 9.15 -2.59
CA ILE D 383 -21.71 8.89 -3.33
C ILE D 383 -22.10 10.09 -4.20
N ILE D 384 -21.96 11.29 -3.63
CA ILE D 384 -22.39 12.61 -4.12
C ILE D 384 -21.84 12.79 -5.48
N ALA D 385 -20.57 12.42 -5.70
CA ALA D 385 -20.01 12.78 -6.96
C ALA D 385 -20.79 12.13 -8.10
N ILE D 386 -20.83 10.80 -8.12
CA ILE D 386 -21.35 10.21 -9.35
C ILE D 386 -22.88 10.13 -9.40
N LEU D 387 -23.36 9.22 -8.56
CA LEU D 387 -24.78 8.93 -8.48
C LEU D 387 -25.48 10.06 -7.77
N GLY D 388 -24.77 10.58 -6.78
CA GLY D 388 -25.39 11.20 -5.66
C GLY D 388 -25.97 12.52 -6.05
N MET D 389 -25.32 13.36 -6.87
CA MET D 389 -25.95 14.66 -7.01
C MET D 389 -27.32 14.61 -7.66
N ASP D 390 -27.61 13.69 -8.59
CA ASP D 390 -29.04 13.55 -8.92
C ASP D 390 -29.89 12.83 -7.84
N GLU D 391 -29.46 11.66 -7.38
CA GLU D 391 -30.29 10.81 -6.53
C GLU D 391 -30.52 11.39 -5.11
N LEU D 392 -29.42 11.80 -4.50
CA LEU D 392 -29.44 12.60 -3.29
C LEU D 392 -30.23 13.90 -3.45
N SER D 393 -30.36 14.47 -4.67
CA SER D 393 -30.86 15.84 -4.79
C SER D 393 -32.16 16.05 -4.06
N ASP D 394 -33.10 15.09 -4.06
CA ASP D 394 -34.23 15.28 -3.13
C ASP D 394 -33.92 15.02 -1.64
N GLU D 395 -33.58 13.79 -1.23
CA GLU D 395 -33.69 13.55 0.22
C GLU D 395 -32.50 14.09 1.03
N ASP D 396 -31.35 13.63 0.56
CA ASP D 396 -30.05 13.93 1.10
C ASP D 396 -29.58 15.35 0.77
N LYS D 397 -29.98 15.99 -0.33
CA LYS D 397 -29.63 17.41 -0.49
C LYS D 397 -30.13 18.25 0.66
N LEU D 398 -31.25 17.95 1.32
CA LEU D 398 -31.58 18.68 2.54
C LEU D 398 -30.48 18.56 3.60
N VAL D 399 -29.86 17.38 3.75
CA VAL D 399 -28.66 17.25 4.63
C VAL D 399 -27.45 18.01 4.09
N VAL D 400 -27.13 17.87 2.80
CA VAL D 400 -25.96 18.51 2.18
C VAL D 400 -26.04 20.03 2.24
N HIS D 401 -27.21 20.61 1.96
CA HIS D 401 -27.47 22.04 1.96
C HIS D 401 -27.17 22.69 3.32
N ARG D 402 -27.52 22.01 4.42
CA ARG D 402 -27.19 22.43 5.78
C ARG D 402 -25.77 22.07 6.17
N ALA D 403 -25.24 20.92 5.79
CA ALA D 403 -23.85 20.56 6.09
C ALA D 403 -22.84 21.55 5.46
N ARG D 404 -23.04 21.98 4.21
CA ARG D 404 -22.25 23.04 3.57
C ARG D 404 -22.25 24.32 4.40
N ARG D 405 -23.42 24.77 4.87
CA ARG D 405 -23.60 25.99 5.67
C ARG D 405 -23.08 25.88 7.09
N ILE D 406 -23.32 24.78 7.78
CA ILE D 406 -22.74 24.48 9.10
C ILE D 406 -21.23 24.48 9.00
N GLN D 407 -20.67 23.78 8.01
CA GLN D 407 -19.23 23.78 7.79
C GLN D 407 -18.71 25.16 7.43
N PHE D 408 -19.42 26.00 6.64
CA PHE D 408 -18.88 27.34 6.42
C PHE D 408 -19.02 28.21 7.67
N PHE D 409 -20.09 28.04 8.45
CA PHE D 409 -20.28 28.85 9.64
C PHE D 409 -19.32 28.46 10.75
N LEU D 410 -18.77 27.23 10.81
CA LEU D 410 -17.77 26.87 11.83
C LEU D 410 -16.46 27.64 11.65
N SER D 411 -16.23 28.25 10.48
CA SER D 411 -15.04 29.08 10.32
C SER D 411 -15.25 30.46 10.92
N GLN D 412 -14.15 31.19 11.12
CA GLN D 412 -14.19 32.44 11.86
C GLN D 412 -13.01 33.32 11.43
N ASN D 413 -13.12 34.61 11.72
CA ASN D 413 -12.05 35.55 11.45
C ASN D 413 -11.34 35.91 12.75
N PHE D 414 -10.02 35.74 12.78
CA PHE D 414 -9.25 35.92 14.00
C PHE D 414 -8.63 37.31 14.08
N HIS D 415 -8.43 37.78 15.32
CA HIS D 415 -7.81 39.07 15.54
C HIS D 415 -6.37 39.08 15.05
N VAL D 416 -5.64 37.99 15.34
CA VAL D 416 -4.23 37.92 14.97
C VAL D 416 -4.04 37.48 13.52
N ALA D 417 -5.13 37.23 12.78
CA ALA D 417 -5.04 36.81 11.39
C ALA D 417 -5.38 37.93 10.42
N GLU D 418 -5.24 39.18 10.82
CA GLU D 418 -5.65 40.28 9.96
C GLU D 418 -4.74 40.40 8.73
N GLN D 419 -3.46 40.11 8.91
CA GLN D 419 -2.53 40.13 7.79
C GLN D 419 -2.85 39.06 6.77
N PHE D 420 -3.69 38.09 7.13
CA PHE D 420 -4.10 37.04 6.22
C PHE D 420 -5.50 37.25 5.67
N THR D 421 -6.37 37.93 6.41
CA THR D 421 -7.77 38.04 6.04
C THR D 421 -8.21 39.42 5.60
N GLY D 422 -7.41 40.46 5.82
CA GLY D 422 -7.85 41.80 5.50
C GLY D 422 -8.95 42.33 6.38
N GLN D 423 -9.29 41.61 7.45
CA GLN D 423 -10.36 41.98 8.36
C GLN D 423 -9.85 42.05 9.80
N PRO D 424 -10.54 42.78 10.67
CA PRO D 424 -10.37 42.57 12.10
C PRO D 424 -11.10 41.32 12.57
N GLY D 425 -10.72 40.85 13.75
CA GLY D 425 -11.26 39.61 14.26
C GLY D 425 -12.57 39.80 15.01
N SER D 426 -13.12 38.67 15.44
CA SER D 426 -14.37 38.67 16.19
C SER D 426 -14.25 37.69 17.36
N TYR D 427 -15.04 37.95 18.40
CA TYR D 427 -15.10 37.14 19.60
C TYR D 427 -16.55 36.74 19.85
N VAL D 428 -16.84 35.45 19.81
CA VAL D 428 -18.20 34.94 19.86
C VAL D 428 -18.42 34.27 21.21
N PRO D 429 -19.35 34.72 22.03
CA PRO D 429 -19.70 33.97 23.25
C PRO D 429 -20.50 32.71 22.96
N VAL D 430 -20.40 31.74 23.88
CA VAL D 430 -20.95 30.39 23.67
C VAL D 430 -22.45 30.45 23.49
N LYS D 431 -23.14 31.34 24.21
CA LYS D 431 -24.59 31.48 24.03
C LYS D 431 -24.92 31.78 22.58
N GLU D 432 -24.24 32.78 22.01
CA GLU D 432 -24.48 33.15 20.62
C GLU D 432 -24.11 32.04 19.67
N THR D 433 -23.01 31.33 19.92
CA THR D 433 -22.65 30.19 19.08
C THR D 433 -23.77 29.15 19.05
N VAL D 434 -24.21 28.72 20.23
CA VAL D 434 -25.22 27.66 20.39
C VAL D 434 -26.54 28.12 19.78
N ARG D 435 -26.93 29.39 19.97
CA ARG D 435 -28.10 29.99 19.32
C ARG D 435 -27.99 29.88 17.80
N GLY D 436 -26.92 30.40 17.20
CA GLY D 436 -26.74 30.43 15.76
C GLY D 436 -26.82 29.06 15.13
N PHE D 437 -26.10 28.07 15.69
CA PHE D 437 -26.13 26.70 15.16
C PHE D 437 -27.51 26.05 15.32
N LYS D 438 -28.25 26.35 16.40
CA LYS D 438 -29.63 25.91 16.53
C LYS D 438 -30.53 26.50 15.43
N GLU D 439 -30.38 27.79 15.10
CA GLU D 439 -31.10 28.43 14.00
C GLU D 439 -30.81 27.74 12.67
N ILE D 440 -29.52 27.52 12.37
CA ILE D 440 -29.19 26.92 11.08
C ILE D 440 -29.78 25.52 10.97
N LEU D 441 -29.75 24.74 12.06
CA LEU D 441 -30.36 23.41 12.09
C LEU D 441 -31.90 23.45 11.98
N GLU D 442 -32.55 24.49 12.51
CA GLU D 442 -33.99 24.71 12.36
C GLU D 442 -34.36 25.23 10.98
N GLY D 443 -33.40 25.63 10.17
CA GLY D 443 -33.72 26.04 8.81
C GLY D 443 -34.14 27.47 8.66
N LYS D 444 -33.78 28.33 9.62
CA LYS D 444 -34.17 29.72 9.57
C LYS D 444 -33.37 30.52 8.53
N TYR D 445 -32.28 29.93 8.02
CA TYR D 445 -31.30 30.53 7.11
C TYR D 445 -30.99 29.68 5.86
N ASP D 446 -31.82 28.71 5.51
CA ASP D 446 -31.61 27.90 4.31
C ASP D 446 -31.59 28.74 3.02
N HIS D 447 -32.23 29.92 3.01
CA HIS D 447 -32.36 30.79 1.84
C HIS D 447 -31.12 31.65 1.55
N LEU D 448 -30.33 32.03 2.56
CA LEU D 448 -29.13 32.82 2.37
C LEU D 448 -28.07 32.02 1.60
N PRO D 449 -27.30 32.69 0.76
CA PRO D 449 -26.25 31.99 0.01
C PRO D 449 -25.18 31.44 0.93
N GLU D 450 -24.61 30.29 0.54
CA GLU D 450 -23.67 29.60 1.40
C GLU D 450 -22.40 30.41 1.63
N ASP D 451 -22.08 31.33 0.72
CA ASP D 451 -20.81 32.05 0.83
C ASP D 451 -20.89 33.13 1.91
N ALA D 452 -22.10 33.55 2.27
CA ALA D 452 -22.25 34.56 3.30
C ALA D 452 -21.80 34.05 4.66
N PHE D 453 -21.82 32.73 4.86
CA PHE D 453 -21.49 32.13 6.15
C PHE D 453 -19.99 32.12 6.45
N ARG D 454 -19.15 32.48 5.48
CA ARG D 454 -17.72 32.26 5.58
C ARG D 454 -17.03 33.40 6.32
N LEU D 455 -16.22 33.04 7.32
CA LEU D 455 -15.30 33.96 8.01
C LEU D 455 -16.04 35.12 8.67
N VAL D 456 -17.03 34.78 9.50
CA VAL D 456 -17.79 35.76 10.26
C VAL D 456 -17.81 35.34 11.72
N GLY D 457 -18.45 36.17 12.54
CA GLY D 457 -18.67 35.86 13.94
C GLY D 457 -20.11 35.48 14.21
N ARG D 458 -20.88 36.43 14.71
CA ARG D 458 -22.29 36.18 15.02
C ARG D 458 -23.09 35.96 13.74
N ILE D 459 -24.24 35.29 13.89
CA ILE D 459 -25.09 34.94 12.75
C ILE D 459 -25.72 36.19 12.16
N GLU D 460 -25.95 37.22 12.99
CA GLU D 460 -26.34 38.52 12.46
C GLU D 460 -25.35 39.03 11.43
N GLU D 461 -24.07 38.69 11.58
CA GLU D 461 -23.08 39.08 10.59
C GLU D 461 -23.27 38.33 9.28
N VAL D 462 -23.72 37.08 9.33
CA VAL D 462 -24.08 36.36 8.10
C VAL D 462 -25.24 37.05 7.41
N VAL D 463 -26.25 37.44 8.18
CA VAL D 463 -27.40 38.13 7.58
C VAL D 463 -26.96 39.42 6.92
N GLU D 464 -26.10 40.19 7.60
CA GLU D 464 -25.61 41.45 7.04
C GLU D 464 -24.80 41.22 5.78
N LYS D 465 -23.96 40.19 5.76
CA LYS D 465 -23.13 39.93 4.60
C LYS D 465 -23.98 39.52 3.40
N ALA D 466 -25.02 38.71 3.63
CA ALA D 466 -25.92 38.37 2.52
C ALA D 466 -26.62 39.62 2.01
N LYS D 467 -27.07 40.49 2.93
CA LYS D 467 -27.66 41.75 2.51
C LYS D 467 -26.71 42.52 1.60
N ALA D 468 -25.44 42.63 2.00
CA ALA D 468 -24.47 43.35 1.18
C ALA D 468 -24.27 42.67 -0.18
N MET D 469 -24.22 41.33 -0.21
CA MET D 469 -24.16 40.60 -1.46
C MET D 469 -25.36 40.87 -2.35
N GLY D 470 -26.49 41.29 -1.78
CA GLY D 470 -27.64 41.65 -2.58
C GLY D 470 -28.79 40.67 -2.51
N VAL D 471 -28.99 40.05 -1.35
CA VAL D 471 -30.01 39.01 -1.22
C VAL D 471 -31.37 39.65 -0.94
N MET E 1 32.08 -39.37 29.32
CA MET E 1 31.16 -38.62 30.15
C MET E 1 31.31 -37.12 29.84
N THR E 2 30.17 -36.41 29.75
CA THR E 2 30.17 -35.00 29.43
C THR E 2 29.00 -34.30 30.13
N ARG E 3 29.32 -33.20 30.82
CA ARG E 3 28.29 -32.33 31.39
C ARG E 3 28.83 -30.91 31.50
N GLY E 4 28.00 -29.94 31.14
CA GLY E 4 28.39 -28.56 31.03
C GLY E 4 27.90 -27.69 32.17
N ARG E 5 28.01 -26.38 31.97
CA ARG E 5 27.57 -25.38 32.93
C ARG E 5 26.89 -24.23 32.21
N VAL E 6 25.90 -23.64 32.89
CA VAL E 6 25.23 -22.45 32.35
C VAL E 6 26.17 -21.25 32.47
N ILE E 7 26.25 -20.46 31.41
CA ILE E 7 27.08 -19.25 31.46
C ILE E 7 26.31 -17.98 31.14
N GLN E 8 25.25 -18.03 30.34
CA GLN E 8 24.45 -16.85 30.06
C GLN E 8 22.99 -17.23 30.02
N VAL E 9 22.16 -16.35 30.56
CA VAL E 9 20.72 -16.53 30.59
C VAL E 9 20.08 -15.21 30.17
N MET E 10 19.49 -15.20 28.98
CA MET E 10 18.91 -13.97 28.44
C MET E 10 17.53 -14.30 27.90
N GLY E 11 16.53 -14.29 28.77
CA GLY E 11 15.20 -14.70 28.39
C GLY E 11 15.13 -16.19 28.11
N PRO E 12 14.41 -16.56 27.05
CA PRO E 12 14.31 -17.98 26.68
C PRO E 12 15.60 -18.57 26.13
N VAL E 13 16.69 -17.81 26.07
CA VAL E 13 17.94 -18.26 25.47
C VAL E 13 18.96 -18.51 26.57
N VAL E 14 19.65 -19.65 26.48
CA VAL E 14 20.66 -20.05 27.45
C VAL E 14 21.91 -20.49 26.70
N ASP E 15 23.08 -20.09 27.21
CA ASP E 15 24.37 -20.54 26.69
C ASP E 15 25.02 -21.48 27.68
N VAL E 16 25.60 -22.56 27.16
CA VAL E 16 26.17 -23.63 27.98
C VAL E 16 27.61 -23.84 27.56
N LYS E 17 28.46 -24.14 28.53
CA LYS E 17 29.88 -24.36 28.30
C LYS E 17 30.24 -25.82 28.58
N PHE E 18 30.95 -26.43 27.63
CA PHE E 18 31.30 -27.84 27.69
C PHE E 18 32.82 -27.99 27.62
N GLU E 19 33.31 -29.13 28.08
CA GLU E 19 34.72 -29.46 27.87
C GLU E 19 35.03 -29.42 26.37
N ASN E 20 36.32 -29.37 26.04
CA ASN E 20 36.70 -29.15 24.65
C ASN E 20 36.22 -30.26 23.73
N GLY E 21 36.38 -31.52 24.12
CA GLY E 21 36.13 -32.58 23.16
C GLY E 21 34.76 -33.20 23.17
N HIS E 22 33.81 -32.64 23.92
CA HIS E 22 32.53 -33.31 24.10
C HIS E 22 31.37 -32.33 23.98
N LEU E 23 31.38 -31.52 22.93
CA LEU E 23 30.23 -30.67 22.65
C LEU E 23 29.09 -31.49 22.05
N PRO E 24 27.85 -31.18 22.39
CA PRO E 24 26.72 -31.91 21.83
C PRO E 24 26.45 -31.56 20.38
N ALA E 25 25.74 -32.45 19.70
CA ALA E 25 25.30 -32.17 18.34
C ALA E 25 24.29 -31.03 18.34
N ILE E 26 23.90 -30.60 17.15
CA ILE E 26 23.22 -29.32 17.02
C ILE E 26 21.72 -29.39 17.23
N TYR E 27 21.18 -30.57 17.55
CA TYR E 27 19.77 -30.67 17.93
C TYR E 27 19.56 -31.47 19.20
N ASN E 28 20.63 -31.79 19.92
CA ASN E 28 20.50 -32.63 21.11
C ASN E 28 19.69 -31.91 22.18
N ALA E 29 19.08 -32.70 23.05
CA ALA E 29 18.37 -32.17 24.20
C ALA E 29 19.27 -32.16 25.42
N LEU E 30 19.12 -31.14 26.26
CA LEU E 30 19.90 -30.98 27.46
C LEU E 30 18.96 -30.89 28.66
N LYS E 31 19.39 -31.43 29.79
CA LYS E 31 18.56 -31.51 30.99
C LYS E 31 19.23 -30.74 32.12
N ILE E 32 18.43 -29.98 32.87
CA ILE E 32 18.86 -29.37 34.13
C ILE E 32 17.92 -29.86 35.21
N GLN E 33 18.45 -30.59 36.19
CA GLN E 33 17.65 -31.08 37.30
C GLN E 33 18.33 -30.68 38.60
N HIS E 34 17.95 -29.53 39.13
CA HIS E 34 18.61 -28.93 40.27
C HIS E 34 17.68 -28.94 41.47
N LYS E 35 18.22 -29.36 42.61
CA LYS E 35 17.52 -29.31 43.89
C LYS E 35 18.05 -28.13 44.69
N ALA E 36 17.13 -27.32 45.23
CA ALA E 36 17.53 -26.12 45.94
C ALA E 36 18.40 -26.46 47.14
N ARG E 37 19.66 -26.03 47.09
CA ARG E 37 20.58 -26.26 48.21
C ARG E 37 20.20 -25.45 49.45
N ASN E 38 19.73 -24.23 49.28
CA ASN E 38 19.38 -23.37 50.41
C ASN E 38 18.18 -22.53 50.01
N GLU E 39 17.64 -21.80 50.99
CA GLU E 39 16.41 -21.06 50.78
C GLU E 39 16.60 -19.90 49.80
N ASN E 40 17.83 -19.57 49.44
CA ASN E 40 18.09 -18.57 48.42
C ASN E 40 17.97 -19.12 47.00
N GLU E 41 17.61 -20.39 46.84
CA GLU E 41 17.56 -21.03 45.53
C GLU E 41 16.17 -21.61 45.29
N VAL E 42 16.00 -22.18 44.11
CA VAL E 42 14.73 -22.75 43.68
C VAL E 42 15.00 -24.04 42.89
N ASP E 43 14.01 -24.93 42.88
CA ASP E 43 14.10 -26.13 42.06
C ASP E 43 13.77 -25.81 40.61
N ILE E 44 14.49 -26.46 39.70
CA ILE E 44 14.24 -26.30 38.27
C ILE E 44 14.39 -27.64 37.59
N ASP E 45 13.56 -27.87 36.58
CA ASP E 45 13.60 -29.10 35.78
C ASP E 45 13.45 -28.79 34.29
N LEU E 46 14.36 -27.99 33.74
CA LEU E 46 14.20 -27.43 32.40
C LEU E 46 14.82 -28.34 31.33
N THR E 47 14.38 -28.16 30.10
CA THR E 47 14.94 -28.84 28.93
C THR E 47 15.34 -27.81 27.89
N LEU E 48 16.50 -28.03 27.28
CA LEU E 48 17.07 -27.14 26.28
C LEU E 48 17.37 -27.91 25.02
N GLU E 49 17.31 -27.23 23.88
CA GLU E 49 17.70 -27.80 22.60
C GLU E 49 18.85 -26.99 22.02
N VAL E 50 19.94 -27.67 21.67
CA VAL E 50 21.08 -26.98 21.10
C VAL E 50 20.68 -26.37 19.76
N ALA E 51 21.12 -25.15 19.54
CA ALA E 51 20.80 -24.45 18.30
C ALA E 51 22.02 -24.07 17.48
N LEU E 52 23.10 -23.60 18.12
CA LEU E 52 24.29 -23.15 17.40
C LEU E 52 25.53 -23.47 18.22
N HIS E 53 26.64 -23.69 17.52
CA HIS E 53 27.95 -23.77 18.14
C HIS E 53 28.63 -22.43 17.96
N LEU E 54 28.97 -21.76 19.07
CA LEU E 54 29.48 -20.40 18.99
C LEU E 54 30.99 -20.31 18.95
N GLY E 55 31.68 -21.38 19.32
CA GLY E 55 33.11 -21.31 19.53
C GLY E 55 33.45 -21.17 21.00
N ASP E 56 34.68 -21.54 21.34
CA ASP E 56 35.11 -21.57 22.73
C ASP E 56 34.32 -22.60 23.55
N ASP E 57 33.90 -23.69 22.91
CA ASP E 57 33.23 -24.79 23.58
C ASP E 57 31.89 -24.41 24.18
N THR E 58 31.31 -23.31 23.75
CA THR E 58 29.98 -22.92 24.19
C THR E 58 28.99 -23.19 23.08
N VAL E 59 27.76 -23.48 23.45
CA VAL E 59 26.66 -23.66 22.52
C VAL E 59 25.54 -22.73 22.94
N ARG E 60 24.74 -22.33 21.97
CA ARG E 60 23.55 -21.53 22.22
C ARG E 60 22.33 -22.42 22.11
N THR E 61 21.41 -22.29 23.06
CA THR E 61 20.28 -23.21 23.15
C THR E 61 19.00 -22.42 23.31
N ILE E 62 17.89 -23.14 23.19
CA ILE E 62 16.55 -22.57 23.32
C ILE E 62 15.81 -23.37 24.39
N ALA E 63 15.15 -22.67 25.29
CA ALA E 63 14.44 -23.35 26.38
C ALA E 63 13.06 -23.79 25.94
N MET E 64 12.71 -25.01 26.30
CA MET E 64 11.36 -25.52 26.09
C MET E 64 10.40 -25.11 27.19
N ALA E 65 10.87 -24.40 28.20
CA ALA E 65 10.03 -23.96 29.31
C ALA E 65 10.65 -22.71 29.91
N SER E 66 10.08 -22.27 31.03
CA SER E 66 10.53 -21.03 31.64
C SER E 66 11.96 -21.16 32.17
N THR E 67 12.74 -20.10 32.02
CA THR E 67 14.12 -20.07 32.50
C THR E 67 14.29 -19.25 33.77
N ASP E 68 13.21 -18.87 34.44
CA ASP E 68 13.31 -18.18 35.71
C ASP E 68 14.03 -19.06 36.73
N GLY E 69 14.83 -18.44 37.59
CA GLY E 69 15.50 -19.15 38.66
C GLY E 69 16.79 -19.82 38.29
N LEU E 70 17.26 -19.65 37.05
CA LEU E 70 18.54 -20.21 36.67
C LEU E 70 19.68 -19.42 37.29
N ILE E 71 20.81 -20.10 37.47
CA ILE E 71 22.00 -19.52 38.08
C ILE E 71 23.19 -19.91 37.23
N ARG E 72 24.12 -18.97 37.05
CA ARG E 72 25.32 -19.27 36.30
C ARG E 72 26.17 -20.29 37.05
N GLY E 73 26.78 -21.21 36.31
CA GLY E 73 27.49 -22.30 36.92
C GLY E 73 26.66 -23.51 37.23
N MET E 74 25.36 -23.46 36.97
CA MET E 74 24.50 -24.62 37.14
C MET E 74 24.89 -25.70 36.14
N GLU E 75 24.74 -26.95 36.53
CA GLU E 75 25.24 -28.05 35.73
C GLU E 75 24.18 -28.59 34.77
N VAL E 76 24.60 -28.84 33.53
CA VAL E 76 23.72 -29.26 32.46
C VAL E 76 24.20 -30.62 31.96
N ILE E 77 23.25 -31.49 31.66
CA ILE E 77 23.52 -32.85 31.18
C ILE E 77 23.11 -32.97 29.72
N ASP E 78 23.99 -33.57 28.91
CA ASP E 78 23.71 -33.79 27.51
C ASP E 78 23.15 -35.19 27.30
N THR E 79 21.93 -35.28 26.77
CA THR E 79 21.28 -36.57 26.60
C THR E 79 21.84 -37.36 25.42
N GLY E 80 22.45 -36.71 24.45
CA GLY E 80 23.06 -37.39 23.34
C GLY E 80 22.14 -37.71 22.19
N ALA E 81 20.97 -37.10 22.11
CA ALA E 81 20.07 -37.30 20.99
C ALA E 81 19.05 -36.18 21.00
N PRO E 82 18.30 -36.02 19.91
CA PRO E 82 17.21 -35.04 19.91
C PRO E 82 16.15 -35.44 20.92
N ILE E 83 15.19 -34.54 21.12
CA ILE E 83 14.04 -34.89 21.95
C ILE E 83 13.45 -36.18 21.42
N SER E 84 13.34 -37.18 22.28
CA SER E 84 12.82 -38.48 21.89
C SER E 84 11.51 -38.74 22.63
N VAL E 85 10.46 -39.05 21.88
CA VAL E 85 9.13 -39.21 22.45
C VAL E 85 8.68 -40.66 22.29
N PRO E 86 7.79 -41.15 23.16
CA PRO E 86 7.35 -42.55 23.05
C PRO E 86 6.42 -42.76 21.86
N VAL E 87 6.53 -43.94 21.25
CA VAL E 87 5.75 -44.28 20.07
C VAL E 87 5.10 -45.63 20.26
N GLY E 88 3.99 -45.83 19.55
CA GLY E 88 3.33 -47.12 19.54
C GLY E 88 1.91 -47.07 20.07
N GLU E 89 1.50 -48.21 20.61
CA GLU E 89 0.14 -48.38 21.12
C GLU E 89 -0.09 -47.59 22.40
N VAL E 90 0.99 -47.31 23.15
CA VAL E 90 0.81 -46.59 24.40
C VAL E 90 0.37 -45.16 24.16
N THR E 91 0.64 -44.61 22.98
CA THR E 91 0.27 -43.23 22.68
C THR E 91 -1.23 -43.12 22.49
N LEU E 92 -1.92 -44.20 22.12
CA LEU E 92 -3.34 -44.17 21.80
C LEU E 92 -4.18 -43.88 23.05
N GLY E 93 -5.16 -42.99 22.94
CA GLY E 93 -6.03 -42.59 24.05
C GLY E 93 -5.41 -41.63 25.07
N ARG E 94 -4.22 -41.09 24.80
CA ARG E 94 -3.47 -40.22 25.72
C ARG E 94 -3.37 -38.78 25.24
N VAL E 95 -2.85 -37.88 26.07
CA VAL E 95 -2.52 -36.50 25.69
C VAL E 95 -1.12 -36.17 26.12
N PHE E 96 -0.27 -35.68 25.21
CA PHE E 96 1.13 -35.36 25.46
C PHE E 96 1.44 -33.87 25.26
N ASN E 97 2.46 -33.36 25.95
CA ASN E 97 3.05 -32.09 25.56
C ASN E 97 4.16 -32.34 24.55
N VAL E 98 5.01 -31.33 24.31
CA VAL E 98 6.04 -31.43 23.29
C VAL E 98 7.09 -32.49 23.65
N LEU E 99 7.40 -32.64 24.93
CA LEU E 99 8.48 -33.53 25.34
C LEU E 99 8.05 -34.99 25.41
N GLY E 100 6.80 -35.32 25.09
CA GLY E 100 6.35 -36.69 25.21
C GLY E 100 5.90 -37.10 26.58
N GLU E 101 5.84 -36.16 27.52
CA GLU E 101 5.25 -36.43 28.83
C GLU E 101 3.75 -36.26 28.75
N PRO E 102 2.96 -37.22 29.23
CA PRO E 102 1.51 -37.05 29.21
C PRO E 102 1.09 -35.89 30.10
N ILE E 103 0.21 -35.04 29.58
CA ILE E 103 -0.38 -33.97 30.37
C ILE E 103 -1.76 -34.33 30.88
N ASP E 104 -2.31 -35.48 30.47
CA ASP E 104 -3.45 -36.09 31.12
C ASP E 104 -3.08 -36.66 32.51
N LEU E 105 -4.07 -37.01 33.33
CA LEU E 105 -3.84 -37.49 34.69
C LEU E 105 -3.76 -39.02 34.80
N GLU E 106 -3.83 -39.74 33.68
CA GLU E 106 -3.99 -41.20 33.64
C GLU E 106 -2.66 -41.94 33.79
N GLY E 107 -1.71 -41.39 34.56
CA GLY E 107 -0.40 -42.01 34.74
C GLY E 107 0.61 -41.59 33.69
N ASP E 108 1.78 -42.23 33.75
CA ASP E 108 2.91 -41.87 32.91
C ASP E 108 3.45 -43.12 32.23
N ILE E 109 4.20 -42.89 31.15
CA ILE E 109 4.69 -44.00 30.33
C ILE E 109 5.87 -44.67 31.00
N PRO E 110 5.89 -46.00 31.10
CA PRO E 110 7.00 -46.67 31.78
C PRO E 110 8.34 -46.40 31.10
N ALA E 111 9.40 -46.39 31.91
CA ALA E 111 10.70 -45.94 31.45
C ALA E 111 11.29 -46.84 30.37
N ASP E 112 10.83 -48.09 30.25
CA ASP E 112 11.34 -49.01 29.25
C ASP E 112 10.60 -48.92 27.93
N ALA E 113 9.68 -47.98 27.78
CA ALA E 113 8.99 -47.79 26.51
C ALA E 113 9.98 -47.32 25.45
N ARG E 114 9.64 -47.57 24.19
CA ARG E 114 10.50 -47.18 23.09
C ARG E 114 10.24 -45.74 22.67
N ARG E 115 11.31 -45.03 22.33
CA ARG E 115 11.24 -43.60 22.05
C ARG E 115 12.03 -43.24 20.81
N ASP E 116 11.44 -42.41 19.96
CA ASP E 116 12.03 -42.04 18.68
C ASP E 116 12.44 -40.57 18.68
N PRO E 117 13.50 -40.22 17.94
CA PRO E 117 13.90 -38.81 17.86
C PRO E 117 12.90 -37.98 17.08
N ILE E 118 12.76 -36.71 17.49
CA ILE E 118 11.84 -35.80 16.83
C ILE E 118 12.43 -35.26 15.54
N HIS E 119 13.76 -35.25 15.45
CA HIS E 119 14.44 -34.80 14.24
C HIS E 119 14.93 -35.98 13.43
N ARG E 120 14.77 -35.90 12.12
CA ARG E 120 15.06 -37.05 11.26
C ARG E 120 14.98 -36.60 9.81
N PRO E 121 15.81 -37.16 8.92
CA PRO E 121 15.69 -36.81 7.50
C PRO E 121 14.43 -37.41 6.89
N ALA E 122 14.02 -36.85 5.77
CA ALA E 122 12.84 -37.34 5.07
C ALA E 122 13.15 -38.69 4.42
N PRO E 123 12.13 -39.43 4.01
CA PRO E 123 12.38 -40.69 3.31
C PRO E 123 13.15 -40.46 2.03
N LYS E 124 13.92 -41.48 1.64
CA LYS E 124 14.76 -41.37 0.45
C LYS E 124 13.90 -41.34 -0.80
N PHE E 125 14.49 -40.92 -1.91
CA PHE E 125 13.79 -40.89 -3.18
C PHE E 125 13.33 -42.29 -3.60
N GLU E 126 14.17 -43.31 -3.40
CA GLU E 126 13.79 -44.66 -3.78
C GLU E 126 12.65 -45.23 -2.94
N GLU E 127 12.46 -44.71 -1.73
CA GLU E 127 11.47 -45.27 -0.81
C GLU E 127 10.05 -44.79 -1.08
N LEU E 128 9.88 -43.73 -1.86
CA LEU E 128 8.56 -43.19 -2.14
C LEU E 128 7.80 -44.09 -3.10
N ALA E 129 6.46 -44.06 -3.02
CA ALA E 129 5.62 -44.83 -3.92
C ALA E 129 5.64 -44.26 -5.34
N THR E 130 5.47 -45.12 -6.34
CA THR E 130 5.60 -44.77 -7.76
C THR E 130 4.35 -44.15 -8.42
N GLU E 131 3.18 -44.17 -7.78
CA GLU E 131 1.93 -43.65 -8.35
C GLU E 131 0.94 -43.13 -7.30
N VAL E 132 -0.07 -42.39 -7.74
CA VAL E 132 -1.11 -41.78 -6.89
C VAL E 132 -2.21 -42.79 -6.54
N GLU E 133 -2.77 -42.67 -5.32
CA GLU E 133 -3.81 -43.54 -4.77
C GLU E 133 -4.80 -42.70 -3.99
N ILE E 134 -6.06 -42.74 -4.39
CA ILE E 134 -7.13 -41.98 -3.74
C ILE E 134 -7.43 -42.58 -2.37
N LEU E 135 -7.51 -41.72 -1.36
CA LEU E 135 -7.93 -42.10 -0.03
C LEU E 135 -9.44 -41.92 0.07
N GLU E 136 -10.18 -43.03 0.13
CA GLU E 136 -11.63 -42.97 0.23
C GLU E 136 -12.06 -42.73 1.66
N THR E 137 -12.93 -41.74 1.87
CA THR E 137 -13.31 -41.34 3.21
C THR E 137 -14.72 -41.74 3.60
N GLY E 138 -15.56 -42.13 2.63
CA GLY E 138 -16.94 -42.43 2.94
C GLY E 138 -17.83 -41.21 3.05
N ILE E 139 -17.32 -40.03 2.74
CA ILE E 139 -18.08 -38.78 2.77
C ILE E 139 -18.34 -38.38 1.32
N LYS E 140 -19.62 -38.27 0.96
CA LYS E 140 -20.00 -38.13 -0.44
C LYS E 140 -19.41 -36.89 -1.08
N VAL E 141 -19.58 -35.73 -0.43
CA VAL E 141 -19.17 -34.47 -1.05
C VAL E 141 -17.66 -34.47 -1.32
N VAL E 142 -16.87 -34.86 -0.33
CA VAL E 142 -15.42 -34.87 -0.51
C VAL E 142 -15.03 -35.88 -1.57
N ASP E 143 -15.38 -37.16 -1.40
CA ASP E 143 -14.94 -38.24 -2.29
C ASP E 143 -15.38 -38.03 -3.75
N LEU E 144 -16.44 -37.25 -3.98
CA LEU E 144 -16.80 -36.80 -5.33
C LEU E 144 -16.04 -35.55 -5.78
N LEU E 145 -16.05 -34.45 -5.02
CA LEU E 145 -15.59 -33.15 -5.52
C LEU E 145 -14.12 -32.85 -5.20
N ALA E 146 -13.58 -33.38 -4.11
CA ALA E 146 -12.28 -33.03 -3.58
C ALA E 146 -11.55 -34.25 -2.99
N PRO E 147 -11.35 -35.34 -3.75
CA PRO E 147 -10.86 -36.59 -3.21
C PRO E 147 -9.46 -36.42 -2.63
N TYR E 148 -9.23 -36.97 -1.44
CA TYR E 148 -7.93 -36.91 -0.78
C TYR E 148 -6.97 -37.89 -1.45
N ILE E 149 -5.70 -37.52 -1.55
CA ILE E 149 -4.64 -38.39 -2.07
C ILE E 149 -3.92 -39.00 -0.87
N LYS E 150 -3.59 -40.30 -0.91
CA LYS E 150 -2.69 -40.85 0.08
C LYS E 150 -1.34 -40.15 0.02
N GLY E 151 -0.87 -39.67 1.17
CA GLY E 151 0.30 -38.86 1.24
C GLY E 151 0.08 -37.39 0.95
N GLY E 152 -1.16 -36.94 0.84
CA GLY E 152 -1.42 -35.58 0.42
C GLY E 152 -1.63 -34.62 1.57
N LYS E 153 -1.44 -33.35 1.27
CA LYS E 153 -1.68 -32.26 2.20
C LYS E 153 -2.98 -31.56 1.78
N ILE E 154 -3.94 -31.52 2.70
CA ILE E 154 -5.26 -30.94 2.43
C ILE E 154 -5.44 -29.73 3.33
N GLY E 155 -5.82 -28.61 2.72
CA GLY E 155 -6.07 -27.40 3.49
C GLY E 155 -7.52 -27.30 3.88
N LEU E 156 -7.77 -27.14 5.18
CA LEU E 156 -9.12 -27.02 5.70
C LEU E 156 -9.40 -25.55 6.03
N PHE E 157 -10.35 -24.96 5.32
CA PHE E 157 -10.74 -23.58 5.52
C PHE E 157 -12.17 -23.53 6.03
N GLY E 158 -12.48 -22.52 6.81
CA GLY E 158 -13.84 -22.37 7.29
C GLY E 158 -13.93 -21.29 8.34
N GLY E 159 -15.17 -21.04 8.75
CA GLY E 159 -15.43 -20.01 9.74
C GLY E 159 -15.47 -20.55 11.15
N ALA E 160 -16.53 -20.23 11.87
CA ALA E 160 -16.71 -20.70 13.24
C ALA E 160 -18.08 -21.33 13.37
N GLY E 161 -18.17 -22.37 14.17
CA GLY E 161 -19.43 -23.07 14.30
C GLY E 161 -19.99 -23.60 13.02
N VAL E 162 -19.13 -23.96 12.06
CA VAL E 162 -19.57 -24.57 10.82
C VAL E 162 -19.36 -26.08 10.79
N GLY E 163 -18.66 -26.64 11.77
CA GLY E 163 -18.51 -28.08 11.83
C GLY E 163 -17.12 -28.63 11.57
N LYS E 164 -16.08 -27.84 11.82
CA LYS E 164 -14.72 -28.31 11.66
C LYS E 164 -14.45 -29.53 12.53
N THR E 165 -14.73 -29.43 13.82
CA THR E 165 -14.38 -30.47 14.77
C THR E 165 -15.23 -31.73 14.55
N VAL E 166 -16.47 -31.60 14.05
CA VAL E 166 -17.28 -32.77 13.71
C VAL E 166 -16.73 -33.44 12.45
N LEU E 167 -16.32 -32.64 11.46
CA LEU E 167 -15.74 -33.25 10.27
C LEU E 167 -14.45 -33.99 10.58
N ILE E 168 -13.61 -33.45 11.49
CA ILE E 168 -12.36 -34.11 11.94
C ILE E 168 -12.64 -35.42 12.65
N GLN E 169 -13.52 -35.44 13.65
CA GLN E 169 -13.84 -36.67 14.35
C GLN E 169 -14.48 -37.70 13.44
N GLU E 170 -15.29 -37.29 12.46
CA GLU E 170 -15.86 -38.21 11.48
C GLU E 170 -14.79 -38.79 10.54
N LEU E 171 -13.85 -37.98 10.03
CA LEU E 171 -12.72 -38.54 9.30
C LEU E 171 -11.97 -39.56 10.14
N ILE E 172 -11.66 -39.26 11.40
CA ILE E 172 -10.94 -40.21 12.29
C ILE E 172 -11.74 -41.49 12.44
N HIS E 173 -13.05 -41.41 12.68
CA HIS E 173 -13.90 -42.58 12.80
C HIS E 173 -13.93 -43.40 11.51
N ASN E 174 -14.20 -42.78 10.35
CA ASN E 174 -14.31 -43.55 9.11
C ASN E 174 -13.00 -44.19 8.72
N ILE E 175 -11.89 -43.45 8.86
CA ILE E 175 -10.59 -44.03 8.52
C ILE E 175 -10.28 -45.22 9.41
N ALA E 176 -10.51 -45.12 10.72
CA ALA E 176 -10.20 -46.23 11.63
C ALA E 176 -11.13 -47.43 11.46
N GLN E 177 -12.38 -47.21 11.06
CA GLN E 177 -13.34 -48.27 10.78
C GLN E 177 -13.06 -48.99 9.46
N GLU E 178 -12.94 -48.26 8.33
CA GLU E 178 -12.96 -48.90 7.03
C GLU E 178 -11.57 -49.24 6.51
N HIS E 179 -10.53 -48.53 6.94
CA HIS E 179 -9.16 -48.84 6.53
C HIS E 179 -8.30 -49.39 7.64
N GLY E 180 -8.64 -49.18 8.91
CA GLY E 180 -7.83 -49.69 9.99
C GLY E 180 -6.70 -48.78 10.43
N GLY E 181 -6.65 -47.52 10.00
CA GLY E 181 -5.59 -46.58 10.42
C GLY E 181 -5.85 -45.90 11.77
N ILE E 182 -4.80 -45.67 12.56
CA ILE E 182 -4.84 -44.71 13.68
C ILE E 182 -4.73 -43.27 13.16
N SER E 183 -4.79 -42.30 14.05
CA SER E 183 -4.50 -40.89 13.72
C SER E 183 -3.78 -40.18 14.87
N VAL E 184 -3.14 -39.05 14.56
CA VAL E 184 -2.55 -38.17 15.57
C VAL E 184 -3.08 -36.75 15.37
N PHE E 185 -3.52 -36.10 16.44
CA PHE E 185 -3.92 -34.70 16.40
C PHE E 185 -2.84 -33.85 17.04
N ALA E 186 -2.35 -32.80 16.36
CA ALA E 186 -1.27 -31.97 16.91
C ALA E 186 -1.70 -30.51 16.89
N GLY E 187 -2.27 -30.01 17.98
CA GLY E 187 -2.60 -28.59 18.08
C GLY E 187 -1.38 -27.77 18.39
N VAL E 188 -1.07 -26.80 17.55
CA VAL E 188 0.13 -25.94 17.71
C VAL E 188 -0.35 -24.55 18.15
N GLY E 189 0.12 -24.07 19.31
CA GLY E 189 -0.34 -22.78 19.82
C GLY E 189 -1.82 -22.85 20.04
N GLU E 190 -2.25 -23.82 20.86
CA GLU E 190 -3.64 -24.08 21.25
C GLU E 190 -4.08 -23.14 22.36
N ARG E 191 -5.29 -22.56 22.29
CA ARG E 191 -5.81 -21.93 23.52
C ARG E 191 -6.16 -23.06 24.48
N THR E 192 -5.73 -22.96 25.73
CA THR E 192 -5.83 -24.05 26.72
C THR E 192 -7.27 -24.42 27.01
N ARG E 193 -8.16 -23.43 27.08
CA ARG E 193 -9.61 -23.63 27.18
C ARG E 193 -10.11 -24.52 26.03
N GLU E 194 -9.69 -24.23 24.81
CA GLU E 194 -10.06 -25.00 23.62
C GLU E 194 -9.42 -26.41 23.60
N GLY E 195 -8.25 -26.59 24.20
CA GLY E 195 -7.63 -27.90 24.38
C GLY E 195 -8.39 -28.79 25.36
N ASN E 196 -8.82 -28.24 26.49
CA ASN E 196 -9.70 -28.93 27.44
C ASN E 196 -11.04 -29.29 26.80
N ASP E 197 -11.67 -28.37 26.08
CA ASP E 197 -12.91 -28.62 25.34
C ASP E 197 -12.75 -29.76 24.34
N LEU E 198 -11.70 -29.72 23.50
CA LEU E 198 -11.44 -30.74 22.50
C LEU E 198 -11.19 -32.11 23.12
N TYR E 199 -10.43 -32.18 24.21
CA TYR E 199 -10.20 -33.44 24.89
C TYR E 199 -11.48 -34.08 25.41
N HIS E 200 -12.38 -33.33 26.05
CA HIS E 200 -13.63 -33.89 26.56
C HIS E 200 -14.62 -34.25 25.46
N GLU E 201 -14.72 -33.45 24.40
CA GLU E 201 -15.53 -33.79 23.23
C GLU E 201 -15.06 -35.09 22.57
N MET E 202 -13.75 -35.21 22.37
CA MET E 202 -13.15 -36.36 21.70
C MET E 202 -13.18 -37.63 22.58
N LYS E 203 -13.08 -37.45 23.91
CA LYS E 203 -13.23 -38.54 24.90
C LYS E 203 -14.58 -39.19 24.74
N ASP E 204 -15.65 -38.38 24.78
CA ASP E 204 -17.02 -38.84 24.62
C ASP E 204 -17.15 -39.60 23.30
N SER E 205 -16.66 -39.04 22.21
CA SER E 205 -16.57 -39.72 20.92
C SER E 205 -15.93 -41.13 20.93
N GLY E 206 -15.36 -41.74 21.97
CA GLY E 206 -14.29 -42.74 22.05
C GLY E 206 -13.31 -42.92 20.87
N VAL E 207 -13.46 -42.14 19.82
CA VAL E 207 -12.43 -41.77 18.87
C VAL E 207 -11.27 -41.22 19.68
N ILE E 208 -11.44 -40.70 20.93
CA ILE E 208 -10.17 -40.46 21.68
C ILE E 208 -9.30 -41.71 21.70
N SER E 209 -9.94 -42.89 21.73
CA SER E 209 -9.13 -44.12 21.92
C SER E 209 -8.21 -44.40 20.73
N LYS E 210 -8.60 -44.04 19.50
CA LYS E 210 -7.70 -43.94 18.33
C LYS E 210 -6.75 -42.73 18.27
N THR E 211 -7.19 -41.59 18.81
CA THR E 211 -6.74 -40.20 18.57
C THR E 211 -5.30 -39.79 18.87
N ALA E 212 -4.49 -40.61 19.53
CA ALA E 212 -3.33 -40.30 20.41
C ALA E 212 -2.77 -38.88 20.77
N MET E 213 -2.97 -37.78 20.05
CA MET E 213 -2.99 -36.40 20.63
C MET E 213 -1.73 -35.78 21.30
N VAL E 214 -1.28 -34.64 20.76
CA VAL E 214 -0.21 -33.80 21.35
C VAL E 214 -0.64 -32.33 21.33
N PHE E 215 -0.41 -31.57 22.41
CA PHE E 215 -0.77 -30.14 22.47
C PHE E 215 0.44 -29.25 22.74
N GLY E 216 0.51 -28.10 22.06
CA GLY E 216 1.49 -27.07 22.39
C GLY E 216 0.78 -25.78 22.72
N GLN E 217 0.70 -25.43 24.01
CA GLN E 217 -0.22 -24.39 24.41
C GLN E 217 0.27 -23.01 23.99
N MET E 218 -0.68 -22.08 23.87
CA MET E 218 -0.36 -20.72 23.45
C MET E 218 0.58 -20.04 24.42
N ASN E 219 0.63 -20.48 25.67
CA ASN E 219 1.45 -19.84 26.69
C ASN E 219 2.79 -20.55 26.93
N GLU E 220 3.17 -21.47 26.05
CA GLU E 220 4.50 -22.05 26.09
C GLU E 220 5.46 -21.17 25.28
N PRO E 221 6.76 -21.32 25.48
CA PRO E 221 7.72 -20.52 24.73
C PRO E 221 7.89 -21.00 23.30
N PRO E 222 8.53 -20.17 22.47
CA PRO E 222 8.55 -20.41 21.03
C PRO E 222 9.17 -21.74 20.61
N GLY E 223 10.18 -22.23 21.32
CA GLY E 223 10.76 -23.51 20.93
C GLY E 223 9.75 -24.64 21.02
N ALA E 224 9.01 -24.70 22.12
CA ALA E 224 7.98 -25.73 22.26
C ALA E 224 6.90 -25.57 21.22
N ARG E 225 6.48 -24.33 20.97
CA ARG E 225 5.47 -24.13 19.92
C ARG E 225 6.00 -24.46 18.53
N MET E 226 7.33 -24.42 18.33
CA MET E 226 7.91 -24.84 17.06
C MET E 226 7.92 -26.35 16.91
N ARG E 227 8.22 -27.07 18.00
CA ARG E 227 8.52 -28.49 17.85
C ARG E 227 7.33 -29.42 18.09
N VAL E 228 6.20 -28.90 18.59
CA VAL E 228 5.09 -29.80 18.88
C VAL E 228 4.62 -30.54 17.61
N ALA E 229 4.64 -29.85 16.47
CA ALA E 229 4.25 -30.50 15.22
C ALA E 229 5.18 -31.65 14.87
N LEU E 230 6.49 -31.48 15.10
CA LEU E 230 7.43 -32.55 14.82
C LEU E 230 7.21 -33.75 15.75
N THR E 231 6.87 -33.53 17.01
CA THR E 231 6.59 -34.67 17.88
C THR E 231 5.34 -35.43 17.43
N GLY E 232 4.30 -34.70 17.01
CA GLY E 232 3.14 -35.39 16.46
C GLY E 232 3.47 -36.17 15.20
N LEU E 233 4.26 -35.56 14.32
CA LEU E 233 4.64 -36.23 13.08
C LEU E 233 5.43 -37.50 13.35
N THR E 234 6.29 -37.47 14.37
CA THR E 234 7.03 -38.68 14.75
C THR E 234 6.10 -39.78 15.23
N MET E 235 5.13 -39.48 16.09
CA MET E 235 4.20 -40.51 16.52
C MET E 235 3.40 -41.07 15.35
N ALA E 236 3.04 -40.28 14.33
CA ALA E 236 2.38 -40.86 13.15
C ALA E 236 3.34 -41.70 12.31
N GLU E 237 4.57 -41.24 12.16
CA GLU E 237 5.55 -41.97 11.35
C GLU E 237 5.79 -43.36 11.90
N TYR E 238 5.73 -43.51 13.22
CA TYR E 238 5.91 -44.85 13.78
C TYR E 238 4.90 -45.82 13.18
N PHE E 239 3.63 -45.44 13.14
CA PHE E 239 2.62 -46.35 12.64
C PHE E 239 2.74 -46.53 11.14
N ARG E 240 3.18 -45.53 10.37
CA ARG E 240 3.41 -45.78 8.95
C ARG E 240 4.53 -46.80 8.75
N ASP E 241 5.63 -46.66 9.48
CA ASP E 241 6.84 -47.42 9.15
C ASP E 241 6.86 -48.79 9.81
N GLU E 242 6.26 -48.94 10.98
CA GLU E 242 6.26 -50.20 11.71
C GLU E 242 5.03 -51.05 11.41
N GLN E 243 3.84 -50.50 11.57
CA GLN E 243 2.61 -51.23 11.37
C GLN E 243 2.18 -51.27 9.90
N GLY E 244 2.85 -50.53 9.03
CA GLY E 244 2.56 -50.56 7.60
C GLY E 244 1.17 -50.14 7.19
N GLN E 245 0.66 -49.03 7.71
CA GLN E 245 -0.73 -48.67 7.50
C GLN E 245 -0.87 -47.20 7.12
N ASP E 246 -2.07 -46.83 6.70
CA ASP E 246 -2.37 -45.45 6.32
C ASP E 246 -2.85 -44.66 7.53
N VAL E 247 -2.18 -43.55 7.80
CA VAL E 247 -2.39 -42.76 9.00
C VAL E 247 -2.93 -41.40 8.59
N LEU E 248 -3.55 -40.71 9.56
CA LEU E 248 -4.09 -39.37 9.38
C LEU E 248 -3.45 -38.44 10.40
N LEU E 249 -2.97 -37.28 9.94
CA LEU E 249 -2.37 -36.29 10.83
C LEU E 249 -3.09 -34.96 10.66
N PHE E 250 -3.55 -34.41 11.78
CA PHE E 250 -4.26 -33.13 11.80
C PHE E 250 -3.39 -32.11 12.52
N ILE E 251 -3.22 -30.96 11.90
CA ILE E 251 -2.38 -29.87 12.45
C ILE E 251 -3.25 -28.63 12.60
N ASP E 252 -3.57 -28.24 13.83
CA ASP E 252 -4.41 -27.08 14.05
C ASP E 252 -3.53 -25.82 14.07
N ASN E 253 -3.51 -25.17 12.90
CA ASN E 253 -2.87 -23.86 12.64
C ASN E 253 -1.38 -23.99 12.34
N ILE E 254 -1.05 -24.40 11.12
CA ILE E 254 0.28 -24.30 10.56
C ILE E 254 0.84 -22.88 10.62
N PHE E 255 -0.03 -21.87 10.58
CA PHE E 255 0.41 -20.50 10.71
C PHE E 255 1.08 -20.25 12.04
N ARG E 256 0.54 -20.83 13.12
CA ARG E 256 1.15 -20.63 14.43
C ARG E 256 2.52 -21.29 14.49
N PHE E 257 2.70 -22.40 13.77
CA PHE E 257 4.01 -23.03 13.65
C PHE E 257 5.01 -22.10 12.98
N THR E 258 4.62 -21.48 11.87
CA THR E 258 5.53 -20.55 11.19
C THR E 258 5.82 -19.32 12.05
N GLN E 259 4.80 -18.83 12.76
CA GLN E 259 4.97 -17.68 13.63
C GLN E 259 5.94 -17.99 14.77
N ALA E 260 5.84 -19.18 15.35
CA ALA E 260 6.80 -19.56 16.38
C ALA E 260 8.21 -19.64 15.81
N GLY E 261 8.35 -20.15 14.59
CA GLY E 261 9.66 -20.15 13.95
C GLY E 261 10.23 -18.76 13.79
N SER E 262 9.39 -17.81 13.40
CA SER E 262 9.83 -16.42 13.27
C SER E 262 10.27 -15.84 14.61
N GLU E 263 9.52 -16.12 15.68
CA GLU E 263 9.90 -15.63 16.99
C GLU E 263 11.26 -16.20 17.42
N VAL E 264 11.47 -17.50 17.17
CA VAL E 264 12.75 -18.12 17.51
C VAL E 264 13.88 -17.50 16.71
N SER E 265 13.65 -17.22 15.43
CA SER E 265 14.70 -16.59 14.64
C SER E 265 15.07 -15.23 15.20
N ALA E 266 14.06 -14.43 15.58
CA ALA E 266 14.36 -13.14 16.20
C ALA E 266 15.15 -13.33 17.50
N LEU E 267 14.79 -14.32 18.31
CA LEU E 267 15.52 -14.55 19.55
C LEU E 267 16.98 -14.92 19.28
N LEU E 268 17.22 -15.78 18.31
CA LEU E 268 18.59 -16.15 17.96
C LEU E 268 19.32 -15.07 17.19
N GLY E 269 18.63 -14.00 16.78
CA GLY E 269 19.32 -12.85 16.25
C GLY E 269 19.63 -12.88 14.77
N ARG E 270 18.92 -13.69 14.00
CA ARG E 270 19.13 -13.73 12.56
C ARG E 270 18.48 -12.52 11.90
N MET E 271 18.95 -12.20 10.71
CA MET E 271 18.43 -11.06 9.99
C MET E 271 17.06 -11.39 9.40
N PRO E 272 16.05 -10.55 9.61
CA PRO E 272 14.72 -10.87 9.08
C PRO E 272 14.69 -10.83 7.56
N SER E 273 13.81 -11.64 7.00
CA SER E 273 13.56 -11.71 5.58
C SER E 273 12.38 -10.79 5.23
N ALA E 274 11.80 -10.94 4.04
CA ALA E 274 10.70 -10.09 3.63
C ALA E 274 9.52 -10.22 4.59
N VAL E 275 8.86 -9.09 4.83
CA VAL E 275 7.65 -9.02 5.66
C VAL E 275 7.96 -9.53 7.07
N GLY E 276 9.23 -9.48 7.45
CA GLY E 276 9.63 -9.79 8.81
C GLY E 276 9.82 -11.25 9.14
N TYR E 277 9.61 -12.16 8.20
CA TYR E 277 9.70 -13.58 8.52
C TYR E 277 11.16 -14.03 8.55
N GLN E 278 11.39 -15.18 9.19
CA GLN E 278 12.74 -15.70 9.33
C GLN E 278 13.31 -16.04 7.95
N PRO E 279 14.62 -15.94 7.76
CA PRO E 279 15.19 -16.28 6.45
C PRO E 279 15.01 -17.74 6.06
N THR E 280 14.77 -18.63 7.02
CA THR E 280 14.65 -20.06 6.77
C THR E 280 13.20 -20.53 6.65
N LEU E 281 12.28 -19.65 6.30
CA LEU E 281 10.86 -19.98 6.26
C LEU E 281 10.58 -21.19 5.39
N ALA E 282 11.06 -21.14 4.15
CA ALA E 282 10.77 -22.22 3.20
C ALA E 282 11.45 -23.52 3.62
N THR E 283 12.68 -23.44 4.10
CA THR E 283 13.37 -24.67 4.51
C THR E 283 12.66 -25.33 5.69
N GLU E 284 12.22 -24.55 6.67
CA GLU E 284 11.54 -25.12 7.83
C GLU E 284 10.21 -25.75 7.43
N MET E 285 9.42 -25.04 6.63
CA MET E 285 8.18 -25.61 6.15
C MET E 285 8.41 -26.88 5.35
N GLY E 286 9.42 -26.87 4.48
CA GLY E 286 9.69 -28.04 3.67
C GLY E 286 10.14 -29.23 4.47
N GLN E 287 10.96 -28.98 5.50
CA GLN E 287 11.38 -30.08 6.35
C GLN E 287 10.20 -30.69 7.09
N LEU E 288 9.25 -29.88 7.56
CA LEU E 288 8.06 -30.48 8.15
C LEU E 288 7.24 -31.24 7.11
N GLN E 289 6.93 -30.60 5.98
CA GLN E 289 5.92 -31.12 5.07
C GLN E 289 6.44 -32.31 4.26
N GLU E 290 7.74 -32.38 4.02
CA GLU E 290 8.29 -33.45 3.19
C GLU E 290 8.34 -34.78 3.93
N ARG E 291 8.09 -34.81 5.24
CA ARG E 291 8.01 -36.06 5.97
C ARG E 291 6.61 -36.66 5.97
N ILE E 292 5.65 -36.00 5.31
CA ILE E 292 4.29 -36.53 5.16
C ILE E 292 4.20 -37.01 3.71
N THR E 293 4.21 -38.33 3.52
CA THR E 293 4.19 -38.91 2.18
C THR E 293 3.71 -40.34 2.26
N SER E 294 3.53 -40.94 1.10
CA SER E 294 3.23 -42.36 1.02
C SER E 294 4.46 -43.13 0.59
N THR E 295 4.73 -44.21 1.32
CA THR E 295 5.88 -45.07 1.06
C THR E 295 5.35 -46.36 0.47
N ALA E 296 6.24 -47.35 0.30
CA ALA E 296 5.81 -48.66 -0.16
C ALA E 296 5.08 -49.45 0.91
N LYS E 297 5.10 -49.00 2.16
CA LYS E 297 4.51 -49.75 3.26
C LYS E 297 3.47 -48.95 4.05
N GLY E 298 2.94 -47.88 3.50
CA GLY E 298 1.97 -47.08 4.21
C GLY E 298 2.05 -45.66 3.77
N SER E 299 1.32 -44.79 4.47
CA SER E 299 1.26 -43.39 4.10
C SER E 299 0.80 -42.55 5.29
N ILE E 300 1.07 -41.25 5.22
CA ILE E 300 0.49 -40.26 6.09
C ILE E 300 -0.19 -39.22 5.21
N THR E 301 -1.41 -38.83 5.56
CA THR E 301 -2.11 -37.76 4.89
C THR E 301 -2.58 -36.76 5.92
N SER E 302 -2.43 -35.48 5.63
CA SER E 302 -2.54 -34.44 6.64
C SER E 302 -3.63 -33.43 6.30
N ILE E 303 -4.52 -33.20 7.25
CA ILE E 303 -5.49 -32.11 7.20
C ILE E 303 -4.93 -30.96 8.02
N GLN E 304 -4.77 -29.80 7.39
CA GLN E 304 -4.06 -28.69 8.00
C GLN E 304 -4.91 -27.44 7.94
N ALA E 305 -5.12 -26.81 9.09
CA ALA E 305 -5.88 -25.58 9.16
C ALA E 305 -4.94 -24.39 9.01
N ILE E 306 -5.28 -23.48 8.10
CA ILE E 306 -4.37 -22.43 7.66
C ILE E 306 -5.04 -21.08 7.88
N TYR E 307 -4.36 -20.20 8.60
CA TYR E 307 -4.82 -18.85 8.86
C TYR E 307 -4.09 -17.89 7.94
N VAL E 308 -4.85 -17.09 7.20
CA VAL E 308 -4.30 -16.11 6.26
C VAL E 308 -4.11 -14.80 7.01
N PRO E 309 -2.87 -14.31 7.16
CA PRO E 309 -2.61 -13.26 8.16
C PRO E 309 -3.47 -12.02 8.04
N ALA E 310 -3.80 -11.55 6.84
CA ALA E 310 -4.65 -10.37 6.72
C ALA E 310 -5.70 -10.55 5.64
N ASP E 311 -6.11 -11.79 5.41
CA ASP E 311 -6.83 -12.19 4.20
C ASP E 311 -6.03 -11.85 2.94
N ASP E 312 -4.71 -11.83 3.08
CA ASP E 312 -3.79 -11.65 1.97
C ASP E 312 -3.20 -13.02 1.64
N TYR E 313 -3.60 -13.61 0.51
CA TYR E 313 -3.09 -14.92 0.14
C TYR E 313 -1.69 -14.87 -0.44
N THR E 314 -1.18 -13.69 -0.79
CA THR E 314 0.19 -13.57 -1.29
C THR E 314 1.20 -13.37 -0.17
N ASP E 315 0.75 -13.32 1.08
CA ASP E 315 1.67 -13.19 2.20
C ASP E 315 2.57 -14.42 2.28
N PRO E 316 3.81 -14.26 2.73
CA PRO E 316 4.77 -15.38 2.66
C PRO E 316 4.34 -16.66 3.35
N ALA E 317 3.74 -16.59 4.54
CA ALA E 317 3.32 -17.84 5.19
C ALA E 317 2.26 -18.57 4.39
N PRO E 318 1.15 -17.94 4.00
CA PRO E 318 0.18 -18.65 3.15
C PRO E 318 0.77 -19.12 1.83
N ALA E 319 1.67 -18.34 1.21
CA ALA E 319 2.22 -18.76 -0.06
C ALA E 319 3.08 -20.00 0.09
N THR E 320 3.98 -20.01 1.08
CA THR E 320 4.85 -21.17 1.28
C THR E 320 4.05 -22.39 1.68
N THR E 321 2.96 -22.22 2.42
CA THR E 321 2.14 -23.36 2.76
C THR E 321 1.37 -23.87 1.54
N PHE E 322 0.74 -22.96 0.79
CA PHE E 322 -0.04 -23.37 -0.36
C PHE E 322 0.83 -24.04 -1.41
N SER E 323 2.14 -23.78 -1.37
CA SER E 323 3.04 -24.48 -2.28
C SER E 323 3.05 -25.99 -2.09
N HIS E 324 2.55 -26.51 -0.95
CA HIS E 324 2.57 -27.94 -0.70
C HIS E 324 1.21 -28.61 -0.75
N LEU E 325 0.09 -27.89 -0.84
CA LEU E 325 -1.23 -28.51 -0.79
C LEU E 325 -1.50 -29.33 -2.06
N ASP E 326 -2.06 -30.53 -1.88
CA ASP E 326 -2.65 -31.36 -2.93
C ASP E 326 -4.17 -31.16 -3.05
N ALA E 327 -4.81 -30.67 -1.99
CA ALA E 327 -6.24 -30.47 -1.91
C ALA E 327 -6.61 -29.39 -0.91
N THR E 328 -7.88 -29.07 -0.85
CA THR E 328 -8.53 -28.01 -0.09
C THR E 328 -9.95 -28.41 0.28
N THR E 329 -10.51 -27.87 1.35
CA THR E 329 -11.92 -28.03 1.69
C THR E 329 -12.38 -26.82 2.48
N ASN E 330 -13.36 -26.08 1.95
CA ASN E 330 -13.93 -24.90 2.58
C ASN E 330 -15.32 -25.24 3.12
N LEU E 331 -15.68 -24.68 4.28
CA LEU E 331 -16.95 -24.85 4.95
C LEU E 331 -17.71 -23.54 4.96
N GLU E 332 -19.02 -23.60 4.72
CA GLU E 332 -19.84 -22.42 4.51
C GLU E 332 -20.86 -22.28 5.62
N ARG E 333 -20.86 -21.09 6.25
CA ARG E 333 -21.90 -20.80 7.25
C ARG E 333 -23.26 -20.71 6.59
N LYS E 334 -23.31 -20.33 5.32
CA LYS E 334 -24.59 -20.31 4.62
C LYS E 334 -25.22 -21.70 4.57
N LEU E 335 -24.43 -22.71 4.23
CA LEU E 335 -24.95 -24.07 4.21
C LEU E 335 -25.23 -24.57 5.61
N ALA E 336 -24.37 -24.24 6.58
CA ALA E 336 -24.65 -24.63 7.95
C ALA E 336 -25.98 -24.05 8.42
N GLU E 337 -26.37 -22.88 7.91
CA GLU E 337 -27.64 -22.27 8.28
C GLU E 337 -28.80 -22.87 7.51
N MET E 338 -28.58 -23.22 6.24
CA MET E 338 -29.54 -23.97 5.43
C MET E 338 -29.73 -25.40 5.96
N GLY E 339 -28.91 -25.84 6.92
CA GLY E 339 -29.05 -27.16 7.49
C GLY E 339 -28.36 -28.26 6.71
N ILE E 340 -27.45 -27.90 5.81
CA ILE E 340 -26.77 -28.86 4.96
C ILE E 340 -25.41 -29.20 5.57
N TYR E 341 -25.37 -30.23 6.39
CA TYR E 341 -24.10 -30.72 6.91
C TYR E 341 -23.60 -31.86 6.04
N PRO E 342 -22.29 -31.99 5.82
CA PRO E 342 -21.16 -31.28 6.44
C PRO E 342 -21.00 -29.77 6.23
N ALA E 343 -21.68 -29.11 5.29
CA ALA E 343 -21.46 -27.68 5.02
C ALA E 343 -20.21 -27.43 4.18
N VAL E 344 -19.85 -28.31 3.23
CA VAL E 344 -18.62 -28.25 2.40
C VAL E 344 -18.82 -27.61 1.01
N ASP E 345 -17.79 -26.88 0.52
CA ASP E 345 -17.70 -26.26 -0.82
C ASP E 345 -16.22 -26.15 -1.31
N PRO E 346 -15.57 -27.25 -1.77
CA PRO E 346 -14.11 -27.47 -1.71
C PRO E 346 -13.32 -27.31 -3.03
N LEU E 347 -13.52 -26.24 -3.78
CA LEU E 347 -13.34 -26.24 -5.24
C LEU E 347 -11.92 -26.52 -5.81
N ALA E 348 -10.85 -25.94 -5.25
CA ALA E 348 -9.51 -26.01 -5.87
C ALA E 348 -9.00 -27.45 -6.07
N SER E 349 -9.38 -28.32 -5.14
CA SER E 349 -9.04 -29.74 -5.06
C SER E 349 -9.44 -30.53 -6.27
N THR E 350 -10.54 -30.10 -6.90
CA THR E 350 -11.06 -30.70 -8.13
C THR E 350 -9.95 -30.72 -9.17
N SER E 351 -9.24 -29.60 -9.30
CA SER E 351 -8.31 -29.46 -10.40
C SER E 351 -7.11 -30.41 -10.31
N ARG E 352 -6.39 -30.47 -9.18
CA ARG E 352 -5.25 -31.42 -9.11
C ARG E 352 -5.64 -32.87 -8.94
N ALA E 353 -6.32 -33.14 -7.84
CA ALA E 353 -6.39 -34.51 -7.40
C ALA E 353 -7.32 -35.32 -8.28
N LEU E 354 -8.51 -34.74 -8.41
CA LEU E 354 -9.57 -35.42 -9.09
C LEU E 354 -9.16 -35.56 -10.54
N ALA E 355 -8.88 -34.42 -11.18
CA ALA E 355 -9.16 -34.52 -12.59
C ALA E 355 -8.38 -35.62 -13.29
N PRO E 356 -7.04 -35.66 -13.17
CA PRO E 356 -6.43 -36.33 -14.29
C PRO E 356 -6.62 -37.83 -14.27
N GLU E 357 -6.10 -38.52 -13.24
CA GLU E 357 -5.95 -39.93 -13.57
C GLU E 357 -7.23 -40.70 -13.33
N ILE E 358 -7.55 -40.72 -12.03
CA ILE E 358 -8.30 -41.89 -11.57
C ILE E 358 -9.76 -41.71 -11.92
N VAL E 359 -10.19 -40.55 -11.47
CA VAL E 359 -11.53 -40.14 -11.66
C VAL E 359 -11.69 -39.71 -13.10
N GLY E 360 -10.61 -39.29 -13.78
CA GLY E 360 -10.69 -38.60 -15.05
C GLY E 360 -11.55 -39.31 -16.07
N GLU E 361 -11.57 -40.65 -16.11
CA GLU E 361 -12.60 -41.22 -16.98
C GLU E 361 -14.03 -41.14 -16.43
N GLU E 362 -14.39 -41.93 -15.41
CA GLU E 362 -15.85 -41.99 -15.14
C GLU E 362 -16.36 -40.85 -14.27
N HIS E 363 -15.67 -40.75 -13.16
CA HIS E 363 -16.02 -39.97 -12.01
C HIS E 363 -15.82 -38.49 -12.30
N TYR E 364 -14.84 -38.12 -13.13
CA TYR E 364 -14.63 -36.74 -13.53
C TYR E 364 -15.76 -36.23 -14.42
N GLN E 365 -16.34 -37.06 -15.30
CA GLN E 365 -17.53 -36.62 -16.04
C GLN E 365 -18.72 -36.33 -15.10
N VAL E 366 -18.99 -37.21 -14.14
CA VAL E 366 -20.07 -36.96 -13.15
C VAL E 366 -19.79 -35.72 -12.30
N ALA E 367 -18.59 -35.57 -11.75
CA ALA E 367 -18.23 -34.47 -10.88
C ALA E 367 -18.27 -33.11 -11.59
N ARG E 368 -17.82 -33.03 -12.84
CA ARG E 368 -17.92 -31.81 -13.66
C ARG E 368 -19.37 -31.40 -13.91
N LYS E 369 -20.28 -32.35 -14.19
CA LYS E 369 -21.71 -32.06 -14.33
C LYS E 369 -22.35 -31.58 -13.03
N VAL E 370 -21.98 -32.14 -11.87
CA VAL E 370 -22.44 -31.66 -10.56
C VAL E 370 -21.99 -30.21 -10.33
N GLN E 371 -20.72 -29.88 -10.57
CA GLN E 371 -20.20 -28.52 -10.38
C GLN E 371 -20.86 -27.50 -11.30
N GLN E 372 -21.04 -27.84 -12.59
CA GLN E 372 -21.71 -26.95 -13.56
C GLN E 372 -23.16 -26.67 -13.16
N THR E 373 -23.88 -27.70 -12.67
CA THR E 373 -25.26 -27.56 -12.22
C THR E 373 -25.38 -26.65 -11.01
N LEU E 374 -24.52 -26.82 -10.00
CA LEU E 374 -24.53 -25.96 -8.81
C LEU E 374 -24.05 -24.53 -9.10
N GLN E 375 -23.12 -24.33 -10.03
CA GLN E 375 -22.72 -22.99 -10.46
C GLN E 375 -23.87 -22.24 -11.13
N ARG E 376 -24.59 -22.89 -12.06
CA ARG E 376 -25.78 -22.33 -12.74
C ARG E 376 -26.83 -21.88 -11.72
N TYR E 377 -27.13 -22.71 -10.73
CA TYR E 377 -28.06 -22.39 -9.65
C TYR E 377 -27.64 -21.17 -8.82
N LYS E 378 -26.35 -20.90 -8.61
CA LYS E 378 -25.89 -19.71 -7.87
C LYS E 378 -26.19 -18.41 -8.61
N GLU E 379 -25.94 -18.39 -9.92
CA GLU E 379 -26.31 -17.26 -10.81
C GLU E 379 -27.82 -17.01 -10.80
N LEU E 380 -28.58 -18.10 -10.95
CA LEU E 380 -30.03 -18.08 -10.85
C LEU E 380 -30.49 -17.57 -9.48
N GLN E 381 -29.77 -17.78 -8.38
CA GLN E 381 -30.22 -17.39 -7.05
C GLN E 381 -30.50 -15.89 -6.89
N ASP E 382 -29.77 -15.03 -7.60
CA ASP E 382 -30.13 -13.60 -7.57
C ASP E 382 -31.45 -13.30 -8.33
N ILE E 383 -31.55 -13.78 -9.57
CA ILE E 383 -32.75 -13.52 -10.37
C ILE E 383 -33.98 -14.27 -9.86
N ILE E 384 -33.79 -15.46 -9.29
CA ILE E 384 -34.86 -16.29 -8.73
C ILE E 384 -35.63 -15.51 -7.72
N ALA E 385 -34.98 -14.69 -6.88
CA ALA E 385 -35.73 -14.21 -5.76
C ALA E 385 -36.95 -13.39 -6.19
N ILE E 386 -36.79 -12.30 -6.95
CA ILE E 386 -38.02 -11.62 -7.39
C ILE E 386 -38.69 -12.16 -8.67
N LEU E 387 -38.00 -11.97 -9.79
CA LEU E 387 -38.62 -12.27 -11.08
C LEU E 387 -38.72 -13.76 -11.30
N GLY E 388 -37.59 -14.39 -11.01
CA GLY E 388 -37.30 -15.75 -11.28
C GLY E 388 -38.26 -16.70 -10.54
N MET E 389 -38.87 -16.33 -9.41
CA MET E 389 -39.88 -17.23 -8.85
C MET E 389 -40.93 -17.56 -9.91
N ASP E 390 -41.48 -16.57 -10.61
CA ASP E 390 -42.29 -16.89 -11.81
C ASP E 390 -41.48 -17.33 -13.05
N GLU E 391 -40.46 -16.55 -13.45
CA GLU E 391 -39.82 -16.69 -14.76
C GLU E 391 -38.94 -17.94 -14.91
N LEU E 392 -38.24 -18.29 -13.83
CA LEU E 392 -37.58 -19.58 -13.77
C LEU E 392 -38.61 -20.69 -13.81
N SER E 393 -39.82 -20.50 -13.26
CA SER E 393 -40.68 -21.63 -12.93
C SER E 393 -40.95 -22.60 -14.08
N ASP E 394 -41.10 -22.17 -15.34
CA ASP E 394 -40.94 -23.21 -16.39
C ASP E 394 -39.49 -23.59 -16.75
N GLU E 395 -38.71 -22.65 -17.29
CA GLU E 395 -37.52 -23.12 -18.03
C GLU E 395 -36.37 -23.58 -17.11
N ASP E 396 -36.07 -22.66 -16.21
CA ASP E 396 -35.07 -22.85 -15.20
C ASP E 396 -35.52 -23.77 -14.07
N LYS E 397 -36.82 -23.96 -13.79
CA LYS E 397 -37.22 -25.00 -12.83
C LYS E 397 -36.64 -26.36 -13.21
N LEU E 398 -36.49 -26.71 -14.48
CA LEU E 398 -35.77 -27.95 -14.81
C LEU E 398 -34.36 -27.96 -14.21
N VAL E 399 -33.61 -26.86 -14.32
CA VAL E 399 -32.29 -26.76 -13.64
C VAL E 399 -32.42 -26.69 -12.12
N VAL E 400 -33.26 -25.82 -11.56
CA VAL E 400 -33.35 -25.55 -10.12
C VAL E 400 -33.86 -26.75 -9.33
N HIS E 401 -34.86 -27.45 -9.86
CA HIS E 401 -35.48 -28.61 -9.25
C HIS E 401 -34.48 -29.76 -9.08
N ARG E 402 -33.62 -29.94 -10.09
CA ARG E 402 -32.52 -30.91 -10.07
C ARG E 402 -31.32 -30.41 -9.25
N ALA E 403 -30.96 -29.13 -9.35
CA ALA E 403 -29.88 -28.52 -8.58
C ALA E 403 -30.15 -28.54 -7.07
N ARG E 404 -31.36 -28.24 -6.60
CA ARG E 404 -31.70 -28.37 -5.17
C ARG E 404 -31.67 -29.80 -4.68
N ARG E 405 -32.13 -30.76 -5.47
CA ARG E 405 -31.96 -32.20 -5.16
C ARG E 405 -30.49 -32.58 -5.12
N ILE E 406 -29.63 -32.10 -6.03
CA ILE E 406 -28.18 -32.35 -5.94
C ILE E 406 -27.60 -31.70 -4.68
N GLN E 407 -27.98 -30.46 -4.37
CA GLN E 407 -27.48 -29.77 -3.19
C GLN E 407 -27.92 -30.49 -1.92
N PHE E 408 -29.13 -31.07 -1.88
CA PHE E 408 -29.53 -31.81 -0.69
C PHE E 408 -28.83 -33.16 -0.61
N PHE E 409 -28.69 -33.85 -1.73
CA PHE E 409 -28.03 -35.15 -1.73
C PHE E 409 -26.55 -35.05 -1.38
N LEU E 410 -25.87 -33.89 -1.54
CA LEU E 410 -24.48 -33.76 -1.07
C LEU E 410 -24.38 -33.80 0.45
N SER E 411 -25.45 -33.50 1.19
CA SER E 411 -25.38 -33.61 2.64
C SER E 411 -25.45 -35.08 3.05
N GLN E 412 -25.21 -35.34 4.33
CA GLN E 412 -25.09 -36.71 4.78
C GLN E 412 -25.27 -36.80 6.29
N ASN E 413 -25.65 -37.99 6.74
CA ASN E 413 -25.72 -38.29 8.17
C ASN E 413 -24.39 -38.86 8.64
N PHE E 414 -23.75 -38.15 9.56
CA PHE E 414 -22.46 -38.56 10.10
C PHE E 414 -22.65 -39.49 11.29
N HIS E 415 -21.74 -40.46 11.42
CA HIS E 415 -21.72 -41.30 12.62
C HIS E 415 -21.69 -40.45 13.88
N VAL E 416 -20.75 -39.50 13.94
CA VAL E 416 -20.58 -38.64 15.10
C VAL E 416 -21.82 -37.76 15.37
N ALA E 417 -22.72 -37.58 14.39
CA ALA E 417 -23.90 -36.75 14.58
C ALA E 417 -24.97 -37.43 15.41
N GLU E 418 -24.84 -38.72 15.69
CA GLU E 418 -25.91 -39.42 16.38
C GLU E 418 -26.18 -38.85 17.76
N GLN E 419 -25.20 -38.20 18.38
CA GLN E 419 -25.39 -37.53 19.67
C GLN E 419 -26.21 -36.24 19.57
N PHE E 420 -26.40 -35.68 18.36
CA PHE E 420 -27.24 -34.50 18.18
C PHE E 420 -28.65 -34.88 17.77
N THR E 421 -28.79 -35.97 17.02
CA THR E 421 -30.07 -36.46 16.52
C THR E 421 -29.95 -37.95 16.34
N GLY E 422 -31.04 -38.67 16.60
CA GLY E 422 -30.99 -40.12 16.58
C GLY E 422 -30.92 -40.72 15.19
N GLN E 423 -29.77 -40.60 14.54
CA GLN E 423 -29.51 -41.21 13.24
C GLN E 423 -28.22 -42.02 13.29
N PRO E 424 -28.28 -43.31 12.97
CA PRO E 424 -27.07 -44.15 13.05
C PRO E 424 -25.88 -43.65 12.25
N GLY E 425 -26.08 -43.09 11.05
CA GLY E 425 -24.95 -42.64 10.27
C GLY E 425 -24.40 -43.68 9.34
N SER E 426 -23.80 -43.26 8.23
CA SER E 426 -23.51 -44.20 7.14
C SER E 426 -22.16 -43.90 6.51
N TYR E 427 -21.63 -44.92 5.84
CA TYR E 427 -20.38 -44.85 5.08
C TYR E 427 -20.67 -45.23 3.64
N VAL E 428 -20.39 -44.32 2.71
CA VAL E 428 -20.86 -44.44 1.34
C VAL E 428 -19.64 -44.56 0.42
N PRO E 429 -19.50 -45.67 -0.31
CA PRO E 429 -18.37 -45.79 -1.25
C PRO E 429 -18.52 -44.88 -2.46
N VAL E 430 -17.32 -44.61 -3.01
CA VAL E 430 -17.06 -43.66 -4.09
C VAL E 430 -17.84 -44.04 -5.35
N LYS E 431 -17.89 -45.32 -5.71
CA LYS E 431 -18.68 -45.78 -6.86
C LYS E 431 -20.20 -45.67 -6.63
N GLU E 432 -20.69 -45.75 -5.39
CA GLU E 432 -22.09 -45.50 -5.09
C GLU E 432 -22.46 -44.03 -5.20
N THR E 433 -21.60 -43.12 -4.72
CA THR E 433 -21.87 -41.69 -4.86
C THR E 433 -21.78 -41.26 -6.33
N VAL E 434 -20.81 -41.77 -7.09
CA VAL E 434 -20.77 -41.60 -8.55
C VAL E 434 -22.06 -42.08 -9.20
N ARG E 435 -22.54 -43.28 -8.84
CA ARG E 435 -23.82 -43.82 -9.32
C ARG E 435 -25.00 -42.88 -9.04
N GLY E 436 -25.29 -42.57 -7.78
CA GLY E 436 -26.44 -41.77 -7.37
C GLY E 436 -26.49 -40.44 -8.07
N PHE E 437 -25.35 -39.72 -8.13
CA PHE E 437 -25.31 -38.43 -8.80
C PHE E 437 -25.54 -38.58 -10.29
N LYS E 438 -25.04 -39.64 -10.95
CA LYS E 438 -25.37 -39.92 -12.35
C LYS E 438 -26.87 -40.10 -12.56
N GLU E 439 -27.57 -40.81 -11.68
CA GLU E 439 -29.02 -40.98 -11.77
C GLU E 439 -29.74 -39.64 -11.62
N ILE E 440 -29.38 -38.88 -10.59
CA ILE E 440 -30.08 -37.61 -10.38
C ILE E 440 -29.88 -36.68 -11.56
N LEU E 441 -28.68 -36.68 -12.16
CA LEU E 441 -28.39 -35.91 -13.37
C LEU E 441 -29.18 -36.42 -14.58
N GLU E 442 -29.51 -37.71 -14.63
CA GLU E 442 -30.40 -38.31 -15.63
C GLU E 442 -31.90 -38.09 -15.36
N GLY E 443 -32.32 -37.63 -14.18
CA GLY E 443 -33.71 -37.34 -13.90
C GLY E 443 -34.54 -38.53 -13.48
N LYS E 444 -33.91 -39.62 -13.06
CA LYS E 444 -34.66 -40.78 -12.58
C LYS E 444 -35.55 -40.45 -11.39
N TYR E 445 -35.06 -39.57 -10.52
CA TYR E 445 -35.58 -39.32 -9.18
C TYR E 445 -36.28 -37.95 -9.03
N ASP E 446 -36.58 -37.26 -10.13
CA ASP E 446 -37.22 -35.93 -10.08
C ASP E 446 -38.60 -35.95 -9.42
N HIS E 447 -39.36 -37.04 -9.50
CA HIS E 447 -40.70 -37.14 -8.90
C HIS E 447 -40.70 -37.11 -7.36
N LEU E 448 -39.56 -37.40 -6.73
CA LEU E 448 -39.44 -37.45 -5.28
C LEU E 448 -39.29 -36.03 -4.72
N PRO E 449 -39.85 -35.76 -3.55
CA PRO E 449 -39.72 -34.41 -2.97
C PRO E 449 -38.27 -34.10 -2.64
N GLU E 450 -37.94 -32.81 -2.68
CA GLU E 450 -36.56 -32.41 -2.39
C GLU E 450 -36.14 -32.86 -1.00
N ASP E 451 -37.05 -32.78 -0.04
CA ASP E 451 -36.74 -33.09 1.35
C ASP E 451 -36.33 -34.54 1.54
N ALA E 452 -36.81 -35.45 0.69
CA ALA E 452 -36.40 -36.84 0.79
C ALA E 452 -34.90 -37.03 0.59
N PHE E 453 -34.23 -36.12 -0.12
CA PHE E 453 -32.83 -36.25 -0.42
C PHE E 453 -31.91 -35.78 0.69
N ARG E 454 -32.45 -35.30 1.80
CA ARG E 454 -31.65 -34.57 2.77
C ARG E 454 -31.09 -35.49 3.84
N LEU E 455 -29.78 -35.36 4.11
CA LEU E 455 -29.14 -35.94 5.29
C LEU E 455 -29.30 -37.45 5.32
N VAL E 456 -28.85 -38.10 4.23
CA VAL E 456 -29.04 -39.53 4.02
C VAL E 456 -27.76 -40.10 3.44
N GLY E 457 -27.70 -41.43 3.38
CA GLY E 457 -26.54 -42.12 2.83
C GLY E 457 -26.64 -42.41 1.34
N ARG E 458 -26.68 -43.69 0.98
CA ARG E 458 -26.81 -44.07 -0.41
C ARG E 458 -28.14 -43.60 -0.99
N ILE E 459 -28.27 -43.69 -2.32
CA ILE E 459 -29.45 -43.18 -3.00
C ILE E 459 -30.71 -43.95 -2.58
N GLU E 460 -30.57 -45.26 -2.34
CA GLU E 460 -31.73 -46.08 -1.97
C GLU E 460 -32.45 -45.53 -0.75
N GLU E 461 -31.70 -45.05 0.23
CA GLU E 461 -32.35 -44.50 1.42
C GLU E 461 -33.18 -43.28 1.09
N VAL E 462 -32.90 -42.58 -0.01
CA VAL E 462 -33.78 -41.51 -0.46
C VAL E 462 -35.12 -42.09 -0.89
N VAL E 463 -35.10 -43.20 -1.64
CA VAL E 463 -36.33 -43.85 -2.03
C VAL E 463 -37.12 -44.27 -0.79
N GLU E 464 -36.43 -44.84 0.20
CA GLU E 464 -37.10 -45.26 1.42
C GLU E 464 -37.68 -44.08 2.19
N LYS E 465 -36.92 -42.99 2.30
CA LYS E 465 -37.41 -41.82 3.03
C LYS E 465 -38.64 -41.24 2.34
N ALA E 466 -38.61 -41.15 1.01
CA ALA E 466 -39.78 -40.66 0.29
C ALA E 466 -40.97 -41.58 0.47
N LYS E 467 -40.75 -42.89 0.34
CA LYS E 467 -41.85 -43.83 0.54
C LYS E 467 -42.43 -43.74 1.95
N ALA E 468 -41.59 -43.42 2.94
CA ALA E 468 -42.07 -43.29 4.30
C ALA E 468 -42.85 -41.99 4.51
N MET E 469 -42.41 -40.91 3.89
CA MET E 469 -43.14 -39.65 4.03
C MET E 469 -44.28 -39.52 3.04
N GLY E 470 -44.50 -40.53 2.21
CA GLY E 470 -45.59 -40.53 1.25
C GLY E 470 -45.13 -40.80 -0.17
N MET F 1 60.56 -4.18 -2.20
CA MET F 1 60.22 -4.29 -3.61
C MET F 1 58.75 -3.92 -3.82
N THR F 2 58.41 -3.48 -5.03
CA THR F 2 57.06 -3.01 -5.31
C THR F 2 56.11 -4.18 -5.58
N ARG F 3 56.09 -5.17 -4.70
CA ARG F 3 55.19 -6.30 -4.85
C ARG F 3 54.56 -6.62 -3.51
N GLY F 4 53.33 -7.12 -3.57
CA GLY F 4 52.57 -7.46 -2.38
C GLY F 4 52.13 -8.91 -2.43
N ARG F 5 51.30 -9.28 -1.48
CA ARG F 5 50.79 -10.63 -1.37
C ARG F 5 49.32 -10.59 -0.96
N VAL F 6 48.56 -11.61 -1.37
CA VAL F 6 47.14 -11.67 -1.04
C VAL F 6 46.98 -11.96 0.44
N ILE F 7 46.15 -11.16 1.10
CA ILE F 7 45.83 -11.35 2.51
C ILE F 7 44.44 -11.94 2.71
N GLN F 8 43.46 -11.44 1.97
CA GLN F 8 42.09 -11.92 2.06
C GLN F 8 41.44 -11.93 0.69
N VAL F 9 40.49 -12.83 0.51
CA VAL F 9 39.69 -12.92 -0.69
C VAL F 9 38.24 -13.06 -0.27
N MET F 10 37.39 -12.14 -0.72
CA MET F 10 35.97 -12.24 -0.41
C MET F 10 35.19 -11.88 -1.68
N GLY F 11 34.94 -12.88 -2.50
CA GLY F 11 34.28 -12.67 -3.76
C GLY F 11 35.06 -11.73 -4.65
N PRO F 12 34.42 -10.66 -5.09
CA PRO F 12 35.09 -9.71 -5.99
C PRO F 12 36.15 -8.86 -5.31
N VAL F 13 36.24 -8.89 -3.99
CA VAL F 13 37.11 -7.99 -3.24
C VAL F 13 38.30 -8.78 -2.72
N VAL F 14 39.51 -8.24 -2.92
CA VAL F 14 40.75 -8.87 -2.48
C VAL F 14 41.52 -7.87 -1.64
N ASP F 15 42.17 -8.35 -0.58
CA ASP F 15 43.02 -7.52 0.26
C ASP F 15 44.47 -7.89 0.01
N VAL F 16 45.30 -6.88 -0.26
CA VAL F 16 46.69 -7.08 -0.64
C VAL F 16 47.56 -6.28 0.30
N LYS F 17 48.63 -6.89 0.80
CA LYS F 17 49.55 -6.24 1.72
C LYS F 17 50.87 -5.97 1.01
N PHE F 18 51.35 -4.74 1.12
CA PHE F 18 52.58 -4.30 0.49
C PHE F 18 53.63 -4.02 1.55
N GLU F 19 54.81 -3.62 1.09
CA GLU F 19 55.85 -3.19 2.00
C GLU F 19 55.61 -1.75 2.42
N ASN F 20 56.27 -1.32 3.48
CA ASN F 20 56.03 0.02 4.01
C ASN F 20 56.47 1.08 3.01
N GLY F 21 55.64 2.10 2.84
CA GLY F 21 55.98 3.22 2.01
C GLY F 21 55.88 2.99 0.52
N HIS F 22 55.47 1.80 0.09
CA HIS F 22 55.31 1.49 -1.31
C HIS F 22 53.85 1.18 -1.65
N LEU F 23 52.92 1.79 -0.93
CA LEU F 23 51.52 1.54 -1.20
C LEU F 23 51.10 2.20 -2.50
N PRO F 24 50.29 1.53 -3.32
CA PRO F 24 49.84 2.14 -4.57
C PRO F 24 48.75 3.18 -4.34
N ALA F 25 48.61 4.05 -5.33
CA ALA F 25 47.58 5.08 -5.27
C ALA F 25 46.19 4.46 -5.35
N ILE F 26 45.17 5.30 -5.24
CA ILE F 26 43.83 4.78 -5.00
C ILE F 26 43.20 4.15 -6.24
N TYR F 27 43.66 4.48 -7.44
CA TYR F 27 43.05 3.90 -8.64
C TYR F 27 44.02 3.04 -9.42
N ASN F 28 45.16 2.69 -8.84
CA ASN F 28 46.19 1.95 -9.54
C ASN F 28 45.71 0.56 -9.93
N ALA F 29 46.20 0.08 -11.05
CA ALA F 29 45.95 -1.30 -11.47
C ALA F 29 47.00 -2.21 -10.88
N LEU F 30 46.58 -3.43 -10.50
CA LEU F 30 47.45 -4.44 -9.94
C LEU F 30 47.31 -5.73 -10.73
N LYS F 31 48.38 -6.50 -10.80
CA LYS F 31 48.45 -7.69 -11.63
C LYS F 31 48.82 -8.90 -10.80
N ILE F 32 48.08 -10.00 -10.99
CA ILE F 32 48.41 -11.30 -10.41
C ILE F 32 48.64 -12.27 -11.56
N GLN F 33 49.87 -12.71 -11.73
CA GLN F 33 50.23 -13.66 -12.78
C GLN F 33 50.88 -14.87 -12.12
N HIS F 34 50.11 -15.95 -12.00
CA HIS F 34 50.51 -17.11 -11.23
C HIS F 34 50.50 -18.36 -12.11
N LYS F 35 51.61 -19.09 -12.08
CA LYS F 35 51.73 -20.37 -12.77
C LYS F 35 51.44 -21.50 -11.79
N ALA F 36 50.60 -22.45 -12.20
CA ALA F 36 50.19 -23.51 -11.31
C ALA F 36 51.33 -24.47 -11.06
N ARG F 37 52.11 -24.19 -10.01
CA ARG F 37 53.32 -24.93 -9.73
C ARG F 37 53.05 -26.31 -9.14
N ASN F 38 51.79 -26.69 -8.98
CA ASN F 38 51.46 -27.99 -8.44
C ASN F 38 50.02 -28.32 -8.84
N GLU F 39 49.71 -29.62 -8.91
CA GLU F 39 48.43 -30.08 -9.41
C GLU F 39 47.25 -29.75 -8.51
N ASN F 40 47.49 -29.27 -7.28
CA ASN F 40 46.40 -28.80 -6.43
C ASN F 40 46.16 -27.31 -6.55
N GLU F 41 46.69 -26.66 -7.59
CA GLU F 41 46.43 -25.26 -7.88
C GLU F 41 46.12 -25.12 -9.36
N VAL F 42 45.76 -23.90 -9.74
CA VAL F 42 45.52 -23.53 -11.12
C VAL F 42 46.27 -22.24 -11.40
N ASP F 43 46.50 -21.95 -12.67
CA ASP F 43 47.21 -20.74 -13.01
C ASP F 43 46.24 -19.56 -13.12
N ILE F 44 46.77 -18.37 -12.92
CA ILE F 44 45.96 -17.17 -12.74
C ILE F 44 46.54 -16.05 -13.58
N ASP F 45 45.66 -15.31 -14.25
CA ASP F 45 45.99 -14.05 -14.90
C ASP F 45 44.89 -13.05 -14.61
N LEU F 46 45.09 -12.24 -13.58
CA LEU F 46 44.02 -11.42 -13.04
C LEU F 46 44.55 -10.01 -12.83
N THR F 47 43.70 -9.03 -13.00
CA THR F 47 44.05 -7.63 -12.79
C THR F 47 43.08 -7.00 -11.80
N LEU F 48 43.62 -6.24 -10.85
CA LEU F 48 42.83 -5.63 -9.79
C LEU F 48 42.98 -4.11 -9.87
N GLU F 49 42.00 -3.42 -9.31
CA GLU F 49 42.04 -1.97 -9.20
C GLU F 49 41.89 -1.60 -7.72
N VAL F 50 42.82 -0.77 -7.22
CA VAL F 50 42.82 -0.40 -5.81
C VAL F 50 41.60 0.45 -5.48
N ALA F 51 41.08 0.28 -4.28
CA ALA F 51 39.88 1.02 -3.90
C ALA F 51 40.00 1.78 -2.59
N LEU F 52 40.66 1.23 -1.59
CA LEU F 52 40.73 1.83 -0.26
C LEU F 52 42.08 1.56 0.37
N HIS F 53 42.56 2.51 1.16
CA HIS F 53 43.75 2.29 1.98
C HIS F 53 43.27 1.90 3.38
N LEU F 54 43.50 0.64 3.73
CA LEU F 54 42.85 0.05 4.88
C LEU F 54 43.57 0.34 6.18
N GLY F 55 44.81 0.82 6.11
CA GLY F 55 45.65 0.90 7.28
C GLY F 55 46.48 -0.34 7.47
N ASP F 56 47.69 -0.15 8.00
CA ASP F 56 48.61 -1.23 8.30
C ASP F 56 49.14 -1.88 7.02
N ASP F 57 49.55 -1.03 6.08
CA ASP F 57 50.19 -1.44 4.84
C ASP F 57 49.28 -2.27 3.94
N THR F 58 47.98 -2.29 4.22
CA THR F 58 47.04 -3.13 3.49
C THR F 58 46.16 -2.27 2.61
N VAL F 59 45.82 -2.81 1.44
CA VAL F 59 44.98 -2.14 0.46
C VAL F 59 43.82 -3.07 0.14
N ARG F 60 42.65 -2.50 -0.08
CA ARG F 60 41.49 -3.25 -0.50
C ARG F 60 41.20 -2.93 -1.97
N THR F 61 40.98 -3.96 -2.78
CA THR F 61 40.93 -3.83 -4.23
C THR F 61 39.71 -4.56 -4.79
N ILE F 62 39.38 -4.23 -6.04
CA ILE F 62 38.25 -4.82 -6.75
C ILE F 62 38.78 -5.58 -7.96
N ALA F 63 38.37 -6.84 -8.09
CA ALA F 63 38.85 -7.68 -9.17
C ALA F 63 38.08 -7.44 -10.46
N MET F 64 38.80 -7.39 -11.57
CA MET F 64 38.19 -7.19 -12.88
C MET F 64 37.69 -8.48 -13.52
N ALA F 65 37.98 -9.64 -12.92
CA ALA F 65 37.49 -10.91 -13.43
C ALA F 65 37.19 -11.81 -12.25
N SER F 66 37.00 -13.10 -12.52
CA SER F 66 36.67 -14.04 -11.46
C SER F 66 37.88 -14.31 -10.60
N THR F 67 37.66 -14.40 -9.29
CA THR F 67 38.72 -14.63 -8.32
C THR F 67 38.85 -16.09 -7.92
N ASP F 68 38.14 -16.99 -8.59
CA ASP F 68 38.24 -18.40 -8.28
C ASP F 68 39.68 -18.88 -8.45
N GLY F 69 40.16 -19.59 -7.44
CA GLY F 69 41.50 -20.15 -7.49
C GLY F 69 42.58 -19.30 -6.87
N LEU F 70 42.23 -18.16 -6.26
CA LEU F 70 43.23 -17.37 -5.56
C LEU F 70 43.59 -18.01 -4.24
N ILE F 71 44.84 -17.84 -3.84
CA ILE F 71 45.38 -18.43 -2.62
C ILE F 71 46.03 -17.33 -1.79
N ARG F 72 45.84 -17.38 -0.48
CA ARG F 72 46.46 -16.39 0.37
C ARG F 72 47.98 -16.53 0.33
N GLY F 73 48.64 -15.48 -0.14
CA GLY F 73 50.07 -15.47 -0.27
C GLY F 73 50.62 -15.33 -1.67
N MET F 74 49.77 -15.32 -2.70
CA MET F 74 50.25 -15.08 -4.04
C MET F 74 50.88 -13.71 -4.16
N GLU F 75 51.75 -13.54 -5.16
CA GLU F 75 52.49 -12.31 -5.35
C GLU F 75 51.75 -11.37 -6.28
N VAL F 76 51.70 -10.10 -5.91
CA VAL F 76 50.93 -9.06 -6.60
C VAL F 76 51.88 -7.97 -7.03
N ILE F 77 51.71 -7.49 -8.26
CA ILE F 77 52.60 -6.52 -8.89
C ILE F 77 51.85 -5.21 -9.08
N ASP F 78 52.50 -4.10 -8.79
CA ASP F 78 51.91 -2.78 -8.98
C ASP F 78 52.36 -2.21 -10.32
N THR F 79 51.41 -1.82 -11.17
CA THR F 79 51.74 -1.26 -12.46
C THR F 79 52.06 0.23 -12.39
N GLY F 80 51.73 0.89 -11.29
CA GLY F 80 52.06 2.29 -11.11
C GLY F 80 51.12 3.27 -11.76
N ALA F 81 50.10 2.80 -12.47
CA ALA F 81 49.19 3.67 -13.19
C ALA F 81 47.81 3.03 -13.21
N PRO F 82 46.76 3.83 -13.39
CA PRO F 82 45.43 3.27 -13.55
C PRO F 82 45.31 2.44 -14.83
N ILE F 83 44.17 1.75 -14.96
CA ILE F 83 43.93 0.95 -16.15
C ILE F 83 43.97 1.84 -17.38
N SER F 84 44.83 1.49 -18.34
CA SER F 84 45.07 2.32 -19.52
C SER F 84 44.74 1.53 -20.78
N VAL F 85 44.09 2.19 -21.72
CA VAL F 85 43.52 1.52 -22.89
C VAL F 85 43.94 2.24 -24.17
N PRO F 86 44.03 1.55 -25.30
CA PRO F 86 44.42 2.22 -26.55
C PRO F 86 43.40 3.26 -26.98
N VAL F 87 43.89 4.30 -27.63
CA VAL F 87 43.05 5.35 -28.19
C VAL F 87 43.62 5.72 -29.56
N GLY F 88 42.85 6.49 -30.31
CA GLY F 88 43.30 6.95 -31.60
C GLY F 88 42.54 6.30 -32.74
N GLU F 89 43.05 6.52 -33.95
CA GLU F 89 42.41 5.94 -35.13
C GLU F 89 42.49 4.42 -35.13
N VAL F 90 43.33 3.86 -34.26
CA VAL F 90 43.52 2.42 -34.19
C VAL F 90 42.31 1.70 -33.64
N THR F 91 41.45 2.38 -32.87
CA THR F 91 40.29 1.76 -32.23
C THR F 91 39.11 1.61 -33.18
N LEU F 92 39.10 2.31 -34.32
CA LEU F 92 38.00 2.28 -35.27
C LEU F 92 37.88 0.89 -35.91
N GLY F 93 36.66 0.37 -36.00
CA GLY F 93 36.39 -0.97 -36.52
C GLY F 93 36.68 -2.12 -35.55
N ARG F 94 37.25 -1.87 -34.36
CA ARG F 94 37.63 -2.90 -33.38
C ARG F 94 36.58 -3.10 -32.28
N VAL F 95 36.52 -4.30 -31.70
CA VAL F 95 35.68 -4.62 -30.53
C VAL F 95 36.58 -4.92 -29.34
N PHE F 96 36.35 -4.33 -28.16
CA PHE F 96 37.20 -4.47 -26.96
C PHE F 96 36.45 -4.91 -25.71
N ASN F 97 37.18 -5.20 -24.63
CA ASN F 97 36.60 -5.43 -23.31
C ASN F 97 37.07 -4.35 -22.33
N VAL F 98 36.74 -4.55 -21.05
CA VAL F 98 37.01 -3.51 -20.05
C VAL F 98 38.48 -3.13 -19.95
N LEU F 99 39.39 -4.05 -20.26
CA LEU F 99 40.82 -3.78 -20.15
C LEU F 99 41.43 -3.21 -21.42
N GLY F 100 40.63 -2.95 -22.45
CA GLY F 100 41.18 -2.47 -23.69
C GLY F 100 41.81 -3.53 -24.57
N GLU F 101 41.50 -4.79 -24.34
CA GLU F 101 42.00 -5.85 -25.20
C GLU F 101 40.98 -6.20 -26.27
N PRO F 102 41.38 -6.22 -27.54
CA PRO F 102 40.43 -6.54 -28.61
C PRO F 102 39.89 -7.95 -28.46
N ILE F 103 38.63 -8.14 -28.87
CA ILE F 103 37.96 -9.43 -28.78
C ILE F 103 37.24 -9.82 -30.06
N ASP F 104 37.58 -9.14 -31.16
CA ASP F 104 37.04 -9.34 -32.50
C ASP F 104 37.79 -10.36 -33.34
N LEU F 105 38.96 -10.82 -32.89
CA LEU F 105 39.82 -11.78 -33.57
C LEU F 105 40.46 -11.24 -34.85
N GLU F 106 40.73 -9.94 -34.91
CA GLU F 106 41.46 -9.35 -36.02
C GLU F 106 42.94 -9.10 -35.67
N GLY F 107 43.43 -9.61 -34.53
CA GLY F 107 44.81 -9.44 -34.13
C GLY F 107 44.95 -8.45 -32.99
N ASP F 108 46.15 -8.42 -32.41
CA ASP F 108 46.40 -7.54 -31.27
C ASP F 108 46.66 -6.11 -31.72
N ILE F 109 46.75 -5.23 -30.74
CA ILE F 109 47.11 -3.83 -30.96
C ILE F 109 48.58 -3.69 -30.59
N PRO F 110 49.36 -2.90 -31.32
CA PRO F 110 50.81 -2.85 -31.07
C PRO F 110 51.10 -2.42 -29.65
N ALA F 111 52.16 -2.98 -29.08
CA ALA F 111 52.50 -2.67 -27.70
C ALA F 111 52.82 -1.20 -27.49
N ASP F 112 53.23 -0.48 -28.53
CA ASP F 112 53.66 0.91 -28.41
C ASP F 112 52.59 1.92 -28.82
N ALA F 113 51.38 1.48 -29.12
CA ALA F 113 50.30 2.41 -29.40
C ALA F 113 50.02 3.26 -28.16
N ARG F 114 49.47 4.45 -28.37
CA ARG F 114 49.13 5.32 -27.26
C ARG F 114 47.94 4.75 -26.49
N ARG F 115 48.01 4.80 -25.17
CA ARG F 115 46.88 4.39 -24.35
C ARG F 115 46.70 5.34 -23.18
N ASP F 116 45.46 5.69 -22.89
CA ASP F 116 45.11 6.73 -21.93
C ASP F 116 44.49 6.14 -20.68
N PRO F 117 44.74 6.75 -19.52
CA PRO F 117 44.17 6.23 -18.28
C PRO F 117 42.66 6.41 -18.21
N ILE F 118 42.00 5.46 -17.54
CA ILE F 118 40.55 5.40 -17.53
C ILE F 118 39.95 6.44 -16.60
N HIS F 119 40.71 6.93 -15.63
CA HIS F 119 40.23 7.88 -14.62
C HIS F 119 40.86 9.24 -14.86
N ARG F 120 40.05 10.29 -14.79
CA ARG F 120 40.53 11.65 -14.96
C ARG F 120 39.42 12.62 -14.55
N PRO F 121 39.77 13.86 -14.23
CA PRO F 121 38.74 14.84 -13.86
C PRO F 121 38.00 15.39 -15.06
N ALA F 122 36.82 15.95 -14.79
CA ALA F 122 35.94 16.46 -15.83
C ALA F 122 36.42 17.81 -16.37
N PRO F 123 35.93 18.22 -17.53
CA PRO F 123 36.35 19.49 -18.11
C PRO F 123 35.97 20.66 -17.22
N LYS F 124 36.76 21.74 -17.29
CA LYS F 124 36.59 22.86 -16.39
C LYS F 124 35.42 23.75 -16.80
N PHE F 125 34.93 24.52 -15.85
CA PHE F 125 33.82 25.45 -16.04
C PHE F 125 34.05 26.38 -17.23
N GLU F 126 35.29 26.82 -17.44
CA GLU F 126 35.59 27.78 -18.50
C GLU F 126 35.74 27.14 -19.87
N GLU F 127 35.71 25.82 -19.96
CA GLU F 127 35.90 25.12 -21.22
C GLU F 127 34.60 24.63 -21.84
N LEU F 128 33.52 24.65 -21.09
CA LEU F 128 32.27 24.05 -21.55
C LEU F 128 31.61 24.92 -22.60
N ALA F 129 30.84 24.27 -23.47
CA ALA F 129 30.07 24.94 -24.50
C ALA F 129 28.59 24.76 -24.22
N THR F 130 27.84 25.86 -24.29
CA THR F 130 26.42 25.90 -23.92
C THR F 130 25.61 26.51 -25.05
N GLU F 131 25.30 25.70 -26.07
CA GLU F 131 24.44 26.13 -27.16
C GLU F 131 23.44 25.01 -27.44
N VAL F 132 22.17 25.35 -27.65
CA VAL F 132 21.12 24.37 -27.91
C VAL F 132 20.73 24.44 -29.38
N GLU F 133 20.86 23.30 -30.07
CA GLU F 133 20.25 23.07 -31.38
C GLU F 133 19.55 21.72 -31.39
N ILE F 134 18.41 21.62 -32.07
CA ILE F 134 17.59 20.41 -32.08
C ILE F 134 18.26 19.34 -32.94
N LEU F 135 18.07 18.09 -32.54
CA LEU F 135 18.57 16.91 -33.24
C LEU F 135 17.36 16.13 -33.76
N GLU F 136 17.05 16.31 -35.04
CA GLU F 136 15.91 15.63 -35.63
C GLU F 136 16.17 14.14 -35.71
N THR F 137 15.18 13.33 -35.30
CA THR F 137 15.33 11.88 -35.30
C THR F 137 14.37 11.17 -36.23
N GLY F 138 13.26 11.80 -36.61
CA GLY F 138 12.28 11.15 -37.44
C GLY F 138 11.19 10.43 -36.70
N ILE F 139 11.19 10.46 -35.38
CA ILE F 139 10.16 9.86 -34.56
C ILE F 139 9.20 10.97 -34.14
N LYS F 140 7.90 10.76 -34.39
CA LYS F 140 6.91 11.82 -34.23
C LYS F 140 6.84 12.30 -32.78
N VAL F 141 6.71 11.37 -31.83
CA VAL F 141 6.47 11.76 -30.44
C VAL F 141 7.67 12.48 -29.87
N VAL F 142 8.87 11.98 -30.15
CA VAL F 142 10.09 12.67 -29.71
C VAL F 142 10.15 14.06 -30.32
N ASP F 143 10.21 14.13 -31.65
CA ASP F 143 10.51 15.39 -32.32
C ASP F 143 9.44 16.45 -32.03
N LEU F 144 8.23 16.05 -31.64
CA LEU F 144 7.18 16.93 -31.14
C LEU F 144 7.27 17.29 -29.65
N LEU F 145 7.53 16.36 -28.74
CA LEU F 145 7.31 16.58 -27.30
C LEU F 145 8.56 16.44 -26.44
N ALA F 146 9.59 15.75 -26.91
CA ALA F 146 10.79 15.40 -26.17
C ALA F 146 12.08 15.66 -26.96
N PRO F 147 12.20 16.71 -27.79
CA PRO F 147 13.20 16.75 -28.84
C PRO F 147 14.60 16.74 -28.27
N TYR F 148 15.46 15.93 -28.89
CA TYR F 148 16.83 15.75 -28.44
C TYR F 148 17.68 16.96 -28.76
N ILE F 149 18.66 17.22 -27.90
CA ILE F 149 19.57 18.35 -28.05
C ILE F 149 20.89 17.82 -28.60
N LYS F 150 21.34 18.35 -29.73
CA LYS F 150 22.69 18.08 -30.19
C LYS F 150 23.70 18.49 -29.12
N GLY F 151 24.57 17.58 -28.76
CA GLY F 151 25.58 17.85 -27.76
C GLY F 151 25.18 17.62 -26.33
N GLY F 152 23.94 17.21 -26.06
CA GLY F 152 23.47 17.00 -24.71
C GLY F 152 23.26 15.53 -24.37
N LYS F 153 22.64 15.30 -23.22
CA LYS F 153 22.40 13.97 -22.71
C LYS F 153 20.93 13.61 -22.89
N ILE F 154 20.67 12.33 -23.20
CA ILE F 154 19.33 11.81 -23.44
C ILE F 154 19.15 10.58 -22.57
N GLY F 155 17.96 10.40 -22.01
CA GLY F 155 17.67 9.29 -21.13
C GLY F 155 16.41 8.56 -21.55
N LEU F 156 16.53 7.26 -21.77
CA LEU F 156 15.41 6.39 -22.11
C LEU F 156 15.13 5.53 -20.89
N PHE F 157 14.10 5.90 -20.14
CA PHE F 157 13.71 5.14 -18.96
C PHE F 157 12.67 4.09 -19.34
N GLY F 158 12.79 2.90 -18.77
CA GLY F 158 11.79 1.89 -18.99
C GLY F 158 11.93 0.64 -18.15
N GLY F 159 10.82 -0.06 -17.94
CA GLY F 159 10.85 -1.31 -17.23
C GLY F 159 11.41 -2.41 -18.11
N ALA F 160 11.11 -3.64 -17.72
CA ALA F 160 11.67 -4.79 -18.41
C ALA F 160 10.80 -5.20 -19.59
N GLY F 161 11.38 -5.21 -20.78
CA GLY F 161 10.68 -5.65 -21.98
C GLY F 161 9.82 -4.62 -22.65
N VAL F 162 10.08 -3.33 -22.44
CA VAL F 162 9.16 -2.28 -22.87
C VAL F 162 9.58 -1.62 -24.17
N GLY F 163 10.87 -1.64 -24.53
CA GLY F 163 11.25 -1.06 -25.79
C GLY F 163 12.50 -0.20 -25.83
N LYS F 164 13.28 -0.18 -24.75
CA LYS F 164 14.49 0.64 -24.72
C LYS F 164 15.46 0.26 -25.83
N THR F 165 15.75 -1.04 -25.98
CA THR F 165 16.75 -1.48 -26.93
C THR F 165 16.30 -1.25 -28.37
N VAL F 166 15.03 -1.53 -28.67
CA VAL F 166 14.51 -1.28 -30.01
C VAL F 166 14.56 0.21 -30.32
N LEU F 167 14.19 1.05 -29.35
CA LEU F 167 14.24 2.49 -29.57
C LEU F 167 15.66 2.96 -29.84
N ILE F 168 16.63 2.45 -29.07
CA ILE F 168 18.02 2.85 -29.27
C ILE F 168 18.52 2.39 -30.63
N GLN F 169 18.10 1.23 -31.13
CA GLN F 169 18.54 0.74 -32.43
C GLN F 169 17.88 1.52 -33.55
N GLU F 170 16.64 1.99 -33.36
CA GLU F 170 16.05 2.87 -34.36
C GLU F 170 16.77 4.21 -34.39
N LEU F 171 17.20 4.70 -33.24
CA LEU F 171 18.02 5.92 -33.23
C LEU F 171 19.35 5.72 -33.96
N ILE F 172 20.03 4.59 -33.71
CA ILE F 172 21.29 4.25 -34.39
C ILE F 172 21.07 4.21 -35.90
N HIS F 173 19.98 3.59 -36.36
CA HIS F 173 19.62 3.55 -37.77
C HIS F 173 19.29 4.93 -38.37
N ASN F 174 18.58 5.81 -37.64
CA ASN F 174 18.15 7.09 -38.18
C ASN F 174 19.28 8.13 -38.19
N ILE F 175 20.20 8.06 -37.22
CA ILE F 175 21.27 9.04 -37.02
C ILE F 175 22.65 8.60 -37.54
N ALA F 176 23.13 7.39 -37.23
CA ALA F 176 24.56 7.10 -37.30
C ALA F 176 25.15 6.97 -38.72
N GLN F 177 24.37 6.55 -39.72
CA GLN F 177 24.80 6.62 -41.13
C GLN F 177 25.06 8.07 -41.57
N GLU F 178 24.18 9.02 -41.20
CA GLU F 178 24.26 10.41 -41.64
C GLU F 178 25.33 11.23 -40.90
N HIS F 179 25.65 10.85 -39.66
CA HIS F 179 26.38 11.69 -38.68
C HIS F 179 27.74 12.22 -39.15
N GLY F 180 28.45 11.50 -40.01
CA GLY F 180 29.74 11.92 -40.58
C GLY F 180 30.96 11.86 -39.65
N GLY F 181 30.81 12.22 -38.38
CA GLY F 181 31.85 12.08 -37.35
C GLY F 181 32.06 10.65 -36.84
N ILE F 182 32.88 10.51 -35.80
CA ILE F 182 33.15 9.24 -35.11
C ILE F 182 31.97 8.86 -34.20
N SER F 183 31.88 7.60 -33.78
CA SER F 183 30.83 7.10 -32.89
C SER F 183 31.34 5.96 -32.02
N VAL F 184 30.80 5.78 -30.82
CA VAL F 184 31.21 4.72 -29.88
C VAL F 184 29.98 4.04 -29.28
N PHE F 185 29.95 2.72 -29.28
CA PHE F 185 28.92 1.94 -28.60
C PHE F 185 29.50 1.29 -27.36
N ALA F 186 28.80 1.37 -26.22
CA ALA F 186 29.29 0.74 -25.01
C ALA F 186 28.16 -0.09 -24.40
N GLY F 187 28.34 -1.40 -24.37
CA GLY F 187 27.34 -2.30 -23.85
C GLY F 187 27.61 -2.73 -22.43
N VAL F 188 26.84 -2.20 -21.51
CA VAL F 188 27.07 -2.46 -20.06
C VAL F 188 25.94 -3.31 -19.51
N GLY F 189 26.24 -4.53 -19.11
CA GLY F 189 25.23 -5.33 -18.40
C GLY F 189 24.08 -5.83 -19.26
N GLU F 190 24.27 -5.93 -20.57
CA GLU F 190 23.11 -6.31 -21.40
C GLU F 190 23.40 -7.68 -22.02
N ARG F 191 22.54 -8.20 -22.89
CA ARG F 191 22.72 -9.57 -23.45
C ARG F 191 23.94 -9.65 -24.40
N THR F 192 24.72 -10.73 -24.27
CA THR F 192 25.89 -11.04 -25.13
C THR F 192 25.44 -11.44 -26.53
N ARG F 193 24.29 -12.11 -26.63
CA ARG F 193 23.58 -12.31 -27.90
C ARG F 193 23.35 -10.99 -28.62
N GLU F 194 22.84 -9.98 -27.93
CA GLU F 194 22.57 -8.67 -28.53
C GLU F 194 23.86 -7.95 -28.97
N GLY F 195 24.98 -8.14 -28.28
CA GLY F 195 26.29 -7.66 -28.73
C GLY F 195 26.79 -8.34 -30.01
N ASN F 196 26.64 -9.66 -30.13
CA ASN F 196 26.91 -10.39 -31.37
C ASN F 196 26.01 -9.90 -32.51
N ASP F 197 24.70 -9.83 -32.28
CA ASP F 197 23.72 -9.44 -33.29
C ASP F 197 23.99 -8.02 -33.78
N LEU F 198 24.28 -7.09 -32.86
CA LEU F 198 24.65 -5.73 -33.20
C LEU F 198 25.94 -5.65 -34.00
N TYR F 199 26.98 -6.41 -33.64
CA TYR F 199 28.23 -6.41 -34.40
C TYR F 199 28.02 -6.80 -35.86
N HIS F 200 27.23 -7.84 -36.16
CA HIS F 200 26.98 -8.23 -37.56
C HIS F 200 26.11 -7.24 -38.33
N GLU F 201 25.08 -6.64 -37.72
CA GLU F 201 24.32 -5.56 -38.35
C GLU F 201 25.21 -4.35 -38.69
N MET F 202 26.10 -4.00 -37.77
CA MET F 202 27.06 -2.93 -37.96
C MET F 202 28.08 -3.26 -39.04
N LYS F 203 28.54 -4.51 -39.08
CA LYS F 203 29.62 -4.98 -39.96
C LYS F 203 29.22 -4.76 -41.39
N ASP F 204 28.05 -5.32 -41.74
CA ASP F 204 27.43 -5.16 -43.05
C ASP F 204 27.25 -3.69 -43.34
N SER F 205 26.71 -2.94 -42.40
CA SER F 205 26.56 -1.50 -42.52
C SER F 205 27.84 -0.72 -42.94
N GLY F 206 29.10 -1.20 -43.06
CA GLY F 206 30.39 -0.51 -42.88
C GLY F 206 30.45 0.74 -41.97
N VAL F 207 29.34 1.11 -41.37
CA VAL F 207 29.19 1.85 -40.13
C VAL F 207 30.01 1.10 -39.10
N ILE F 208 30.22 -0.24 -39.18
CA ILE F 208 31.25 -0.79 -38.25
C ILE F 208 32.56 -0.04 -38.44
N SER F 209 32.86 0.40 -39.67
CA SER F 209 34.24 0.84 -39.96
C SER F 209 34.67 2.02 -39.12
N LYS F 210 33.81 3.04 -38.98
CA LYS F 210 34.00 4.07 -37.94
C LYS F 210 33.64 3.67 -36.51
N THR F 211 32.44 3.15 -36.33
CA THR F 211 31.74 3.12 -35.05
C THR F 211 32.13 2.12 -33.98
N ALA F 212 32.88 1.07 -34.29
CA ALA F 212 32.60 -0.13 -33.51
C ALA F 212 32.40 -0.26 -31.95
N MET F 213 33.29 -0.29 -30.93
CA MET F 213 32.75 -1.03 -29.73
C MET F 213 33.63 -1.27 -28.50
N VAL F 214 33.01 -1.28 -27.31
CA VAL F 214 33.48 -2.00 -26.09
C VAL F 214 32.33 -2.76 -25.41
N PHE F 215 32.57 -3.93 -24.82
CA PHE F 215 31.52 -4.73 -24.16
C PHE F 215 31.88 -5.22 -22.75
N GLY F 216 30.94 -5.10 -21.80
CA GLY F 216 30.96 -5.92 -20.60
C GLY F 216 29.54 -6.23 -20.20
N GLN F 217 29.16 -7.50 -20.29
CA GLN F 217 27.76 -7.88 -20.31
C GLN F 217 27.35 -8.54 -18.99
N MET F 218 26.12 -9.04 -18.95
CA MET F 218 25.58 -9.57 -17.70
C MET F 218 26.35 -10.79 -17.21
N ASN F 219 27.15 -11.42 -18.05
CA ASN F 219 27.95 -12.56 -17.61
C ASN F 219 29.17 -12.13 -16.80
N GLU F 220 29.62 -10.90 -16.96
CA GLU F 220 30.85 -10.44 -16.32
C GLU F 220 30.66 -10.26 -14.81
N PRO F 221 31.74 -10.33 -14.04
CA PRO F 221 31.66 -10.02 -12.61
C PRO F 221 31.50 -8.52 -12.40
N PRO F 222 31.19 -8.09 -11.17
CA PRO F 222 30.85 -6.68 -10.96
C PRO F 222 31.98 -5.71 -11.31
N GLY F 223 33.23 -6.14 -11.17
CA GLY F 223 34.34 -5.23 -11.43
C GLY F 223 34.37 -4.72 -12.86
N ALA F 224 34.07 -5.59 -13.83
CA ALA F 224 34.12 -5.19 -15.23
C ALA F 224 32.90 -4.34 -15.60
N ARG F 225 31.74 -4.67 -15.04
CA ARG F 225 30.54 -3.88 -15.26
C ARG F 225 30.63 -2.52 -14.60
N MET F 226 31.53 -2.35 -13.64
CA MET F 226 31.74 -1.04 -13.05
C MET F 226 32.63 -0.12 -13.88
N ARG F 227 33.33 -0.64 -14.90
CA ARG F 227 34.37 0.15 -15.58
C ARG F 227 34.29 0.15 -17.10
N VAL F 228 33.50 -0.73 -17.73
CA VAL F 228 33.42 -0.68 -19.19
C VAL F 228 32.93 0.69 -19.65
N ALA F 229 32.04 1.31 -18.88
CA ALA F 229 31.54 2.63 -19.25
C ALA F 229 32.67 3.63 -19.31
N LEU F 230 33.57 3.61 -18.32
CA LEU F 230 34.72 4.51 -18.32
C LEU F 230 35.65 4.22 -19.49
N THR F 231 35.82 2.96 -19.86
CA THR F 231 36.64 2.63 -21.03
C THR F 231 36.08 3.27 -22.29
N GLY F 232 34.80 3.04 -22.56
CA GLY F 232 34.18 3.64 -23.74
C GLY F 232 34.23 5.15 -23.71
N LEU F 233 34.04 5.73 -22.52
CA LEU F 233 34.10 7.19 -22.40
C LEU F 233 35.49 7.70 -22.73
N THR F 234 36.54 6.99 -22.29
CA THR F 234 37.90 7.40 -22.61
C THR F 234 38.13 7.42 -24.11
N MET F 235 37.72 6.37 -24.82
CA MET F 235 37.87 6.34 -26.27
C MET F 235 37.06 7.47 -26.93
N ALA F 236 35.88 7.82 -26.43
CA ALA F 236 35.12 8.94 -26.98
C ALA F 236 35.80 10.28 -26.69
N GLU F 237 36.36 10.41 -25.51
CA GLU F 237 36.99 11.65 -25.09
C GLU F 237 38.21 11.96 -25.95
N TYR F 238 38.96 10.93 -26.33
CA TYR F 238 40.10 11.18 -27.21
C TYR F 238 39.66 11.86 -28.50
N PHE F 239 38.63 11.33 -29.15
CA PHE F 239 38.15 11.93 -30.39
C PHE F 239 37.58 13.32 -30.16
N ARG F 240 36.90 13.58 -29.03
CA ARG F 240 36.40 14.93 -28.79
C ARG F 240 37.54 15.93 -28.62
N ASP F 241 38.53 15.59 -27.79
CA ASP F 241 39.51 16.57 -27.35
C ASP F 241 40.82 16.56 -28.13
N GLU F 242 41.00 15.63 -29.07
CA GLU F 242 42.23 15.56 -29.84
C GLU F 242 42.03 15.81 -31.33
N GLN F 243 40.81 15.64 -31.83
CA GLN F 243 40.50 15.83 -33.24
C GLN F 243 39.32 16.75 -33.46
N GLY F 244 38.65 17.20 -32.40
CA GLY F 244 37.55 18.14 -32.54
C GLY F 244 36.31 17.56 -33.16
N GLN F 245 36.20 16.24 -33.26
CA GLN F 245 35.06 15.62 -33.89
C GLN F 245 33.81 15.80 -33.03
N ASP F 246 32.65 15.72 -33.67
CA ASP F 246 31.39 15.51 -32.97
C ASP F 246 31.18 14.01 -32.83
N VAL F 247 30.94 13.57 -31.61
CA VAL F 247 30.93 12.15 -31.27
C VAL F 247 29.55 11.76 -30.76
N LEU F 248 29.03 10.65 -31.28
CA LEU F 248 27.85 9.99 -30.73
C LEU F 248 28.31 8.95 -29.70
N LEU F 249 27.59 8.84 -28.60
CA LEU F 249 27.91 7.86 -27.58
C LEU F 249 26.65 7.15 -27.13
N PHE F 250 26.57 5.86 -27.41
CA PHE F 250 25.44 5.04 -27.01
C PHE F 250 25.82 4.15 -25.84
N ILE F 251 24.94 4.06 -24.85
CA ILE F 251 25.13 3.22 -23.68
C ILE F 251 23.87 2.38 -23.50
N ASP F 252 23.99 1.07 -23.64
CA ASP F 252 22.80 0.22 -23.70
C ASP F 252 22.14 0.01 -22.35
N ASN F 253 22.86 0.11 -21.25
CA ASN F 253 22.17 0.27 -19.98
C ASN F 253 23.14 0.84 -18.95
N ILE F 254 22.85 2.06 -18.49
CA ILE F 254 23.68 2.72 -17.49
C ILE F 254 23.20 2.45 -16.07
N PHE F 255 22.06 1.80 -15.90
CA PHE F 255 21.64 1.41 -14.56
C PHE F 255 22.45 0.25 -14.01
N ARG F 256 22.86 -0.67 -14.88
CA ARG F 256 23.70 -1.80 -14.48
C ARG F 256 25.02 -1.35 -13.90
N PHE F 257 25.50 -0.16 -14.26
CA PHE F 257 26.73 0.38 -13.69
C PHE F 257 26.59 0.68 -12.20
N THR F 258 25.52 1.36 -11.79
CA THR F 258 25.29 1.58 -10.37
C THR F 258 24.93 0.29 -9.65
N GLN F 259 24.23 -0.62 -10.33
CA GLN F 259 23.93 -1.90 -9.71
C GLN F 259 25.21 -2.66 -9.40
N ALA F 260 26.16 -2.66 -10.32
CA ALA F 260 27.46 -3.27 -10.08
C ALA F 260 28.17 -2.59 -8.91
N GLY F 261 28.12 -1.25 -8.86
CA GLY F 261 28.70 -0.57 -7.72
C GLY F 261 28.14 -1.02 -6.40
N SER F 262 26.82 -1.18 -6.31
CA SER F 262 26.21 -1.62 -5.06
C SER F 262 26.51 -3.07 -4.76
N GLU F 263 26.81 -3.88 -5.76
CA GLU F 263 27.19 -5.27 -5.50
C GLU F 263 28.56 -5.42 -4.87
N VAL F 264 29.41 -4.40 -4.91
CA VAL F 264 30.72 -4.48 -4.27
C VAL F 264 30.82 -3.57 -3.05
N SER F 265 30.01 -2.52 -2.95
CA SER F 265 30.07 -1.66 -1.78
C SER F 265 29.87 -2.46 -0.48
N ALA F 266 29.06 -3.51 -0.54
CA ALA F 266 28.80 -4.31 0.66
C ALA F 266 30.05 -5.07 1.09
N LEU F 267 30.69 -5.76 0.15
CA LEU F 267 31.91 -6.51 0.44
C LEU F 267 33.11 -5.60 0.71
N LEU F 268 33.04 -4.34 0.34
CA LEU F 268 34.09 -3.40 0.68
C LEU F 268 34.00 -2.90 2.11
N GLY F 269 32.92 -3.23 2.82
CA GLY F 269 32.72 -2.78 4.17
C GLY F 269 32.17 -1.38 4.28
N ARG F 270 31.02 -1.14 3.65
CA ARG F 270 30.35 0.15 3.71
C ARG F 270 28.91 -0.07 4.17
N MET F 271 28.41 0.84 4.99
CA MET F 271 27.06 0.69 5.50
C MET F 271 26.04 0.93 4.38
N PRO F 272 25.00 0.10 4.29
CA PRO F 272 24.01 0.29 3.23
C PRO F 272 23.22 1.57 3.40
N SER F 273 22.85 2.17 2.27
CA SER F 273 21.95 3.31 2.24
C SER F 273 20.53 2.88 1.88
N ALA F 274 19.68 3.84 1.55
CA ALA F 274 18.29 3.52 1.26
C ALA F 274 18.18 2.46 0.17
N VAL F 275 17.34 1.47 0.42
CA VAL F 275 17.03 0.39 -0.52
C VAL F 275 18.25 -0.48 -0.77
N GLY F 276 19.27 -0.37 0.08
CA GLY F 276 20.44 -1.22 0.01
C GLY F 276 21.55 -0.73 -0.88
N TYR F 277 21.36 0.38 -1.58
CA TYR F 277 22.40 0.86 -2.48
C TYR F 277 23.62 1.33 -1.69
N GLN F 278 24.71 1.57 -2.43
CA GLN F 278 25.92 2.09 -1.84
C GLN F 278 25.68 3.52 -1.33
N PRO F 279 26.42 3.94 -0.32
CA PRO F 279 26.28 5.32 0.17
C PRO F 279 26.89 6.37 -0.76
N THR F 280 27.64 5.97 -1.77
CA THR F 280 28.32 6.89 -2.68
C THR F 280 27.64 6.95 -4.04
N LEU F 281 26.38 6.53 -4.12
CA LEU F 281 25.71 6.32 -5.40
C LEU F 281 25.73 7.59 -6.25
N ALA F 282 25.35 8.71 -5.66
CA ALA F 282 25.30 9.96 -6.39
C ALA F 282 26.69 10.45 -6.78
N THR F 283 27.69 10.30 -5.92
CA THR F 283 29.04 10.73 -6.27
C THR F 283 29.59 9.94 -7.45
N GLU F 284 29.43 8.63 -7.45
CA GLU F 284 29.92 7.85 -8.58
C GLU F 284 29.12 8.06 -9.85
N MET F 285 27.81 8.30 -9.76
CA MET F 285 27.07 8.67 -10.95
C MET F 285 27.56 10.00 -11.51
N GLY F 286 27.76 10.99 -10.63
CA GLY F 286 28.16 12.31 -11.07
C GLY F 286 29.54 12.35 -11.68
N GLN F 287 30.51 11.68 -11.06
CA GLN F 287 31.87 11.70 -11.59
C GLN F 287 31.94 11.11 -13.00
N LEU F 288 31.04 10.20 -13.34
CA LEU F 288 31.00 9.61 -14.67
C LEU F 288 30.21 10.45 -15.65
N GLN F 289 29.04 10.94 -15.23
CA GLN F 289 28.19 11.69 -16.14
C GLN F 289 28.70 13.10 -16.40
N GLU F 290 29.58 13.63 -15.56
CA GLU F 290 30.14 14.95 -15.79
C GLU F 290 31.19 14.97 -16.90
N ARG F 291 31.77 13.84 -17.23
CA ARG F 291 32.77 13.76 -18.29
C ARG F 291 32.15 13.57 -19.66
N ILE F 292 30.85 13.33 -19.72
CA ILE F 292 30.12 13.26 -21.00
C ILE F 292 29.51 14.64 -21.20
N THR F 293 30.29 15.52 -21.83
CA THR F 293 29.84 16.88 -22.10
C THR F 293 30.47 17.37 -23.39
N SER F 294 30.06 18.56 -23.80
CA SER F 294 30.59 19.22 -24.98
C SER F 294 31.43 20.42 -24.54
N THR F 295 32.67 20.45 -24.99
CA THR F 295 33.54 21.59 -24.77
C THR F 295 33.57 22.42 -26.06
N ALA F 296 34.46 23.41 -26.14
CA ALA F 296 34.67 24.14 -27.38
C ALA F 296 35.38 23.31 -28.44
N LYS F 297 36.22 22.36 -28.03
CA LYS F 297 37.01 21.60 -28.99
C LYS F 297 36.13 20.65 -29.80
N GLY F 298 35.12 20.06 -29.17
CA GLY F 298 34.21 19.16 -29.86
C GLY F 298 33.00 18.94 -29.00
N SER F 299 32.12 18.06 -29.47
CA SER F 299 30.89 17.75 -28.78
C SER F 299 30.70 16.27 -28.62
N ILE F 300 29.97 15.88 -27.59
CA ILE F 300 29.53 14.51 -27.39
C ILE F 300 28.02 14.52 -27.24
N THR F 301 27.34 13.75 -28.08
CA THR F 301 25.91 13.48 -27.91
C THR F 301 25.80 12.08 -27.35
N SER F 302 25.21 11.94 -26.17
CA SER F 302 25.09 10.66 -25.51
C SER F 302 23.63 10.26 -25.38
N ILE F 303 23.32 9.04 -25.73
CA ILE F 303 21.99 8.47 -25.59
C ILE F 303 22.09 7.26 -24.68
N GLN F 304 21.38 7.31 -23.56
CA GLN F 304 21.55 6.31 -22.52
C GLN F 304 20.22 5.68 -22.17
N ALA F 305 20.14 4.36 -22.29
CA ALA F 305 18.99 3.61 -21.82
C ALA F 305 19.13 3.38 -20.33
N ILE F 306 18.04 3.58 -19.58
CA ILE F 306 18.05 3.53 -18.12
C ILE F 306 16.94 2.60 -17.67
N TYR F 307 17.33 1.46 -17.09
CA TYR F 307 16.40 0.52 -16.52
C TYR F 307 15.83 1.03 -15.20
N VAL F 308 14.53 0.83 -15.00
CA VAL F 308 13.93 1.12 -13.69
C VAL F 308 13.60 -0.23 -13.05
N PRO F 309 14.19 -0.53 -11.88
CA PRO F 309 14.30 -1.92 -11.42
C PRO F 309 13.01 -2.72 -11.47
N ALA F 310 11.98 -2.28 -10.76
CA ALA F 310 10.64 -2.75 -11.06
C ALA F 310 9.97 -1.60 -11.82
N ASP F 311 8.69 -1.71 -12.11
CA ASP F 311 8.11 -0.57 -12.79
C ASP F 311 7.96 0.56 -11.79
N ASP F 312 9.08 1.02 -11.22
CA ASP F 312 9.11 1.97 -10.11
C ASP F 312 10.11 3.07 -10.46
N TYR F 313 9.61 4.30 -10.64
CA TYR F 313 10.47 5.40 -11.06
C TYR F 313 11.10 6.14 -9.89
N THR F 314 10.72 5.84 -8.67
CA THR F 314 11.34 6.48 -7.52
C THR F 314 12.53 5.71 -7.00
N ASP F 315 12.92 4.63 -7.67
CA ASP F 315 14.09 3.88 -7.25
C ASP F 315 15.33 4.77 -7.32
N PRO F 316 16.25 4.64 -6.35
CA PRO F 316 17.33 5.62 -6.23
C PRO F 316 18.18 5.80 -7.47
N ALA F 317 18.51 4.73 -8.20
CA ALA F 317 19.37 4.90 -9.37
C ALA F 317 18.71 5.75 -10.45
N PRO F 318 17.51 5.41 -10.94
CA PRO F 318 16.85 6.31 -11.91
C PRO F 318 16.61 7.71 -11.37
N ALA F 319 16.18 7.80 -10.10
CA ALA F 319 15.87 9.12 -9.56
C ALA F 319 17.10 10.00 -9.51
N THR F 320 18.27 9.41 -9.23
CA THR F 320 19.49 10.21 -9.17
C THR F 320 20.00 10.53 -10.56
N THR F 321 19.80 9.62 -11.52
CA THR F 321 20.23 9.93 -12.88
C THR F 321 19.40 11.04 -13.50
N PHE F 322 18.20 11.36 -12.97
CA PHE F 322 17.31 12.32 -13.60
C PHE F 322 17.94 13.69 -13.61
N SER F 323 18.91 13.93 -12.74
CA SER F 323 19.47 15.29 -12.61
C SER F 323 20.51 15.59 -13.69
N HIS F 324 20.94 14.59 -14.45
CA HIS F 324 22.02 14.78 -15.40
C HIS F 324 21.55 14.89 -16.84
N LEU F 325 20.28 14.74 -17.16
CA LEU F 325 19.84 14.51 -18.53
C LEU F 325 19.24 15.77 -19.14
N ASP F 326 19.56 16.09 -20.40
CA ASP F 326 18.99 17.23 -21.12
C ASP F 326 17.67 16.92 -21.81
N ALA F 327 17.41 15.66 -22.16
CA ALA F 327 16.08 15.18 -22.46
C ALA F 327 15.84 13.81 -21.85
N THR F 328 14.59 13.48 -21.56
CA THR F 328 14.18 12.19 -21.00
C THR F 328 12.95 11.69 -21.71
N THR F 329 12.88 10.41 -22.05
CA THR F 329 11.64 9.75 -22.49
C THR F 329 11.32 8.60 -21.56
N ASN F 330 10.13 8.59 -20.98
CA ASN F 330 9.69 7.56 -20.06
C ASN F 330 8.72 6.65 -20.80
N LEU F 331 9.04 5.38 -20.92
CA LEU F 331 8.26 4.30 -21.51
C LEU F 331 7.41 3.61 -20.46
N GLU F 332 6.22 3.20 -20.84
CA GLU F 332 5.26 2.68 -19.90
C GLU F 332 4.70 1.36 -20.38
N ARG F 333 4.64 0.37 -19.47
CA ARG F 333 4.09 -0.93 -19.81
C ARG F 333 2.62 -0.84 -20.18
N LYS F 334 1.90 0.13 -19.63
CA LYS F 334 0.48 0.30 -19.98
C LYS F 334 0.32 0.58 -21.47
N LEU F 335 1.09 1.52 -22.00
CA LEU F 335 1.01 1.77 -23.44
C LEU F 335 1.55 0.58 -24.24
N ALA F 336 2.66 0.00 -23.79
CA ALA F 336 3.22 -1.14 -24.52
C ALA F 336 2.20 -2.27 -24.62
N GLU F 337 1.30 -2.37 -23.64
CA GLU F 337 0.30 -3.43 -23.66
C GLU F 337 -0.95 -3.01 -24.44
N MET F 338 -1.29 -1.73 -24.43
CA MET F 338 -2.33 -1.24 -25.32
C MET F 338 -1.91 -1.32 -26.79
N GLY F 339 -0.64 -1.59 -27.05
CA GLY F 339 -0.22 -1.76 -28.43
C GLY F 339 0.40 -0.53 -29.04
N ILE F 340 0.76 0.46 -28.22
CA ILE F 340 1.30 1.73 -28.70
C ILE F 340 2.82 1.71 -28.60
N TYR F 341 3.48 1.59 -29.74
CA TYR F 341 4.94 1.74 -29.75
C TYR F 341 5.31 3.03 -30.45
N PRO F 342 6.37 3.72 -30.03
CA PRO F 342 7.39 3.35 -29.03
C PRO F 342 6.92 3.22 -27.58
N ALA F 343 5.69 3.54 -27.21
CA ALA F 343 5.20 3.43 -25.84
C ALA F 343 5.69 4.56 -24.94
N VAL F 344 6.06 5.73 -25.48
CA VAL F 344 6.51 6.89 -24.69
C VAL F 344 5.32 7.54 -23.99
N ASP F 345 5.43 7.82 -22.69
CA ASP F 345 4.53 8.66 -21.92
C ASP F 345 4.81 10.14 -22.24
N PRO F 346 3.89 10.87 -22.91
CA PRO F 346 4.23 12.13 -23.55
C PRO F 346 4.48 13.32 -22.61
N LEU F 347 4.05 13.28 -21.35
CA LEU F 347 4.11 14.44 -20.45
C LEU F 347 5.52 14.79 -19.89
N ALA F 348 6.22 13.80 -19.34
CA ALA F 348 7.50 13.97 -18.61
C ALA F 348 8.59 14.71 -19.43
N SER F 349 8.53 14.48 -20.73
CA SER F 349 9.49 14.47 -21.85
C SER F 349 10.74 15.38 -21.77
N THR F 350 11.19 15.80 -20.58
CA THR F 350 11.89 17.06 -20.47
C THR F 350 11.27 18.12 -21.37
N SER F 351 9.91 18.11 -21.43
CA SER F 351 9.10 19.17 -22.04
C SER F 351 9.61 20.56 -21.68
N ARG F 352 10.36 20.71 -20.57
CA ARG F 352 11.23 21.92 -20.41
C ARG F 352 12.19 22.20 -21.60
N ALA F 353 12.96 21.23 -22.12
CA ALA F 353 14.01 21.50 -23.11
C ALA F 353 13.46 21.97 -24.48
N LEU F 354 12.34 21.33 -24.79
CA LEU F 354 11.54 21.56 -25.98
C LEU F 354 11.23 23.04 -26.11
N ALA F 355 10.68 23.52 -25.00
CA ALA F 355 9.78 24.63 -25.12
C ALA F 355 10.41 25.86 -25.70
N PRO F 356 11.54 26.34 -25.17
CA PRO F 356 11.63 27.76 -25.34
C PRO F 356 11.92 28.20 -26.74
N GLU F 357 13.06 27.75 -27.28
CA GLU F 357 13.42 28.56 -28.45
C GLU F 357 12.75 28.10 -29.73
N ILE F 358 13.08 26.84 -30.04
CA ILE F 358 13.04 26.46 -31.45
C ILE F 358 11.60 26.25 -31.87
N VAL F 359 10.99 25.46 -31.01
CA VAL F 359 9.60 25.17 -31.14
C VAL F 359 8.81 26.43 -30.86
N GLY F 360 9.35 27.37 -30.05
CA GLY F 360 8.60 28.29 -29.24
C GLY F 360 7.53 29.03 -30.00
N GLU F 361 7.78 29.51 -31.22
CA GLU F 361 6.57 29.92 -31.96
C GLU F 361 5.72 28.79 -32.53
N GLU F 362 6.18 28.07 -33.56
CA GLU F 362 5.12 27.37 -34.32
C GLU F 362 4.65 26.05 -33.68
N HIS F 363 5.70 25.29 -33.42
CA HIS F 363 5.68 23.95 -32.92
C HIS F 363 5.27 23.94 -31.45
N TYR F 364 5.60 24.97 -30.67
CA TYR F 364 5.20 25.04 -29.27
C TYR F 364 3.69 25.09 -29.12
N GLN F 365 2.98 25.85 -29.96
CA GLN F 365 1.53 25.85 -29.86
C GLN F 365 0.94 24.46 -30.10
N VAL F 366 1.42 23.72 -31.10
CA VAL F 366 0.93 22.35 -31.34
C VAL F 366 1.30 21.41 -30.19
N ALA F 367 2.54 21.42 -29.72
CA ALA F 367 3.00 20.55 -28.64
C ALA F 367 2.22 20.77 -27.33
N ARG F 368 1.97 22.03 -26.95
CA ARG F 368 1.17 22.33 -25.76
C ARG F 368 -0.31 21.97 -25.90
N LYS F 369 -0.91 22.15 -27.07
CA LYS F 369 -2.29 21.69 -27.33
C LYS F 369 -2.44 20.16 -27.21
N VAL F 370 -1.46 19.41 -27.72
CA VAL F 370 -1.42 17.95 -27.55
C VAL F 370 -1.35 17.58 -26.07
N GLN F 371 -0.41 18.16 -25.31
CA GLN F 371 -0.27 17.82 -23.88
C GLN F 371 -1.48 18.22 -23.05
N GLN F 372 -2.11 19.36 -23.31
CA GLN F 372 -3.34 19.78 -22.65
C GLN F 372 -4.49 18.80 -22.88
N THR F 373 -4.65 18.31 -24.12
CA THR F 373 -5.70 17.35 -24.47
C THR F 373 -5.48 15.99 -23.80
N LEU F 374 -4.26 15.49 -23.78
CA LEU F 374 -3.94 14.23 -23.12
C LEU F 374 -4.04 14.31 -21.59
N GLN F 375 -3.71 15.46 -20.99
CA GLN F 375 -3.97 15.71 -19.57
C GLN F 375 -5.47 15.65 -19.26
N ARG F 376 -6.35 16.30 -20.03
CA ARG F 376 -7.79 16.25 -19.73
C ARG F 376 -8.38 14.85 -19.91
N TYR F 377 -8.02 14.14 -20.96
CA TYR F 377 -8.40 12.73 -21.12
C TYR F 377 -7.97 11.91 -19.91
N LYS F 378 -6.74 12.08 -19.44
CA LYS F 378 -6.21 11.39 -18.24
C LYS F 378 -7.01 11.74 -17.00
N GLU F 379 -7.54 12.96 -16.88
CA GLU F 379 -8.43 13.29 -15.78
C GLU F 379 -9.75 12.54 -15.87
N LEU F 380 -10.30 12.40 -17.08
CA LEU F 380 -11.59 11.71 -17.23
C LEU F 380 -11.49 10.20 -17.07
N GLN F 381 -10.32 9.60 -17.33
CA GLN F 381 -10.25 8.14 -17.43
C GLN F 381 -10.77 7.45 -16.17
N ASP F 382 -10.64 8.08 -15.01
CA ASP F 382 -11.10 7.46 -13.76
C ASP F 382 -12.59 7.17 -13.81
N ILE F 383 -13.42 8.18 -14.11
CA ILE F 383 -14.85 7.97 -14.20
C ILE F 383 -15.21 7.16 -15.45
N ILE F 384 -14.43 7.27 -16.54
CA ILE F 384 -14.71 6.45 -17.71
C ILE F 384 -14.63 4.97 -17.36
N ALA F 385 -13.77 4.61 -16.41
CA ALA F 385 -13.64 3.20 -16.04
C ALA F 385 -14.92 2.60 -15.47
N ILE F 386 -15.63 3.32 -14.59
CA ILE F 386 -16.82 2.76 -13.92
C ILE F 386 -18.04 2.81 -14.85
N LEU F 387 -18.31 3.99 -15.43
CA LEU F 387 -19.56 4.26 -16.14
C LEU F 387 -19.42 4.42 -17.66
N GLY F 388 -18.22 4.37 -18.23
CA GLY F 388 -18.12 4.54 -19.66
C GLY F 388 -18.32 5.98 -20.07
N MET F 389 -18.56 6.16 -21.38
CA MET F 389 -18.71 7.49 -21.95
C MET F 389 -20.15 7.97 -21.98
N ASP F 390 -21.08 7.28 -21.32
CA ASP F 390 -22.48 7.64 -21.45
C ASP F 390 -22.88 8.80 -20.55
N GLU F 391 -22.09 9.11 -19.52
CA GLU F 391 -22.39 10.14 -18.53
C GLU F 391 -21.54 11.41 -18.70
N LEU F 392 -20.73 11.52 -19.76
CA LEU F 392 -19.92 12.70 -19.97
C LEU F 392 -20.76 13.83 -20.55
N SER F 393 -20.26 15.06 -20.43
CA SER F 393 -20.87 16.19 -21.11
C SER F 393 -20.48 16.16 -22.58
N ASP F 394 -21.34 16.72 -23.43
CA ASP F 394 -21.14 16.63 -24.86
C ASP F 394 -19.84 17.30 -25.32
N GLU F 395 -19.37 18.31 -24.60
CA GLU F 395 -18.08 18.90 -24.90
C GLU F 395 -16.92 18.13 -24.27
N ASP F 396 -17.19 17.34 -23.24
CA ASP F 396 -16.18 16.50 -22.65
C ASP F 396 -16.11 15.16 -23.37
N LYS F 397 -17.08 14.88 -24.24
CA LYS F 397 -17.05 13.72 -25.11
C LYS F 397 -16.16 13.96 -26.32
N LEU F 398 -16.11 15.21 -26.79
CA LEU F 398 -15.20 15.56 -27.87
C LEU F 398 -13.74 15.42 -27.46
N VAL F 399 -13.42 15.72 -26.20
CA VAL F 399 -12.06 15.53 -25.69
C VAL F 399 -11.65 14.07 -25.84
N VAL F 400 -12.51 13.13 -25.42
CA VAL F 400 -12.21 11.72 -25.58
C VAL F 400 -12.06 11.39 -27.06
N HIS F 401 -12.96 11.91 -27.89
CA HIS F 401 -12.93 11.60 -29.32
C HIS F 401 -11.59 11.97 -29.94
N ARG F 402 -11.05 13.13 -29.59
CA ARG F 402 -9.82 13.57 -30.25
C ARG F 402 -8.57 13.07 -29.54
N ALA F 403 -8.65 12.85 -28.22
CA ALA F 403 -7.52 12.31 -27.49
C ALA F 403 -7.21 10.89 -27.94
N ARG F 404 -8.24 10.10 -28.25
CA ARG F 404 -7.96 8.78 -28.81
C ARG F 404 -7.17 8.87 -30.10
N ARG F 405 -7.58 9.78 -30.99
CA ARG F 405 -6.87 9.97 -32.26
C ARG F 405 -5.43 10.39 -32.04
N ILE F 406 -5.20 11.39 -31.19
CA ILE F 406 -3.86 11.93 -30.91
C ILE F 406 -2.98 10.84 -30.31
N GLN F 407 -3.53 10.08 -29.36
CA GLN F 407 -2.78 9.02 -28.70
C GLN F 407 -2.37 7.93 -29.69
N PHE F 408 -3.25 7.59 -30.64
CA PHE F 408 -2.88 6.58 -31.62
C PHE F 408 -1.92 7.14 -32.67
N PHE F 409 -2.07 8.41 -33.05
CA PHE F 409 -1.19 8.99 -34.05
C PHE F 409 0.22 9.21 -33.52
N LEU F 410 0.43 9.27 -32.19
CA LEU F 410 1.78 9.37 -31.61
C LEU F 410 2.59 8.09 -31.80
N SER F 411 1.95 6.96 -32.11
CA SER F 411 2.70 5.73 -32.34
C SER F 411 3.12 5.63 -33.80
N GLN F 412 4.14 4.81 -34.06
CA GLN F 412 4.83 4.83 -35.34
C GLN F 412 5.32 3.44 -35.70
N ASN F 413 5.62 3.23 -36.98
CA ASN F 413 6.23 1.98 -37.42
C ASN F 413 7.72 2.20 -37.62
N PHE F 414 8.54 1.43 -36.91
CA PHE F 414 9.98 1.59 -36.94
C PHE F 414 10.60 0.69 -38.01
N HIS F 415 11.72 1.15 -38.56
CA HIS F 415 12.46 0.32 -39.50
C HIS F 415 12.88 -1.00 -38.85
N VAL F 416 13.40 -0.93 -37.62
CA VAL F 416 13.90 -2.12 -36.95
C VAL F 416 12.80 -3.06 -36.50
N ALA F 417 11.54 -2.61 -36.50
CA ALA F 417 10.44 -3.50 -36.15
C ALA F 417 9.91 -4.28 -37.34
N GLU F 418 10.42 -4.00 -38.54
CA GLU F 418 10.09 -4.81 -39.70
C GLU F 418 10.37 -6.29 -39.47
N GLN F 419 11.44 -6.61 -38.74
CA GLN F 419 11.80 -8.01 -38.54
C GLN F 419 10.84 -8.71 -37.59
N PHE F 420 10.10 -7.96 -36.77
CA PHE F 420 8.93 -8.53 -36.11
C PHE F 420 7.74 -8.63 -37.06
N THR F 421 7.45 -7.54 -37.77
CA THR F 421 6.26 -7.42 -38.61
C THR F 421 6.68 -7.03 -40.02
N GLY F 422 6.07 -7.68 -41.01
CA GLY F 422 6.46 -7.42 -42.39
C GLY F 422 6.33 -5.98 -42.84
N GLN F 423 5.74 -5.11 -42.00
CA GLN F 423 5.56 -3.71 -42.37
C GLN F 423 6.90 -2.97 -42.37
N PRO F 424 7.26 -2.28 -43.44
CA PRO F 424 8.46 -1.44 -43.42
C PRO F 424 8.23 -0.13 -42.68
N GLY F 425 9.30 0.39 -42.08
CA GLY F 425 9.20 1.55 -41.22
C GLY F 425 9.18 2.86 -42.00
N SER F 426 9.05 3.95 -41.25
CA SER F 426 8.89 5.27 -41.83
C SER F 426 9.70 6.31 -41.06
N TYR F 427 10.20 7.30 -41.79
CA TYR F 427 10.89 8.46 -41.25
C TYR F 427 10.04 9.69 -41.54
N VAL F 428 9.72 10.46 -40.51
CA VAL F 428 8.75 11.55 -40.59
C VAL F 428 9.45 12.84 -40.18
N PRO F 429 9.41 13.88 -41.01
CA PRO F 429 10.03 15.16 -40.63
C PRO F 429 9.20 15.94 -39.62
N VAL F 430 9.86 16.86 -38.92
CA VAL F 430 9.22 17.66 -37.87
C VAL F 430 8.09 18.48 -38.43
N LYS F 431 8.26 19.06 -39.62
CA LYS F 431 7.20 19.86 -40.23
C LYS F 431 5.94 19.05 -40.47
N GLU F 432 6.13 17.82 -40.98
CA GLU F 432 4.99 16.96 -41.24
C GLU F 432 4.32 16.52 -39.94
N THR F 433 5.12 16.25 -38.91
CA THR F 433 4.65 15.89 -37.58
C THR F 433 3.78 17.00 -37.00
N VAL F 434 4.29 18.24 -36.99
CA VAL F 434 3.54 19.42 -36.56
C VAL F 434 2.28 19.61 -37.40
N ARG F 435 2.38 19.52 -38.73
CA ARG F 435 1.23 19.62 -39.65
C ARG F 435 0.12 18.67 -39.27
N GLY F 436 0.38 17.38 -39.22
CA GLY F 436 -0.58 16.32 -38.95
C GLY F 436 -1.29 16.48 -37.62
N PHE F 437 -0.54 16.75 -36.54
CA PHE F 437 -1.14 16.99 -35.23
C PHE F 437 -1.99 18.26 -35.22
N LYS F 438 -1.60 19.32 -35.95
CA LYS F 438 -2.44 20.51 -36.10
C LYS F 438 -3.79 20.19 -36.76
N GLU F 439 -3.82 19.43 -37.84
CA GLU F 439 -5.09 19.08 -38.50
C GLU F 439 -5.95 18.21 -37.59
N ILE F 440 -5.35 17.23 -36.91
CA ILE F 440 -6.14 16.41 -35.99
C ILE F 440 -6.74 17.27 -34.89
N LEU F 441 -5.99 18.21 -34.33
CA LEU F 441 -6.49 19.12 -33.29
C LEU F 441 -7.60 20.04 -33.82
N GLU F 442 -7.59 20.41 -35.10
CA GLU F 442 -8.65 21.22 -35.68
C GLU F 442 -9.91 20.42 -35.98
N GLY F 443 -9.78 19.12 -36.20
CA GLY F 443 -10.95 18.30 -36.48
C GLY F 443 -11.09 17.85 -37.91
N LYS F 444 -10.04 17.97 -38.71
CA LYS F 444 -10.10 17.64 -40.12
C LYS F 444 -10.36 16.17 -40.38
N TYR F 445 -10.06 15.30 -39.41
CA TYR F 445 -10.19 13.86 -39.60
C TYR F 445 -11.06 13.22 -38.52
N ASP F 446 -12.03 13.95 -37.99
CA ASP F 446 -12.81 13.45 -36.87
C ASP F 446 -13.74 12.32 -37.26
N HIS F 447 -13.86 12.05 -38.56
CA HIS F 447 -14.77 11.02 -39.03
C HIS F 447 -14.10 9.67 -39.23
N LEU F 448 -12.80 9.63 -39.35
CA LEU F 448 -12.11 8.37 -39.61
C LEU F 448 -12.16 7.45 -38.40
N PRO F 449 -12.25 6.14 -38.61
CA PRO F 449 -12.15 5.21 -37.48
C PRO F 449 -10.79 5.33 -36.83
N GLU F 450 -10.77 5.17 -35.50
CA GLU F 450 -9.53 5.42 -34.78
C GLU F 450 -8.42 4.45 -35.19
N ASP F 451 -8.78 3.30 -35.76
CA ASP F 451 -7.78 2.32 -36.13
C ASP F 451 -6.91 2.77 -37.30
N ALA F 452 -7.38 3.73 -38.10
CA ALA F 452 -6.58 4.20 -39.21
C ALA F 452 -5.32 4.93 -38.75
N PHE F 453 -5.29 5.40 -37.52
CA PHE F 453 -4.17 6.17 -37.00
C PHE F 453 -3.04 5.32 -36.46
N ARG F 454 -3.23 4.00 -36.33
CA ARG F 454 -2.26 3.18 -35.61
C ARG F 454 -1.13 2.72 -36.53
N LEU F 455 0.10 3.01 -36.12
CA LEU F 455 1.31 2.51 -36.76
C LEU F 455 1.44 3.02 -38.20
N VAL F 456 1.42 4.35 -38.34
CA VAL F 456 1.59 4.97 -39.64
C VAL F 456 2.66 6.05 -39.52
N GLY F 457 2.99 6.66 -40.66
CA GLY F 457 3.92 7.77 -40.67
C GLY F 457 3.23 9.11 -40.79
N ARG F 458 3.18 9.64 -42.01
CA ARG F 458 2.54 10.91 -42.26
C ARG F 458 1.03 10.81 -42.13
N ILE F 459 0.37 11.96 -42.01
CA ILE F 459 -1.07 11.98 -41.81
C ILE F 459 -1.80 11.46 -43.05
N GLU F 460 -1.17 11.55 -44.21
CA GLU F 460 -1.79 11.02 -45.44
C GLU F 460 -1.95 9.51 -45.38
N GLU F 461 -1.01 8.83 -44.72
CA GLU F 461 -1.12 7.38 -44.58
C GLU F 461 -2.34 6.98 -43.77
N VAL F 462 -2.78 7.83 -42.85
CA VAL F 462 -4.03 7.55 -42.13
C VAL F 462 -5.21 7.54 -43.09
N VAL F 463 -5.26 8.53 -43.99
CA VAL F 463 -6.35 8.59 -44.96
C VAL F 463 -6.32 7.37 -45.87
N GLU F 464 -5.15 7.04 -46.40
CA GLU F 464 -5.06 5.88 -47.27
C GLU F 464 -5.40 4.59 -46.54
N LYS F 465 -5.00 4.48 -45.26
CA LYS F 465 -5.28 3.28 -44.50
C LYS F 465 -6.77 3.12 -44.22
N ALA F 466 -7.45 4.21 -43.90
CA ALA F 466 -8.89 4.14 -43.70
C ALA F 466 -9.60 3.79 -45.00
N LYS F 467 -9.15 4.37 -46.12
CA LYS F 467 -9.73 4.01 -47.41
C LYS F 467 -9.53 2.52 -47.71
N ALA F 468 -8.34 1.99 -47.39
CA ALA F 468 -8.11 0.56 -47.54
C ALA F 468 -9.03 -0.25 -46.66
N MET F 469 -9.21 0.17 -45.40
CA MET F 469 -10.15 -0.45 -44.48
C MET F 469 -11.58 -0.40 -44.98
N GLY F 470 -11.90 0.52 -45.89
CA GLY F 470 -13.21 0.53 -46.49
C GLY F 470 -14.09 1.69 -46.10
N VAL F 471 -13.57 2.69 -45.40
CA VAL F 471 -14.33 3.88 -45.08
C VAL F 471 -14.31 4.81 -46.28
N SER G 1 -0.23 6.18 -2.00
CA SER G 1 -0.01 5.90 -0.59
C SER G 1 -1.06 4.92 -0.08
N LEU G 2 -0.75 4.23 1.03
CA LEU G 2 -1.61 3.17 1.52
C LEU G 2 -2.96 3.72 1.99
N ARG G 3 -2.96 4.87 2.67
CA ARG G 3 -4.19 5.44 3.17
C ARG G 3 -5.13 5.83 2.03
N ASP G 4 -4.57 6.41 0.97
CA ASP G 4 -5.40 6.78 -0.18
C ASP G 4 -6.02 5.55 -0.83
N ILE G 5 -5.28 4.45 -0.91
CA ILE G 5 -5.82 3.24 -1.48
C ILE G 5 -6.96 2.71 -0.62
N LYS G 6 -6.79 2.75 0.70
CA LYS G 6 -7.86 2.29 1.57
C LYS G 6 -9.12 3.13 1.37
N THR G 7 -8.96 4.45 1.27
CA THR G 7 -10.13 5.32 1.05
C THR G 7 -10.79 5.04 -0.29
N ARG G 8 -9.99 4.86 -1.34
CA ARG G 8 -10.56 4.53 -2.65
C ARG G 8 -11.35 3.23 -2.58
N ILE G 9 -10.83 2.23 -1.86
CA ILE G 9 -11.52 0.96 -1.75
C ILE G 9 -12.88 1.14 -1.11
N ASN G 10 -12.92 1.89 0.00
CA ASN G 10 -14.20 2.08 0.69
C ASN G 10 -15.21 2.84 -0.18
N ALA G 11 -14.76 3.90 -0.86
CA ALA G 11 -15.57 4.66 -1.79
C ALA G 11 -16.14 3.74 -2.88
N THR G 12 -15.29 2.91 -3.46
CA THR G 12 -15.69 2.01 -4.57
C THR G 12 -16.70 0.96 -4.10
N LYS G 13 -16.57 0.48 -2.85
CA LYS G 13 -17.49 -0.52 -2.31
C LYS G 13 -18.87 0.08 -2.08
N LYS G 14 -18.90 1.28 -1.50
CA LYS G 14 -20.12 2.06 -1.27
C LYS G 14 -20.87 2.29 -2.58
N THR G 15 -20.20 2.78 -3.62
CA THR G 15 -20.88 3.00 -4.90
C THR G 15 -21.36 1.69 -5.53
N SER G 16 -20.61 0.58 -5.42
CA SER G 16 -21.01 -0.68 -6.01
C SER G 16 -22.30 -1.19 -5.36
N GLN G 17 -22.40 -1.06 -4.05
CA GLN G 17 -23.63 -1.48 -3.37
C GLN G 17 -24.83 -0.68 -3.87
N ILE G 18 -24.68 0.64 -4.04
CA ILE G 18 -25.78 1.47 -4.52
C ILE G 18 -26.14 1.11 -5.96
N THR G 19 -25.17 0.95 -6.87
CA THR G 19 -25.50 0.53 -8.24
C THR G 19 -26.16 -0.85 -8.31
N LYS G 20 -25.81 -1.77 -7.40
CA LYS G 20 -26.44 -3.09 -7.30
C LYS G 20 -27.91 -3.01 -6.89
N ALA G 21 -28.26 -2.16 -5.92
CA ALA G 21 -29.67 -1.95 -5.55
C ALA G 21 -30.44 -1.32 -6.69
N MET G 22 -29.85 -0.32 -7.37
CA MET G 22 -30.46 0.38 -8.51
C MET G 22 -30.70 -0.54 -9.70
N GLU G 23 -29.85 -1.56 -9.87
CA GLU G 23 -30.01 -2.64 -10.86
C GLU G 23 -31.22 -3.53 -10.53
N MET G 24 -31.31 -4.03 -9.30
CA MET G 24 -32.42 -4.89 -8.88
C MET G 24 -33.76 -4.17 -8.95
N VAL G 25 -33.86 -2.93 -8.48
CA VAL G 25 -35.13 -2.20 -8.57
C VAL G 25 -35.52 -1.88 -10.01
N SER G 26 -34.57 -1.60 -10.93
CA SER G 26 -34.86 -1.42 -12.34
C SER G 26 -35.37 -2.70 -12.99
N THR G 27 -34.83 -3.85 -12.55
CA THR G 27 -35.24 -5.20 -12.98
C THR G 27 -36.70 -5.46 -12.59
N SER G 28 -37.11 -5.05 -11.40
CA SER G 28 -38.51 -5.08 -10.96
C SER G 28 -39.42 -4.17 -11.80
N LYS G 29 -38.98 -2.94 -12.04
CA LYS G 29 -39.73 -1.92 -12.78
C LYS G 29 -39.88 -2.31 -14.26
N LEU G 30 -38.87 -2.92 -14.87
CA LEU G 30 -38.95 -3.50 -16.21
C LEU G 30 -40.07 -4.55 -16.31
N ASN G 31 -40.14 -5.46 -15.35
CA ASN G 31 -41.12 -6.52 -15.33
C ASN G 31 -42.55 -5.96 -15.22
N ARG G 32 -42.77 -5.02 -14.29
CA ARG G 32 -44.04 -4.30 -14.19
C ARG G 32 -44.38 -3.52 -15.46
N ALA G 33 -43.42 -2.84 -16.08
CA ALA G 33 -43.65 -2.07 -17.30
C ALA G 33 -44.06 -2.95 -18.49
N GLU G 34 -43.45 -4.12 -18.65
CA GLU G 34 -43.79 -5.04 -19.73
C GLU G 34 -45.19 -5.59 -19.55
N GLN G 35 -45.53 -5.95 -18.31
CA GLN G 35 -46.89 -6.38 -18.04
C GLN G 35 -47.90 -5.27 -18.36
N ASN G 36 -47.57 -4.02 -18.03
CA ASN G 36 -48.43 -2.88 -18.28
C ASN G 36 -48.65 -2.67 -19.78
N ALA G 37 -47.64 -2.90 -20.61
CA ALA G 37 -47.79 -2.82 -22.05
C ALA G 37 -48.68 -3.95 -22.57
N LYS G 38 -48.51 -5.16 -22.05
CA LYS G 38 -49.40 -6.25 -22.46
C LYS G 38 -50.83 -6.00 -22.03
N SER G 39 -51.04 -5.22 -20.97
CA SER G 39 -52.39 -5.00 -20.45
C SER G 39 -53.29 -4.29 -21.45
N PHE G 40 -52.70 -3.31 -22.15
CA PHE G 40 -53.23 -2.37 -23.14
C PHE G 40 -53.64 -3.01 -24.48
N VAL G 41 -53.40 -4.29 -24.69
CA VAL G 41 -53.40 -4.85 -26.05
C VAL G 41 -54.81 -4.96 -26.61
N PRO G 42 -55.79 -5.53 -25.90
CA PRO G 42 -57.13 -5.63 -26.49
C PRO G 42 -57.71 -4.33 -27.00
N TYR G 43 -57.55 -3.22 -26.27
CA TYR G 43 -58.10 -1.95 -26.73
C TYR G 43 -57.38 -1.48 -28.00
N MET G 44 -56.06 -1.57 -28.00
CA MET G 44 -55.29 -1.18 -29.17
C MET G 44 -55.71 -2.00 -30.38
N GLU G 45 -56.07 -3.26 -30.19
CA GLU G 45 -56.48 -4.08 -31.31
C GLU G 45 -57.88 -3.73 -31.78
N LYS G 46 -58.82 -3.55 -30.85
CA LYS G 46 -60.20 -3.25 -31.23
C LYS G 46 -60.28 -1.95 -32.00
N ILE G 47 -59.61 -0.90 -31.51
CA ILE G 47 -59.78 0.39 -32.17
C ILE G 47 -59.16 0.34 -33.56
N GLN G 48 -58.04 -0.36 -33.71
CA GLN G 48 -57.43 -0.47 -35.04
C GLN G 48 -58.33 -1.23 -36.00
N GLU G 49 -58.93 -2.34 -35.55
CA GLU G 49 -59.85 -3.06 -36.42
C GLU G 49 -60.99 -2.16 -36.87
N VAL G 50 -61.64 -1.48 -35.92
CA VAL G 50 -62.79 -0.67 -36.27
C VAL G 50 -62.38 0.46 -37.21
N VAL G 51 -61.22 1.07 -36.98
CA VAL G 51 -60.77 2.17 -37.81
C VAL G 51 -60.50 1.70 -39.22
N ALA G 52 -59.81 0.57 -39.35
CA ALA G 52 -59.60 0.00 -40.69
C ALA G 52 -60.94 -0.17 -41.39
N ASN G 53 -61.89 -0.84 -40.74
CA ASN G 53 -63.20 -1.03 -41.34
C ASN G 53 -63.78 0.30 -41.80
N VAL G 54 -63.98 1.23 -40.87
CA VAL G 54 -64.72 2.44 -41.18
C VAL G 54 -64.04 3.24 -42.28
N ALA G 55 -62.74 3.49 -42.16
CA ALA G 55 -62.10 4.40 -43.11
C ALA G 55 -61.78 3.73 -44.44
N LEU G 56 -61.12 2.56 -44.42
CA LEU G 56 -60.71 1.92 -45.67
C LEU G 56 -61.75 0.93 -46.20
N GLY G 57 -62.36 0.14 -45.32
CA GLY G 57 -63.31 -0.88 -45.74
C GLY G 57 -64.61 -0.31 -46.28
N ALA G 58 -65.13 0.74 -45.65
CA ALA G 58 -66.44 1.26 -46.01
C ALA G 58 -66.40 2.55 -46.85
N GLY G 59 -65.35 3.36 -46.69
CA GLY G 59 -65.34 4.66 -47.34
C GLY G 59 -64.02 5.05 -47.98
N GLY G 60 -63.67 6.33 -47.90
CA GLY G 60 -62.50 6.81 -48.58
C GLY G 60 -61.88 8.01 -47.90
N ALA G 61 -61.12 8.78 -48.68
CA ALA G 61 -60.38 9.91 -48.17
C ALA G 61 -61.29 11.13 -47.98
N SER G 62 -62.15 11.09 -46.98
CA SER G 62 -63.08 12.18 -46.71
C SER G 62 -62.73 12.99 -45.46
N HIS G 63 -61.79 12.51 -44.64
CA HIS G 63 -61.46 13.28 -43.44
C HIS G 63 -60.10 13.96 -43.61
N PRO G 64 -59.89 15.13 -43.00
CA PRO G 64 -58.59 15.79 -43.15
C PRO G 64 -57.41 14.93 -42.72
N MET G 65 -57.56 14.15 -41.64
CA MET G 65 -56.45 13.34 -41.15
C MET G 65 -56.05 12.23 -42.11
N LEU G 66 -56.93 11.79 -42.99
CA LEU G 66 -56.59 10.76 -43.96
C LEU G 66 -56.02 11.33 -45.24
N VAL G 67 -56.04 12.65 -45.42
CA VAL G 67 -55.76 13.30 -46.69
C VAL G 67 -54.38 13.94 -46.62
N SER G 68 -53.49 13.53 -47.52
CA SER G 68 -52.20 14.19 -47.64
C SER G 68 -52.38 15.60 -48.14
N ARG G 69 -51.68 16.55 -47.53
CA ARG G 69 -51.62 17.90 -48.04
C ARG G 69 -50.17 18.37 -48.09
N PRO G 70 -49.85 19.30 -48.98
CA PRO G 70 -48.46 19.75 -49.10
C PRO G 70 -47.95 20.31 -47.78
N VAL G 71 -46.68 20.02 -47.48
CA VAL G 71 -46.15 20.20 -46.14
C VAL G 71 -45.65 21.63 -46.00
N LYS G 72 -46.32 22.40 -45.14
CA LYS G 72 -45.86 23.74 -44.80
C LYS G 72 -44.96 23.75 -43.57
N LYS G 73 -45.08 22.73 -42.72
CA LYS G 73 -44.16 22.52 -41.60
C LYS G 73 -44.56 21.23 -40.91
N THR G 74 -43.55 20.51 -40.43
CA THR G 74 -43.76 19.21 -39.81
C THR G 74 -43.33 19.27 -38.35
N GLY G 75 -44.01 18.51 -37.51
CA GLY G 75 -43.73 18.47 -36.08
C GLY G 75 -43.12 17.13 -35.69
N TYR G 76 -42.18 17.18 -34.75
CA TYR G 76 -41.41 16.02 -34.35
C TYR G 76 -41.74 15.69 -32.91
N LEU G 77 -42.23 14.47 -32.66
CA LEU G 77 -42.58 14.01 -31.32
C LEU G 77 -41.53 13.00 -30.86
N VAL G 78 -40.81 13.34 -29.80
CA VAL G 78 -39.68 12.56 -29.33
C VAL G 78 -39.87 12.27 -27.85
N ILE G 79 -39.71 11.01 -27.47
CA ILE G 79 -39.90 10.52 -26.11
C ILE G 79 -38.56 10.19 -25.49
N THR G 80 -38.15 10.91 -24.45
CA THR G 80 -36.91 10.62 -23.74
C THR G 80 -37.22 10.58 -22.25
N SER G 81 -36.24 10.10 -21.48
CA SER G 81 -36.43 9.95 -20.05
C SER G 81 -36.19 11.28 -19.32
N ASP G 82 -36.49 11.25 -18.02
CA ASP G 82 -36.40 12.39 -17.09
C ASP G 82 -35.12 12.43 -16.24
N ARG G 83 -34.34 11.35 -16.18
CA ARG G 83 -33.05 11.28 -15.48
C ARG G 83 -32.06 10.35 -16.17
N GLY G 84 -30.78 10.53 -15.87
CA GLY G 84 -29.65 9.84 -16.49
C GLY G 84 -29.44 8.40 -16.04
N LEU G 85 -28.19 7.95 -16.08
CA LEU G 85 -27.77 6.58 -15.77
C LEU G 85 -28.44 5.50 -16.64
N ALA G 86 -28.73 5.81 -17.91
CA ALA G 86 -29.06 4.79 -18.91
C ALA G 86 -28.09 4.94 -20.07
N GLY G 87 -27.55 3.84 -20.54
CA GLY G 87 -26.54 3.92 -21.57
C GLY G 87 -27.12 4.20 -22.94
N ALA G 88 -26.88 5.41 -23.45
CA ALA G 88 -27.23 5.81 -24.81
C ALA G 88 -28.72 5.88 -25.06
N TYR G 89 -29.56 5.57 -24.07
CA TYR G 89 -31.00 5.54 -24.29
C TYR G 89 -31.51 6.87 -24.82
N ASN G 90 -31.05 7.98 -24.23
CA ASN G 90 -31.51 9.29 -24.69
C ASN G 90 -30.68 9.80 -25.86
N SER G 91 -29.36 9.58 -25.81
CA SER G 91 -28.49 10.16 -26.84
C SER G 91 -28.77 9.56 -28.20
N ASN G 92 -29.13 8.28 -28.26
CA ASN G 92 -29.50 7.68 -29.55
C ASN G 92 -30.66 8.42 -30.19
N VAL G 93 -31.76 8.57 -29.45
CA VAL G 93 -32.95 9.18 -30.02
C VAL G 93 -32.69 10.64 -30.37
N LEU G 94 -31.99 11.36 -29.51
CA LEU G 94 -31.69 12.76 -29.80
C LEU G 94 -30.79 12.90 -31.02
N ARG G 95 -29.82 12.00 -31.18
CA ARG G 95 -28.97 12.00 -32.36
C ARG G 95 -29.77 11.76 -33.62
N LEU G 96 -30.66 10.77 -33.60
CA LEU G 96 -31.43 10.48 -34.81
C LEU G 96 -32.31 11.66 -35.20
N VAL G 97 -32.98 12.26 -34.22
CA VAL G 97 -33.83 13.40 -34.53
C VAL G 97 -33.00 14.56 -35.09
N TYR G 98 -31.91 14.91 -34.41
CA TYR G 98 -31.09 16.02 -34.86
C TYR G 98 -30.61 15.80 -36.28
N GLN G 99 -30.03 14.62 -36.55
CA GLN G 99 -29.51 14.35 -37.89
C GLN G 99 -30.60 14.41 -38.94
N THR G 100 -31.74 13.80 -38.69
CA THR G 100 -32.80 13.77 -39.70
C THR G 100 -33.30 15.17 -40.02
N ILE G 101 -33.57 15.97 -38.99
CA ILE G 101 -34.14 17.29 -39.27
C ILE G 101 -33.08 18.21 -39.86
N GLN G 102 -31.81 17.99 -39.51
CA GLN G 102 -30.74 18.74 -40.16
C GLN G 102 -30.64 18.40 -41.64
N LYS G 103 -30.78 17.11 -41.99
CA LYS G 103 -30.66 16.69 -43.38
C LYS G 103 -31.92 16.93 -44.19
N ARG G 104 -33.05 17.23 -43.55
CA ARG G 104 -34.24 17.56 -44.34
C ARG G 104 -34.96 18.83 -43.90
N HIS G 105 -34.26 19.80 -43.31
CA HIS G 105 -34.81 21.13 -43.08
C HIS G 105 -33.69 22.16 -43.20
N ALA G 106 -33.98 23.28 -43.84
CA ALA G 106 -32.98 24.31 -44.08
C ALA G 106 -33.15 25.52 -43.16
N CYS G 107 -34.37 25.83 -42.73
CA CYS G 107 -34.62 27.06 -42.00
C CYS G 107 -35.48 26.71 -40.79
N PRO G 108 -35.34 27.44 -39.69
CA PRO G 108 -35.99 27.00 -38.44
C PRO G 108 -37.50 26.93 -38.50
N ASP G 109 -38.17 27.78 -39.28
CA ASP G 109 -39.64 27.84 -39.25
C ASP G 109 -40.28 26.63 -39.90
N GLU G 110 -39.50 25.75 -40.54
CA GLU G 110 -40.06 24.59 -41.21
C GLU G 110 -40.57 23.52 -40.26
N TYR G 111 -40.25 23.58 -38.97
CA TYR G 111 -40.51 22.45 -38.08
C TYR G 111 -40.78 22.93 -36.65
N ALA G 112 -41.38 22.04 -35.87
CA ALA G 112 -41.62 22.28 -34.46
C ALA G 112 -41.28 21.01 -33.68
N ILE G 113 -41.07 21.15 -32.38
CA ILE G 113 -40.68 20.06 -31.51
C ILE G 113 -41.69 19.89 -30.38
N ILE G 114 -42.22 18.68 -30.26
CA ILE G 114 -42.98 18.26 -29.08
C ILE G 114 -42.19 17.14 -28.43
N VAL G 115 -41.81 17.33 -27.17
CA VAL G 115 -40.87 16.46 -26.50
C VAL G 115 -41.46 16.00 -25.18
N ILE G 116 -41.10 14.80 -24.73
CA ILE G 116 -41.38 14.24 -23.40
C ILE G 116 -40.05 13.97 -22.66
N GLY G 117 -39.95 14.40 -21.40
CA GLY G 117 -38.84 14.12 -20.49
C GLY G 117 -37.72 15.17 -20.47
N ARG G 118 -37.18 15.50 -19.28
CA ARG G 118 -36.19 16.58 -19.07
C ARG G 118 -34.96 16.51 -19.97
N VAL G 119 -34.47 15.32 -20.29
CA VAL G 119 -33.19 15.19 -20.99
C VAL G 119 -33.31 15.73 -22.41
N GLY G 120 -34.35 15.34 -23.13
CA GLY G 120 -34.56 15.88 -24.46
C GLY G 120 -34.86 17.36 -24.44
N LEU G 121 -35.63 17.81 -23.44
CA LEU G 121 -35.92 19.24 -23.35
C LEU G 121 -34.64 20.05 -23.24
N SER G 122 -33.71 19.58 -22.41
CA SER G 122 -32.43 20.27 -22.25
C SER G 122 -31.60 20.17 -23.51
N PHE G 123 -31.60 19.00 -24.16
CA PHE G 123 -30.88 18.84 -25.42
C PHE G 123 -31.34 19.84 -26.45
N PHE G 124 -32.61 20.24 -26.40
CA PHE G 124 -33.11 21.22 -27.35
C PHE G 124 -32.95 22.66 -26.88
N ARG G 125 -32.99 22.92 -25.58
CA ARG G 125 -32.66 24.25 -25.08
C ARG G 125 -31.21 24.61 -25.40
N LYS G 126 -30.30 23.65 -25.25
CA LYS G 126 -29.02 23.77 -25.93
C LYS G 126 -29.28 23.89 -27.41
N ARG G 127 -28.37 24.55 -28.13
CA ARG G 127 -28.77 25.06 -29.43
C ARG G 127 -29.93 26.02 -29.23
N ASN G 128 -30.66 26.30 -30.29
CA ASN G 128 -31.85 27.14 -30.24
C ASN G 128 -32.97 26.50 -31.02
N MET G 129 -33.22 25.23 -30.75
CA MET G 129 -34.24 24.47 -31.44
C MET G 129 -35.63 24.95 -31.02
N PRO G 130 -36.56 25.08 -31.96
CA PRO G 130 -37.93 25.59 -31.68
C PRO G 130 -38.89 24.56 -31.10
N VAL G 131 -38.85 24.42 -29.78
CA VAL G 131 -39.63 23.41 -29.08
C VAL G 131 -40.97 24.02 -28.64
N ILE G 132 -42.07 23.43 -29.11
CA ILE G 132 -43.38 24.07 -28.97
C ILE G 132 -44.13 23.54 -27.76
N LEU G 133 -44.08 22.23 -27.52
CA LEU G 133 -44.81 21.62 -26.41
C LEU G 133 -43.86 20.70 -25.65
N ASP G 134 -44.07 20.63 -24.34
CA ASP G 134 -43.23 19.79 -23.49
C ASP G 134 -44.06 19.24 -22.35
N ILE G 135 -43.57 18.13 -21.76
CA ILE G 135 -43.92 17.56 -20.42
C ILE G 135 -42.76 16.71 -19.85
N THR G 136 -42.73 16.38 -18.55
CA THR G 136 -41.55 15.78 -17.85
C THR G 136 -41.78 14.43 -17.13
N ARG G 137 -42.26 14.42 -15.87
CA ARG G 137 -42.28 13.29 -14.87
C ARG G 137 -42.95 11.96 -15.28
N LEU G 138 -43.78 12.02 -16.31
CA LEU G 138 -44.95 11.20 -16.61
C LEU G 138 -45.18 9.94 -15.76
N PRO G 139 -45.09 9.97 -14.41
CA PRO G 139 -44.72 8.95 -13.41
C PRO G 139 -45.18 7.59 -13.88
N ASP G 140 -44.28 6.99 -14.71
CA ASP G 140 -44.34 6.02 -15.88
C ASP G 140 -45.60 5.19 -16.03
N GLN G 141 -46.17 5.00 -14.89
CA GLN G 141 -47.59 4.73 -14.76
C GLN G 141 -48.52 5.88 -15.28
N PRO G 142 -48.05 7.12 -15.64
CA PRO G 142 -48.76 8.44 -15.55
C PRO G 142 -50.25 8.38 -15.24
N SER G 143 -50.66 7.42 -14.39
CA SER G 143 -51.96 6.76 -14.44
C SER G 143 -52.53 6.60 -15.88
N PHE G 144 -51.74 6.63 -17.00
CA PHE G 144 -52.11 7.09 -18.38
C PHE G 144 -53.05 8.30 -18.45
N ALA G 145 -53.90 8.53 -17.48
CA ALA G 145 -54.81 9.69 -17.46
C ALA G 145 -54.10 11.05 -17.61
N ASP G 146 -52.86 11.23 -17.12
CA ASP G 146 -52.14 12.49 -17.31
C ASP G 146 -51.70 12.75 -18.76
N ILE G 147 -51.38 11.71 -19.55
CA ILE G 147 -50.89 11.91 -20.93
C ILE G 147 -51.99 12.17 -21.95
N LYS G 148 -53.25 12.01 -21.57
CA LYS G 148 -54.41 12.31 -22.42
C LYS G 148 -54.32 13.74 -22.96
N GLU G 149 -53.99 14.70 -22.10
CA GLU G 149 -53.98 16.10 -22.50
C GLU G 149 -52.83 16.45 -23.46
N ILE G 150 -51.60 15.99 -23.25
CA ILE G 150 -50.56 16.22 -24.26
C ILE G 150 -50.94 15.58 -25.61
N ALA G 151 -51.51 14.37 -25.64
CA ALA G 151 -51.92 13.73 -26.89
C ALA G 151 -53.03 14.51 -27.65
N ARG G 152 -54.10 14.95 -26.98
CA ARG G 152 -55.15 15.76 -27.60
C ARG G 152 -54.58 17.04 -28.17
N LYS G 153 -53.65 17.68 -27.46
CA LYS G 153 -53.10 18.94 -27.92
C LYS G 153 -52.33 18.74 -29.23
N THR G 154 -51.51 17.69 -29.31
CA THR G 154 -50.77 17.48 -30.55
C THR G 154 -51.72 17.20 -31.71
N VAL G 155 -52.74 16.37 -31.49
CA VAL G 155 -53.70 16.12 -32.57
C VAL G 155 -54.42 17.40 -32.95
N GLY G 156 -54.80 18.22 -31.98
CA GLY G 156 -55.48 19.47 -32.29
C GLY G 156 -54.59 20.44 -33.05
N LEU G 157 -53.31 20.48 -32.72
CA LEU G 157 -52.38 21.30 -33.47
C LEU G 157 -52.29 20.84 -34.92
N PHE G 158 -52.27 19.54 -35.18
CA PHE G 158 -52.37 19.12 -36.57
C PHE G 158 -53.68 19.57 -37.18
N ALA G 159 -54.79 19.42 -36.44
CA ALA G 159 -56.11 19.69 -36.99
C ALA G 159 -56.26 21.14 -37.42
N ASP G 160 -55.86 22.08 -36.56
CA ASP G 160 -56.03 23.49 -36.87
C ASP G 160 -55.18 23.95 -38.04
N GLY G 161 -54.29 23.10 -38.56
CA GLY G 161 -53.50 23.40 -39.72
C GLY G 161 -52.04 23.71 -39.48
N THR G 162 -51.61 23.84 -38.22
CA THR G 162 -50.22 24.20 -37.94
C THR G 162 -49.24 23.11 -38.35
N PHE G 163 -49.70 21.89 -38.61
CA PHE G 163 -48.85 20.82 -39.09
C PHE G 163 -49.46 20.18 -40.33
N ASP G 164 -48.59 19.63 -41.18
CA ASP G 164 -49.03 18.81 -42.30
C ASP G 164 -48.53 17.38 -42.21
N GLU G 165 -47.51 17.13 -41.39
CA GLU G 165 -47.02 15.79 -41.13
C GLU G 165 -46.48 15.77 -39.71
N LEU G 166 -46.70 14.65 -39.00
CA LEU G 166 -46.27 14.55 -37.62
C LEU G 166 -45.59 13.21 -37.38
N TYR G 167 -44.43 13.25 -36.73
CA TYR G 167 -43.57 12.09 -36.58
C TYR G 167 -43.31 11.80 -35.11
N MET G 168 -42.89 10.57 -34.84
CA MET G 168 -42.62 10.12 -33.48
C MET G 168 -41.29 9.39 -33.43
N TYR G 169 -40.42 9.81 -32.50
CA TYR G 169 -39.08 9.24 -32.32
C TYR G 169 -38.96 8.72 -30.90
N TYR G 170 -38.67 7.44 -30.76
CA TYR G 170 -38.63 6.82 -29.45
C TYR G 170 -37.87 5.51 -29.54
N ASN G 171 -37.46 4.99 -28.39
CA ASN G 171 -36.80 3.69 -28.36
C ASN G 171 -37.85 2.59 -28.28
N HIS G 172 -37.63 1.54 -29.06
CA HIS G 172 -38.52 0.39 -29.10
C HIS G 172 -37.85 -0.78 -28.40
N TYR G 173 -38.61 -1.49 -27.57
CA TYR G 173 -38.04 -2.54 -26.74
C TYR G 173 -38.00 -3.86 -27.49
N VAL G 174 -36.82 -4.46 -27.58
CA VAL G 174 -36.64 -5.79 -28.14
C VAL G 174 -36.33 -6.82 -27.06
N SER G 175 -35.37 -6.51 -26.19
CA SER G 175 -35.08 -7.33 -25.01
C SER G 175 -34.33 -6.45 -24.02
N ALA G 176 -33.75 -7.08 -23.01
CA ALA G 176 -32.96 -6.36 -22.03
C ALA G 176 -31.78 -5.66 -22.69
N ILE G 177 -31.20 -6.28 -23.71
CA ILE G 177 -29.94 -5.80 -24.28
C ILE G 177 -30.18 -4.95 -25.52
N GLN G 178 -31.23 -5.23 -26.30
CA GLN G 178 -31.43 -4.59 -27.59
C GLN G 178 -32.61 -3.64 -27.53
N GLN G 179 -32.32 -2.34 -27.57
CA GLN G 179 -33.36 -1.32 -27.74
C GLN G 179 -33.07 -0.53 -29.01
N GLU G 180 -33.97 -0.61 -29.97
CA GLU G 180 -33.76 -0.09 -31.32
C GLU G 180 -34.49 1.23 -31.47
N VAL G 181 -33.77 2.26 -31.92
CA VAL G 181 -34.40 3.55 -32.21
C VAL G 181 -35.41 3.38 -33.33
N THR G 182 -36.47 4.16 -33.29
CA THR G 182 -37.61 3.96 -34.20
C THR G 182 -38.28 5.28 -34.53
N GLU G 183 -38.54 5.49 -35.82
CA GLU G 183 -39.33 6.61 -36.29
C GLU G 183 -40.57 6.10 -37.01
N ARG G 184 -41.73 6.62 -36.65
CA ARG G 184 -42.99 6.26 -37.28
C ARG G 184 -43.76 7.53 -37.63
N LYS G 185 -44.44 7.51 -38.77
CA LYS G 185 -45.26 8.64 -39.18
C LYS G 185 -46.61 8.56 -38.51
N LEU G 186 -46.96 9.59 -37.75
CA LEU G 186 -48.18 9.57 -36.94
C LEU G 186 -49.38 10.15 -37.66
N LEU G 187 -49.16 11.04 -38.62
CA LEU G 187 -50.22 11.69 -39.37
C LEU G 187 -49.65 12.26 -40.66
N PRO G 188 -50.45 12.31 -41.73
CA PRO G 188 -51.75 11.66 -41.89
C PRO G 188 -51.70 10.18 -41.63
N LEU G 189 -52.84 9.49 -41.53
CA LEU G 189 -52.86 8.02 -41.50
C LEU G 189 -52.78 7.50 -42.93
N THR G 190 -51.62 7.73 -43.54
CA THR G 190 -51.45 7.43 -44.95
C THR G 190 -51.37 5.93 -45.24
N ASP G 191 -51.20 5.08 -44.23
CA ASP G 191 -51.10 3.63 -44.49
C ASP G 191 -51.81 2.88 -43.38
N LEU G 192 -52.95 2.27 -43.71
CA LEU G 192 -53.79 1.58 -42.74
C LEU G 192 -53.85 0.10 -43.07
N ALA G 193 -53.61 -0.73 -42.06
CA ALA G 193 -53.63 -2.17 -42.24
C ALA G 193 -55.05 -2.66 -42.50
N GLU G 194 -55.21 -3.51 -43.51
CA GLU G 194 -56.51 -4.04 -43.85
C GLU G 194 -56.86 -5.31 -43.08
N ASN G 195 -58.12 -5.42 -42.72
CA ASN G 195 -58.75 -6.67 -42.34
C ASN G 195 -60.13 -6.71 -43.00
N LYS G 196 -60.61 -7.93 -43.28
CA LYS G 196 -61.85 -8.07 -44.03
C LYS G 196 -63.09 -8.01 -43.14
N GLN G 197 -62.98 -8.46 -41.89
CA GLN G 197 -64.12 -8.78 -41.04
C GLN G 197 -64.80 -7.52 -40.51
N ARG G 198 -66.13 -7.57 -40.45
CA ARG G 198 -66.94 -6.48 -39.95
C ARG G 198 -68.25 -7.04 -39.41
N THR G 199 -68.92 -6.27 -38.55
CA THR G 199 -70.23 -6.63 -38.00
C THR G 199 -71.29 -5.64 -38.50
N VAL G 200 -72.51 -5.78 -38.00
CA VAL G 200 -73.58 -4.87 -38.41
C VAL G 200 -73.26 -3.49 -37.90
N TYR G 201 -72.96 -2.57 -38.82
CA TYR G 201 -72.49 -1.25 -38.48
C TYR G 201 -73.67 -0.28 -38.49
N GLU G 202 -73.67 0.64 -37.54
CA GLU G 202 -74.80 1.53 -37.30
C GLU G 202 -74.46 2.95 -37.76
N PHE G 203 -75.49 3.80 -37.74
CA PHE G 203 -75.35 5.12 -38.33
C PHE G 203 -76.08 6.22 -37.55
N GLU G 204 -76.17 6.14 -36.22
CA GLU G 204 -76.75 7.24 -35.47
C GLU G 204 -76.18 8.56 -35.95
N PRO G 205 -74.87 8.74 -36.02
CA PRO G 205 -74.31 9.79 -36.87
C PRO G 205 -74.01 9.24 -38.24
N SER G 206 -73.56 10.14 -39.13
CA SER G 206 -73.11 9.70 -40.43
C SER G 206 -71.69 9.12 -40.34
N GLN G 207 -71.19 8.69 -41.50
CA GLN G 207 -69.79 8.34 -41.65
C GLN G 207 -68.88 9.46 -41.16
N GLU G 208 -69.15 10.70 -41.58
CA GLU G 208 -68.28 11.81 -41.23
C GLU G 208 -68.32 12.08 -39.73
N GLU G 209 -69.50 12.02 -39.13
CA GLU G 209 -69.59 12.26 -37.69
C GLU G 209 -68.93 11.13 -36.90
N CYS G 210 -68.98 9.90 -37.41
CA CYS G 210 -68.24 8.82 -36.77
C CYS G 210 -66.74 9.08 -36.82
N LEU G 211 -66.23 9.47 -37.99
CA LEU G 211 -64.80 9.71 -38.13
C LEU G 211 -64.33 10.86 -37.24
N ASP G 212 -65.14 11.93 -37.15
CA ASP G 212 -64.71 13.12 -36.43
C ASP G 212 -64.41 12.82 -34.97
N VAL G 213 -64.95 11.73 -34.43
CA VAL G 213 -64.69 11.32 -33.06
C VAL G 213 -63.73 10.14 -33.01
N LEU G 214 -63.69 9.34 -34.07
CA LEU G 214 -62.86 8.15 -34.06
C LEU G 214 -61.39 8.49 -34.28
N LEU G 215 -61.08 9.26 -35.32
CA LEU G 215 -59.68 9.41 -35.73
C LEU G 215 -58.82 10.03 -34.63
N PRO G 216 -59.22 11.12 -33.98
CA PRO G 216 -58.37 11.68 -32.91
C PRO G 216 -58.05 10.66 -31.83
N GLN G 217 -59.02 9.84 -31.40
CA GLN G 217 -58.76 8.81 -30.39
C GLN G 217 -57.78 7.76 -30.90
N TYR G 218 -57.84 7.40 -32.18
CA TYR G 218 -56.87 6.45 -32.73
C TYR G 218 -55.46 7.02 -32.65
N ALA G 219 -55.31 8.31 -33.00
CA ALA G 219 -53.98 8.92 -32.92
C ALA G 219 -53.49 8.97 -31.48
N GLU G 220 -54.33 9.38 -30.52
CA GLU G 220 -53.97 9.43 -29.10
C GLU G 220 -53.54 8.04 -28.59
N SER G 221 -54.22 7.00 -29.05
CA SER G 221 -53.88 5.62 -28.71
C SER G 221 -52.54 5.19 -29.31
N LEU G 222 -52.19 5.59 -30.55
CA LEU G 222 -50.86 5.31 -31.07
C LEU G 222 -49.78 5.97 -30.23
N ILE G 223 -50.01 7.22 -29.85
CA ILE G 223 -49.05 7.91 -29.00
C ILE G 223 -48.86 7.15 -27.69
N TYR G 224 -49.94 6.72 -27.03
CA TYR G 224 -49.80 6.00 -25.76
C TYR G 224 -49.09 4.66 -25.95
N GLY G 225 -49.29 3.95 -27.07
CA GLY G 225 -48.54 2.73 -27.28
C GLY G 225 -47.05 2.97 -27.41
N ALA G 226 -46.68 4.03 -28.15
CA ALA G 226 -45.27 4.38 -28.23
C ALA G 226 -44.72 4.72 -26.85
N LEU G 227 -45.45 5.40 -25.97
CA LEU G 227 -44.97 5.71 -24.61
C LEU G 227 -44.76 4.45 -23.76
N LEU G 228 -45.66 3.48 -23.82
CA LEU G 228 -45.50 2.20 -23.14
C LEU G 228 -44.26 1.47 -23.63
N ASP G 229 -43.99 1.47 -24.94
CA ASP G 229 -42.71 0.96 -25.43
C ASP G 229 -41.53 1.71 -24.83
N ALA G 230 -41.60 3.04 -24.84
CA ALA G 230 -40.47 3.84 -24.37
C ALA G 230 -40.17 3.59 -22.91
N LYS G 231 -41.18 3.51 -22.05
CA LYS G 231 -40.99 3.23 -20.61
C LYS G 231 -40.39 1.84 -20.41
N ALA G 232 -40.81 0.85 -21.16
CA ALA G 232 -40.20 -0.47 -21.04
C ALA G 232 -38.72 -0.42 -21.41
N SER G 233 -38.42 0.24 -22.53
CA SER G 233 -37.03 0.34 -22.97
C SER G 233 -36.18 1.10 -21.98
N GLU G 234 -36.70 2.17 -21.39
CA GLU G 234 -35.93 2.92 -20.41
C GLU G 234 -35.56 2.05 -19.22
N HIS G 235 -36.49 1.29 -18.64
CA HIS G 235 -36.15 0.45 -17.48
C HIS G 235 -35.20 -0.67 -17.87
N ALA G 236 -35.29 -1.23 -19.08
CA ALA G 236 -34.28 -2.21 -19.46
C ALA G 236 -32.90 -1.57 -19.61
N ALA G 237 -32.84 -0.37 -20.17
CA ALA G 237 -31.56 0.30 -20.38
C ALA G 237 -30.89 0.65 -19.05
N ARG G 238 -31.66 1.18 -18.11
CA ARG G 238 -31.10 1.48 -16.80
C ARG G 238 -30.63 0.20 -16.12
N MET G 239 -31.37 -0.90 -16.23
CA MET G 239 -30.97 -2.19 -15.67
C MET G 239 -29.63 -2.63 -16.24
N THR G 240 -29.44 -2.56 -17.57
CA THR G 240 -28.17 -3.01 -18.13
C THR G 240 -27.02 -2.10 -17.73
N ALA G 241 -27.26 -0.79 -17.73
CA ALA G 241 -26.21 0.14 -17.33
C ALA G 241 -25.76 -0.10 -15.90
N MET G 242 -26.67 -0.27 -14.95
CA MET G 242 -26.29 -0.48 -13.55
C MET G 242 -25.68 -1.85 -13.30
N LYS G 243 -26.02 -2.86 -14.11
CA LYS G 243 -25.30 -4.13 -14.04
C LYS G 243 -23.85 -3.96 -14.46
N ASN G 244 -23.63 -3.32 -15.60
CA ASN G 244 -22.25 -3.13 -16.09
C ASN G 244 -21.44 -2.28 -15.11
N ALA G 245 -22.03 -1.21 -14.56
CA ALA G 245 -21.36 -0.35 -13.59
C ALA G 245 -20.95 -1.14 -12.34
N THR G 246 -21.82 -2.03 -11.85
CA THR G 246 -21.48 -2.83 -10.68
C THR G 246 -20.33 -3.79 -10.99
N ASP G 247 -20.36 -4.43 -12.15
CA ASP G 247 -19.26 -5.32 -12.51
C ASP G 247 -17.93 -4.58 -12.59
N ASN G 248 -17.93 -3.39 -13.21
CA ASN G 248 -16.70 -2.62 -13.31
C ASN G 248 -16.18 -2.22 -11.93
N ALA G 249 -17.09 -1.82 -11.04
CA ALA G 249 -16.67 -1.44 -9.70
C ALA G 249 -16.08 -2.62 -8.94
N ASN G 250 -16.66 -3.80 -9.11
CA ASN G 250 -16.12 -4.98 -8.44
C ASN G 250 -14.71 -5.31 -8.94
N GLU G 251 -14.48 -5.21 -10.25
CA GLU G 251 -13.14 -5.45 -10.76
C GLU G 251 -12.15 -4.42 -10.23
N LEU G 252 -12.56 -3.16 -10.16
CA LEU G 252 -11.69 -2.14 -9.61
C LEU G 252 -11.34 -2.45 -8.17
N ILE G 253 -12.32 -2.90 -7.38
CA ILE G 253 -12.05 -3.25 -5.99
C ILE G 253 -11.01 -4.35 -5.91
N ARG G 254 -11.13 -5.36 -6.76
CA ARG G 254 -10.17 -6.45 -6.72
C ARG G 254 -8.74 -5.96 -6.98
N THR G 255 -8.54 -5.18 -8.06
CA THR G 255 -7.18 -4.75 -8.36
C THR G 255 -6.64 -3.78 -7.32
N LEU G 256 -7.51 -2.95 -6.74
CA LEU G 256 -7.06 -2.03 -5.69
C LEU G 256 -6.63 -2.78 -4.44
N THR G 257 -7.35 -3.86 -4.08
CA THR G 257 -6.90 -4.66 -2.95
C THR G 257 -5.54 -5.29 -3.22
N LEU G 258 -5.32 -5.76 -4.45
CA LEU G 258 -4.01 -6.31 -4.78
C LEU G 258 -2.91 -5.27 -4.54
N SER G 259 -3.09 -4.05 -5.06
CA SER G 259 -2.07 -3.03 -4.87
C SER G 259 -1.89 -2.64 -3.40
N TYR G 260 -3.00 -2.61 -2.64
CA TYR G 260 -2.90 -2.30 -1.22
C TYR G 260 -2.03 -3.31 -0.49
N ASN G 261 -2.25 -4.60 -0.76
CA ASN G 261 -1.47 -5.63 -0.08
C ASN G 261 0.00 -5.55 -0.46
N ARG G 262 0.30 -5.27 -1.72
CA ARG G 262 1.70 -5.09 -2.10
C ARG G 262 2.34 -3.95 -1.33
N ALA G 263 1.63 -2.81 -1.22
CA ALA G 263 2.19 -1.68 -0.48
C ALA G 263 2.40 -2.03 0.99
N ARG G 264 1.45 -2.74 1.60
CA ARG G 264 1.57 -3.11 3.01
C ARG G 264 2.80 -3.97 3.24
N GLN G 265 3.01 -4.97 2.40
CA GLN G 265 4.17 -5.83 2.56
C GLN G 265 5.47 -5.06 2.38
N ALA G 266 5.55 -4.21 1.36
CA ALA G 266 6.77 -3.44 1.12
C ALA G 266 7.09 -2.52 2.29
N ALA G 267 6.06 -1.90 2.87
CA ALA G 267 6.28 -1.02 4.01
C ALA G 267 6.84 -1.79 5.19
N ILE G 268 6.27 -2.96 5.50
CA ILE G 268 6.79 -3.72 6.63
C ILE G 268 8.25 -4.09 6.40
N THR G 269 8.59 -4.55 5.19
CA THR G 269 9.97 -4.93 4.92
C THR G 269 10.91 -3.75 5.07
N GLN G 270 10.52 -2.57 4.57
CA GLN G 270 11.41 -1.41 4.65
C GLN G 270 11.67 -1.02 6.09
N GLU G 271 10.62 -1.01 6.91
CA GLU G 271 10.79 -0.63 8.31
C GLU G 271 11.70 -1.61 9.05
N ILE G 272 11.47 -2.92 8.88
CA ILE G 272 12.28 -3.89 9.60
C ILE G 272 13.73 -3.82 9.16
N THR G 273 13.96 -3.62 7.86
CA THR G 273 15.34 -3.49 7.40
C THR G 273 16.02 -2.28 8.00
N GLU G 274 15.35 -1.13 8.06
CA GLU G 274 15.95 0.04 8.70
C GLU G 274 16.30 -0.24 10.14
N ILE G 275 15.38 -0.87 10.88
CA ILE G 275 15.62 -1.13 12.31
C ILE G 275 16.85 -2.03 12.49
N VAL G 276 16.90 -3.13 11.75
CA VAL G 276 18.01 -4.07 11.93
C VAL G 276 19.32 -3.45 11.47
N ALA G 277 19.29 -2.63 10.41
CA ALA G 277 20.51 -2.00 9.94
C ALA G 277 21.07 -1.01 10.96
N GLY G 278 20.19 -0.23 11.60
CA GLY G 278 20.64 0.63 12.66
C GLY G 278 21.26 -0.13 13.80
N ALA G 279 20.61 -1.23 14.22
CA ALA G 279 21.14 -2.04 15.31
C ALA G 279 22.49 -2.65 14.93
N ASN G 280 22.63 -3.11 13.68
CA ASN G 280 23.90 -3.65 13.20
C ASN G 280 25.01 -2.62 13.22
N ALA G 281 24.72 -1.42 12.72
CA ALA G 281 25.75 -0.38 12.70
C ALA G 281 26.19 -0.02 14.11
N LEU G 282 25.24 0.09 15.02
CA LEU G 282 25.57 0.42 16.40
C LEU G 282 26.68 -0.47 16.95
N MET H 1 -84.52 -17.23 -24.02
CA MET H 1 -83.84 -15.93 -23.99
C MET H 1 -82.43 -16.04 -24.57
N LYS H 2 -81.87 -14.90 -24.95
CA LYS H 2 -80.59 -14.88 -25.63
C LYS H 2 -79.59 -13.99 -24.88
N THR H 3 -78.35 -14.43 -24.85
CA THR H 3 -77.28 -13.71 -24.17
C THR H 3 -76.28 -13.16 -25.18
N ILE H 4 -75.66 -12.03 -24.83
CA ILE H 4 -74.58 -11.47 -25.68
C ILE H 4 -73.42 -11.13 -24.75
N HIS H 5 -72.18 -11.45 -25.15
CA HIS H 5 -71.00 -11.14 -24.31
C HIS H 5 -70.65 -9.66 -24.44
N VAL H 6 -70.56 -8.96 -23.31
CA VAL H 6 -70.25 -7.51 -23.35
C VAL H 6 -68.84 -7.31 -22.81
N SER H 7 -68.02 -6.50 -23.49
CA SER H 7 -66.64 -6.23 -23.02
C SER H 7 -66.40 -4.73 -22.85
N VAL H 8 -66.13 -4.29 -21.63
CA VAL H 8 -65.72 -2.86 -21.46
C VAL H 8 -64.20 -2.87 -21.32
N VAL H 9 -63.49 -2.29 -22.29
CA VAL H 9 -61.99 -2.32 -22.29
C VAL H 9 -61.46 -0.90 -22.13
N THR H 10 -60.35 -0.76 -21.40
CA THR H 10 -59.70 0.54 -21.25
C THR H 10 -58.23 0.38 -21.60
N PRO H 11 -57.52 1.48 -21.93
CA PRO H 11 -56.08 1.44 -22.14
C PRO H 11 -55.30 0.84 -20.96
N ASP H 12 -55.81 1.00 -19.74
CA ASP H 12 -55.25 0.39 -18.53
C ASP H 12 -55.45 -1.14 -18.47
N GLY H 13 -56.39 -1.72 -19.23
CA GLY H 13 -56.75 -3.13 -19.02
C GLY H 13 -58.23 -3.36 -19.19
N PRO H 14 -58.77 -4.50 -18.72
CA PRO H 14 -60.18 -4.81 -18.88
C PRO H 14 -60.98 -4.01 -17.84
N VAL H 15 -62.30 -4.18 -17.81
CA VAL H 15 -63.14 -3.51 -16.78
C VAL H 15 -64.43 -4.31 -16.58
N TYR H 16 -64.87 -5.05 -17.59
CA TYR H 16 -66.08 -5.91 -17.43
C TYR H 16 -66.23 -6.95 -18.54
N GLU H 17 -66.26 -8.23 -18.18
CA GLU H 17 -66.46 -9.33 -19.12
C GLU H 17 -67.63 -10.16 -18.61
N ASP H 18 -68.70 -10.23 -19.38
CA ASP H 18 -69.90 -10.95 -18.95
C ASP H 18 -70.84 -11.07 -20.15
N ASP H 19 -71.92 -11.86 -19.97
CA ASP H 19 -72.92 -12.09 -21.05
C ASP H 19 -74.32 -11.71 -20.57
N VAL H 20 -74.52 -10.43 -20.24
CA VAL H 20 -75.87 -9.94 -19.82
C VAL H 20 -76.87 -10.06 -20.97
N GLU H 21 -78.15 -9.81 -20.71
CA GLU H 21 -79.19 -10.04 -21.76
C GLU H 21 -79.66 -8.73 -22.40
N MET H 22 -79.45 -7.60 -21.73
CA MET H 22 -79.80 -6.30 -22.36
C MET H 22 -78.58 -5.37 -22.27
N VAL H 23 -78.70 -4.13 -22.76
CA VAL H 23 -77.59 -3.14 -22.63
C VAL H 23 -78.08 -1.81 -23.22
N SER H 24 -78.20 -0.79 -22.38
CA SER H 24 -78.73 0.52 -22.86
C SER H 24 -77.62 1.55 -22.78
N VAL H 25 -77.31 2.17 -23.91
CA VAL H 25 -76.24 3.17 -23.93
C VAL H 25 -76.82 4.47 -24.45
N LYS H 26 -76.04 5.54 -24.33
CA LYS H 26 -76.46 6.87 -24.77
C LYS H 26 -75.48 7.27 -25.87
N ALA H 27 -75.84 7.01 -27.12
CA ALA H 27 -74.96 7.19 -28.25
C ALA H 27 -75.14 8.56 -28.90
N LYS H 28 -74.45 8.76 -30.03
CA LYS H 28 -74.52 10.05 -30.72
C LYS H 28 -75.91 10.34 -31.26
N SER H 29 -76.58 9.33 -31.82
CA SER H 29 -77.90 9.50 -32.38
C SER H 29 -78.99 9.57 -31.31
N GLY H 30 -78.70 9.09 -30.11
CA GLY H 30 -79.65 9.03 -29.03
C GLY H 30 -79.49 7.74 -28.26
N GLU H 31 -80.50 7.40 -27.48
CA GLU H 31 -80.45 6.18 -26.69
C GLU H 31 -80.59 4.96 -27.59
N LEU H 32 -79.72 3.98 -27.41
CA LEU H 32 -79.68 2.78 -28.23
C LEU H 32 -79.89 1.55 -27.35
N GLY H 33 -80.69 0.61 -27.84
CA GLY H 33 -80.86 -0.67 -27.18
C GLY H 33 -80.29 -1.79 -28.02
N ILE H 34 -79.75 -2.82 -27.38
CA ILE H 34 -79.04 -3.89 -28.09
C ILE H 34 -79.63 -5.23 -27.65
N LEU H 35 -79.99 -6.04 -28.63
CA LEU H 35 -80.39 -7.44 -28.46
C LEU H 35 -79.39 -8.35 -29.15
N PRO H 36 -79.26 -9.59 -28.69
CA PRO H 36 -78.39 -10.54 -29.39
C PRO H 36 -78.88 -10.76 -30.82
N GLY H 37 -77.92 -10.95 -31.73
CA GLY H 37 -78.23 -11.03 -33.13
C GLY H 37 -78.35 -9.69 -33.84
N HIS H 38 -78.06 -8.59 -33.16
CA HIS H 38 -78.11 -7.28 -33.78
C HIS H 38 -77.13 -7.20 -34.94
N ILE H 39 -77.51 -6.47 -35.98
CA ILE H 39 -76.66 -6.28 -37.16
C ILE H 39 -75.42 -5.49 -36.74
N PRO H 40 -74.30 -5.66 -37.44
CA PRO H 40 -73.08 -4.93 -37.04
C PRO H 40 -73.32 -3.43 -37.03
N LEU H 41 -72.77 -2.77 -36.00
CA LEU H 41 -73.04 -1.36 -35.79
C LEU H 41 -71.91 -0.74 -34.99
N VAL H 42 -71.38 0.38 -35.47
CA VAL H 42 -70.38 1.16 -34.76
C VAL H 42 -70.96 2.54 -34.51
N ALA H 43 -70.71 3.09 -33.32
CA ALA H 43 -71.27 4.38 -32.93
C ALA H 43 -70.50 4.96 -31.75
N PRO H 44 -70.14 6.24 -31.82
CA PRO H 44 -69.47 6.87 -30.68
C PRO H 44 -70.42 7.13 -29.53
N LEU H 45 -69.84 7.32 -28.35
CA LEU H 45 -70.59 7.58 -27.13
C LEU H 45 -70.08 8.85 -26.45
N GLU H 46 -70.97 9.52 -25.74
CA GLU H 46 -70.58 10.62 -24.88
C GLU H 46 -70.64 10.17 -23.41
N ILE H 47 -70.26 11.09 -22.52
CA ILE H 47 -70.12 10.78 -21.11
C ILE H 47 -71.47 10.37 -20.54
N SER H 48 -71.57 9.11 -20.12
CA SER H 48 -72.80 8.53 -19.60
C SER H 48 -72.47 7.19 -18.97
N ALA H 49 -73.50 6.46 -18.58
CA ALA H 49 -73.36 5.12 -18.05
C ALA H 49 -74.04 4.12 -18.97
N ALA H 50 -73.49 2.92 -19.04
CA ALA H 50 -74.07 1.84 -19.83
C ALA H 50 -74.80 0.87 -18.91
N ARG H 51 -76.10 0.72 -19.12
CA ARG H 51 -76.94 -0.13 -18.29
C ARG H 51 -76.92 -1.53 -18.87
N LEU H 52 -76.63 -2.52 -18.02
CA LEU H 52 -76.54 -3.92 -18.43
C LEU H 52 -77.56 -4.73 -17.64
N LYS H 53 -78.40 -5.47 -18.34
CA LYS H 53 -79.45 -6.27 -17.71
C LYS H 53 -79.09 -7.74 -17.78
N LYS H 54 -79.09 -8.41 -16.62
CA LYS H 54 -78.91 -9.85 -16.55
C LYS H 54 -79.95 -10.40 -15.59
N GLY H 55 -80.87 -11.20 -16.11
CA GLY H 55 -81.94 -11.76 -15.31
C GLY H 55 -82.80 -10.70 -14.65
N GLY H 56 -83.05 -9.61 -15.38
CA GLY H 56 -83.80 -8.50 -14.82
C GLY H 56 -82.94 -7.55 -14.01
N LYS H 57 -81.95 -8.10 -13.33
CA LYS H 57 -81.03 -7.29 -12.55
C LYS H 57 -80.25 -6.37 -13.47
N THR H 58 -80.01 -5.14 -13.01
CA THR H 58 -79.40 -4.10 -13.81
C THR H 58 -77.96 -3.84 -13.34
N GLN H 59 -77.10 -3.49 -14.27
CA GLN H 59 -75.70 -3.16 -13.98
C GLN H 59 -75.33 -1.84 -14.63
N TYR H 60 -74.61 -1.00 -13.89
CA TYR H 60 -74.20 0.31 -14.37
C TYR H 60 -72.67 0.39 -14.45
N ILE H 61 -72.18 0.89 -15.58
CA ILE H 61 -70.76 1.15 -15.77
C ILE H 61 -70.61 2.55 -16.35
N ALA H 62 -69.90 3.42 -15.62
CA ALA H 62 -69.61 4.76 -16.11
C ALA H 62 -68.64 4.68 -17.27
N VAL H 63 -68.89 5.47 -18.31
CA VAL H 63 -68.06 5.47 -19.52
C VAL H 63 -67.66 6.92 -19.82
N SER H 64 -66.36 7.16 -19.93
CA SER H 64 -65.86 8.49 -20.29
C SER H 64 -65.47 8.51 -21.77
N GLY H 65 -66.43 8.77 -22.65
CA GLY H 65 -66.04 8.90 -24.06
C GLY H 65 -65.55 7.60 -24.62
N GLY H 66 -66.48 6.75 -25.04
CA GLY H 66 -66.11 5.47 -25.65
C GLY H 66 -66.58 5.36 -27.07
N PHE H 67 -66.54 4.15 -27.63
CA PHE H 67 -67.05 3.91 -28.98
C PHE H 67 -67.72 2.55 -28.91
N LEU H 68 -68.94 2.42 -29.42
CA LEU H 68 -69.57 1.09 -29.43
C LEU H 68 -69.25 0.35 -30.72
N GLU H 69 -68.87 -0.92 -30.60
CA GLU H 69 -68.67 -1.78 -31.77
C GLU H 69 -69.50 -3.03 -31.56
N VAL H 70 -70.56 -3.17 -32.37
CA VAL H 70 -71.54 -4.24 -32.20
C VAL H 70 -71.31 -5.32 -33.24
N ARG H 71 -71.35 -6.57 -32.80
CA ARG H 71 -71.45 -7.74 -33.65
C ARG H 71 -72.59 -8.60 -33.13
N PRO H 72 -73.21 -9.40 -34.00
CA PRO H 72 -74.36 -10.21 -33.57
C PRO H 72 -74.03 -11.12 -32.41
N ASP H 73 -72.78 -11.55 -32.31
CA ASP H 73 -72.36 -12.47 -31.27
C ASP H 73 -71.55 -11.83 -30.15
N LYS H 74 -71.13 -10.57 -30.30
CA LYS H 74 -70.28 -9.94 -29.31
C LYS H 74 -70.37 -8.43 -29.44
N VAL H 75 -70.36 -7.74 -28.30
CA VAL H 75 -70.43 -6.28 -28.25
C VAL H 75 -69.23 -5.77 -27.48
N THR H 76 -68.52 -4.81 -28.06
CA THR H 76 -67.29 -4.28 -27.49
C THR H 76 -67.47 -2.79 -27.17
N ILE H 77 -67.05 -2.40 -25.97
CA ILE H 77 -67.02 -0.99 -25.57
C ILE H 77 -65.55 -0.60 -25.44
N LEU H 78 -65.15 0.45 -26.15
CA LEU H 78 -63.78 0.94 -26.14
C LEU H 78 -63.76 2.31 -25.49
N ALA H 79 -63.64 2.34 -24.17
CA ALA H 79 -63.73 3.57 -23.41
C ALA H 79 -62.36 4.05 -22.96
N GLN H 80 -62.07 5.35 -23.00
CA GLN H 80 -60.74 5.82 -22.53
C GLN H 80 -60.61 5.80 -21.00
N ALA H 81 -61.71 5.86 -20.27
CA ALA H 81 -61.80 5.43 -18.87
C ALA H 81 -63.20 4.89 -18.57
N ALA H 82 -63.31 3.80 -17.80
CA ALA H 82 -64.60 3.22 -17.44
C ALA H 82 -64.47 2.48 -16.12
N GLU H 83 -65.32 2.83 -15.17
CA GLU H 83 -65.35 2.18 -13.86
C GLU H 83 -66.74 1.62 -13.62
N ARG H 84 -66.80 0.47 -12.95
CA ARG H 84 -68.09 -0.06 -12.51
C ARG H 84 -68.75 0.88 -11.51
N ALA H 85 -70.05 0.69 -11.31
CA ALA H 85 -70.80 1.55 -10.40
C ALA H 85 -70.27 1.43 -8.97
N GLU H 86 -69.99 0.21 -8.52
CA GLU H 86 -69.50 0.02 -7.17
C GLU H 86 -68.00 0.28 -7.05
N ASP H 87 -67.28 0.35 -8.17
CA ASP H 87 -65.85 0.61 -8.14
C ASP H 87 -65.56 2.08 -7.90
MG MG I . 3.86 26.68 13.75
PB ADP J . 1.56 25.72 11.72
O1B ADP J . 2.18 26.34 12.94
O2B ADP J . 0.71 24.52 11.98
O3B ADP J . 2.50 25.55 10.56
PA ADP J . 0.80 28.34 10.93
O1A ADP J . 2.22 28.44 10.44
O2A ADP J . 0.35 29.14 12.10
O3A ADP J . 0.48 26.79 11.21
O5' ADP J . -0.19 28.62 9.71
C5' ADP J . 0.29 28.59 8.38
C4' ADP J . -0.50 29.51 7.47
O4' ADP J . -1.87 29.13 7.38
C3' ADP J . -0.52 30.95 7.91
O3' ADP J . 0.64 31.64 7.46
C2' ADP J . -1.76 31.48 7.26
O2' ADP J . -1.48 31.91 5.94
C1' ADP J . -2.68 30.30 7.20
N9 ADP J . -3.64 30.40 8.31
C8 ADP J . -3.60 29.67 9.43
N7 ADP J . -4.60 30.01 10.26
C5 ADP J . -5.32 30.97 9.67
C6 ADP J . -6.51 31.77 9.99
N6 ADP J . -7.17 31.59 11.15
N1 ADP J . -6.93 32.66 9.08
C2 ADP J . -6.29 32.85 7.92
N3 ADP J . -5.20 32.16 7.56
C4 ADP J . -4.68 31.22 8.38
PB ADP K . -16.60 -25.78 14.89
O1B ADP K . -15.36 -26.53 15.17
O2B ADP K . -16.75 -25.58 13.45
O3B ADP K . -16.27 -24.46 15.47
PA ADP K . -17.98 -27.84 16.02
O1A ADP K . -17.21 -28.11 17.26
O2A ADP K . -17.69 -28.82 14.96
O3A ADP K . -17.85 -26.34 15.59
O5' ADP K . -19.54 -27.75 16.38
C5' ADP K . -20.46 -27.39 15.34
C4' ADP K . -21.91 -27.68 15.79
O4' ADP K . -22.74 -27.82 14.61
C3' ADP K . -22.09 -29.02 16.53
O3' ADP K . -21.88 -28.90 17.95
C2' ADP K . -23.53 -29.41 16.18
O2' ADP K . -24.43 -28.66 16.99
C1' ADP K . -23.60 -28.97 14.71
N9 ADP K . -23.13 -29.99 13.77
C8 ADP K . -21.94 -30.06 13.04
N7 ADP K . -21.87 -31.13 12.25
C5 ADP K . -23.08 -31.72 12.47
C6 ADP K . -23.62 -32.84 11.87
N6 ADP K . -22.96 -33.57 10.96
N1 ADP K . -24.85 -33.23 12.09
C2 ADP K . -25.55 -32.49 12.97
N3 ADP K . -25.11 -31.41 13.62
C4 ADP K . -23.86 -31.05 13.35
MG MG L . -14.52 -24.97 15.75
PG ATP M . 15.35 -5.59 -21.88
O1G ATP M . 16.58 -5.65 -22.71
O2G ATP M . 14.77 -6.92 -21.52
O3G ATP M . 15.51 -4.76 -20.62
PB ATP M . 13.98 -3.60 -23.52
O1B ATP M . 13.34 -2.57 -22.72
O2B ATP M . 15.32 -3.25 -24.14
O3B ATP M . 14.20 -4.86 -22.68
PA ATP M . 13.19 -4.54 -26.19
O1A ATP M . 13.04 -3.36 -27.06
O2A ATP M . 14.51 -5.29 -26.34
O3A ATP M . 13.04 -4.14 -24.68
O5' ATP M . 12.02 -5.56 -26.37
C5' ATP M . 10.65 -5.13 -26.47
C4' ATP M . 9.86 -6.25 -27.07
O4' ATP M . 8.62 -5.75 -27.61
C3' ATP M . 10.55 -7.02 -28.20
O3' ATP M . 10.34 -8.41 -28.08
C2' ATP M . 9.88 -6.52 -29.48
O2' ATP M . 9.44 -7.64 -30.22
C1' ATP M . 8.68 -5.68 -29.01
N9 ATP M . 8.76 -4.28 -29.40
C8 ATP M . 9.38 -3.26 -28.73
N7 ATP M . 9.31 -2.10 -29.33
C5 ATP M . 8.62 -2.38 -30.49
C6 ATP M . 8.20 -1.56 -31.56
N6 ATP M . 8.46 -0.25 -31.64
N1 ATP M . 7.52 -2.14 -32.57
C2 ATP M . 7.26 -3.45 -32.49
N3 ATP M . 7.59 -4.32 -31.53
C4 ATP M . 8.27 -3.72 -30.55
MG MG N . 17.40 -4.05 -23.40
#